data_4ZYP
#
_entry.id   4ZYP
#
_cell.length_a   114.380
_cell.length_b   210.290
_cell.length_c   118.200
_cell.angle_alpha   90.00
_cell.angle_beta   100.46
_cell.angle_gamma   90.00
#
_symmetry.space_group_name_H-M   'P 1 21 1'
#
loop_
_entity.id
_entity.type
_entity.pdbx_description
1 polymer 'Fusion glycoprotein F0,Fibritin'
2 polymer 'Motavizumab antibody Fab heavy chain'
3 polymer 'Motavizumab antibody light chain'
4 polymer 'AM14 antibody Fab heavy chain'
5 polymer 'AM14 antibody light chain'
#
loop_
_entity_poly.entity_id
_entity_poly.type
_entity_poly.pdbx_seq_one_letter_code
_entity_poly.pdbx_strand_id
1 'polypeptide(L)'
;QNITEEFYQSTCSAVSKGYLSALRTGWYTSVITIELSNIKENKCNGTDAKVKLIKQELDKYKNAVTELQLLMQSTPATNN
RARRFLGFLLGVGSAIASGVAVCKVLHLEGEVNKIKSALLSTNKAVVSLSNGVSVLTFKVLDLKNYIDKQLLPILNKQSC
SISNIETVIEFQQKNNRLLEITREFSVNAGVTTPVSTYMLTNSELLSLINDMPITNDQKKLMSNNVQIVRQQSYSIMCII
KEEVLAYVVQLPLYGVIDTPCWKLHTSPLCTTNTKEGSNICLTRTDRGWYCDNAGSVSFFPQAETCKVQSNRVFCDTMNS
LTLPSEVNLCNVDIFNPKYDCKIMTSKTDVSSSVITSLGAIVSCYGKTKCTASNKNRGIIKTFSNGCDYVSNKGVDTVSV
GNTLYYVNKQEGKSLYVKGEPIINFYDPLVFPSDEFDASISQVNEKINQSLAFIRKSDELLSAIGGYIPEAPRDGQAYVR
KDGEWVLLSTFLGGLVPR
;
A,B,C
2 'polypeptide(L)'
;QVTLRESGPALVKPTQTLTLTCTFSGFSLSTAGMSVGWIRQPPGKALEWLADIWWDDKKHYNPSLKDRLTISKDTSKNQV
VLKVTNMDPADTATYYCARDMIFNFYFDVWGQGTTVTVSSASTKGPSVFPLAPSSKSTSGGTAALGCLVKDYFPEPVTVS
WNSGALTSGVHTFPAVLQSSGLYSLSSVVTVPSSSLGTQTYICNVNHKPSNTKVDKKVEPKSCDK
;
J,K,N
3 'polypeptide(L)'
;DIQMTQSPSTLSASVGDRVTITCSASSRVGYMHWYQQKPGKAPKLLIYDTSKLASGVPSRFSGSGSGTEFTLTISSLQPD
DFATYYCFQGSGYPFTFGGGTKVEIKRTVAAPSVFIFPPSDEQLKSGTASVVCLLNNFYPREAKVQWKVDNALQSGNSQE
SVTEQDSKDSTYSLSSTLTLSKADYEKHKVYACEVTHQGLSSPVTKSFNRGEC
;
L,M,O
4 'polypeptide(L)'
;EVQLVESGGGVVQPGRSLRLSCAASGFSFSHYAMHWVRQAPGKGLEWVAVISYDGENTYYADSVKGRFSISRDNSKNTVS
LQMNSLRPEDTALYYCARDRIVDDYYYYGMDVWGQGATVTVSSASTKGPSVFPLAPSSKSTSGGTAALGCLVKDYFPEPV
TVSWNSGALTSGVHTFPAVLQSSGLYSLSSVVTVPSSSLGTQTYICNVNHKPSNTKVDKKVEPKSCD
;
F,H,D
5 'polypeptide(L)'
;DIQMTQSPSSLSASVGDRVTITCQASQDIKKYLNWYHQKPGKVPELLMHDASNLETGVPSRFSGRGSGTDFTLTISSLQP
EDIGTYYCQQYDNLPPLTFGGGTKVEIKRTVAAPSVFIFPPSDEQLKSGTASVVCLLNNFYPREAKVQWKVDNALQSGNS
QESVTEQDSKDSTYSLSSTLTLSKADYEKHKVYACEVTHQGLSSPVTKSFNRGEC
;
G,I,E
#
# COMPACT_ATOMS: atom_id res chain seq x y z
N GLN A 1 -10.48 -1.16 -34.98
CA GLN A 1 -10.56 -1.81 -36.27
C GLN A 1 -9.20 -2.46 -36.59
N ASN A 2 -8.49 -2.73 -35.50
CA ASN A 2 -7.20 -3.41 -35.42
C ASN A 2 -7.47 -4.79 -34.89
N ILE A 3 -7.92 -4.81 -33.65
CA ILE A 3 -8.18 -6.01 -32.88
C ILE A 3 -9.49 -6.62 -33.36
N THR A 4 -9.41 -7.91 -33.61
CA THR A 4 -10.57 -8.71 -34.00
C THR A 4 -10.73 -9.92 -33.09
N GLU A 5 -11.88 -10.55 -33.25
CA GLU A 5 -12.26 -11.69 -32.44
C GLU A 5 -13.19 -12.64 -33.20
N GLU A 6 -13.01 -13.93 -32.97
CA GLU A 6 -13.85 -14.92 -33.61
C GLU A 6 -14.48 -15.86 -32.58
N PHE A 7 -15.78 -16.08 -32.72
CA PHE A 7 -16.48 -17.03 -31.88
C PHE A 7 -16.83 -18.29 -32.66
N TYR A 8 -16.49 -19.45 -32.10
CA TYR A 8 -16.79 -20.74 -32.71
C TYR A 8 -17.96 -21.44 -32.03
N GLN A 9 -19.10 -21.42 -32.69
CA GLN A 9 -20.32 -22.03 -32.19
C GLN A 9 -20.09 -23.51 -31.96
N SER A 10 -19.20 -24.10 -32.75
CA SER A 10 -18.96 -25.54 -32.71
C SER A 10 -18.33 -25.93 -31.38
N THR A 11 -17.57 -25.01 -30.79
CA THR A 11 -16.81 -25.34 -29.57
C THR A 11 -17.03 -24.39 -28.39
N CYS A 12 -18.00 -23.49 -28.48
CA CYS A 12 -18.32 -22.56 -27.39
C CYS A 12 -17.08 -21.83 -26.89
N SER A 13 -16.37 -21.20 -27.83
CA SER A 13 -15.13 -20.51 -27.49
C SER A 13 -14.87 -19.29 -28.35
N ALA A 14 -13.96 -18.43 -27.91
CA ALA A 14 -13.65 -17.23 -28.67
C ALA A 14 -12.17 -16.90 -28.58
N VAL A 15 -11.65 -16.43 -29.71
CA VAL A 15 -10.26 -16.05 -29.85
C VAL A 15 -10.09 -14.59 -30.23
N SER A 16 -9.29 -13.83 -29.49
CA SER A 16 -9.06 -12.44 -29.88
C SER A 16 -7.69 -12.40 -30.56
N LYS A 17 -7.68 -12.08 -31.85
CA LYS A 17 -6.44 -12.09 -32.64
C LYS A 17 -5.84 -10.73 -33.02
N GLY A 18 -6.26 -9.67 -32.37
CA GLY A 18 -5.63 -8.37 -32.59
C GLY A 18 -4.45 -7.98 -31.73
N TYR A 19 -3.99 -8.87 -30.86
CA TYR A 19 -2.90 -8.54 -29.94
C TYR A 19 -1.44 -8.75 -30.35
N LEU A 20 -0.58 -7.98 -29.70
CA LEU A 20 0.89 -7.98 -29.86
C LEU A 20 1.58 -8.44 -28.56
N SER A 21 2.69 -9.17 -28.68
CA SER A 21 3.37 -9.81 -27.53
C SER A 21 4.34 -8.91 -26.73
N ALA A 22 4.44 -9.19 -25.43
CA ALA A 22 5.49 -8.64 -24.55
C ALA A 22 6.00 -9.60 -23.47
N LEU A 23 6.98 -10.42 -23.83
CA LEU A 23 7.47 -11.51 -23.00
C LEU A 23 8.72 -11.02 -22.26
N ARG A 24 8.70 -11.22 -20.94
CA ARG A 24 9.81 -10.92 -20.05
C ARG A 24 11.07 -11.82 -20.04
N THR A 25 11.13 -12.84 -20.89
CA THR A 25 12.23 -13.84 -20.94
C THR A 25 13.44 -13.78 -19.96
N GLY A 26 13.82 -12.60 -19.47
CA GLY A 26 14.97 -12.48 -18.58
C GLY A 26 14.93 -11.44 -17.46
N TRP A 27 16.09 -11.16 -16.89
CA TRP A 27 16.23 -10.19 -15.80
C TRP A 27 17.48 -9.32 -16.00
N TYR A 28 17.40 -8.04 -15.67
CA TYR A 28 18.60 -7.18 -15.60
C TYR A 28 18.77 -6.63 -14.18
N THR A 29 19.97 -6.74 -13.62
CA THR A 29 20.19 -6.32 -12.24
C THR A 29 21.08 -5.07 -12.14
N SER A 30 20.54 -4.02 -11.51
CA SER A 30 21.30 -2.79 -11.25
C SER A 30 21.47 -2.46 -9.76
N VAL A 31 22.55 -1.73 -9.44
CA VAL A 31 22.85 -1.35 -8.07
C VAL A 31 22.64 0.11 -7.72
N ILE A 32 21.65 0.37 -6.86
CA ILE A 32 21.35 1.73 -6.43
C ILE A 32 22.05 2.04 -5.12
N THR A 33 22.73 3.17 -5.04
CA THR A 33 23.46 3.49 -3.82
C THR A 33 23.07 4.84 -3.24
N ILE A 34 23.07 4.92 -1.92
CA ILE A 34 22.94 6.18 -1.19
C ILE A 34 24.07 6.40 -0.19
N GLU A 35 24.82 7.46 -0.42
CA GLU A 35 25.94 7.80 0.45
C GLU A 35 25.40 8.36 1.76
N LEU A 36 25.70 7.70 2.88
CA LEU A 36 25.17 8.08 4.19
C LEU A 36 26.21 8.75 5.10
N SER A 37 25.74 9.64 5.97
CA SER A 37 26.60 10.32 6.95
C SER A 37 26.65 9.71 8.36
N ASN A 38 27.87 9.39 8.79
CA ASN A 38 28.15 8.85 10.12
C ASN A 38 28.17 9.96 11.16
N ILE A 39 27.16 9.96 12.05
CA ILE A 39 27.01 11.05 13.00
C ILE A 39 26.80 10.59 14.44
N LYS A 40 27.39 11.36 15.35
CA LYS A 40 27.42 11.06 16.77
C LYS A 40 26.67 12.23 17.43
N GLU A 41 25.47 11.93 17.93
CA GLU A 41 24.65 12.84 18.75
C GLU A 41 25.41 13.91 19.52
N ASN A 42 25.10 15.16 19.21
CA ASN A 42 25.67 16.30 19.93
C ASN A 42 25.02 16.49 21.29
N LYS A 43 25.82 16.38 22.35
CA LYS A 43 25.37 16.60 23.73
C LYS A 43 25.05 18.09 23.88
N CYS A 44 23.92 18.48 23.29
CA CYS A 44 23.53 19.88 23.19
C CYS A 44 22.46 20.23 24.20
N ASN A 45 22.79 21.15 25.08
CA ASN A 45 21.87 21.61 26.11
C ASN A 45 20.92 22.69 25.60
N GLY A 46 21.09 23.11 24.35
CA GLY A 46 20.24 24.13 23.78
C GLY A 46 18.79 23.73 23.62
N THR A 47 17.89 24.47 24.27
CA THR A 47 16.47 24.15 24.25
C THR A 47 15.70 24.91 23.17
N ASP A 48 16.39 25.33 22.11
CA ASP A 48 15.71 26.05 21.05
C ASP A 48 14.71 25.15 20.31
N ALA A 49 13.55 25.71 19.99
CA ALA A 49 12.48 24.98 19.33
C ALA A 49 12.89 24.45 17.97
N LYS A 50 13.63 25.26 17.22
CA LYS A 50 14.10 24.86 15.89
C LYS A 50 15.21 23.80 15.92
N VAL A 51 16.10 23.87 16.90
CA VAL A 51 17.11 22.85 17.08
C VAL A 51 16.48 21.52 17.48
N LYS A 52 15.49 21.58 18.36
CA LYS A 52 14.78 20.40 18.83
C LYS A 52 14.12 19.68 17.66
N LEU A 53 13.55 20.44 16.74
CA LEU A 53 12.90 19.86 15.57
C LEU A 53 13.91 19.15 14.67
N ILE A 54 15.08 19.76 14.50
CA ILE A 54 16.14 19.15 13.73
C ILE A 54 16.62 17.90 14.42
N LYS A 55 16.76 18.00 15.74
CA LYS A 55 17.16 16.88 16.58
C LYS A 55 16.13 15.77 16.41
N GLN A 56 14.85 16.14 16.42
CA GLN A 56 13.78 15.16 16.26
C GLN A 56 13.85 14.50 14.89
N GLU A 57 14.10 15.31 13.87
CA GLU A 57 14.19 14.81 12.51
C GLU A 57 15.45 13.96 12.31
N LEU A 58 16.56 14.34 12.95
CA LEU A 58 17.80 13.57 12.84
C LEU A 58 17.72 12.20 13.50
N ASP A 59 16.83 12.06 14.47
CA ASP A 59 16.62 10.79 15.17
C ASP A 59 15.82 9.86 14.26
N LYS A 60 14.88 10.42 13.52
CA LYS A 60 14.11 9.67 12.54
C LYS A 60 15.13 9.17 11.52
N TYR A 61 16.07 10.05 11.17
CA TYR A 61 17.15 9.71 10.25
C TYR A 61 17.93 8.53 10.83
N LYS A 62 18.24 8.66 12.11
CA LYS A 62 18.98 7.65 12.85
C LYS A 62 18.17 6.38 13.04
N ASN A 63 16.88 6.53 13.34
CA ASN A 63 16.00 5.37 13.53
C ASN A 63 15.84 4.55 12.27
N ALA A 64 15.78 5.22 11.13
CA ALA A 64 15.68 4.56 9.84
C ALA A 64 16.93 3.71 9.61
N VAL A 65 18.08 4.33 9.86
CA VAL A 65 19.38 3.68 9.76
C VAL A 65 19.44 2.47 10.66
N THR A 66 19.01 2.66 11.91
CA THR A 66 18.94 1.60 12.91
C THR A 66 18.04 0.46 12.45
N GLU A 67 16.92 0.77 11.81
CA GLU A 67 15.98 -0.26 11.36
C GLU A 67 16.63 -1.14 10.28
N LEU A 68 17.42 -0.52 9.41
CA LEU A 68 18.09 -1.24 8.34
C LEU A 68 19.19 -2.18 8.83
N GLN A 69 19.90 -1.75 9.86
CA GLN A 69 20.97 -2.53 10.48
C GLN A 69 20.40 -3.79 11.13
N LEU A 70 19.17 -3.63 11.58
CA LEU A 70 18.36 -4.66 12.19
C LEU A 70 17.90 -5.65 11.12
N LEU A 71 17.67 -5.12 9.92
CA LEU A 71 17.25 -5.95 8.80
C LEU A 71 18.38 -6.90 8.45
N MET A 72 19.63 -6.42 8.53
CA MET A 72 20.80 -7.28 8.29
C MET A 72 20.83 -8.46 9.26
N PHE A 85 -9.02 -22.42 -15.01
CA PHE A 85 -8.37 -23.73 -14.91
C PHE A 85 -6.90 -23.63 -15.29
N LEU A 86 -6.19 -24.74 -15.07
CA LEU A 86 -4.76 -24.87 -15.35
C LEU A 86 -3.92 -24.04 -14.41
N GLY A 87 -2.64 -23.93 -14.72
CA GLY A 87 -1.69 -23.18 -13.93
C GLY A 87 -0.87 -24.12 -13.08
N PHE A 88 -1.46 -25.24 -12.70
CA PHE A 88 -0.81 -26.19 -11.78
C PHE A 88 0.34 -26.96 -12.47
N LEU A 89 0.36 -26.88 -13.80
CA LEU A 89 1.38 -27.53 -14.64
C LEU A 89 2.69 -26.74 -14.75
N LEU A 90 2.60 -25.45 -14.44
CA LEU A 90 3.70 -24.49 -14.55
C LEU A 90 4.97 -24.65 -13.73
N GLY A 91 4.90 -25.29 -12.57
CA GLY A 91 6.11 -25.61 -11.87
C GLY A 91 6.39 -24.38 -11.03
N VAL A 92 7.46 -24.41 -10.24
CA VAL A 92 7.84 -23.25 -9.44
C VAL A 92 9.26 -22.76 -9.71
N GLY A 93 9.49 -21.47 -9.47
CA GLY A 93 10.78 -20.87 -9.69
C GLY A 93 11.06 -19.85 -8.61
N SER A 94 12.24 -19.25 -8.63
CA SER A 94 12.58 -18.21 -7.66
C SER A 94 12.72 -16.84 -8.29
N ALA A 95 11.71 -16.02 -8.08
CA ALA A 95 11.56 -14.76 -8.77
C ALA A 95 12.77 -13.87 -8.53
N ILE A 96 13.20 -13.84 -7.27
CA ILE A 96 14.29 -12.95 -6.88
C ILE A 96 15.64 -13.61 -6.84
N ALA A 97 15.76 -14.78 -7.46
CA ALA A 97 17.02 -15.50 -7.44
C ALA A 97 18.18 -14.70 -8.06
N SER A 98 17.91 -13.97 -9.13
CA SER A 98 18.93 -13.17 -9.81
C SER A 98 19.38 -12.02 -8.93
N GLY A 99 18.40 -11.31 -8.38
CA GLY A 99 18.69 -10.17 -7.55
C GLY A 99 19.38 -10.60 -6.27
N VAL A 100 18.92 -11.71 -5.68
CA VAL A 100 19.57 -12.19 -4.47
C VAL A 100 21.02 -12.56 -4.73
N ALA A 101 21.25 -13.13 -5.90
CA ALA A 101 22.60 -13.50 -6.29
C ALA A 101 23.52 -12.28 -6.30
N VAL A 102 23.00 -11.13 -6.73
CA VAL A 102 23.78 -9.91 -6.74
C VAL A 102 24.03 -9.39 -5.35
N CYS A 103 23.00 -9.51 -4.52
CA CYS A 103 23.07 -9.06 -3.13
C CYS A 103 24.15 -9.77 -2.36
N LYS A 104 24.20 -11.07 -2.58
CA LYS A 104 25.22 -11.88 -1.98
C LYS A 104 26.61 -11.37 -2.34
N VAL A 105 26.82 -11.01 -3.60
CA VAL A 105 28.13 -10.53 -4.04
C VAL A 105 28.49 -9.22 -3.36
N LEU A 106 27.50 -8.39 -3.08
CA LEU A 106 27.79 -7.09 -2.53
C LEU A 106 28.27 -7.19 -1.08
N HIS A 107 28.02 -8.34 -0.46
CA HIS A 107 28.47 -8.62 0.91
C HIS A 107 29.95 -8.95 1.03
N LEU A 108 30.79 -8.45 0.15
CA LEU A 108 32.20 -8.80 0.25
C LEU A 108 33.10 -7.61 0.59
N GLU A 109 34.13 -7.90 1.37
CA GLU A 109 35.06 -6.93 1.96
C GLU A 109 35.01 -5.53 1.39
N GLY A 110 35.90 -5.26 0.44
CA GLY A 110 35.93 -3.95 -0.17
C GLY A 110 35.28 -3.95 -1.54
N GLU A 111 34.21 -4.71 -1.70
CA GLU A 111 33.44 -4.66 -2.93
C GLU A 111 32.73 -3.33 -2.94
N VAL A 112 32.23 -2.97 -1.76
CA VAL A 112 31.60 -1.68 -1.57
C VAL A 112 32.52 -0.53 -1.95
N ASN A 113 33.74 -0.58 -1.43
CA ASN A 113 34.75 0.43 -1.71
C ASN A 113 35.05 0.56 -3.20
N LYS A 114 34.99 -0.55 -3.92
CA LYS A 114 35.27 -0.49 -5.35
C LYS A 114 34.20 0.38 -5.95
N ILE A 115 32.96 0.13 -5.56
CA ILE A 115 31.88 0.85 -6.15
C ILE A 115 31.77 2.27 -5.56
N LYS A 116 32.11 2.42 -4.28
CA LYS A 116 32.03 3.75 -3.65
C LYS A 116 33.07 4.69 -4.25
N SER A 117 34.19 4.11 -4.67
CA SER A 117 35.23 4.88 -5.33
C SER A 117 34.85 5.34 -6.74
N ALA A 118 34.22 4.48 -7.52
CA ALA A 118 33.92 4.88 -8.88
C ALA A 118 32.81 5.90 -8.85
N LEU A 119 31.93 5.80 -7.85
CA LEU A 119 30.80 6.73 -7.81
C LEU A 119 31.06 7.96 -6.96
N LEU A 120 32.31 8.23 -6.61
CA LEU A 120 32.58 9.38 -5.75
C LEU A 120 32.57 10.65 -6.60
N SER A 121 33.13 10.51 -7.80
CA SER A 121 33.32 11.63 -8.71
C SER A 121 32.12 11.75 -9.63
N THR A 122 31.65 10.64 -10.18
CA THR A 122 30.45 10.67 -11.02
C THR A 122 29.32 9.93 -10.30
N ASN A 123 28.07 10.15 -10.73
CA ASN A 123 26.95 9.44 -10.13
C ASN A 123 26.55 8.22 -10.93
N LYS A 124 27.27 7.95 -12.02
CA LYS A 124 26.96 6.79 -12.84
C LYS A 124 28.19 6.11 -13.47
N ALA A 125 28.36 4.82 -13.21
CA ALA A 125 29.50 4.09 -13.73
C ALA A 125 29.31 2.57 -13.74
N VAL A 126 29.98 1.91 -14.67
CA VAL A 126 29.90 0.47 -14.76
C VAL A 126 31.11 -0.10 -14.02
N VAL A 127 30.87 -0.98 -13.07
CA VAL A 127 31.95 -1.52 -12.25
C VAL A 127 32.02 -3.04 -12.40
N SER A 128 33.22 -3.59 -12.63
CA SER A 128 33.30 -5.04 -12.67
C SER A 128 33.55 -5.59 -11.27
N LEU A 129 32.58 -6.37 -10.81
CA LEU A 129 32.63 -7.06 -9.52
C LEU A 129 33.45 -8.32 -9.61
N SER A 130 33.89 -8.84 -8.47
CA SER A 130 34.71 -10.05 -8.48
C SER A 130 34.03 -11.30 -9.03
N ASN A 131 32.70 -11.39 -9.05
CA ASN A 131 32.06 -12.54 -9.71
C ASN A 131 32.42 -12.51 -11.20
N GLY A 132 32.70 -11.31 -11.72
CA GLY A 132 32.96 -11.05 -13.13
C GLY A 132 31.85 -10.34 -13.88
N VAL A 133 30.67 -10.35 -13.29
CA VAL A 133 29.50 -9.70 -13.85
C VAL A 133 29.63 -8.18 -13.82
N SER A 134 29.46 -7.54 -14.97
CA SER A 134 29.49 -6.08 -15.04
C SER A 134 28.09 -5.55 -14.75
N VAL A 135 28.03 -4.59 -13.84
CA VAL A 135 26.78 -4.02 -13.32
C VAL A 135 26.73 -2.49 -13.29
N LEU A 136 25.64 -1.95 -13.82
CA LEU A 136 25.35 -0.52 -13.79
C LEU A 136 25.11 -0.05 -12.35
N THR A 137 25.81 0.99 -11.91
CA THR A 137 25.69 1.52 -10.53
C THR A 137 25.16 2.96 -10.38
N PHE A 138 24.21 3.20 -9.46
CA PHE A 138 23.63 4.55 -9.30
C PHE A 138 23.58 5.21 -7.91
N LYS A 139 24.19 6.39 -7.79
CA LYS A 139 24.13 7.24 -6.59
C LYS A 139 23.06 8.35 -6.78
N VAL A 140 21.79 8.04 -6.48
CA VAL A 140 20.68 9.02 -6.56
C VAL A 140 20.40 10.01 -5.43
N LEU A 141 21.08 9.90 -4.30
CA LEU A 141 20.81 10.77 -3.17
C LEU A 141 22.06 10.83 -2.32
N ASP A 142 22.66 12.00 -2.21
CA ASP A 142 23.85 12.14 -1.38
C ASP A 142 23.61 12.96 -0.12
N LEU A 143 22.91 12.32 0.81
CA LEU A 143 22.56 12.90 2.10
C LEU A 143 23.84 13.23 2.87
N LYS A 144 24.88 12.41 2.65
CA LYS A 144 26.19 12.58 3.29
C LYS A 144 26.69 14.00 3.06
N ASN A 145 26.75 14.40 1.80
CA ASN A 145 27.23 15.73 1.45
C ASN A 145 26.29 16.78 2.04
N TYR A 146 24.98 16.56 1.99
CA TYR A 146 24.06 17.53 2.58
C TYR A 146 24.26 17.60 4.09
N ILE A 147 24.32 16.46 4.76
CA ILE A 147 24.43 16.47 6.22
C ILE A 147 25.77 17.02 6.70
N ASP A 148 26.83 16.64 5.99
CA ASP A 148 28.19 17.04 6.36
C ASP A 148 28.52 18.48 5.97
N LYS A 149 27.89 18.99 4.91
CA LYS A 149 28.24 20.32 4.40
C LYS A 149 27.18 21.38 4.72
N GLN A 150 25.94 20.96 4.94
CA GLN A 150 24.84 21.90 5.16
C GLN A 150 24.33 21.84 6.60
N LEU A 151 24.18 20.62 7.11
CA LEU A 151 23.55 20.42 8.41
C LEU A 151 24.56 20.47 9.56
N LEU A 152 25.51 19.53 9.56
CA LEU A 152 26.46 19.38 10.67
C LEU A 152 27.20 20.66 11.07
N PRO A 153 27.65 21.47 10.09
CA PRO A 153 28.32 22.68 10.57
C PRO A 153 27.36 23.64 11.27
N ILE A 154 26.07 23.54 10.99
CA ILE A 154 25.08 24.41 11.61
C ILE A 154 24.63 23.94 13.01
N LEU A 155 24.56 22.63 13.23
CA LEU A 155 24.02 22.12 14.50
C LEU A 155 25.01 22.25 15.66
N ASN A 156 26.29 22.36 15.35
CA ASN A 156 27.33 22.37 16.38
C ASN A 156 28.00 23.73 16.51
N LYS A 157 27.19 24.75 16.77
CA LYS A 157 27.69 26.12 16.77
C LYS A 157 27.93 26.60 18.20
N GLN A 158 28.37 25.69 19.07
CA GLN A 158 28.59 25.99 20.49
C GLN A 158 27.32 26.52 21.16
N SER A 159 26.82 27.63 20.64
CA SER A 159 25.48 28.12 20.97
C SER A 159 24.49 27.47 20.03
N CYS A 160 23.50 26.79 20.60
CA CYS A 160 22.49 26.10 19.81
C CYS A 160 21.47 27.06 19.21
N SER A 161 22.00 28.12 18.59
CA SER A 161 21.21 28.97 17.72
C SER A 161 20.94 28.19 16.44
N ILE A 162 20.26 28.82 15.49
CA ILE A 162 19.76 28.08 14.33
C ILE A 162 19.35 29.00 13.20
N SER A 163 19.47 30.30 13.44
CA SER A 163 19.00 31.32 12.52
C SER A 163 17.56 31.06 12.07
N ASN A 164 17.40 30.73 10.80
CA ASN A 164 16.07 30.58 10.21
C ASN A 164 15.59 29.13 10.04
N ILE A 165 14.28 28.99 9.84
CA ILE A 165 13.61 27.70 9.86
C ILE A 165 13.78 26.89 8.55
N GLU A 166 14.10 27.57 7.45
CA GLU A 166 14.22 26.91 6.14
C GLU A 166 15.24 25.78 6.16
N THR A 167 16.07 25.79 7.19
CA THR A 167 17.06 24.75 7.38
C THR A 167 16.37 23.45 7.78
N VAL A 168 15.31 23.53 8.57
CA VAL A 168 14.62 22.34 9.03
C VAL A 168 13.67 21.78 7.97
N ILE A 169 13.17 22.65 7.11
CA ILE A 169 12.27 22.23 6.05
C ILE A 169 13.07 21.48 5.00
N GLU A 170 14.21 22.04 4.62
CA GLU A 170 15.09 21.47 3.61
C GLU A 170 15.55 20.07 4.01
N PHE A 171 15.75 19.88 5.31
CA PHE A 171 16.24 18.62 5.83
C PHE A 171 15.12 17.58 5.89
N GLN A 172 13.93 17.98 6.32
CA GLN A 172 12.79 17.07 6.30
C GLN A 172 12.46 16.62 4.88
N GLN A 173 12.64 17.52 3.91
CA GLN A 173 12.38 17.23 2.49
C GLN A 173 13.34 16.19 1.93
N LYS A 174 14.61 16.32 2.27
CA LYS A 174 15.64 15.43 1.78
C LYS A 174 15.48 14.08 2.45
N ASN A 175 15.22 14.13 3.76
CA ASN A 175 15.07 12.94 4.57
C ASN A 175 13.85 12.10 4.23
N ASN A 176 12.79 12.74 3.76
CA ASN A 176 11.54 12.02 3.49
C ASN A 176 11.70 10.80 2.59
N ARG A 177 12.49 10.95 1.53
CA ARG A 177 12.70 9.86 0.58
C ARG A 177 13.33 8.65 1.24
N LEU A 178 14.29 8.92 2.11
CA LEU A 178 14.98 7.87 2.86
C LEU A 178 14.00 7.15 3.79
N LEU A 179 13.13 7.93 4.42
CA LEU A 179 12.13 7.39 5.37
C LEU A 179 11.08 6.48 4.76
N GLU A 180 10.72 6.70 3.51
CA GLU A 180 9.70 5.90 2.87
C GLU A 180 10.29 4.59 2.39
N ILE A 181 11.53 4.63 1.93
CA ILE A 181 12.20 3.41 1.51
C ILE A 181 12.40 2.48 2.70
N THR A 182 12.81 3.05 3.84
CA THR A 182 13.00 2.24 5.03
C THR A 182 11.65 1.74 5.49
N ARG A 183 10.61 2.47 5.13
CA ARG A 183 9.27 2.13 5.57
C ARG A 183 8.81 0.95 4.75
N GLU A 184 9.04 1.05 3.45
CA GLU A 184 8.63 0.02 2.53
C GLU A 184 9.37 -1.27 2.83
N PHE A 185 10.68 -1.17 2.99
CA PHE A 185 11.46 -2.36 3.25
C PHE A 185 11.02 -2.99 4.57
N SER A 186 10.56 -2.14 5.49
CA SER A 186 10.14 -2.56 6.82
C SER A 186 8.88 -3.40 6.77
N VAL A 187 8.03 -3.10 5.82
CA VAL A 187 6.78 -3.80 5.70
C VAL A 187 6.85 -4.87 4.60
N ASN A 188 8.04 -5.05 4.04
CA ASN A 188 8.22 -6.04 2.98
C ASN A 188 9.40 -7.00 3.17
N ALA A 189 9.90 -7.11 4.41
CA ALA A 189 11.01 -8.01 4.73
C ALA A 189 12.22 -7.85 3.80
N GLY A 190 12.37 -6.64 3.25
CA GLY A 190 13.50 -6.30 2.41
C GLY A 190 13.33 -6.58 0.93
N VAL A 191 12.11 -6.93 0.53
CA VAL A 191 11.77 -7.15 -0.88
C VAL A 191 10.45 -6.46 -1.22
N THR A 192 10.49 -5.45 -2.08
CA THR A 192 9.28 -4.71 -2.41
C THR A 192 8.90 -4.88 -3.86
N THR A 193 7.60 -5.01 -4.11
CA THR A 193 7.08 -4.98 -5.46
C THR A 193 5.63 -4.54 -5.53
N PRO A 194 5.31 -3.63 -6.46
CA PRO A 194 6.24 -2.97 -7.39
C PRO A 194 7.21 -2.00 -6.72
N VAL A 195 8.23 -1.59 -7.47
CA VAL A 195 9.21 -0.64 -6.97
C VAL A 195 8.63 0.77 -7.03
N SER A 196 8.44 1.39 -5.88
CA SER A 196 7.80 2.71 -5.81
C SER A 196 8.71 3.82 -6.34
N THR A 197 8.09 4.98 -6.55
CA THR A 197 8.80 6.17 -6.98
C THR A 197 9.83 6.57 -5.92
N TYR A 198 9.46 6.40 -4.65
CA TYR A 198 10.40 6.72 -3.57
C TYR A 198 11.66 5.87 -3.72
N MET A 199 11.50 4.63 -4.18
CA MET A 199 12.62 3.72 -4.34
C MET A 199 13.40 4.15 -5.56
N LEU A 200 12.65 4.60 -6.57
CA LEU A 200 13.21 4.99 -7.83
C LEU A 200 12.30 5.89 -8.64
N THR A 201 12.67 7.16 -8.72
CA THR A 201 11.82 8.14 -9.39
C THR A 201 11.88 7.90 -10.90
N ASN A 202 10.93 8.49 -11.61
CA ASN A 202 10.81 8.33 -13.06
C ASN A 202 12.06 8.76 -13.82
N SER A 203 12.66 9.87 -13.42
CA SER A 203 13.87 10.37 -14.05
C SER A 203 15.03 9.39 -13.89
N GLU A 204 15.14 8.78 -12.71
CA GLU A 204 16.20 7.82 -12.43
C GLU A 204 16.02 6.57 -13.30
N LEU A 205 14.78 6.10 -13.38
CA LEU A 205 14.42 4.89 -14.10
C LEU A 205 14.63 5.04 -15.61
N LEU A 206 14.22 6.18 -16.16
CA LEU A 206 14.37 6.45 -17.58
C LEU A 206 15.84 6.54 -17.96
N SER A 207 16.63 7.12 -17.06
CA SER A 207 18.08 7.22 -17.22
C SER A 207 18.70 5.82 -17.21
N LEU A 208 18.16 4.98 -16.35
CA LEU A 208 18.55 3.58 -16.18
C LEU A 208 18.37 2.72 -17.43
N ILE A 209 17.23 2.88 -18.07
CA ILE A 209 16.86 2.15 -19.28
C ILE A 209 17.84 2.30 -20.46
N ASN A 210 18.33 3.50 -20.72
CA ASN A 210 19.20 3.73 -21.88
C ASN A 210 20.54 2.99 -21.87
N ASP A 211 21.04 2.64 -20.70
CA ASP A 211 22.29 1.91 -20.60
C ASP A 211 22.13 0.37 -20.54
N MET A 212 20.90 -0.10 -20.42
CA MET A 212 20.61 -1.54 -20.45
C MET A 212 20.93 -2.00 -21.86
N PRO A 213 21.68 -3.09 -21.99
CA PRO A 213 22.05 -3.58 -23.32
C PRO A 213 20.92 -4.21 -24.14
N ILE A 214 19.92 -3.41 -24.45
CA ILE A 214 18.83 -3.87 -25.30
C ILE A 214 18.71 -3.03 -26.58
N THR A 215 17.73 -3.40 -27.40
CA THR A 215 17.47 -2.73 -28.68
C THR A 215 16.95 -1.33 -28.41
N ASN A 216 17.19 -0.42 -29.35
CA ASN A 216 16.65 0.93 -29.26
C ASN A 216 15.12 0.88 -29.23
N ASP A 217 14.53 -0.13 -29.88
CA ASP A 217 13.09 -0.35 -29.82
C ASP A 217 12.66 -0.85 -28.44
N GLN A 218 13.49 -1.67 -27.81
CA GLN A 218 13.13 -2.26 -26.53
C GLN A 218 13.10 -1.15 -25.48
N LYS A 219 14.01 -0.21 -25.61
CA LYS A 219 14.08 0.95 -24.74
C LYS A 219 12.80 1.79 -24.92
N LYS A 220 12.37 1.93 -26.17
CA LYS A 220 11.18 2.71 -26.53
C LYS A 220 9.95 2.13 -25.83
N LEU A 221 9.87 0.81 -25.80
CA LEU A 221 8.74 0.11 -25.19
C LEU A 221 8.61 0.34 -23.69
N MET A 222 9.72 0.15 -23.00
CA MET A 222 9.81 0.34 -21.55
C MET A 222 9.54 1.77 -21.11
N SER A 223 9.94 2.73 -21.94
CA SER A 223 9.83 4.13 -21.54
C SER A 223 8.40 4.59 -21.58
N ASN A 224 7.61 3.99 -22.46
CA ASN A 224 6.21 4.37 -22.53
C ASN A 224 5.37 3.59 -21.53
N ASN A 225 5.95 2.54 -20.94
CA ASN A 225 5.22 1.73 -19.97
C ASN A 225 6.00 1.50 -18.68
N VAL A 226 6.52 2.58 -18.10
CA VAL A 226 7.30 2.46 -16.88
C VAL A 226 6.48 1.89 -15.73
N GLN A 227 5.20 2.26 -15.67
CA GLN A 227 4.31 1.83 -14.60
C GLN A 227 4.11 0.32 -14.62
N ILE A 228 4.27 -0.27 -15.80
CA ILE A 228 4.19 -1.72 -15.94
C ILE A 228 5.51 -2.33 -15.55
N VAL A 229 6.58 -1.64 -15.92
CA VAL A 229 7.93 -2.12 -15.63
C VAL A 229 8.10 -2.24 -14.12
N ARG A 230 7.54 -1.28 -13.40
CA ARG A 230 7.60 -1.26 -11.94
C ARG A 230 6.92 -2.50 -11.36
N GLN A 231 5.77 -2.87 -11.93
CA GLN A 231 4.98 -3.97 -11.39
C GLN A 231 5.58 -5.36 -11.61
N GLN A 232 6.40 -5.50 -12.64
CA GLN A 232 7.06 -6.78 -12.89
C GLN A 232 8.48 -6.68 -12.37
N SER A 233 8.72 -5.72 -11.48
CA SER A 233 10.06 -5.50 -10.94
C SER A 233 10.16 -5.74 -9.44
N TYR A 234 11.38 -5.98 -8.97
CA TYR A 234 11.61 -6.15 -7.55
C TYR A 234 12.72 -5.23 -7.08
N SER A 235 12.58 -4.69 -5.87
CA SER A 235 13.66 -3.92 -5.26
C SER A 235 14.17 -4.65 -4.04
N ILE A 236 15.47 -4.94 -4.03
CA ILE A 236 16.02 -5.81 -3.00
C ILE A 236 17.08 -5.15 -2.13
N MET A 237 16.74 -4.98 -0.85
CA MET A 237 17.66 -4.43 0.15
C MET A 237 18.85 -5.37 0.39
N CYS A 238 20.08 -4.84 0.24
CA CYS A 238 21.28 -5.66 0.38
C CYS A 238 22.04 -5.42 1.66
N ILE A 239 22.92 -4.42 1.63
CA ILE A 239 23.83 -4.13 2.74
C ILE A 239 23.87 -2.65 3.03
N ILE A 240 24.30 -2.30 4.23
CA ILE A 240 24.63 -0.92 4.54
C ILE A 240 26.04 -0.79 5.09
N LYS A 241 26.96 -1.48 4.44
CA LYS A 241 28.33 -1.57 4.90
C LYS A 241 28.99 -0.24 4.57
N GLU A 242 30.10 0.07 5.25
CA GLU A 242 30.74 1.37 5.11
C GLU A 242 29.72 2.44 5.46
N GLU A 243 29.77 3.57 4.76
CA GLU A 243 28.84 4.64 5.07
C GLU A 243 27.87 4.88 3.93
N VAL A 244 27.57 3.83 3.18
CA VAL A 244 26.77 3.96 1.97
C VAL A 244 25.67 2.90 2.10
N LEU A 245 24.44 3.28 1.79
CA LEU A 245 23.35 2.32 1.62
C LEU A 245 23.18 1.86 0.18
N ALA A 246 23.13 0.55 -0.02
CA ALA A 246 22.96 0.00 -1.36
C ALA A 246 21.88 -1.07 -1.44
N TYR A 247 20.94 -0.90 -2.38
CA TYR A 247 19.95 -1.92 -2.68
C TYR A 247 19.85 -2.11 -4.19
N VAL A 248 19.53 -3.33 -4.58
CA VAL A 248 19.46 -3.68 -6.00
C VAL A 248 18.05 -3.66 -6.57
N VAL A 249 17.85 -2.82 -7.58
CA VAL A 249 16.63 -2.84 -8.36
C VAL A 249 16.75 -3.82 -9.52
N GLN A 250 15.84 -4.79 -9.55
CA GLN A 250 15.84 -5.84 -10.56
C GLN A 250 14.79 -5.63 -11.64
N LEU A 251 15.24 -5.21 -12.82
CA LEU A 251 14.32 -4.86 -13.90
C LEU A 251 14.23 -5.95 -14.97
N PRO A 252 13.03 -6.12 -15.55
CA PRO A 252 12.77 -7.13 -16.59
C PRO A 252 13.43 -6.82 -17.94
N LEU A 253 13.98 -7.83 -18.60
CA LEU A 253 14.47 -7.65 -19.97
C LEU A 253 13.54 -8.43 -20.92
N TYR A 254 12.93 -7.71 -21.85
CA TYR A 254 11.95 -8.28 -22.77
C TYR A 254 12.59 -8.70 -24.08
N GLY A 255 12.93 -9.98 -24.15
CA GLY A 255 13.59 -10.55 -25.30
C GLY A 255 12.64 -10.88 -26.44
N VAL A 256 11.34 -10.95 -26.15
CA VAL A 256 10.38 -11.23 -27.22
C VAL A 256 9.41 -10.07 -27.39
N ILE A 257 9.46 -9.46 -28.57
CA ILE A 257 8.68 -8.26 -28.90
C ILE A 257 8.07 -8.29 -30.29
N ASP A 258 6.84 -7.77 -30.40
CA ASP A 258 6.17 -7.52 -31.68
C ASP A 258 5.86 -8.80 -32.46
N THR A 259 5.69 -9.90 -31.74
CA THR A 259 5.23 -11.14 -32.34
C THR A 259 3.73 -11.25 -32.07
N PRO A 260 2.98 -11.87 -32.99
CA PRO A 260 1.52 -11.93 -32.85
C PRO A 260 1.05 -12.68 -31.60
N CYS A 261 0.10 -12.08 -30.87
CA CYS A 261 -0.50 -12.71 -29.69
C CYS A 261 -2.02 -12.93 -29.79
N TRP A 262 -2.55 -13.90 -29.04
CA TRP A 262 -4.00 -14.08 -28.94
C TRP A 262 -4.51 -14.62 -27.59
N LYS A 263 -5.69 -14.14 -27.17
CA LYS A 263 -6.28 -14.55 -25.89
C LYS A 263 -7.49 -15.46 -26.13
N LEU A 264 -7.52 -16.58 -25.42
CA LEU A 264 -8.58 -17.57 -25.58
C LEU A 264 -9.64 -17.56 -24.48
N HIS A 265 -10.90 -17.34 -24.85
CA HIS A 265 -11.99 -17.39 -23.88
C HIS A 265 -12.75 -18.67 -24.09
N THR A 266 -13.07 -19.34 -22.99
CA THR A 266 -13.80 -20.59 -23.05
C THR A 266 -14.96 -20.57 -22.09
N SER A 267 -15.94 -21.43 -22.32
CA SER A 267 -17.07 -21.49 -21.42
C SER A 267 -17.71 -22.86 -21.47
N PRO A 268 -18.42 -23.24 -20.39
CA PRO A 268 -19.03 -24.57 -20.35
C PRO A 268 -20.03 -24.77 -21.47
N LEU A 269 -19.92 -25.92 -22.14
CA LEU A 269 -20.86 -26.32 -23.17
C LEU A 269 -21.64 -27.57 -22.82
N CYS A 270 -22.97 -27.49 -22.75
CA CYS A 270 -23.77 -28.62 -22.31
C CYS A 270 -24.94 -28.89 -23.24
N THR A 271 -25.44 -30.12 -23.17
CA THR A 271 -26.65 -30.48 -23.89
C THR A 271 -27.84 -29.80 -23.32
N THR A 272 -28.83 -29.56 -24.17
CA THR A 272 -29.98 -28.83 -23.69
C THR A 272 -31.18 -29.74 -23.83
N ASN A 273 -31.02 -30.98 -23.37
CA ASN A 273 -32.14 -31.92 -23.38
C ASN A 273 -33.06 -31.42 -22.30
N THR A 274 -34.35 -31.71 -22.42
CA THR A 274 -35.33 -31.17 -21.48
C THR A 274 -35.20 -31.74 -20.07
N LYS A 275 -34.54 -32.88 -19.89
CA LYS A 275 -34.55 -33.50 -18.57
C LYS A 275 -33.87 -32.68 -17.47
N GLU A 276 -34.07 -33.09 -16.22
CA GLU A 276 -33.51 -32.38 -15.05
C GLU A 276 -32.00 -32.38 -14.85
N GLY A 277 -31.41 -33.56 -14.70
CA GLY A 277 -29.98 -33.67 -14.63
C GLY A 277 -29.73 -34.49 -15.87
N SER A 278 -29.09 -35.65 -15.77
CA SER A 278 -28.99 -36.56 -16.92
C SER A 278 -28.36 -35.85 -18.14
N ASN A 279 -27.89 -34.63 -17.90
CA ASN A 279 -27.22 -33.83 -18.90
C ASN A 279 -25.75 -34.01 -18.87
N ILE A 280 -25.17 -33.81 -20.04
CA ILE A 280 -23.75 -33.87 -20.14
C ILE A 280 -23.16 -32.54 -20.51
N CYS A 281 -22.07 -32.19 -19.83
CA CYS A 281 -21.40 -30.92 -20.08
C CYS A 281 -20.01 -31.19 -20.65
N LEU A 282 -19.42 -30.17 -21.25
CA LEU A 282 -18.09 -30.29 -21.81
C LEU A 282 -17.42 -28.92 -21.84
N THR A 283 -16.13 -28.86 -21.51
CA THR A 283 -15.46 -27.58 -21.52
C THR A 283 -13.99 -27.61 -21.95
N ARG A 284 -13.63 -26.73 -22.87
CA ARG A 284 -12.23 -26.55 -23.27
C ARG A 284 -11.50 -25.92 -22.09
N THR A 285 -10.37 -26.50 -21.70
CA THR A 285 -9.65 -26.11 -20.49
C THR A 285 -8.38 -25.31 -20.74
N ASP A 286 -8.08 -25.09 -22.01
CA ASP A 286 -6.88 -24.39 -22.38
C ASP A 286 -7.04 -22.87 -22.46
N ARG A 287 -7.80 -22.30 -21.53
CA ARG A 287 -7.96 -20.85 -21.52
C ARG A 287 -6.67 -20.18 -21.12
N GLY A 288 -6.56 -18.92 -21.53
CA GLY A 288 -5.42 -18.10 -21.22
C GLY A 288 -4.84 -17.41 -22.44
N TRP A 289 -3.62 -16.89 -22.27
CA TRP A 289 -2.95 -16.15 -23.30
C TRP A 289 -2.01 -17.06 -24.12
N TYR A 290 -2.00 -16.92 -25.44
CA TYR A 290 -1.05 -17.67 -26.26
C TYR A 290 -0.16 -16.75 -27.10
N CYS A 291 1.14 -17.00 -27.15
CA CYS A 291 1.98 -16.17 -28.01
C CYS A 291 3.10 -16.85 -28.79
N ASP A 292 3.21 -16.42 -30.04
CA ASP A 292 4.25 -16.82 -30.97
C ASP A 292 5.58 -16.21 -30.54
N ASN A 293 6.65 -16.98 -30.43
CA ASN A 293 7.89 -16.40 -29.92
C ASN A 293 9.19 -17.02 -30.46
N ALA A 294 9.20 -18.33 -30.63
CA ALA A 294 10.34 -19.00 -31.27
C ALA A 294 9.89 -20.17 -32.14
N GLY A 295 8.86 -19.97 -32.95
CA GLY A 295 8.40 -21.01 -33.85
C GLY A 295 7.41 -21.87 -33.08
N SER A 296 7.41 -21.68 -31.76
CA SER A 296 6.51 -22.40 -30.88
C SER A 296 5.51 -21.42 -30.29
N VAL A 297 4.82 -21.83 -29.23
CA VAL A 297 3.91 -20.92 -28.54
C VAL A 297 4.03 -20.92 -27.01
N SER A 298 4.32 -19.75 -26.43
CA SER A 298 4.31 -19.62 -24.97
C SER A 298 2.88 -19.45 -24.44
N PHE A 299 2.44 -20.36 -23.56
CA PHE A 299 1.08 -20.33 -23.03
C PHE A 299 0.96 -19.98 -21.55
N PHE A 300 0.16 -18.96 -21.26
CA PHE A 300 -0.02 -18.47 -19.90
C PHE A 300 -1.43 -18.74 -19.33
N PRO A 301 -1.57 -19.82 -18.55
CA PRO A 301 -2.83 -20.38 -18.02
C PRO A 301 -3.61 -19.41 -17.15
N GLN A 302 -2.93 -18.82 -16.16
CA GLN A 302 -3.54 -17.81 -15.30
C GLN A 302 -3.40 -16.44 -15.96
N ALA A 303 -4.50 -15.88 -16.43
CA ALA A 303 -4.37 -14.59 -17.10
C ALA A 303 -4.39 -13.44 -16.09
N GLU A 304 -4.28 -13.77 -14.81
CA GLU A 304 -4.04 -12.75 -13.80
C GLU A 304 -2.63 -12.18 -13.96
N THR A 305 -1.76 -13.03 -14.49
CA THR A 305 -0.33 -12.74 -14.58
C THR A 305 0.00 -11.84 -15.77
N CYS A 306 -1.04 -11.37 -16.44
CA CYS A 306 -0.86 -10.62 -17.67
C CYS A 306 -1.55 -9.29 -17.55
N LYS A 307 -0.79 -8.22 -17.79
CA LYS A 307 -1.31 -6.88 -17.78
C LYS A 307 -1.55 -6.42 -19.21
N VAL A 308 -2.64 -5.71 -19.45
CA VAL A 308 -2.98 -5.29 -20.80
C VAL A 308 -2.95 -3.77 -21.02
N GLN A 309 -2.20 -3.35 -22.03
CA GLN A 309 -2.17 -1.96 -22.49
C GLN A 309 -2.57 -1.86 -23.95
N SER A 310 -3.84 -2.17 -24.23
CA SER A 310 -4.34 -2.20 -25.60
C SER A 310 -3.52 -3.15 -26.49
N ASN A 311 -2.74 -2.56 -27.41
CA ASN A 311 -1.93 -3.34 -28.35
C ASN A 311 -0.94 -4.32 -27.72
N ARG A 312 -0.37 -3.94 -26.57
CA ARG A 312 0.68 -4.74 -25.93
C ARG A 312 0.21 -5.53 -24.71
N VAL A 313 0.58 -6.81 -24.66
CA VAL A 313 0.23 -7.72 -23.56
C VAL A 313 1.48 -8.12 -22.78
N PHE A 314 1.59 -7.64 -21.55
CA PHE A 314 2.73 -7.95 -20.69
C PHE A 314 2.61 -9.19 -19.80
N CYS A 315 3.42 -10.20 -20.10
CA CYS A 315 3.43 -11.47 -19.38
C CYS A 315 4.82 -11.88 -18.88
N ASP A 316 4.81 -12.75 -17.87
CA ASP A 316 6.03 -13.31 -17.28
C ASP A 316 6.23 -14.76 -17.66
N THR A 317 7.33 -15.02 -18.33
CA THR A 317 7.61 -16.34 -18.87
C THR A 317 7.80 -17.43 -17.81
N MET A 318 7.99 -17.04 -16.56
CA MET A 318 8.10 -18.03 -15.48
C MET A 318 6.83 -18.80 -15.19
N ASN A 319 5.72 -18.14 -15.39
CA ASN A 319 4.42 -18.78 -15.24
C ASN A 319 3.85 -19.28 -16.57
N SER A 320 4.69 -19.84 -17.43
CA SER A 320 4.22 -20.30 -18.75
C SER A 320 4.70 -21.69 -19.20
N LEU A 321 3.91 -22.32 -20.06
CA LEU A 321 4.29 -23.51 -20.83
C LEU A 321 4.59 -23.22 -22.30
N THR A 322 5.59 -23.89 -22.85
CA THR A 322 5.89 -23.77 -24.27
C THR A 322 5.30 -24.86 -25.18
N LEU A 323 4.26 -24.51 -25.93
CA LEU A 323 3.53 -25.47 -26.77
C LEU A 323 3.79 -25.26 -28.28
N PRO A 324 3.69 -26.33 -29.08
CA PRO A 324 3.76 -26.33 -30.55
C PRO A 324 2.67 -25.55 -31.29
N SER A 325 3.01 -24.94 -32.42
CA SER A 325 2.12 -24.02 -33.12
C SER A 325 0.83 -24.70 -33.62
N GLU A 326 0.83 -26.03 -33.65
CA GLU A 326 -0.32 -26.83 -34.07
C GLU A 326 -1.48 -26.80 -33.08
N VAL A 327 -1.27 -26.13 -31.95
CA VAL A 327 -2.30 -25.96 -30.93
C VAL A 327 -3.48 -25.20 -31.51
N ASN A 328 -3.24 -24.44 -32.57
CA ASN A 328 -4.29 -23.63 -33.16
C ASN A 328 -5.34 -24.47 -33.87
N LEU A 329 -4.99 -25.70 -34.20
CA LEU A 329 -5.92 -26.57 -34.91
C LEU A 329 -7.14 -26.92 -34.04
N CYS A 330 -6.98 -26.83 -32.73
CA CYS A 330 -8.07 -27.14 -31.81
C CYS A 330 -9.22 -26.14 -31.92
N ASN A 331 -8.93 -25.00 -32.51
CA ASN A 331 -9.90 -23.91 -32.64
C ASN A 331 -10.77 -24.04 -33.88
N VAL A 332 -10.21 -24.63 -34.93
CA VAL A 332 -10.92 -24.80 -36.19
C VAL A 332 -11.55 -26.20 -36.21
N ASP A 333 -10.72 -27.21 -35.97
CA ASP A 333 -11.17 -28.59 -35.88
C ASP A 333 -10.61 -29.29 -34.66
N ILE A 334 -11.44 -29.44 -33.63
CA ILE A 334 -10.98 -30.00 -32.38
C ILE A 334 -10.65 -31.49 -32.53
N PHE A 335 -11.08 -32.11 -33.62
CA PHE A 335 -10.84 -33.54 -33.80
C PHE A 335 -9.71 -33.91 -34.77
N ASN A 336 -8.86 -32.94 -35.10
CA ASN A 336 -7.71 -33.20 -35.97
C ASN A 336 -6.80 -34.21 -35.29
N PRO A 337 -6.14 -35.07 -36.09
CA PRO A 337 -5.31 -36.14 -35.55
C PRO A 337 -3.89 -35.67 -35.18
N LYS A 338 -3.62 -34.38 -35.37
CA LYS A 338 -2.27 -33.86 -35.22
C LYS A 338 -2.03 -33.31 -33.83
N TYR A 339 -3.10 -32.89 -33.16
CA TYR A 339 -2.99 -32.40 -31.79
C TYR A 339 -4.19 -32.80 -30.93
N ASP A 340 -3.89 -33.39 -29.77
CA ASP A 340 -4.93 -33.85 -28.85
C ASP A 340 -5.41 -32.69 -27.97
N CYS A 341 -6.53 -32.07 -28.35
CA CYS A 341 -7.05 -30.87 -27.68
C CYS A 341 -7.49 -31.10 -26.24
N LYS A 342 -6.98 -30.27 -25.32
CA LYS A 342 -7.27 -30.40 -23.89
C LYS A 342 -8.68 -29.93 -23.51
N ILE A 343 -9.43 -30.79 -22.82
CA ILE A 343 -10.79 -30.47 -22.36
C ILE A 343 -11.13 -31.03 -20.98
N MET A 344 -12.31 -30.65 -20.46
CA MET A 344 -12.86 -31.26 -19.23
C MET A 344 -14.37 -31.52 -19.35
N THR A 345 -14.82 -32.48 -18.56
CA THR A 345 -16.22 -32.89 -18.53
C THR A 345 -16.85 -32.82 -17.13
N SER A 346 -18.16 -32.70 -17.08
CA SER A 346 -18.86 -32.62 -15.80
C SER A 346 -20.33 -32.96 -16.03
N LYS A 347 -21.04 -33.29 -14.96
CA LYS A 347 -22.48 -33.41 -15.01
C LYS A 347 -23.11 -32.20 -14.38
N THR A 348 -22.27 -31.23 -14.04
CA THR A 348 -22.70 -30.01 -13.37
C THR A 348 -23.31 -28.99 -14.35
N ASP A 349 -24.64 -28.96 -14.43
CA ASP A 349 -25.33 -28.08 -15.36
C ASP A 349 -25.68 -26.71 -14.78
N VAL A 350 -24.68 -25.84 -14.70
CA VAL A 350 -24.87 -24.55 -14.04
C VAL A 350 -24.62 -23.44 -15.05
N SER A 351 -25.51 -22.46 -15.09
CA SER A 351 -25.40 -21.34 -16.02
C SER A 351 -24.37 -20.30 -15.55
N SER A 352 -23.56 -19.77 -16.47
CA SER A 352 -22.60 -18.72 -16.14
C SER A 352 -22.21 -17.97 -17.41
N SER A 353 -21.46 -16.88 -17.26
CA SER A 353 -21.01 -16.11 -18.42
C SER A 353 -19.54 -15.72 -18.43
N VAL A 354 -19.00 -15.56 -19.64
CA VAL A 354 -17.61 -15.15 -19.85
C VAL A 354 -17.50 -13.94 -20.77
N ILE A 355 -17.02 -12.84 -20.21
CA ILE A 355 -16.82 -11.60 -20.93
C ILE A 355 -15.52 -11.58 -21.71
N THR A 356 -15.61 -11.45 -23.03
CA THR A 356 -14.44 -11.43 -23.88
C THR A 356 -13.99 -10.01 -24.16
N SER A 357 -12.98 -9.88 -25.03
CA SER A 357 -12.44 -8.58 -25.41
C SER A 357 -13.44 -7.71 -26.16
N LEU A 358 -14.22 -8.32 -27.05
CA LEU A 358 -15.13 -7.57 -27.89
C LEU A 358 -16.55 -8.11 -27.73
N GLY A 359 -16.81 -8.77 -26.60
CA GLY A 359 -18.10 -9.39 -26.38
C GLY A 359 -18.20 -10.27 -25.15
N ALA A 360 -19.15 -11.18 -25.20
CA ALA A 360 -19.46 -12.07 -24.09
C ALA A 360 -19.92 -13.44 -24.58
N ILE A 361 -19.36 -14.48 -23.99
CA ILE A 361 -19.83 -15.83 -24.25
C ILE A 361 -20.85 -16.16 -23.18
N VAL A 362 -21.99 -16.67 -23.60
CA VAL A 362 -23.06 -16.94 -22.65
C VAL A 362 -23.42 -18.42 -22.60
N SER A 363 -23.11 -19.03 -21.46
CA SER A 363 -23.51 -20.40 -21.20
C SER A 363 -24.83 -20.46 -20.44
N CYS A 364 -25.91 -20.58 -21.20
CA CYS A 364 -27.24 -20.56 -20.61
C CYS A 364 -27.87 -21.95 -20.52
N TYR A 365 -28.18 -22.37 -19.29
CA TYR A 365 -28.76 -23.70 -19.06
C TYR A 365 -29.86 -23.72 -18.00
N GLY A 366 -30.71 -24.72 -18.16
CA GLY A 366 -31.82 -25.00 -17.27
C GLY A 366 -32.96 -24.01 -17.50
N LYS A 367 -33.58 -23.58 -16.41
CA LYS A 367 -34.71 -22.65 -16.47
C LYS A 367 -34.25 -21.22 -16.25
N THR A 368 -32.94 -21.04 -16.27
CA THR A 368 -32.30 -19.77 -15.93
C THR A 368 -32.58 -18.67 -16.94
N LYS A 369 -32.90 -17.48 -16.42
CA LYS A 369 -33.08 -16.32 -17.28
C LYS A 369 -31.71 -15.78 -17.62
N CYS A 370 -31.42 -15.83 -18.90
CA CYS A 370 -30.17 -15.35 -19.46
C CYS A 370 -30.52 -14.24 -20.41
N THR A 371 -29.95 -13.06 -20.20
CA THR A 371 -30.38 -11.92 -20.97
C THR A 371 -29.25 -10.92 -21.25
N ALA A 372 -29.39 -10.22 -22.37
CA ALA A 372 -28.50 -9.15 -22.74
C ALA A 372 -29.27 -7.87 -22.94
N SER A 373 -28.71 -6.76 -22.49
CA SER A 373 -29.42 -5.49 -22.46
C SER A 373 -28.56 -4.35 -22.99
N ASN A 374 -29.22 -3.33 -23.52
CA ASN A 374 -28.56 -2.09 -23.89
C ASN A 374 -28.96 -1.02 -22.88
N LYS A 375 -28.09 -0.05 -22.65
CA LYS A 375 -28.35 0.97 -21.64
C LYS A 375 -29.60 1.78 -22.00
N ASN A 376 -29.80 2.04 -23.29
CA ASN A 376 -30.92 2.86 -23.73
C ASN A 376 -32.22 2.08 -23.89
N ARG A 377 -32.21 1.02 -24.69
CA ARG A 377 -33.43 0.35 -25.07
C ARG A 377 -33.76 -0.78 -24.08
N GLY A 378 -32.79 -1.16 -23.25
CA GLY A 378 -33.02 -2.20 -22.27
C GLY A 378 -32.68 -3.56 -22.85
N ILE A 379 -33.47 -4.57 -22.49
CA ILE A 379 -33.26 -5.93 -23.00
C ILE A 379 -33.46 -6.07 -24.50
N ILE A 380 -32.47 -6.65 -25.19
CA ILE A 380 -32.57 -6.77 -26.64
C ILE A 380 -32.50 -8.22 -27.09
N LYS A 381 -32.06 -9.12 -26.20
CA LYS A 381 -32.07 -10.53 -26.56
C LYS A 381 -32.16 -11.42 -25.33
N THR A 382 -33.05 -12.40 -25.42
CA THR A 382 -33.24 -13.44 -24.43
C THR A 382 -32.71 -14.75 -25.02
N PHE A 383 -31.71 -15.35 -24.38
CA PHE A 383 -31.07 -16.54 -24.93
C PHE A 383 -31.95 -17.79 -24.79
N SER A 384 -31.96 -18.59 -25.85
CA SER A 384 -32.64 -19.89 -25.84
C SER A 384 -31.83 -21.08 -25.36
N ASN A 385 -31.41 -21.06 -24.09
CA ASN A 385 -30.66 -22.17 -23.50
C ASN A 385 -29.51 -22.73 -24.33
N GLY A 386 -28.31 -22.17 -24.19
CA GLY A 386 -27.20 -22.64 -25.00
C GLY A 386 -26.02 -21.70 -24.97
N CYS A 387 -24.99 -22.02 -25.75
CA CYS A 387 -23.83 -21.15 -25.78
C CYS A 387 -23.98 -20.16 -26.92
N ASP A 388 -23.95 -18.88 -26.60
CA ASP A 388 -24.06 -17.86 -27.62
C ASP A 388 -23.03 -16.77 -27.39
N TYR A 389 -23.01 -15.81 -28.28
CA TYR A 389 -22.04 -14.74 -28.24
C TYR A 389 -22.76 -13.54 -28.80
N VAL A 390 -22.32 -12.36 -28.39
CA VAL A 390 -22.89 -11.12 -28.88
C VAL A 390 -21.83 -10.05 -29.00
N SER A 391 -21.86 -9.28 -30.07
CA SER A 391 -20.87 -8.23 -30.22
C SER A 391 -21.09 -7.10 -29.22
N ASN A 392 -20.00 -6.36 -29.03
CA ASN A 392 -19.81 -5.24 -28.11
C ASN A 392 -20.44 -3.97 -28.65
N LYS A 393 -20.65 -3.95 -29.95
CA LYS A 393 -21.16 -2.79 -30.62
C LYS A 393 -22.62 -2.52 -30.29
N GLY A 394 -23.51 -3.49 -30.50
CA GLY A 394 -24.93 -3.26 -30.26
C GLY A 394 -25.41 -3.61 -28.86
N VAL A 395 -24.48 -4.05 -28.03
CA VAL A 395 -24.76 -4.50 -26.67
C VAL A 395 -23.85 -3.86 -25.64
N ASP A 396 -24.40 -3.55 -24.47
CA ASP A 396 -23.62 -2.89 -23.45
C ASP A 396 -23.58 -3.74 -22.16
N THR A 397 -24.61 -4.55 -21.95
CA THR A 397 -24.73 -5.29 -20.69
C THR A 397 -25.30 -6.69 -20.88
N VAL A 398 -24.85 -7.62 -20.03
CA VAL A 398 -25.41 -8.96 -20.04
C VAL A 398 -25.79 -9.41 -18.63
N SER A 399 -26.99 -9.97 -18.53
CA SER A 399 -27.50 -10.43 -17.25
C SER A 399 -27.81 -11.93 -17.27
N VAL A 400 -27.13 -12.66 -16.40
CA VAL A 400 -27.38 -14.09 -16.25
C VAL A 400 -27.89 -14.42 -14.85
N GLY A 401 -29.20 -14.60 -14.73
CA GLY A 401 -29.83 -14.87 -13.46
C GLY A 401 -29.84 -13.60 -12.62
N ASN A 402 -29.27 -13.67 -11.43
CA ASN A 402 -29.24 -12.53 -10.51
C ASN A 402 -27.92 -11.79 -10.57
N THR A 403 -27.00 -12.30 -11.38
CA THR A 403 -25.71 -11.67 -11.49
C THR A 403 -25.58 -10.86 -12.76
N LEU A 404 -25.18 -9.61 -12.60
CA LEU A 404 -25.06 -8.73 -13.75
C LEU A 404 -23.61 -8.38 -14.13
N TYR A 405 -23.19 -8.77 -15.33
CA TYR A 405 -21.83 -8.54 -15.84
C TYR A 405 -21.78 -7.35 -16.79
N TYR A 406 -20.77 -6.49 -16.66
CA TYR A 406 -20.54 -5.45 -17.66
C TYR A 406 -19.58 -5.86 -18.78
N VAL A 407 -19.88 -5.41 -19.99
CA VAL A 407 -19.11 -5.80 -21.17
C VAL A 407 -18.17 -4.72 -21.69
N ASN A 408 -17.02 -5.14 -22.21
CA ASN A 408 -16.03 -4.21 -22.75
C ASN A 408 -16.48 -3.41 -23.96
N LYS A 409 -16.14 -2.13 -23.94
CA LYS A 409 -16.47 -1.19 -25.01
C LYS A 409 -15.29 -0.86 -25.89
N GLN A 410 -14.50 -1.85 -26.25
CA GLN A 410 -13.41 -1.59 -27.16
C GLN A 410 -13.96 -1.65 -28.57
N GLU A 411 -13.14 -1.37 -29.56
CA GLU A 411 -13.62 -1.36 -30.95
C GLU A 411 -12.95 -2.46 -31.75
N GLY A 412 -13.70 -3.12 -32.63
CA GLY A 412 -13.13 -4.20 -33.42
C GLY A 412 -14.23 -5.15 -33.85
N LYS A 413 -14.06 -5.73 -35.03
CA LYS A 413 -15.06 -6.65 -35.52
C LYS A 413 -14.88 -8.06 -34.96
N SER A 414 -16.01 -8.67 -34.62
CA SER A 414 -16.06 -10.06 -34.18
C SER A 414 -16.85 -10.91 -35.20
N LEU A 415 -16.47 -12.18 -35.34
CA LEU A 415 -17.10 -13.06 -36.34
C LEU A 415 -17.75 -14.33 -35.78
N TYR A 416 -19.01 -14.54 -36.11
CA TYR A 416 -19.74 -15.72 -35.64
C TYR A 416 -19.55 -16.88 -36.62
N VAL A 417 -18.86 -17.90 -36.15
CA VAL A 417 -18.64 -19.12 -36.92
C VAL A 417 -19.69 -20.20 -36.64
N LYS A 418 -20.64 -20.39 -37.54
CA LYS A 418 -21.64 -21.43 -37.33
C LYS A 418 -21.11 -22.86 -37.36
N GLY A 419 -21.69 -23.68 -36.50
CA GLY A 419 -21.32 -25.08 -36.38
C GLY A 419 -22.07 -25.74 -35.25
N GLU A 420 -22.41 -27.01 -35.43
CA GLU A 420 -23.12 -27.74 -34.38
C GLU A 420 -22.25 -27.91 -33.13
N PRO A 421 -22.77 -27.50 -31.97
CA PRO A 421 -22.01 -27.70 -30.73
C PRO A 421 -21.62 -29.18 -30.58
N ILE A 422 -20.33 -29.42 -30.36
CA ILE A 422 -19.74 -30.76 -30.40
C ILE A 422 -20.32 -31.77 -29.40
N ILE A 423 -20.84 -31.26 -28.31
CA ILE A 423 -21.35 -32.10 -27.22
C ILE A 423 -22.53 -32.97 -27.64
N ASN A 424 -23.20 -32.62 -28.72
CA ASN A 424 -24.41 -33.31 -29.13
C ASN A 424 -24.04 -34.62 -29.80
N PHE A 425 -22.74 -34.78 -30.09
CA PHE A 425 -22.28 -35.99 -30.76
C PHE A 425 -22.08 -37.19 -29.83
N TYR A 426 -22.15 -37.00 -28.51
CA TYR A 426 -21.85 -38.13 -27.65
C TYR A 426 -23.17 -38.73 -27.16
N ASP A 427 -23.29 -40.05 -27.20
CA ASP A 427 -24.41 -40.74 -26.55
C ASP A 427 -24.29 -40.84 -25.03
N PRO A 428 -25.30 -40.33 -24.30
CA PRO A 428 -25.25 -40.44 -22.84
C PRO A 428 -25.02 -41.88 -22.36
N LEU A 429 -24.72 -42.05 -21.07
CA LEU A 429 -24.66 -43.34 -20.37
C LEU A 429 -23.30 -43.99 -20.66
N VAL A 430 -22.71 -43.62 -21.78
CA VAL A 430 -21.44 -44.20 -22.19
C VAL A 430 -20.42 -43.08 -22.04
N PHE A 431 -20.95 -41.88 -21.88
CA PHE A 431 -20.14 -40.71 -21.68
C PHE A 431 -19.55 -40.64 -20.26
N PRO A 432 -18.22 -40.50 -20.17
CA PRO A 432 -17.38 -40.29 -18.97
C PRO A 432 -17.53 -38.87 -18.41
N SER A 433 -18.12 -38.68 -17.24
CA SER A 433 -18.37 -37.29 -16.84
C SER A 433 -17.53 -36.72 -15.70
N ASP A 434 -16.54 -37.45 -15.21
CA ASP A 434 -15.78 -36.94 -14.08
C ASP A 434 -14.32 -36.77 -14.50
N GLU A 435 -14.07 -35.79 -15.36
CA GLU A 435 -12.73 -35.57 -15.90
C GLU A 435 -12.30 -34.11 -15.83
N PHE A 436 -11.20 -33.87 -15.13
CA PHE A 436 -10.72 -32.52 -14.86
C PHE A 436 -9.69 -31.99 -15.88
N ASP A 437 -8.70 -32.79 -16.24
CA ASP A 437 -7.76 -32.37 -17.29
C ASP A 437 -7.55 -33.34 -18.46
N ALA A 438 -8.59 -34.07 -18.87
CA ALA A 438 -8.45 -35.06 -19.92
C ALA A 438 -8.28 -34.42 -21.30
N SER A 439 -8.57 -35.17 -22.36
CA SER A 439 -8.39 -34.66 -23.73
C SER A 439 -9.23 -35.44 -24.74
N ILE A 440 -9.23 -35.00 -26.00
CA ILE A 440 -10.03 -35.64 -27.03
C ILE A 440 -9.73 -37.13 -27.18
N SER A 441 -8.45 -37.46 -27.39
CA SER A 441 -8.08 -38.85 -27.61
C SER A 441 -8.29 -39.68 -26.35
N GLN A 442 -8.02 -39.05 -25.20
CA GLN A 442 -8.15 -39.73 -23.92
C GLN A 442 -9.60 -40.06 -23.56
N VAL A 443 -10.53 -39.28 -24.09
CA VAL A 443 -11.96 -39.55 -23.93
C VAL A 443 -12.46 -40.70 -24.78
N ASN A 444 -12.11 -40.65 -26.06
CA ASN A 444 -12.51 -41.68 -26.99
C ASN A 444 -12.11 -43.08 -26.55
N GLU A 445 -10.88 -43.24 -26.04
CA GLU A 445 -10.47 -44.54 -25.54
C GLU A 445 -11.35 -44.97 -24.38
N LYS A 446 -11.67 -44.03 -23.48
CA LYS A 446 -12.52 -44.39 -22.37
C LYS A 446 -13.91 -44.68 -22.91
N ILE A 447 -14.26 -44.03 -24.00
CA ILE A 447 -15.55 -44.31 -24.60
C ILE A 447 -15.43 -45.66 -25.26
N ASN A 448 -14.29 -45.86 -25.92
CA ASN A 448 -14.01 -47.10 -26.63
C ASN A 448 -13.98 -48.25 -25.63
N GLN A 449 -13.24 -48.04 -24.55
CA GLN A 449 -13.05 -49.06 -23.52
C GLN A 449 -14.44 -49.42 -22.98
N SER A 450 -15.25 -48.38 -22.75
CA SER A 450 -16.61 -48.51 -22.23
C SER A 450 -17.56 -48.99 -23.32
N LEU A 451 -17.23 -48.69 -24.58
CA LEU A 451 -18.01 -49.18 -25.70
C LEU A 451 -17.67 -50.65 -25.88
N ALA A 452 -16.42 -50.99 -25.63
CA ALA A 452 -15.95 -52.37 -25.69
C ALA A 452 -16.64 -53.19 -24.62
N PHE A 453 -16.56 -52.75 -23.37
CA PHE A 453 -17.15 -53.50 -22.26
C PHE A 453 -18.62 -53.79 -22.50
N ILE A 454 -19.34 -52.84 -23.08
CA ILE A 454 -20.75 -53.05 -23.45
C ILE A 454 -20.88 -54.00 -24.62
N ARG A 455 -19.99 -53.85 -25.59
CA ARG A 455 -20.04 -54.70 -26.76
C ARG A 455 -19.50 -56.11 -26.53
N LYS A 456 -18.39 -56.29 -25.80
CA LYS A 456 -17.89 -57.65 -25.63
C LYS A 456 -18.75 -58.49 -24.66
N SER A 457 -19.27 -57.83 -23.62
CA SER A 457 -20.01 -58.48 -22.53
C SER A 457 -21.40 -59.01 -22.88
N ASP A 458 -21.85 -58.71 -24.10
CA ASP A 458 -23.12 -59.26 -24.57
C ASP A 458 -22.96 -60.28 -25.69
N GLU A 459 -21.83 -60.22 -26.40
CA GLU A 459 -21.58 -61.15 -27.48
C GLU A 459 -21.42 -62.53 -26.84
N LEU A 460 -20.75 -62.53 -25.70
CA LEU A 460 -20.49 -63.74 -24.92
C LEU A 460 -21.79 -64.36 -24.40
N LEU A 461 -22.73 -63.51 -23.99
CA LEU A 461 -24.00 -63.99 -23.49
C LEU A 461 -25.00 -64.25 -24.63
N GLN B 1 27.61 -23.26 4.83
CA GLN B 1 28.21 -24.56 5.11
C GLN B 1 27.49 -25.21 6.30
N ASN B 2 26.25 -24.78 6.49
CA ASN B 2 25.29 -25.24 7.51
C ASN B 2 24.30 -26.14 6.79
N ILE B 3 23.59 -25.49 5.86
CA ILE B 3 22.50 -26.06 5.11
C ILE B 3 23.04 -26.98 4.02
N THR B 4 22.44 -28.16 4.02
CA THR B 4 22.69 -29.20 3.03
C THR B 4 21.40 -29.65 2.38
N GLU B 5 21.56 -30.43 1.32
CA GLU B 5 20.45 -30.91 0.50
C GLU B 5 20.77 -32.25 -0.16
N GLU B 6 19.76 -33.12 -0.26
CA GLU B 6 19.97 -34.40 -0.91
C GLU B 6 18.91 -34.55 -2.00
N PHE B 7 19.34 -34.95 -3.19
CA PHE B 7 18.44 -35.22 -4.30
C PHE B 7 18.28 -36.70 -4.57
N TYR B 8 17.04 -37.14 -4.67
CA TYR B 8 16.72 -38.53 -4.96
C TYR B 8 16.25 -38.75 -6.40
N GLN B 9 17.13 -39.30 -7.22
CA GLN B 9 16.85 -39.56 -8.64
C GLN B 9 15.66 -40.51 -8.72
N SER B 10 15.52 -41.35 -7.70
CA SER B 10 14.50 -42.41 -7.73
C SER B 10 13.11 -41.78 -7.69
N THR B 11 12.99 -40.61 -7.07
CA THR B 11 11.66 -40.01 -6.92
C THR B 11 11.62 -38.56 -7.42
N CYS B 12 12.68 -38.14 -8.09
CA CYS B 12 12.79 -36.80 -8.68
C CYS B 12 12.41 -35.72 -7.67
N SER B 13 13.05 -35.74 -6.51
CA SER B 13 12.73 -34.78 -5.46
C SER B 13 13.96 -34.42 -4.63
N ALA B 14 13.87 -33.34 -3.87
CA ALA B 14 15.00 -32.92 -3.05
C ALA B 14 14.56 -32.35 -1.72
N VAL B 15 15.33 -32.67 -0.69
CA VAL B 15 15.08 -32.22 0.67
C VAL B 15 16.26 -31.41 1.18
N SER B 16 16.01 -30.22 1.69
CA SER B 16 17.09 -29.42 2.25
C SER B 16 16.99 -29.57 3.75
N LYS B 17 18.01 -30.19 4.35
CA LYS B 17 18.00 -30.47 5.78
C LYS B 17 18.89 -29.60 6.67
N GLY B 18 19.34 -28.46 6.17
CA GLY B 18 20.06 -27.53 7.02
C GLY B 18 19.26 -26.49 7.78
N TYR B 19 17.93 -26.54 7.68
CA TYR B 19 17.10 -25.53 8.33
C TYR B 19 16.63 -25.76 9.77
N LEU B 20 16.35 -24.64 10.43
CA LEU B 20 15.86 -24.58 11.80
C LEU B 20 14.44 -23.98 11.82
N SER B 21 13.59 -24.49 12.71
CA SER B 21 12.16 -24.13 12.73
C SER B 21 11.87 -22.83 13.49
N ALA B 22 10.82 -22.14 13.04
CA ALA B 22 10.23 -21.03 13.79
C ALA B 22 8.71 -20.96 13.67
N LEU B 23 8.03 -21.70 14.55
CA LEU B 23 6.58 -21.92 14.49
C LEU B 23 5.87 -20.96 15.44
N ARG B 24 4.87 -20.28 14.89
CA ARG B 24 3.97 -19.36 15.59
C ARG B 24 2.90 -19.92 16.56
N THR B 25 2.85 -21.23 16.77
CA THR B 25 1.83 -21.91 17.59
C THR B 25 0.71 -21.12 18.34
N GLY B 26 0.94 -19.88 18.72
CA GLY B 26 -0.07 -19.13 19.46
C GLY B 26 -0.16 -17.63 19.18
N TRP B 27 -0.85 -16.90 20.05
CA TRP B 27 -1.02 -15.44 19.89
C TRP B 27 -0.87 -14.68 21.22
N TYR B 28 -0.25 -13.51 21.16
CA TYR B 28 -0.26 -12.59 22.29
C TYR B 28 -0.92 -11.27 21.89
N THR B 29 -1.86 -10.81 22.68
CA THR B 29 -2.62 -9.60 22.35
C THR B 29 -2.33 -8.41 23.29
N SER B 30 -1.88 -7.29 22.72
CA SER B 30 -1.66 -6.08 23.52
C SER B 30 -2.55 -4.91 23.06
N VAL B 31 -2.85 -4.00 23.99
CA VAL B 31 -3.70 -2.83 23.75
C VAL B 31 -2.93 -1.51 23.69
N ILE B 32 -2.88 -0.90 22.51
CA ILE B 32 -2.19 0.37 22.32
C ILE B 32 -3.16 1.55 22.45
N THR B 33 -2.80 2.56 23.24
CA THR B 33 -3.72 3.68 23.47
C THR B 33 -3.16 5.07 23.13
N ILE B 34 -4.05 5.93 22.63
CA ILE B 34 -3.79 7.36 22.44
C ILE B 34 -4.79 8.28 23.10
N GLU B 35 -4.33 9.10 24.06
CA GLU B 35 -5.19 10.04 24.77
C GLU B 35 -5.53 11.23 23.86
N LEU B 36 -6.81 11.43 23.59
CA LEU B 36 -7.27 12.48 22.67
C LEU B 36 -7.90 13.67 23.38
N SER B 37 -7.79 14.84 22.77
CA SER B 37 -8.38 16.07 23.29
C SER B 37 -9.74 16.45 22.68
N ASN B 38 -10.76 16.59 23.54
CA ASN B 38 -12.11 17.01 23.15
C ASN B 38 -12.16 18.50 22.94
N ILE B 39 -12.33 18.91 21.69
CA ILE B 39 -12.25 20.33 21.34
C ILE B 39 -13.41 20.82 20.49
N LYS B 40 -13.80 22.06 20.79
CA LYS B 40 -14.94 22.72 20.21
C LYS B 40 -14.35 23.92 19.47
N GLU B 41 -14.37 23.84 18.15
CA GLU B 41 -14.03 24.94 17.24
C GLU B 41 -14.23 26.34 17.82
N ASN B 42 -13.14 27.09 17.90
CA ASN B 42 -13.18 28.48 18.35
C ASN B 42 -13.69 29.39 17.23
N LYS B 43 -14.81 30.07 17.50
CA LYS B 43 -15.40 31.01 16.55
C LYS B 43 -14.49 32.23 16.41
N CYS B 44 -13.37 32.02 15.72
CA CYS B 44 -12.30 32.99 15.60
C CYS B 44 -12.33 33.66 14.24
N ASN B 45 -12.51 34.98 14.25
CA ASN B 45 -12.55 35.77 13.02
C ASN B 45 -11.17 36.15 12.49
N GLY B 46 -10.12 35.79 13.22
CA GLY B 46 -8.77 36.12 12.78
C GLY B 46 -8.39 35.44 11.49
N THR B 47 -8.07 36.25 10.48
CA THR B 47 -7.75 35.75 9.15
C THR B 47 -6.24 35.58 8.93
N ASP B 48 -5.49 35.40 10.02
CA ASP B 48 -4.04 35.23 9.95
C ASP B 48 -3.65 33.92 9.24
N ALA B 49 -2.60 33.98 8.41
CA ALA B 49 -2.15 32.84 7.62
C ALA B 49 -1.70 31.65 8.46
N LYS B 50 -0.99 31.90 9.55
CA LYS B 50 -0.53 30.83 10.43
C LYS B 50 -1.62 30.15 11.24
N VAL B 51 -2.61 30.93 11.68
CA VAL B 51 -3.77 30.38 12.38
C VAL B 51 -4.62 29.52 11.46
N LYS B 52 -4.80 29.98 10.22
CA LYS B 52 -5.58 29.26 9.23
C LYS B 52 -4.91 27.90 9.01
N LEU B 53 -3.57 27.89 8.99
CA LEU B 53 -2.85 26.64 8.78
C LEU B 53 -3.10 25.70 9.95
N ILE B 54 -3.10 26.23 11.16
CA ILE B 54 -3.39 25.44 12.34
C ILE B 54 -4.83 24.96 12.29
N LYS B 55 -5.71 25.88 11.91
CA LYS B 55 -7.13 25.59 11.76
C LYS B 55 -7.31 24.48 10.74
N GLN B 56 -6.57 24.55 9.63
CA GLN B 56 -6.67 23.51 8.61
C GLN B 56 -6.18 22.19 9.16
N GLU B 57 -5.10 22.24 9.92
CA GLU B 57 -4.55 21.04 10.50
C GLU B 57 -5.47 20.50 11.59
N LEU B 58 -6.08 21.40 12.34
CA LEU B 58 -7.00 20.97 13.38
C LEU B 58 -8.25 20.36 12.77
N ASP B 59 -8.55 20.75 11.53
CA ASP B 59 -9.71 20.19 10.85
C ASP B 59 -9.27 18.81 10.43
N LYS B 60 -8.00 18.72 10.04
CA LYS B 60 -7.41 17.44 9.69
C LYS B 60 -7.40 16.53 10.92
N TYR B 61 -7.08 17.11 12.07
CA TYR B 61 -7.10 16.37 13.31
C TYR B 61 -8.50 15.83 13.54
N LYS B 62 -9.48 16.71 13.37
CA LYS B 62 -10.90 16.39 13.56
C LYS B 62 -11.43 15.41 12.52
N ASN B 63 -11.02 15.60 11.26
CA ASN B 63 -11.47 14.71 10.20
C ASN B 63 -10.95 13.31 10.47
N ALA B 64 -9.74 13.23 11.00
CA ALA B 64 -9.17 11.95 11.34
C ALA B 64 -10.04 11.31 12.41
N VAL B 65 -10.37 12.11 13.41
CA VAL B 65 -11.22 11.71 14.51
C VAL B 65 -12.58 11.23 14.05
N THR B 66 -13.19 12.02 13.18
CA THR B 66 -14.48 11.70 12.60
C THR B 66 -14.53 10.37 11.85
N GLU B 67 -13.48 10.06 11.10
CA GLU B 67 -13.46 8.81 10.31
C GLU B 67 -13.47 7.58 11.21
N LEU B 68 -12.74 7.66 12.31
CA LEU B 68 -12.66 6.55 13.26
C LEU B 68 -13.99 6.31 13.98
N GLN B 69 -14.68 7.40 14.29
CA GLN B 69 -15.98 7.38 14.96
C GLN B 69 -17.01 6.72 14.06
N LEU B 70 -16.78 6.91 12.79
CA LEU B 70 -17.56 6.39 11.68
C LEU B 70 -17.35 4.88 11.49
N LEU B 71 -16.15 4.40 11.78
CA LEU B 71 -15.88 2.99 11.63
C LEU B 71 -16.72 2.16 12.59
N MET B 72 -16.94 2.64 13.80
CA MET B 72 -17.80 1.91 14.71
C MET B 72 -19.22 1.74 14.16
N PHE B 85 0.15 -28.27 -4.89
CA PHE B 85 -0.91 -29.26 -4.70
C PHE B 85 -1.16 -29.46 -3.20
N LEU B 86 -2.26 -30.14 -2.88
CA LEU B 86 -2.63 -30.42 -1.50
C LEU B 86 -2.98 -29.07 -0.86
N GLY B 87 -3.11 -29.01 0.46
CA GLY B 87 -3.42 -27.76 1.11
C GLY B 87 -4.89 -27.62 1.49
N PHE B 88 -5.75 -28.26 0.70
CA PHE B 88 -7.19 -28.15 0.85
C PHE B 88 -7.70 -28.90 2.08
N LEU B 89 -6.80 -29.72 2.64
CA LEU B 89 -7.03 -30.51 3.84
C LEU B 89 -6.84 -29.76 5.16
N LEU B 90 -6.14 -28.64 5.09
CA LEU B 90 -5.80 -27.81 6.25
C LEU B 90 -6.92 -27.20 7.07
N GLY B 91 -8.07 -26.99 6.46
CA GLY B 91 -9.23 -26.61 7.23
C GLY B 91 -9.15 -25.09 7.36
N VAL B 92 -10.13 -24.50 8.02
CA VAL B 92 -10.12 -23.06 8.24
C VAL B 92 -10.21 -22.68 9.71
N GLY B 93 -9.67 -21.51 10.02
CA GLY B 93 -9.64 -21.00 11.37
C GLY B 93 -9.84 -19.50 11.31
N SER B 94 -9.92 -18.86 12.47
CA SER B 94 -10.06 -17.42 12.49
C SER B 94 -8.81 -16.74 13.04
N ALA B 95 -8.03 -16.14 12.15
CA ALA B 95 -6.70 -15.63 12.47
C ALA B 95 -6.78 -14.59 13.59
N ILE B 96 -7.76 -13.71 13.48
CA ILE B 96 -7.90 -12.61 14.40
C ILE B 96 -8.92 -12.89 15.49
N ALA B 97 -9.29 -14.16 15.65
CA ALA B 97 -10.28 -14.54 16.65
C ALA B 97 -9.80 -14.12 18.02
N SER B 98 -8.49 -14.25 18.22
CA SER B 98 -7.87 -13.85 19.47
C SER B 98 -7.93 -12.34 19.63
N GLY B 99 -7.57 -11.62 18.58
CA GLY B 99 -7.56 -10.17 18.61
C GLY B 99 -8.96 -9.59 18.73
N VAL B 100 -9.89 -10.18 18.00
CA VAL B 100 -11.27 -9.76 18.05
C VAL B 100 -11.88 -9.94 19.43
N ALA B 101 -11.50 -11.01 20.10
CA ALA B 101 -12.00 -11.27 21.45
C ALA B 101 -11.71 -10.17 22.47
N VAL B 102 -10.55 -9.55 22.37
CA VAL B 102 -10.14 -8.47 23.28
C VAL B 102 -10.89 -7.20 23.08
N CYS B 103 -11.08 -7.00 21.78
CA CYS B 103 -11.79 -5.83 21.29
C CYS B 103 -13.19 -5.69 21.82
N LYS B 104 -13.88 -6.82 21.78
CA LYS B 104 -15.21 -7.01 22.29
C LYS B 104 -15.32 -6.66 23.78
N VAL B 105 -14.33 -7.12 24.55
CA VAL B 105 -14.31 -6.90 25.99
C VAL B 105 -14.21 -5.41 26.32
N LEU B 106 -13.52 -4.68 25.47
CA LEU B 106 -13.24 -3.28 25.74
C LEU B 106 -14.50 -2.38 25.62
N HIS B 107 -15.54 -2.90 24.98
CA HIS B 107 -16.81 -2.17 24.84
C HIS B 107 -17.67 -2.18 26.11
N LEU B 108 -17.07 -2.28 27.29
CA LEU B 108 -17.91 -2.31 28.50
C LEU B 108 -17.71 -1.10 29.39
N GLU B 109 -18.83 -0.70 30.00
CA GLU B 109 -19.00 0.51 30.83
C GLU B 109 -17.79 1.41 31.00
N GLY B 110 -17.20 1.36 32.18
CA GLY B 110 -16.02 2.13 32.45
C GLY B 110 -14.81 1.23 32.41
N GLU B 111 -14.75 0.31 31.44
CA GLU B 111 -13.56 -0.50 31.27
C GLU B 111 -12.46 0.37 30.75
N VAL B 112 -12.84 1.26 29.84
CA VAL B 112 -11.95 2.25 29.30
C VAL B 112 -11.32 3.05 30.43
N ASN B 113 -12.18 3.51 31.33
CA ASN B 113 -11.78 4.30 32.50
C ASN B 113 -10.79 3.56 33.38
N LYS B 114 -10.91 2.24 33.44
CA LYS B 114 -10.02 1.44 34.27
C LYS B 114 -8.61 1.59 33.72
N ILE B 115 -8.50 1.47 32.41
CA ILE B 115 -7.19 1.51 31.78
C ILE B 115 -6.69 2.94 31.71
N LYS B 116 -7.63 3.87 31.58
CA LYS B 116 -7.30 5.29 31.51
C LYS B 116 -6.73 5.75 32.84
N SER B 117 -7.18 5.12 33.93
CA SER B 117 -6.68 5.41 35.26
C SER B 117 -5.26 4.92 35.49
N ALA B 118 -4.95 3.72 35.03
CA ALA B 118 -3.64 3.16 35.28
C ALA B 118 -2.57 3.85 34.44
N LEU B 119 -2.98 4.35 33.29
CA LEU B 119 -2.02 4.94 32.37
C LEU B 119 -1.86 6.45 32.50
N LEU B 120 -2.32 7.02 33.61
CA LEU B 120 -2.23 8.47 33.75
C LEU B 120 -0.81 8.88 34.18
N SER B 121 -0.24 8.08 35.07
CA SER B 121 1.05 8.35 35.68
C SER B 121 2.19 7.71 34.91
N THR B 122 2.00 6.45 34.53
CA THR B 122 2.99 5.77 33.73
C THR B 122 2.41 5.51 32.34
N ASN B 123 3.29 5.23 31.38
CA ASN B 123 2.84 4.92 30.03
C ASN B 123 2.76 3.43 29.87
N LYS B 124 3.06 2.72 30.95
CA LYS B 124 3.03 1.27 30.92
C LYS B 124 2.57 0.55 32.19
N ALA B 125 1.54 -0.28 32.06
CA ALA B 125 1.00 -1.01 33.19
C ALA B 125 0.16 -2.19 32.73
N VAL B 126 0.09 -3.23 33.55
CA VAL B 126 -0.71 -4.39 33.22
C VAL B 126 -2.05 -4.24 33.92
N VAL B 127 -3.14 -4.31 33.17
CA VAL B 127 -4.44 -4.09 33.77
C VAL B 127 -5.32 -5.32 33.64
N SER B 128 -5.95 -5.75 34.72
CA SER B 128 -6.90 -6.85 34.61
C SER B 128 -8.30 -6.35 34.30
N LEU B 129 -8.77 -6.77 33.13
CA LEU B 129 -10.10 -6.49 32.63
C LEU B 129 -11.11 -7.43 33.29
N SER B 130 -12.39 -7.09 33.22
CA SER B 130 -13.43 -7.90 33.84
C SER B 130 -13.53 -9.32 33.26
N ASN B 131 -13.05 -9.56 32.05
CA ASN B 131 -13.03 -10.94 31.55
C ASN B 131 -12.10 -11.74 32.46
N GLY B 132 -11.15 -11.02 33.08
CA GLY B 132 -10.09 -11.57 33.91
C GLY B 132 -8.71 -11.60 33.30
N VAL B 133 -8.67 -11.45 31.98
CA VAL B 133 -7.40 -11.43 31.24
C VAL B 133 -6.58 -10.17 31.52
N SER B 134 -5.34 -10.37 31.92
CA SER B 134 -4.39 -9.30 32.16
C SER B 134 -3.67 -8.97 30.85
N VAL B 135 -3.66 -7.68 30.55
CA VAL B 135 -3.17 -7.14 29.29
C VAL B 135 -2.20 -5.97 29.47
N LEU B 136 -1.06 -6.05 28.79
CA LEU B 136 -0.07 -4.99 28.75
C LEU B 136 -0.62 -3.76 28.03
N THR B 137 -0.55 -2.61 28.68
CA THR B 137 -1.07 -1.36 28.10
C THR B 137 -0.05 -0.25 27.81
N PHE B 138 -0.15 0.34 26.62
CA PHE B 138 0.80 1.38 26.22
C PHE B 138 0.22 2.69 25.70
N LYS B 139 0.58 3.80 26.34
CA LYS B 139 0.23 5.16 25.86
C LYS B 139 1.43 5.71 25.09
N VAL B 140 1.53 5.40 23.81
CA VAL B 140 2.60 5.93 22.95
C VAL B 140 2.48 7.32 22.30
N LEU B 141 1.35 7.99 22.48
CA LEU B 141 1.19 9.29 21.84
C LEU B 141 0.16 10.03 22.68
N ASP B 142 0.58 11.13 23.28
CA ASP B 142 -0.34 11.94 24.07
C ASP B 142 -0.64 13.31 23.45
N LEU B 143 -1.44 13.26 22.38
CA LEU B 143 -1.87 14.44 21.63
C LEU B 143 -2.68 15.39 22.52
N LYS B 144 -3.42 14.79 23.45
CA LYS B 144 -4.25 15.53 24.40
C LYS B 144 -3.41 16.58 25.11
N ASN B 145 -2.32 16.13 25.71
CA ASN B 145 -1.42 17.02 26.44
C ASN B 145 -0.80 18.07 25.54
N TYR B 146 -0.38 17.67 24.34
CA TYR B 146 0.20 18.65 23.43
C TYR B 146 -0.86 19.67 23.04
N ILE B 147 -2.05 19.20 22.69
CA ILE B 147 -3.11 20.10 22.24
C ILE B 147 -3.63 21.01 23.35
N ASP B 148 -3.79 20.46 24.55
CA ASP B 148 -4.33 21.20 25.68
C ASP B 148 -3.31 22.13 26.32
N LYS B 149 -2.02 21.80 26.24
CA LYS B 149 -0.98 22.58 26.92
C LYS B 149 -0.14 23.45 25.99
N GLN B 150 -0.06 23.07 24.72
CA GLN B 150 0.81 23.79 23.80
C GLN B 150 -0.02 24.56 22.79
N LEU B 151 -1.07 23.89 22.30
CA LEU B 151 -1.86 24.41 21.19
C LEU B 151 -3.01 25.31 21.68
N LEU B 152 -3.95 24.73 22.45
CA LEU B 152 -5.16 25.44 22.88
C LEU B 152 -4.94 26.81 23.55
N PRO B 153 -3.93 26.92 24.43
CA PRO B 153 -3.75 28.26 25.02
C PRO B 153 -3.24 29.28 24.01
N ILE B 154 -2.61 28.81 22.93
CA ILE B 154 -2.08 29.69 21.89
C ILE B 154 -3.18 30.09 20.90
N LEU B 155 -4.10 29.18 20.61
CA LEU B 155 -5.10 29.46 19.58
C LEU B 155 -6.17 30.41 20.10
N ASN B 156 -6.31 30.46 21.43
CA ASN B 156 -7.38 31.26 22.03
C ASN B 156 -6.86 32.47 22.78
N LYS B 157 -6.10 33.32 22.08
CA LYS B 157 -5.41 34.43 22.72
C LYS B 157 -6.19 35.72 22.49
N GLN B 158 -7.51 35.62 22.45
CA GLN B 158 -8.39 36.76 22.16
C GLN B 158 -8.05 37.42 20.82
N SER B 159 -6.81 37.88 20.72
CA SER B 159 -6.23 38.28 19.45
C SER B 159 -5.63 37.05 18.79
N CYS B 160 -6.09 36.74 17.58
CA CYS B 160 -5.60 35.56 16.87
C CYS B 160 -4.22 35.78 16.29
N SER B 161 -3.32 36.31 17.12
CA SER B 161 -1.90 36.32 16.82
C SER B 161 -1.41 34.88 17.01
N ILE B 162 -0.10 34.65 16.82
CA ILE B 162 0.41 33.28 16.76
C ILE B 162 1.93 33.22 16.92
N SER B 163 2.55 34.39 17.05
CA SER B 163 4.00 34.53 17.09
C SER B 163 4.67 33.79 15.94
N ASN B 164 5.40 32.72 16.27
CA ASN B 164 6.20 32.02 15.27
C ASN B 164 5.62 30.71 14.72
N ILE B 165 6.18 30.28 13.60
CA ILE B 165 5.66 29.17 12.80
C ILE B 165 5.98 27.78 13.34
N GLU B 166 7.02 27.68 14.16
CA GLU B 166 7.45 26.39 14.68
C GLU B 166 6.34 25.66 15.42
N THR B 167 5.32 26.41 15.81
CA THR B 167 4.17 25.84 16.47
C THR B 167 3.35 24.99 15.49
N VAL B 168 3.24 25.44 14.24
CA VAL B 168 2.43 24.71 13.25
C VAL B 168 3.22 23.54 12.72
N ILE B 169 4.53 23.67 12.73
CA ILE B 169 5.37 22.60 12.25
C ILE B 169 5.30 21.52 13.31
N GLU B 170 5.43 21.95 14.57
CA GLU B 170 5.40 21.02 15.69
C GLU B 170 4.10 20.26 15.77
N PHE B 171 3.01 20.91 15.40
CA PHE B 171 1.72 20.27 15.50
C PHE B 171 1.52 19.32 14.33
N GLN B 172 1.92 19.75 13.15
CA GLN B 172 1.87 18.85 11.99
C GLN B 172 2.76 17.63 12.21
N GLN B 173 3.89 17.80 12.88
CA GLN B 173 4.77 16.67 13.13
C GLN B 173 4.16 15.66 14.08
N LYS B 174 3.54 16.16 15.15
CA LYS B 174 2.93 15.28 16.14
C LYS B 174 1.65 14.66 15.63
N ASN B 175 0.85 15.48 14.98
CA ASN B 175 -0.42 15.03 14.47
C ASN B 175 -0.27 14.02 13.33
N ASN B 176 0.82 14.16 12.58
CA ASN B 176 1.07 13.32 11.40
C ASN B 176 0.94 11.82 11.62
N ARG B 177 1.48 11.34 12.74
CA ARG B 177 1.44 9.91 13.04
C ARG B 177 0.03 9.34 13.18
N LEU B 178 -0.82 10.11 13.83
CA LEU B 178 -2.21 9.73 14.05
C LEU B 178 -2.90 9.63 12.69
N LEU B 179 -2.59 10.57 11.80
CA LEU B 179 -3.18 10.64 10.46
C LEU B 179 -2.85 9.44 9.59
N GLU B 180 -1.68 8.85 9.79
CA GLU B 180 -1.32 7.74 8.95
C GLU B 180 -2.03 6.52 9.50
N ILE B 181 -2.14 6.47 10.83
CA ILE B 181 -2.87 5.40 11.48
C ILE B 181 -4.34 5.43 11.14
N THR B 182 -4.93 6.61 11.15
CA THR B 182 -6.35 6.71 10.82
C THR B 182 -6.52 6.37 9.34
N ARG B 183 -5.46 6.57 8.57
CA ARG B 183 -5.51 6.32 7.13
C ARG B 183 -5.49 4.85 6.83
N GLU B 184 -4.59 4.14 7.48
CA GLU B 184 -4.46 2.72 7.28
C GLU B 184 -5.74 2.02 7.72
N PHE B 185 -6.24 2.35 8.92
CA PHE B 185 -7.45 1.70 9.39
C PHE B 185 -8.61 1.99 8.45
N SER B 186 -8.55 3.15 7.82
CA SER B 186 -9.59 3.63 6.92
C SER B 186 -9.65 2.79 5.65
N VAL B 187 -8.50 2.30 5.23
CA VAL B 187 -8.43 1.53 4.01
C VAL B 187 -8.39 0.03 4.31
N ASN B 188 -8.55 -0.30 5.59
CA ASN B 188 -8.51 -1.70 6.02
C ASN B 188 -9.68 -2.12 6.90
N ALA B 189 -10.76 -1.33 6.89
CA ALA B 189 -11.96 -1.62 7.67
C ALA B 189 -11.64 -1.89 9.14
N GLY B 190 -10.55 -1.30 9.61
CA GLY B 190 -10.14 -1.36 11.01
C GLY B 190 -9.24 -2.52 11.41
N VAL B 191 -8.75 -3.28 10.42
CA VAL B 191 -7.81 -4.39 10.67
C VAL B 191 -6.64 -4.34 9.67
N THR B 192 -5.42 -4.11 10.16
CA THR B 192 -4.25 -4.02 9.28
C THR B 192 -3.23 -5.10 9.53
N THR B 193 -2.64 -5.60 8.45
CA THR B 193 -1.50 -6.50 8.55
C THR B 193 -0.66 -6.43 7.29
N PRO B 194 0.67 -6.32 7.45
CA PRO B 194 1.40 -6.21 8.72
C PRO B 194 1.19 -4.91 9.48
N VAL B 195 1.62 -4.90 10.75
CA VAL B 195 1.51 -3.72 11.58
C VAL B 195 2.62 -2.74 11.22
N SER B 196 2.24 -1.58 10.69
CA SER B 196 3.21 -0.60 10.20
C SER B 196 3.98 0.12 11.31
N THR B 197 5.04 0.81 10.91
CA THR B 197 5.84 1.61 11.85
C THR B 197 4.98 2.72 12.44
N TYR B 198 4.10 3.30 11.62
CA TYR B 198 3.19 4.33 12.11
C TYR B 198 2.33 3.74 13.23
N MET B 199 1.98 2.47 13.09
CA MET B 199 1.13 1.82 14.08
C MET B 199 1.91 1.51 15.34
N LEU B 200 3.16 1.14 15.14
CA LEU B 200 4.05 0.74 16.22
C LEU B 200 5.52 0.82 15.81
N THR B 201 6.24 1.80 16.36
CA THR B 201 7.62 2.03 15.98
C THR B 201 8.49 0.91 16.53
N ASN B 202 9.71 0.81 16.00
CA ASN B 202 10.64 -0.24 16.39
C ASN B 202 10.91 -0.19 17.88
N SER B 203 11.07 1.00 18.42
CA SER B 203 11.30 1.14 19.86
C SER B 203 10.09 0.64 20.66
N GLU B 204 8.89 0.97 20.21
CA GLU B 204 7.67 0.56 20.89
C GLU B 204 7.51 -0.96 20.83
N LEU B 205 7.76 -1.50 19.65
CA LEU B 205 7.60 -2.93 19.36
C LEU B 205 8.61 -3.76 20.16
N LEU B 206 9.85 -3.30 20.22
CA LEU B 206 10.90 -3.99 20.95
C LEU B 206 10.65 -4.03 22.46
N SER B 207 10.11 -2.93 22.99
CA SER B 207 9.73 -2.82 24.41
C SER B 207 8.60 -3.78 24.75
N LEU B 208 7.69 -3.90 23.80
CA LEU B 208 6.55 -4.80 23.87
C LEU B 208 6.99 -6.25 23.99
N ILE B 209 7.96 -6.62 23.17
CA ILE B 209 8.51 -7.96 23.14
C ILE B 209 9.07 -8.41 24.50
N ASN B 210 9.78 -7.53 25.21
CA ASN B 210 10.41 -7.91 26.47
C ASN B 210 9.45 -8.29 27.60
N ASP B 211 8.24 -7.79 27.56
CA ASP B 211 7.21 -8.11 28.54
C ASP B 211 6.32 -9.27 28.16
N MET B 212 6.45 -9.74 26.92
CA MET B 212 5.71 -10.92 26.50
C MET B 212 6.29 -12.08 27.30
N PRO B 213 5.41 -12.89 27.90
CA PRO B 213 5.90 -14.01 28.71
C PRO B 213 6.51 -15.17 27.91
N ILE B 214 7.61 -14.87 27.22
CA ILE B 214 8.36 -15.89 26.50
C ILE B 214 9.82 -16.04 26.97
N THR B 215 10.55 -16.95 26.31
CA THR B 215 11.94 -17.25 26.64
C THR B 215 12.84 -16.06 26.28
N ASN B 216 13.96 -15.91 26.98
CA ASN B 216 14.91 -14.87 26.66
C ASN B 216 15.45 -15.03 25.24
N ASP B 217 15.53 -16.28 24.77
CA ASP B 217 15.91 -16.56 23.39
C ASP B 217 14.78 -16.18 22.43
N GLN B 218 13.54 -16.36 22.85
CA GLN B 218 12.41 -16.12 21.98
C GLN B 218 12.32 -14.63 21.74
N LYS B 219 12.65 -13.86 22.78
CA LYS B 219 12.69 -12.41 22.68
C LYS B 219 13.78 -12.02 21.66
N LYS B 220 14.92 -12.69 21.74
CA LYS B 220 16.07 -12.43 20.85
C LYS B 220 15.69 -12.64 19.40
N LEU B 221 14.94 -13.71 19.16
CA LEU B 221 14.53 -14.08 17.82
C LEU B 221 13.67 -13.02 17.21
N MET B 222 12.66 -12.62 17.95
CA MET B 222 11.75 -11.59 17.51
C MET B 222 12.47 -10.27 17.33
N SER B 223 13.46 -10.02 18.17
CA SER B 223 14.12 -8.73 18.15
C SER B 223 15.08 -8.57 16.97
N ASN B 224 15.65 -9.67 16.52
CA ASN B 224 16.56 -9.61 15.38
C ASN B 224 15.77 -9.68 14.08
N ASN B 225 14.49 -10.01 14.22
CA ASN B 225 13.57 -10.18 13.10
C ASN B 225 12.22 -9.45 13.23
N VAL B 226 12.21 -8.15 13.56
CA VAL B 226 10.95 -7.44 13.72
C VAL B 226 10.14 -7.42 12.43
N GLN B 227 10.82 -7.33 11.30
CA GLN B 227 10.17 -7.24 10.01
C GLN B 227 9.38 -8.49 9.69
N ILE B 228 9.79 -9.62 10.25
CA ILE B 228 9.04 -10.83 10.05
C ILE B 228 7.90 -10.88 11.03
N VAL B 229 8.18 -10.43 12.24
CA VAL B 229 7.19 -10.42 13.30
C VAL B 229 6.02 -9.52 12.91
N ARG B 230 6.34 -8.40 12.27
CA ARG B 230 5.34 -7.44 11.80
C ARG B 230 4.40 -8.10 10.81
N GLN B 231 4.98 -8.90 9.92
CA GLN B 231 4.23 -9.52 8.83
C GLN B 231 3.30 -10.61 9.35
N GLN B 232 3.66 -11.17 10.50
CA GLN B 232 2.83 -12.19 11.15
C GLN B 232 1.97 -11.57 12.27
N SER B 233 1.79 -10.24 12.23
CA SER B 233 1.02 -9.55 13.28
C SER B 233 -0.22 -8.89 12.73
N TYR B 234 -1.19 -8.63 13.60
CA TYR B 234 -2.40 -7.95 13.20
C TYR B 234 -2.68 -6.74 14.09
N SER B 235 -3.18 -5.65 13.53
CA SER B 235 -3.63 -4.50 14.33
C SER B 235 -5.15 -4.28 14.20
N ILE B 236 -5.87 -4.29 15.31
CA ILE B 236 -7.34 -4.29 15.30
C ILE B 236 -8.00 -3.09 15.99
N MET B 237 -8.68 -2.26 15.21
CA MET B 237 -9.43 -1.10 15.73
C MET B 237 -10.62 -1.46 16.63
N CYS B 238 -10.66 -0.94 17.86
CA CYS B 238 -11.73 -1.28 18.80
C CYS B 238 -12.72 -0.18 18.99
N ILE B 239 -12.40 0.71 19.92
CA ILE B 239 -13.27 1.80 20.32
C ILE B 239 -12.50 3.09 20.44
N ILE B 240 -13.21 4.21 20.40
CA ILE B 240 -12.61 5.48 20.77
C ILE B 240 -13.44 6.19 21.84
N LYS B 241 -13.85 5.41 22.84
CA LYS B 241 -14.75 5.89 23.88
C LYS B 241 -13.94 6.76 24.82
N GLU B 242 -14.63 7.58 25.61
CA GLU B 242 -13.95 8.57 26.46
C GLU B 242 -13.15 9.49 25.56
N GLU B 243 -12.00 9.94 26.05
CA GLU B 243 -11.20 10.85 25.25
C GLU B 243 -9.90 10.18 24.85
N VAL B 244 -10.00 8.87 24.66
CA VAL B 244 -8.85 8.01 24.42
C VAL B 244 -9.15 7.19 23.17
N LEU B 245 -8.18 7.08 22.28
CA LEU B 245 -8.20 6.13 21.18
C LEU B 245 -7.54 4.81 21.54
N ALA B 246 -8.23 3.69 21.29
CA ALA B 246 -7.67 2.39 21.61
C ALA B 246 -7.78 1.35 20.49
N TYR B 247 -6.63 0.74 20.16
CA TYR B 247 -6.59 -0.40 19.24
C TYR B 247 -5.70 -1.52 19.79
N VAL B 248 -6.06 -2.75 19.45
CA VAL B 248 -5.36 -3.94 19.92
C VAL B 248 -4.36 -4.47 18.89
N VAL B 249 -3.07 -4.52 19.25
CA VAL B 249 -2.05 -5.20 18.41
C VAL B 249 -1.88 -6.69 18.73
N GLN B 250 -2.08 -7.55 17.73
CA GLN B 250 -1.98 -8.99 17.91
C GLN B 250 -0.69 -9.60 17.41
N LEU B 251 0.19 -9.94 18.33
CA LEU B 251 1.52 -10.43 17.97
C LEU B 251 1.62 -11.94 18.09
N PRO B 252 2.38 -12.58 17.21
CA PRO B 252 2.54 -14.04 17.23
C PRO B 252 3.38 -14.51 18.43
N LEU B 253 2.99 -15.61 19.08
CA LEU B 253 3.85 -16.19 20.10
C LEU B 253 4.37 -17.51 19.51
N TYR B 254 5.69 -17.60 19.42
CA TYR B 254 6.37 -18.73 18.79
C TYR B 254 6.78 -19.80 19.79
N GLY B 255 5.93 -20.81 19.95
CA GLY B 255 6.19 -21.87 20.90
C GLY B 255 7.17 -22.92 20.39
N VAL B 256 7.39 -22.98 19.08
CA VAL B 256 8.36 -23.95 18.57
C VAL B 256 9.52 -23.24 17.86
N ILE B 257 10.71 -23.41 18.42
CA ILE B 257 11.94 -22.76 17.98
C ILE B 257 13.11 -23.75 18.02
N ASP B 258 14.02 -23.66 17.04
CA ASP B 258 15.29 -24.40 17.02
C ASP B 258 15.16 -25.91 16.88
N THR B 259 14.07 -26.35 16.26
CA THR B 259 13.92 -27.76 15.90
C THR B 259 14.34 -27.92 14.45
N PRO B 260 14.90 -29.08 14.10
CA PRO B 260 15.40 -29.25 12.73
C PRO B 260 14.27 -29.12 11.71
N CYS B 261 14.49 -28.36 10.66
CA CYS B 261 13.50 -28.24 9.60
C CYS B 261 14.06 -28.70 8.26
N TRP B 262 13.18 -29.14 7.37
CA TRP B 262 13.55 -29.45 5.99
C TRP B 262 12.45 -29.16 4.98
N LYS B 263 12.85 -28.73 3.78
CA LYS B 263 11.90 -28.38 2.73
C LYS B 263 11.90 -29.38 1.59
N LEU B 264 10.70 -29.82 1.20
CA LEU B 264 10.57 -30.82 0.17
C LEU B 264 10.14 -30.18 -1.16
N HIS B 265 10.98 -30.37 -2.17
CA HIS B 265 10.72 -29.90 -3.53
C HIS B 265 10.36 -31.14 -4.34
N THR B 266 9.32 -31.06 -5.16
CA THR B 266 8.93 -32.22 -5.95
C THR B 266 8.78 -31.81 -7.40
N SER B 267 8.83 -32.78 -8.30
CA SER B 267 8.69 -32.50 -9.73
C SER B 267 8.17 -33.73 -10.48
N PRO B 268 7.51 -33.53 -11.64
CA PRO B 268 6.93 -34.62 -12.43
C PRO B 268 7.93 -35.67 -12.93
N LEU B 269 7.57 -36.94 -12.73
CA LEU B 269 8.36 -38.05 -13.24
C LEU B 269 7.61 -38.89 -14.28
N CYS B 270 8.12 -38.97 -15.50
CA CYS B 270 7.39 -39.67 -16.57
C CYS B 270 8.33 -40.61 -17.30
N THR B 271 7.76 -41.61 -17.99
CA THR B 271 8.55 -42.48 -18.84
C THR B 271 9.02 -41.69 -20.06
N THR B 272 10.16 -42.07 -20.63
CA THR B 272 10.67 -41.31 -21.74
C THR B 272 10.73 -42.21 -22.94
N ASN B 273 9.63 -42.90 -23.18
CA ASN B 273 9.52 -43.77 -24.33
C ASN B 273 9.43 -42.85 -25.54
N THR B 274 9.87 -43.36 -26.67
CA THR B 274 9.95 -42.56 -27.88
C THR B 274 8.59 -42.17 -28.42
N LYS B 275 7.52 -42.86 -28.04
CA LYS B 275 6.27 -42.54 -28.70
C LYS B 275 5.83 -41.11 -28.37
N GLU B 276 4.85 -40.62 -29.11
CA GLU B 276 4.35 -39.25 -28.94
C GLU B 276 3.61 -38.94 -27.63
N GLY B 277 2.52 -39.64 -27.37
CA GLY B 277 1.84 -39.48 -26.10
C GLY B 277 2.02 -40.83 -25.47
N SER B 278 0.95 -41.53 -25.11
CA SER B 278 1.11 -42.92 -24.65
C SER B 278 2.08 -43.03 -23.46
N ASN B 279 2.48 -41.89 -22.93
CA ASN B 279 3.36 -41.82 -21.76
C ASN B 279 2.62 -41.75 -20.46
N ILE B 280 3.27 -42.24 -19.43
CA ILE B 280 2.72 -42.18 -18.10
C ILE B 280 3.61 -41.30 -17.22
N CYS B 281 2.96 -40.44 -16.43
CA CYS B 281 3.65 -39.51 -15.55
C CYS B 281 3.37 -39.82 -14.07
N LEU B 282 4.19 -39.28 -13.18
CA LEU B 282 4.01 -39.49 -11.75
C LEU B 282 4.60 -38.32 -10.94
N THR B 283 3.91 -37.90 -9.89
CA THR B 283 4.38 -36.78 -9.06
C THR B 283 4.08 -36.88 -7.56
N ARG B 284 5.09 -36.66 -6.74
CA ARG B 284 4.94 -36.57 -5.29
C ARG B 284 4.15 -35.29 -4.96
N THR B 285 3.10 -35.40 -4.15
CA THR B 285 2.21 -34.25 -3.93
C THR B 285 2.38 -33.61 -2.56
N ASP B 286 3.24 -34.19 -1.76
CA ASP B 286 3.49 -33.67 -0.43
C ASP B 286 4.57 -32.62 -0.39
N ARG B 287 4.63 -31.75 -1.41
CA ARG B 287 5.64 -30.70 -1.40
C ARG B 287 5.30 -29.71 -0.31
N GLY B 288 6.34 -29.00 0.12
CA GLY B 288 6.20 -27.97 1.13
C GLY B 288 7.19 -28.07 2.27
N TRP B 289 6.91 -27.34 3.34
CA TRP B 289 7.80 -27.29 4.49
C TRP B 289 7.41 -28.32 5.55
N TYR B 290 8.41 -29.00 6.12
CA TYR B 290 8.14 -29.92 7.23
C TYR B 290 8.97 -29.53 8.45
N CYS B 291 8.37 -29.54 9.63
CA CYS B 291 9.14 -29.25 10.83
C CYS B 291 8.80 -30.10 12.04
N ASP B 292 9.85 -30.52 12.73
CA ASP B 292 9.77 -31.26 13.96
C ASP B 292 9.28 -30.37 15.10
N ASN B 293 8.27 -30.78 15.86
CA ASN B 293 7.74 -29.85 16.86
C ASN B 293 7.17 -30.45 18.16
N ALA B 294 6.48 -31.58 18.09
CA ALA B 294 6.03 -32.26 19.30
C ALA B 294 6.12 -33.75 19.14
N GLY B 295 7.23 -34.21 18.60
CA GLY B 295 7.45 -35.63 18.44
C GLY B 295 6.83 -35.97 17.10
N SER B 296 6.05 -35.02 16.58
CA SER B 296 5.42 -35.20 15.29
C SER B 296 6.02 -34.21 14.30
N VAL B 297 5.35 -34.02 13.17
CA VAL B 297 5.79 -33.04 12.18
C VAL B 297 4.65 -32.16 11.66
N SER B 298 4.76 -30.86 11.85
CA SER B 298 3.80 -29.92 11.27
C SER B 298 4.14 -29.70 9.80
N PHE B 299 3.18 -29.98 8.92
CA PHE B 299 3.42 -29.85 7.49
C PHE B 299 2.64 -28.70 6.86
N PHE B 300 3.38 -27.82 6.18
CA PHE B 300 2.83 -26.62 5.56
C PHE B 300 2.88 -26.74 4.05
N PRO B 301 1.75 -27.15 3.45
CA PRO B 301 1.58 -27.50 2.03
C PRO B 301 1.92 -26.36 1.10
N GLN B 302 1.33 -25.19 1.36
CA GLN B 302 1.66 -24.02 0.57
C GLN B 302 2.87 -23.39 1.22
N ALA B 303 4.03 -23.48 0.58
CA ALA B 303 5.21 -22.91 1.20
C ALA B 303 5.32 -21.43 0.89
N GLU B 304 4.25 -20.87 0.32
CA GLU B 304 4.15 -19.43 0.21
C GLU B 304 3.99 -18.89 1.62
N THR B 305 3.42 -19.74 2.48
CA THR B 305 3.04 -19.37 3.83
C THR B 305 4.23 -19.36 4.79
N CYS B 306 5.43 -19.57 4.27
CA CYS B 306 6.62 -19.72 5.11
C CYS B 306 7.67 -18.72 4.67
N LYS B 307 8.13 -17.92 5.62
CA LYS B 307 9.18 -16.95 5.35
C LYS B 307 10.55 -17.47 5.81
N VAL B 308 11.57 -17.21 5.01
CA VAL B 308 12.92 -17.71 5.29
C VAL B 308 13.99 -16.65 5.58
N GLN B 309 14.67 -16.79 6.71
CA GLN B 309 15.83 -15.95 7.02
C GLN B 309 17.05 -16.82 7.21
N SER B 310 17.55 -17.43 6.15
CA SER B 310 18.65 -18.36 6.25
C SER B 310 18.34 -19.48 7.25
N ASN B 311 19.00 -19.45 8.40
CA ASN B 311 18.84 -20.48 9.44
C ASN B 311 17.40 -20.67 9.94
N ARG B 312 16.60 -19.61 9.94
CA ARG B 312 15.25 -19.65 10.52
C ARG B 312 14.13 -19.74 9.49
N VAL B 313 13.19 -20.65 9.73
CA VAL B 313 12.05 -20.84 8.84
C VAL B 313 10.76 -20.45 9.58
N PHE B 314 10.17 -19.32 9.17
CA PHE B 314 8.93 -18.83 9.77
C PHE B 314 7.61 -19.30 9.15
N CYS B 315 6.87 -20.09 9.91
CA CYS B 315 5.58 -20.67 9.49
C CYS B 315 4.46 -20.40 10.50
N ASP B 316 3.22 -20.46 10.03
CA ASP B 316 2.05 -20.30 10.88
C ASP B 316 1.37 -21.64 11.09
N THR B 317 1.34 -22.10 12.34
CA THR B 317 0.81 -23.42 12.63
C THR B 317 -0.66 -23.63 12.35
N MET B 318 -1.40 -22.55 12.18
CA MET B 318 -2.81 -22.67 11.85
C MET B 318 -3.09 -23.23 10.46
N ASN B 319 -2.19 -22.96 9.52
CA ASN B 319 -2.27 -23.48 8.16
C ASN B 319 -1.42 -24.74 7.98
N SER B 320 -1.42 -25.62 8.99
CA SER B 320 -0.60 -26.82 8.94
C SER B 320 -1.33 -28.09 9.38
N LEU B 321 -0.83 -29.22 8.88
CA LEU B 321 -1.22 -30.53 9.41
C LEU B 321 -0.13 -31.09 10.28
N THR B 322 -0.55 -31.76 11.34
CA THR B 322 0.35 -32.44 12.24
C THR B 322 0.49 -33.93 11.92
N LEU B 323 1.64 -34.29 11.37
CA LEU B 323 1.88 -35.65 10.88
C LEU B 323 2.88 -36.46 11.75
N PRO B 324 2.73 -37.80 11.75
CA PRO B 324 3.61 -38.82 12.34
C PRO B 324 5.02 -38.85 11.73
N SER B 325 6.03 -39.17 12.53
CA SER B 325 7.45 -39.07 12.14
C SER B 325 7.87 -39.98 10.98
N GLU B 326 7.02 -40.94 10.63
CA GLU B 326 7.27 -41.87 9.52
C GLU B 326 7.23 -41.20 8.15
N VAL B 327 6.87 -39.92 8.11
CA VAL B 327 6.84 -39.16 6.87
C VAL B 327 8.23 -39.11 6.25
N ASN B 328 9.27 -39.27 7.06
CA ASN B 328 10.61 -39.17 6.53
C ASN B 328 10.90 -40.38 5.66
N LEU B 329 10.15 -41.46 5.86
CA LEU B 329 10.39 -42.65 5.06
C LEU B 329 10.05 -42.41 3.60
N CYS B 330 9.19 -41.43 3.33
CA CYS B 330 8.81 -41.15 1.95
C CYS B 330 9.98 -40.61 1.12
N ASN B 331 11.00 -40.11 1.81
CA ASN B 331 12.15 -39.55 1.12
C ASN B 331 13.16 -40.64 0.79
N VAL B 332 13.21 -41.66 1.63
CA VAL B 332 14.16 -42.77 1.45
C VAL B 332 13.60 -44.01 0.73
N ASP B 333 12.48 -44.57 1.21
CA ASP B 333 11.84 -45.71 0.54
C ASP B 333 10.33 -45.58 0.35
N ILE B 334 9.91 -45.26 -0.87
CA ILE B 334 8.50 -45.00 -1.17
C ILE B 334 7.57 -46.23 -1.07
N PHE B 335 8.14 -47.43 -1.04
CA PHE B 335 7.33 -48.65 -0.99
C PHE B 335 7.29 -49.27 0.41
N ASN B 336 7.66 -48.49 1.42
CA ASN B 336 7.63 -48.96 2.80
C ASN B 336 6.23 -49.32 3.30
N PRO B 337 6.13 -50.34 4.16
CA PRO B 337 4.82 -50.80 4.64
C PRO B 337 4.32 -49.96 5.81
N LYS B 338 5.14 -49.00 6.21
CA LYS B 338 4.89 -48.22 7.41
C LYS B 338 4.15 -46.90 7.17
N TYR B 339 4.29 -46.35 5.97
CA TYR B 339 3.58 -45.12 5.61
C TYR B 339 3.10 -45.02 4.16
N ASP B 340 1.82 -44.73 3.96
CA ASP B 340 1.29 -44.64 2.60
C ASP B 340 1.55 -43.25 2.01
N CYS B 341 2.64 -43.13 1.25
CA CYS B 341 3.07 -41.83 0.69
C CYS B 341 2.11 -41.24 -0.36
N LYS B 342 1.74 -39.98 -0.17
CA LYS B 342 0.78 -39.31 -1.07
C LYS B 342 1.39 -38.92 -2.42
N ILE B 343 0.72 -39.34 -3.49
CA ILE B 343 1.16 -39.03 -4.86
C ILE B 343 -0.03 -38.74 -5.77
N MET B 344 0.27 -38.33 -7.00
CA MET B 344 -0.73 -38.17 -8.04
C MET B 344 -0.19 -38.70 -9.36
N THR B 345 -1.09 -39.10 -10.26
CA THR B 345 -0.71 -39.65 -11.56
C THR B 345 -1.31 -38.89 -12.75
N SER B 346 -0.67 -38.99 -13.90
CA SER B 346 -1.16 -38.29 -15.10
C SER B 346 -0.57 -38.87 -16.38
N LYS B 347 -1.20 -38.53 -17.49
CA LYS B 347 -0.66 -38.81 -18.81
C LYS B 347 -0.07 -37.56 -19.47
N THR B 348 0.00 -36.47 -18.70
CA THR B 348 0.49 -35.20 -19.21
C THR B 348 2.01 -35.09 -19.28
N ASP B 349 2.57 -35.32 -20.46
CA ASP B 349 4.01 -35.29 -20.62
C ASP B 349 4.54 -33.90 -20.99
N VAL B 350 4.60 -33.01 -20.01
CA VAL B 350 4.95 -31.61 -20.22
C VAL B 350 6.22 -31.20 -19.46
N SER B 351 7.14 -30.50 -20.11
CA SER B 351 8.39 -30.07 -19.48
C SER B 351 8.27 -28.85 -18.55
N SER B 352 8.93 -28.90 -17.40
CA SER B 352 8.98 -27.77 -16.45
C SER B 352 10.17 -27.90 -15.50
N SER B 353 10.41 -26.87 -14.70
CA SER B 353 11.51 -26.91 -13.72
C SER B 353 11.13 -26.45 -12.33
N VAL B 354 11.85 -26.97 -11.33
CA VAL B 354 11.65 -26.59 -9.94
C VAL B 354 12.96 -26.17 -9.31
N ILE B 355 13.05 -24.89 -8.95
CA ILE B 355 14.24 -24.35 -8.32
C ILE B 355 14.22 -24.65 -6.83
N THR B 356 15.24 -25.38 -6.38
CA THR B 356 15.34 -25.74 -4.98
C THR B 356 16.22 -24.72 -4.26
N SER B 357 16.52 -24.99 -2.99
CA SER B 357 17.33 -24.13 -2.15
C SER B 357 18.78 -24.02 -2.64
N LEU B 358 19.34 -25.11 -3.13
CA LEU B 358 20.74 -25.13 -3.53
C LEU B 358 20.86 -25.58 -4.97
N GLY B 359 19.77 -25.40 -5.73
CA GLY B 359 19.74 -25.83 -7.10
C GLY B 359 18.41 -25.75 -7.83
N ALA B 360 18.29 -26.58 -8.85
CA ALA B 360 17.12 -26.62 -9.74
C ALA B 360 16.87 -28.05 -10.22
N ILE B 361 15.62 -28.49 -10.13
CA ILE B 361 15.21 -29.78 -10.68
C ILE B 361 14.66 -29.57 -12.10
N VAL B 362 15.15 -30.38 -13.04
CA VAL B 362 14.73 -30.24 -14.44
C VAL B 362 14.03 -31.48 -14.93
N SER B 363 12.73 -31.32 -15.19
CA SER B 363 11.89 -32.33 -15.80
C SER B 363 11.81 -32.15 -17.32
N CYS B 364 12.68 -32.85 -18.04
CA CYS B 364 12.77 -32.73 -19.50
C CYS B 364 12.08 -33.88 -20.24
N TYR B 365 11.10 -33.53 -21.06
CA TYR B 365 10.35 -34.55 -21.81
C TYR B 365 10.04 -34.11 -23.23
N GLY B 366 9.86 -35.10 -24.09
CA GLY B 366 9.49 -34.91 -25.49
C GLY B 366 10.67 -34.41 -26.31
N LYS B 367 10.41 -33.48 -27.23
CA LYS B 367 11.42 -32.92 -28.11
C LYS B 367 11.94 -31.59 -27.56
N THR B 368 11.57 -31.32 -26.31
CA THR B 368 11.83 -30.04 -25.66
C THR B 368 13.34 -29.86 -25.42
N LYS B 369 13.83 -28.66 -25.71
CA LYS B 369 15.23 -28.30 -25.47
C LYS B 369 15.42 -27.89 -24.01
N CYS B 370 16.23 -28.69 -23.31
CA CYS B 370 16.58 -28.48 -21.89
C CYS B 370 18.06 -28.23 -21.66
N THR B 371 18.40 -27.13 -21.00
CA THR B 371 19.81 -26.75 -20.90
C THR B 371 20.15 -26.04 -19.58
N ALA B 372 21.40 -26.19 -19.14
CA ALA B 372 21.92 -25.48 -17.98
C ALA B 372 23.17 -24.68 -18.35
N SER B 373 23.27 -23.48 -17.79
CA SER B 373 24.31 -22.54 -18.19
C SER B 373 25.02 -21.86 -17.03
N ASN B 374 26.26 -21.47 -17.29
CA ASN B 374 27.03 -20.62 -16.39
C ASN B 374 27.09 -19.24 -17.03
N LYS B 375 27.20 -18.20 -16.22
CA LYS B 375 27.19 -16.83 -16.71
C LYS B 375 28.35 -16.57 -17.66
N ASN B 376 29.49 -17.17 -17.34
CA ASN B 376 30.71 -17.00 -18.11
C ASN B 376 30.81 -17.90 -19.34
N ARG B 377 30.69 -19.22 -19.17
CA ARG B 377 30.99 -20.17 -20.24
C ARG B 377 29.77 -20.51 -21.14
N GLY B 378 28.58 -20.16 -20.70
CA GLY B 378 27.42 -20.43 -21.52
C GLY B 378 26.85 -21.80 -21.22
N ILE B 379 26.36 -22.49 -22.25
CA ILE B 379 25.82 -23.81 -22.04
C ILE B 379 26.88 -24.78 -21.58
N ILE B 380 26.59 -25.47 -20.48
CA ILE B 380 27.55 -26.40 -19.90
C ILE B 380 26.99 -27.81 -19.80
N LYS B 381 25.67 -27.95 -19.95
CA LYS B 381 25.06 -29.27 -19.97
C LYS B 381 23.75 -29.27 -20.75
N THR B 382 23.58 -30.24 -21.63
CA THR B 382 22.34 -30.44 -22.37
C THR B 382 21.64 -31.70 -21.84
N PHE B 383 20.44 -31.53 -21.29
CA PHE B 383 19.74 -32.66 -20.66
C PHE B 383 19.16 -33.64 -21.68
N SER B 384 19.32 -34.93 -21.39
CA SER B 384 18.74 -36.04 -22.15
C SER B 384 17.34 -36.54 -21.78
N ASN B 385 16.31 -35.71 -21.87
CA ASN B 385 14.94 -36.14 -21.56
C ASN B 385 14.74 -36.93 -20.25
N GLY B 386 14.58 -36.24 -19.12
CA GLY B 386 14.43 -36.94 -17.85
C GLY B 386 14.61 -36.06 -16.61
N CYS B 387 14.57 -36.67 -15.44
CA CYS B 387 14.75 -35.92 -14.20
C CYS B 387 16.20 -35.91 -13.73
N ASP B 388 16.72 -34.70 -13.57
CA ASP B 388 18.08 -34.44 -13.14
C ASP B 388 18.12 -33.37 -12.07
N TYR B 389 19.31 -33.09 -11.58
CA TYR B 389 19.51 -32.13 -10.51
C TYR B 389 20.85 -31.53 -10.84
N VAL B 390 21.08 -30.29 -10.41
CA VAL B 390 22.36 -29.65 -10.66
C VAL B 390 22.76 -28.77 -9.51
N SER B 391 24.03 -28.82 -9.12
CA SER B 391 24.45 -27.97 -8.04
C SER B 391 24.47 -26.51 -8.48
N ASN B 392 24.41 -25.67 -7.47
CA ASN B 392 24.35 -24.21 -7.48
C ASN B 392 25.74 -23.62 -7.71
N LYS B 393 26.75 -24.44 -7.43
CA LYS B 393 28.14 -24.05 -7.50
C LYS B 393 28.65 -23.83 -8.92
N GLY B 394 28.52 -24.84 -9.78
CA GLY B 394 29.04 -24.75 -11.14
C GLY B 394 28.07 -24.20 -12.16
N VAL B 395 26.87 -23.85 -11.71
CA VAL B 395 25.79 -23.36 -12.57
C VAL B 395 25.15 -22.07 -12.08
N ASP B 396 24.81 -21.20 -13.02
CA ASP B 396 24.23 -19.89 -12.70
C ASP B 396 22.86 -19.74 -13.34
N THR B 397 22.62 -20.44 -14.44
CA THR B 397 21.39 -20.24 -15.18
C THR B 397 20.95 -21.60 -15.73
N VAL B 398 19.64 -21.81 -15.80
CA VAL B 398 19.07 -23.01 -16.40
C VAL B 398 17.98 -22.62 -17.39
N SER B 399 17.99 -23.21 -18.57
CA SER B 399 16.99 -22.88 -19.59
C SER B 399 16.14 -24.07 -20.04
N VAL B 400 14.83 -23.98 -19.80
CA VAL B 400 13.91 -25.01 -20.27
C VAL B 400 12.90 -24.46 -21.26
N GLY B 401 13.18 -24.70 -22.54
CA GLY B 401 12.34 -24.20 -23.61
C GLY B 401 12.53 -22.70 -23.79
N ASN B 402 11.41 -21.98 -23.72
CA ASN B 402 11.40 -20.53 -23.89
C ASN B 402 11.38 -19.86 -22.54
N THR B 403 11.34 -20.67 -21.49
CA THR B 403 11.32 -20.13 -20.15
C THR B 403 12.67 -20.27 -19.49
N LEU B 404 13.18 -19.17 -18.96
CA LEU B 404 14.50 -19.17 -18.35
C LEU B 404 14.49 -19.02 -16.83
N TYR B 405 15.00 -20.01 -16.12
CA TYR B 405 15.01 -19.99 -14.64
C TYR B 405 16.39 -19.59 -14.12
N TYR B 406 16.42 -18.71 -13.12
CA TYR B 406 17.66 -18.42 -12.39
C TYR B 406 17.84 -19.29 -11.18
N VAL B 407 19.07 -19.69 -10.89
CA VAL B 407 19.32 -20.60 -9.80
C VAL B 407 19.90 -19.86 -8.60
N ASN B 408 19.52 -20.35 -7.41
CA ASN B 408 19.97 -19.78 -6.15
C ASN B 408 21.47 -19.90 -5.91
N LYS B 409 22.06 -18.83 -5.40
CA LYS B 409 23.49 -18.81 -5.12
C LYS B 409 23.84 -18.97 -3.66
N GLN B 410 23.19 -19.89 -2.96
CA GLN B 410 23.58 -20.12 -1.57
C GLN B 410 24.77 -21.06 -1.53
N GLU B 411 25.21 -21.34 -0.33
CA GLU B 411 26.36 -22.19 -0.12
C GLU B 411 25.86 -23.41 0.63
N GLY B 412 26.37 -24.59 0.27
CA GLY B 412 25.97 -25.82 0.91
C GLY B 412 26.18 -26.98 -0.04
N LYS B 413 26.53 -28.14 0.51
CA LYS B 413 26.76 -29.33 -0.31
C LYS B 413 25.47 -30.07 -0.64
N SER B 414 25.40 -30.54 -1.89
CA SER B 414 24.30 -31.34 -2.35
C SER B 414 24.76 -32.76 -2.68
N LEU B 415 23.87 -33.71 -2.47
CA LEU B 415 24.17 -35.13 -2.67
C LEU B 415 23.24 -35.77 -3.69
N TYR B 416 23.82 -36.41 -4.70
CA TYR B 416 23.02 -37.08 -5.72
C TYR B 416 22.75 -38.52 -5.33
N VAL B 417 21.49 -38.83 -5.03
CA VAL B 417 21.11 -40.21 -4.70
C VAL B 417 20.59 -40.97 -5.92
N LYS B 418 21.43 -41.82 -6.47
CA LYS B 418 21.06 -42.67 -7.61
C LYS B 418 19.99 -43.72 -7.35
N GLY B 419 19.17 -43.97 -8.36
CA GLY B 419 18.08 -44.92 -8.28
C GLY B 419 17.25 -44.97 -9.56
N GLU B 420 16.74 -46.16 -9.88
CA GLU B 420 15.90 -46.34 -11.07
C GLU B 420 14.61 -45.57 -10.92
N PRO B 421 14.29 -44.70 -11.90
CA PRO B 421 13.01 -44.00 -11.78
C PRO B 421 11.86 -45.00 -11.61
N ILE B 422 11.08 -44.79 -10.56
CA ILE B 422 10.05 -45.73 -10.11
C ILE B 422 8.96 -46.02 -11.14
N ILE B 423 8.73 -45.04 -12.02
CA ILE B 423 7.66 -45.10 -13.01
C ILE B 423 7.90 -46.23 -13.99
N ASN B 424 9.14 -46.70 -14.07
CA ASN B 424 9.50 -47.70 -15.06
C ASN B 424 9.03 -49.06 -14.57
N PHE B 425 8.59 -49.14 -13.31
CA PHE B 425 8.15 -50.42 -12.80
C PHE B 425 6.71 -50.73 -13.21
N TYR B 426 5.98 -49.76 -13.76
CA TYR B 426 4.58 -50.01 -14.08
C TYR B 426 4.33 -50.30 -15.57
N ASP B 427 3.52 -51.32 -15.86
CA ASP B 427 3.01 -51.59 -17.20
C ASP B 427 1.88 -50.63 -17.62
N PRO B 428 2.04 -49.89 -18.73
CA PRO B 428 0.97 -48.98 -19.17
C PRO B 428 -0.40 -49.69 -19.30
N LEU B 429 -1.48 -48.91 -19.42
CA LEU B 429 -2.82 -49.42 -19.75
C LEU B 429 -3.51 -50.02 -18.51
N VAL B 430 -2.70 -50.46 -17.56
CA VAL B 430 -3.21 -51.11 -16.36
C VAL B 430 -3.01 -50.05 -15.30
N PHE B 431 -2.22 -49.05 -15.69
CA PHE B 431 -1.94 -47.89 -14.87
C PHE B 431 -3.11 -46.91 -14.79
N PRO B 432 -3.53 -46.58 -13.55
CA PRO B 432 -4.54 -45.56 -13.21
C PRO B 432 -3.96 -44.16 -13.43
N SER B 433 -4.40 -43.38 -14.40
CA SER B 433 -3.67 -42.13 -14.62
C SER B 433 -4.42 -40.85 -14.22
N ASP B 434 -5.59 -40.99 -13.61
CA ASP B 434 -6.40 -39.81 -13.27
C ASP B 434 -6.56 -39.76 -11.75
N GLU B 435 -5.48 -39.45 -11.03
CA GLU B 435 -5.50 -39.45 -9.57
C GLU B 435 -4.89 -38.18 -8.99
N PHE B 436 -5.66 -37.44 -8.20
CA PHE B 436 -5.23 -36.14 -7.68
C PHE B 436 -4.57 -36.16 -6.29
N ASP B 437 -5.18 -36.85 -5.31
CA ASP B 437 -4.55 -37.01 -3.99
C ASP B 437 -4.47 -38.47 -3.55
N ALA B 438 -4.28 -39.37 -4.51
CA ALA B 438 -4.24 -40.79 -4.18
C ALA B 438 -2.96 -41.15 -3.44
N SER B 439 -2.58 -42.41 -3.47
CA SER B 439 -1.40 -42.87 -2.75
C SER B 439 -0.90 -44.18 -3.31
N ILE B 440 0.23 -44.66 -2.80
CA ILE B 440 0.83 -45.89 -3.29
C ILE B 440 -0.14 -47.05 -3.18
N SER B 441 -0.68 -47.26 -1.99
CA SER B 441 -1.58 -48.38 -1.77
C SER B 441 -2.86 -48.19 -2.56
N GLN B 442 -3.33 -46.95 -2.67
CA GLN B 442 -4.58 -46.69 -3.40
C GLN B 442 -4.38 -46.98 -4.87
N VAL B 443 -3.14 -46.83 -5.33
CA VAL B 443 -2.77 -47.20 -6.70
C VAL B 443 -2.68 -48.70 -6.87
N ASN B 444 -1.97 -49.35 -5.95
CA ASN B 444 -1.82 -50.80 -5.99
C ASN B 444 -3.14 -51.56 -6.02
N GLU B 445 -4.10 -51.17 -5.19
CA GLU B 445 -5.41 -51.82 -5.22
C GLU B 445 -6.14 -51.62 -6.55
N LYS B 446 -6.08 -50.40 -7.09
CA LYS B 446 -6.73 -50.13 -8.37
C LYS B 446 -6.02 -50.87 -9.49
N ILE B 447 -4.72 -51.09 -9.32
CA ILE B 447 -3.99 -51.85 -10.30
C ILE B 447 -4.44 -53.29 -10.09
N ASN B 448 -4.54 -53.67 -8.81
CA ASN B 448 -4.95 -55.01 -8.40
C ASN B 448 -6.35 -55.30 -8.91
N GLN B 449 -7.26 -54.36 -8.68
CA GLN B 449 -8.66 -54.50 -9.06
C GLN B 449 -8.68 -54.71 -10.56
N SER B 450 -7.85 -53.92 -11.24
CA SER B 450 -7.72 -53.96 -12.69
C SER B 450 -6.89 -55.19 -13.06
N LEU B 451 -6.03 -55.62 -12.14
CA LEU B 451 -5.26 -56.85 -12.36
C LEU B 451 -6.16 -58.05 -12.16
N ALA B 452 -7.08 -57.96 -11.19
CA ALA B 452 -8.04 -59.02 -10.96
C ALA B 452 -8.98 -59.16 -12.16
N PHE B 453 -9.61 -58.03 -12.53
CA PHE B 453 -10.59 -57.95 -13.62
C PHE B 453 -10.05 -58.49 -14.95
N ILE B 454 -8.79 -58.21 -15.26
CA ILE B 454 -8.18 -58.77 -16.47
C ILE B 454 -7.93 -60.26 -16.30
N ARG B 455 -7.48 -60.61 -15.12
CA ARG B 455 -7.18 -61.99 -14.79
C ARG B 455 -8.39 -62.90 -14.51
N LYS B 456 -9.41 -62.44 -13.78
CA LYS B 456 -10.51 -63.36 -13.52
C LYS B 456 -11.35 -63.54 -14.80
N SER B 457 -11.46 -62.47 -15.58
CA SER B 457 -12.31 -62.40 -16.77
C SER B 457 -11.80 -63.23 -17.95
N ASP B 458 -10.61 -63.81 -17.83
CA ASP B 458 -10.09 -64.72 -18.85
C ASP B 458 -10.04 -66.17 -18.39
N GLU B 459 -10.00 -66.38 -17.08
CA GLU B 459 -9.96 -67.72 -16.54
C GLU B 459 -11.34 -68.30 -16.84
N LEU B 460 -12.34 -67.44 -16.69
CA LEU B 460 -13.75 -67.75 -16.92
C LEU B 460 -14.03 -68.11 -18.37
N LEU B 461 -13.34 -67.46 -19.30
CA LEU B 461 -13.53 -67.73 -20.73
C LEU B 461 -12.72 -68.95 -21.16
N GLN C 1 -27.82 -11.11 20.26
CA GLN C 1 -29.05 -11.81 20.61
C GLN C 1 -29.99 -11.77 19.39
N ASN C 2 -29.34 -11.62 18.25
CA ASN C 2 -29.90 -11.58 16.89
C ASN C 2 -29.57 -12.90 16.16
N ILE C 3 -28.27 -13.10 15.98
CA ILE C 3 -27.64 -14.19 15.24
C ILE C 3 -27.65 -15.49 16.01
N THR C 4 -28.08 -16.52 15.28
CA THR C 4 -28.11 -17.89 15.75
C THR C 4 -27.37 -18.83 14.81
N GLU C 5 -27.15 -20.05 15.29
CA GLU C 5 -26.40 -21.07 14.55
C GLU C 5 -26.85 -22.48 14.90
N GLU C 6 -26.87 -23.36 13.90
CA GLU C 6 -27.25 -24.75 14.12
C GLU C 6 -26.20 -25.71 13.56
N PHE C 7 -25.84 -26.71 14.36
CA PHE C 7 -24.92 -27.75 13.91
C PHE C 7 -25.61 -29.07 13.62
N TYR C 8 -25.35 -29.61 12.44
CA TYR C 8 -25.91 -30.90 12.06
C TYR C 8 -24.87 -32.02 12.13
N GLN C 9 -24.96 -32.82 13.18
CA GLN C 9 -24.03 -33.93 13.41
C GLN C 9 -24.12 -34.93 12.25
N SER C 10 -25.30 -35.03 11.66
CA SER C 10 -25.56 -36.02 10.63
C SER C 10 -24.73 -35.74 9.38
N THR C 11 -24.42 -34.47 9.16
CA THR C 11 -23.73 -34.10 7.92
C THR C 11 -22.45 -33.29 8.19
N CYS C 12 -22.07 -33.23 9.48
CA CYS C 12 -20.86 -32.53 9.92
C CYS C 12 -20.78 -31.12 9.34
N SER C 13 -21.84 -30.35 9.57
CA SER C 13 -21.92 -29.00 9.05
C SER C 13 -22.70 -28.07 9.97
N ALA C 14 -22.55 -26.76 9.76
CA ALA C 14 -23.25 -25.81 10.61
C ALA C 14 -23.73 -24.61 9.80
N VAL C 15 -24.91 -24.13 10.15
CA VAL C 15 -25.52 -22.98 9.50
C VAL C 15 -25.83 -21.80 10.42
N SER C 16 -25.36 -20.61 10.07
CA SER C 16 -25.69 -19.44 10.88
C SER C 16 -26.79 -18.64 10.18
N LYS C 17 -27.98 -18.57 10.78
CA LYS C 17 -29.12 -17.90 10.16
C LYS C 17 -29.52 -16.53 10.74
N GLY C 18 -28.64 -15.89 11.49
CA GLY C 18 -28.89 -14.53 11.95
C GLY C 18 -28.43 -13.38 11.09
N TYR C 19 -27.89 -13.66 9.90
CA TYR C 19 -27.37 -12.60 9.04
C TYR C 19 -28.32 -11.95 8.05
N LEU C 20 -27.96 -10.73 7.68
CA LEU C 20 -28.69 -9.91 6.71
C LEU C 20 -27.79 -9.66 5.50
N SER C 21 -28.38 -9.61 4.31
CA SER C 21 -27.62 -9.55 3.06
C SER C 21 -27.20 -8.12 2.69
N ALA C 22 -26.05 -8.02 2.01
CA ALA C 22 -25.60 -6.79 1.34
C ALA C 22 -24.87 -7.05 0.01
N LEU C 23 -25.65 -7.16 -1.05
CA LEU C 23 -25.23 -7.58 -2.39
C LEU C 23 -25.00 -6.33 -3.26
N ARG C 24 -23.83 -6.29 -3.89
CA ARG C 24 -23.42 -5.24 -4.85
C ARG C 24 -24.06 -5.17 -6.27
N THR C 25 -25.02 -6.03 -6.57
CA THR C 25 -25.66 -6.15 -7.92
C THR C 25 -25.21 -5.28 -9.12
N GLY C 26 -24.72 -4.07 -8.89
CA GLY C 26 -24.33 -3.19 -9.99
C GLY C 26 -23.13 -2.28 -9.76
N TRP C 27 -22.98 -1.29 -10.64
CA TRP C 27 -21.88 -0.33 -10.58
C TRP C 27 -22.41 1.10 -10.87
N TYR C 28 -21.92 2.11 -10.17
CA TYR C 28 -22.17 3.52 -10.54
C TYR C 28 -20.87 4.23 -10.85
N THR C 29 -20.82 4.94 -11.97
CA THR C 29 -19.57 5.56 -12.36
C THR C 29 -19.66 7.08 -12.27
N SER C 30 -18.78 7.68 -11.47
CA SER C 30 -18.73 9.14 -11.38
C SER C 30 -17.38 9.68 -11.84
N VAL C 31 -17.38 10.92 -12.31
CA VAL C 31 -16.18 11.59 -12.81
C VAL C 31 -15.62 12.69 -11.90
N ILE C 32 -14.45 12.44 -11.33
CA ILE C 32 -13.79 13.41 -10.46
C ILE C 32 -12.78 14.23 -11.27
N THR C 33 -12.82 15.56 -11.14
CA THR C 33 -11.93 16.38 -11.93
C THR C 33 -11.08 17.30 -11.07
N ILE C 34 -9.86 17.54 -11.51
CA ILE C 34 -9.00 18.55 -10.91
C ILE C 34 -8.50 19.54 -11.94
N GLU C 35 -8.84 20.81 -11.78
CA GLU C 35 -8.41 21.81 -12.73
C GLU C 35 -6.92 22.08 -12.45
N LEU C 36 -6.08 21.82 -13.45
CA LEU C 36 -4.63 21.96 -13.29
C LEU C 36 -4.06 23.17 -14.00
N SER C 37 -2.98 23.72 -13.45
CA SER C 37 -2.29 24.85 -14.06
C SER C 37 -1.07 24.49 -14.91
N ASN C 38 -1.07 24.87 -16.17
CA ASN C 38 0.10 24.61 -17.01
C ASN C 38 1.16 25.66 -16.72
N ILE C 39 2.43 25.27 -16.75
CA ILE C 39 3.48 26.21 -16.38
C ILE C 39 4.62 26.22 -17.39
N LYS C 40 5.13 27.42 -17.63
CA LYS C 40 6.15 27.73 -18.62
C LYS C 40 6.40 29.24 -18.59
N GLU C 41 7.55 29.65 -18.06
CA GLU C 41 8.41 28.78 -17.26
C GLU C 41 8.97 29.58 -16.11
N ASN C 42 8.98 28.97 -14.93
CA ASN C 42 9.55 29.64 -13.78
C ASN C 42 11.02 29.90 -14.07
N LYS C 43 11.39 31.18 -14.09
CA LYS C 43 12.78 31.53 -14.39
C LYS C 43 13.43 32.41 -13.34
N CYS C 44 13.69 31.86 -12.15
CA CYS C 44 14.32 32.66 -11.11
C CYS C 44 15.76 32.24 -10.90
N ASN C 45 16.70 33.15 -11.13
CA ASN C 45 18.10 32.85 -10.92
C ASN C 45 18.42 33.07 -9.44
N GLY C 46 19.69 32.95 -9.07
CA GLY C 46 20.14 33.12 -7.70
C GLY C 46 19.52 32.15 -6.73
N THR C 47 20.37 31.36 -6.07
CA THR C 47 19.83 30.35 -5.18
C THR C 47 19.76 30.88 -3.77
N ASP C 48 18.52 31.14 -3.41
CA ASP C 48 18.12 31.64 -2.12
C ASP C 48 17.33 30.47 -1.57
N ALA C 49 17.46 30.20 -0.27
CA ALA C 49 16.82 29.05 0.34
C ALA C 49 15.32 29.19 0.12
N LYS C 50 14.81 30.40 0.21
CA LYS C 50 13.41 30.59 -0.01
C LYS C 50 13.09 30.40 -1.51
N VAL C 51 13.99 30.84 -2.39
CA VAL C 51 13.82 30.58 -3.84
C VAL C 51 13.96 29.12 -4.27
N LYS C 52 14.95 28.42 -3.69
CA LYS C 52 15.15 27.02 -4.02
C LYS C 52 13.98 26.11 -3.66
N LEU C 53 13.39 26.35 -2.49
CA LEU C 53 12.25 25.55 -2.02
C LEU C 53 10.96 25.63 -2.82
N ILE C 54 10.60 26.84 -3.24
CA ILE C 54 9.42 26.99 -4.07
C ILE C 54 9.65 26.32 -5.41
N LYS C 55 10.84 26.55 -5.97
CA LYS C 55 11.24 25.95 -7.24
C LYS C 55 11.24 24.44 -7.16
N GLN C 56 11.76 23.91 -6.06
CA GLN C 56 11.82 22.48 -5.85
C GLN C 56 10.42 21.91 -5.75
N GLU C 57 9.54 22.62 -5.04
CA GLU C 57 8.18 22.13 -4.90
C GLU C 57 7.44 22.22 -6.23
N LEU C 58 7.72 23.28 -6.98
CA LEU C 58 7.11 23.43 -8.30
C LEU C 58 7.62 22.42 -9.26
N ASP C 59 8.81 21.93 -8.96
CA ASP C 59 9.42 20.91 -9.77
C ASP C 59 8.72 19.60 -9.46
N LYS C 60 8.37 19.43 -8.19
CA LYS C 60 7.60 18.28 -7.76
C LYS C 60 6.21 18.27 -8.41
N TYR C 61 5.60 19.45 -8.46
CA TYR C 61 4.29 19.62 -9.11
C TYR C 61 4.31 19.21 -10.59
N LYS C 62 5.32 19.68 -11.30
CA LYS C 62 5.49 19.43 -12.74
C LYS C 62 5.79 17.98 -13.07
N ASN C 63 6.62 17.36 -12.24
CA ASN C 63 6.98 15.96 -12.44
C ASN C 63 5.76 15.05 -12.29
N ALA C 64 4.86 15.40 -11.39
CA ALA C 64 3.63 14.63 -11.20
C ALA C 64 2.81 14.67 -12.48
N VAL C 65 2.68 15.87 -13.03
CA VAL C 65 1.96 16.10 -14.28
C VAL C 65 2.57 15.28 -15.41
N THR C 66 3.90 15.35 -15.49
CA THR C 66 4.66 14.60 -16.47
C THR C 66 4.45 13.09 -16.37
N GLU C 67 4.36 12.57 -15.14
CA GLU C 67 4.19 11.13 -14.95
C GLU C 67 2.85 10.69 -15.50
N LEU C 68 1.85 11.53 -15.28
CA LEU C 68 0.51 11.25 -15.74
C LEU C 68 0.42 11.28 -17.27
N GLN C 69 1.16 12.21 -17.88
CA GLN C 69 1.21 12.37 -19.33
C GLN C 69 1.84 11.15 -19.97
N LEU C 70 2.72 10.56 -19.18
CA LEU C 70 3.47 9.36 -19.49
C LEU C 70 2.56 8.12 -19.42
N LEU C 71 1.58 8.11 -18.53
CA LEU C 71 0.68 6.97 -18.40
C LEU C 71 -0.20 6.73 -19.63
N MET C 72 -0.67 7.78 -20.28
CA MET C 72 -1.44 7.63 -21.51
C MET C 72 -0.66 6.92 -22.63
N PHE C 85 -13.52 -25.72 -1.52
CA PHE C 85 -13.87 -26.55 -2.66
C PHE C 85 -14.80 -25.74 -3.58
N LEU C 86 -15.03 -26.23 -4.80
CA LEU C 86 -15.90 -25.55 -5.76
C LEU C 86 -15.28 -24.20 -6.13
N GLY C 87 -16.06 -23.31 -6.74
CA GLY C 87 -15.54 -22.01 -7.12
C GLY C 87 -15.19 -21.92 -8.59
N PHE C 88 -14.81 -23.05 -9.15
CA PHE C 88 -14.34 -23.13 -10.53
C PHE C 88 -15.46 -22.96 -11.55
N LEU C 89 -16.69 -23.03 -11.07
CA LEU C 89 -17.93 -22.88 -11.85
C LEU C 89 -18.40 -21.46 -12.16
N LEU C 90 -17.90 -20.50 -11.40
CA LEU C 90 -18.28 -19.09 -11.51
C LEU C 90 -18.06 -18.29 -12.79
N GLY C 91 -17.07 -18.66 -13.60
CA GLY C 91 -16.98 -18.04 -14.90
C GLY C 91 -16.16 -16.77 -14.66
N VAL C 92 -15.87 -16.01 -15.70
CA VAL C 92 -15.14 -14.75 -15.55
C VAL C 92 -15.81 -13.50 -16.09
N GLY C 93 -15.46 -12.38 -15.50
CA GLY C 93 -16.01 -11.11 -15.88
C GLY C 93 -14.92 -10.06 -15.78
N SER C 94 -15.24 -8.83 -16.17
CA SER C 94 -14.32 -7.70 -16.09
C SER C 94 -14.76 -6.67 -15.08
N ALA C 95 -14.09 -6.63 -13.93
CA ALA C 95 -14.54 -5.83 -12.81
C ALA C 95 -14.64 -4.37 -13.22
N ILE C 96 -13.63 -3.90 -13.96
CA ILE C 96 -13.58 -2.49 -14.33
C ILE C 96 -14.11 -2.22 -15.71
N ALA C 97 -14.84 -3.18 -16.27
CA ALA C 97 -15.38 -3.03 -17.61
C ALA C 97 -16.29 -1.82 -17.70
N SER C 98 -17.05 -1.59 -16.64
CA SER C 98 -17.95 -0.48 -16.58
C SER C 98 -17.15 0.82 -16.53
N GLY C 99 -16.16 0.85 -15.65
CA GLY C 99 -15.34 2.03 -15.47
C GLY C 99 -14.49 2.35 -16.68
N VAL C 100 -13.93 1.32 -17.29
CA VAL C 100 -13.12 1.53 -18.48
C VAL C 100 -13.96 2.14 -19.58
N ALA C 101 -15.21 1.70 -19.66
CA ALA C 101 -16.14 2.21 -20.64
C ALA C 101 -16.34 3.73 -20.55
N VAL C 102 -16.35 4.24 -19.32
CA VAL C 102 -16.50 5.66 -19.13
C VAL C 102 -15.27 6.38 -19.57
N CYS C 103 -14.13 5.77 -19.26
CA CYS C 103 -12.85 6.37 -19.64
C CYS C 103 -12.69 6.60 -21.11
N LYS C 104 -13.09 5.59 -21.86
CA LYS C 104 -13.06 5.61 -23.32
C LYS C 104 -13.83 6.77 -23.91
N VAL C 105 -15.00 7.06 -23.38
CA VAL C 105 -15.83 8.14 -23.87
C VAL C 105 -15.12 9.47 -23.65
N LEU C 106 -14.35 9.54 -22.59
CA LEU C 106 -13.74 10.81 -22.23
C LEU C 106 -12.65 11.21 -23.21
N HIS C 107 -12.17 10.25 -23.98
CA HIS C 107 -11.18 10.51 -25.01
C HIS C 107 -11.74 11.12 -26.28
N LEU C 108 -12.83 11.88 -26.18
CA LEU C 108 -13.42 12.46 -27.38
C LEU C 108 -13.30 13.97 -27.43
N GLU C 109 -13.10 14.46 -28.66
CA GLU C 109 -12.80 15.85 -29.00
C GLU C 109 -12.82 16.88 -27.89
N GLY C 110 -13.86 17.71 -27.87
CA GLY C 110 -14.02 18.71 -26.83
C GLY C 110 -15.05 18.24 -25.84
N GLU C 111 -15.03 16.95 -25.51
CA GLU C 111 -15.90 16.40 -24.47
C GLU C 111 -15.39 16.92 -23.14
N VAL C 112 -14.07 17.03 -23.05
CA VAL C 112 -13.42 17.58 -21.89
C VAL C 112 -13.99 18.97 -21.65
N ASN C 113 -14.01 19.74 -22.72
CA ASN C 113 -14.53 21.09 -22.72
C ASN C 113 -15.98 21.17 -22.27
N LYS C 114 -16.77 20.15 -22.62
CA LYS C 114 -18.18 20.14 -22.26
C LYS C 114 -18.25 20.08 -20.75
N ILE C 115 -17.46 19.19 -20.19
CA ILE C 115 -17.50 18.98 -18.75
C ILE C 115 -16.73 20.09 -18.04
N LYS C 116 -15.69 20.61 -18.70
CA LYS C 116 -14.87 21.68 -18.12
C LYS C 116 -15.70 22.94 -18.03
N SER C 117 -16.65 23.05 -18.96
CA SER C 117 -17.60 24.17 -18.98
C SER C 117 -18.64 24.16 -17.85
N ALA C 118 -19.21 23.00 -17.53
CA ALA C 118 -20.27 22.94 -16.52
C ALA C 118 -19.76 23.15 -15.10
N LEU C 119 -18.52 22.76 -14.88
CA LEU C 119 -17.91 22.82 -13.57
C LEU C 119 -17.10 24.09 -13.28
N LEU C 120 -17.33 25.13 -14.07
CA LEU C 120 -16.57 26.36 -13.91
C LEU C 120 -17.14 27.16 -12.75
N SER C 121 -18.46 27.13 -12.64
CA SER C 121 -19.17 27.93 -11.65
C SER C 121 -19.42 27.19 -10.34
N THR C 122 -19.86 25.95 -10.44
CA THR C 122 -20.08 25.10 -9.27
C THR C 122 -19.09 23.95 -9.26
N ASN C 123 -18.94 23.31 -8.12
CA ASN C 123 -18.03 22.18 -8.01
C ASN C 123 -18.79 20.89 -8.24
N LYS C 124 -20.09 21.00 -8.51
CA LYS C 124 -20.89 19.81 -8.76
C LYS C 124 -22.00 19.94 -9.80
N ALA C 125 -21.98 19.07 -10.81
CA ALA C 125 -22.98 19.10 -11.88
C ALA C 125 -23.08 17.80 -12.71
N VAL C 126 -24.27 17.53 -13.23
CA VAL C 126 -24.50 16.35 -14.06
C VAL C 126 -24.43 16.77 -15.52
N VAL C 127 -23.57 16.14 -16.30
CA VAL C 127 -23.41 16.55 -17.68
C VAL C 127 -23.79 15.38 -18.55
N SER C 128 -24.62 15.60 -19.57
CA SER C 128 -24.87 14.48 -20.44
C SER C 128 -23.82 14.46 -21.54
N LEU C 129 -23.07 13.38 -21.53
CA LEU C 129 -22.04 13.09 -22.50
C LEU C 129 -22.67 12.53 -23.75
N SER C 130 -21.91 12.55 -24.84
CA SER C 130 -22.41 12.08 -26.12
C SER C 130 -22.81 10.60 -26.14
N ASN C 131 -22.32 9.78 -25.22
CA ASN C 131 -22.82 8.40 -25.18
C ASN C 131 -24.32 8.46 -24.87
N GLY C 132 -24.70 9.53 -24.17
CA GLY C 132 -26.04 9.77 -23.68
C GLY C 132 -26.21 9.57 -22.19
N VAL C 133 -25.26 8.87 -21.59
CA VAL C 133 -25.26 8.60 -20.16
C VAL C 133 -24.98 9.85 -19.31
N SER C 134 -25.87 10.14 -18.37
CA SER C 134 -25.69 11.25 -17.44
C SER C 134 -24.89 10.76 -16.24
N VAL C 135 -23.86 11.55 -15.94
CA VAL C 135 -22.85 11.26 -14.93
C VAL C 135 -22.58 12.42 -13.96
N LEU C 136 -22.59 12.11 -12.68
CA LEU C 136 -22.24 13.05 -11.63
C LEU C 136 -20.75 13.43 -11.74
N THR C 137 -20.45 14.72 -11.78
CA THR C 137 -19.07 15.24 -11.91
C THR C 137 -18.51 16.08 -10.74
N PHE C 138 -17.27 15.84 -10.29
CA PHE C 138 -16.75 16.60 -9.15
C PHE C 138 -15.38 17.27 -9.30
N LYS C 139 -15.35 18.60 -9.11
CA LYS C 139 -14.12 19.40 -9.06
C LYS C 139 -13.70 19.62 -7.61
N VAL C 140 -12.97 18.67 -7.04
CA VAL C 140 -12.46 18.79 -5.67
C VAL C 140 -11.17 19.56 -5.31
N LEU C 141 -10.43 20.06 -6.28
CA LEU C 141 -9.18 20.74 -5.92
C LEU C 141 -8.79 21.70 -7.04
N ASP C 142 -8.76 22.99 -6.74
CA ASP C 142 -8.35 23.94 -7.76
C ASP C 142 -7.00 24.63 -7.52
N LEU C 143 -5.94 23.85 -7.72
CA LEU C 143 -4.56 24.29 -7.57
C LEU C 143 -4.26 25.37 -8.58
N LYS C 144 -4.94 25.26 -9.72
CA LYS C 144 -4.82 26.18 -10.85
C LYS C 144 -5.03 27.62 -10.46
N ASN C 145 -6.13 27.92 -9.81
CA ASN C 145 -6.38 29.31 -9.44
C ASN C 145 -5.29 29.77 -8.50
N TYR C 146 -4.91 28.93 -7.56
CA TYR C 146 -3.85 29.34 -6.66
C TYR C 146 -2.49 29.49 -7.36
N ILE C 147 -2.11 28.51 -8.17
CA ILE C 147 -0.80 28.52 -8.83
C ILE C 147 -0.60 29.61 -9.91
N ASP C 148 -1.63 29.81 -10.72
CA ASP C 148 -1.61 30.74 -11.84
C ASP C 148 -1.76 32.20 -11.43
N LYS C 149 -2.42 32.43 -10.31
CA LYS C 149 -2.74 33.77 -9.88
C LYS C 149 -1.90 34.27 -8.71
N GLN C 150 -1.32 33.36 -7.92
CA GLN C 150 -0.58 33.78 -6.74
C GLN C 150 0.89 33.54 -6.97
N LEU C 151 1.17 32.38 -7.55
CA LEU C 151 2.52 31.89 -7.70
C LEU C 151 3.22 32.32 -8.99
N LEU C 152 2.68 31.90 -10.12
CA LEU C 152 3.29 32.10 -11.44
C LEU C 152 3.75 33.52 -11.92
N PRO C 153 2.98 34.59 -11.64
CA PRO C 153 3.37 35.96 -12.05
C PRO C 153 4.58 36.58 -11.34
N ILE C 154 4.91 36.07 -10.15
CA ILE C 154 6.02 36.54 -9.34
C ILE C 154 7.33 35.93 -9.81
N LEU C 155 7.23 34.70 -10.31
CA LEU C 155 8.38 33.89 -10.70
C LEU C 155 9.02 34.37 -12.00
N ASN C 156 8.29 35.14 -12.80
CA ASN C 156 8.81 35.55 -14.10
C ASN C 156 9.13 37.04 -14.11
N LYS C 157 10.30 37.41 -14.63
CA LYS C 157 11.37 36.48 -14.98
C LYS C 157 12.49 36.43 -13.94
N GLN C 158 13.66 36.89 -14.39
CA GLN C 158 14.93 36.92 -13.66
C GLN C 158 14.97 37.13 -12.13
N SER C 159 14.43 38.24 -11.63
CA SER C 159 14.22 38.37 -10.19
C SER C 159 12.94 37.84 -9.56
N CYS C 160 13.15 36.95 -8.60
CA CYS C 160 12.09 36.28 -7.84
C CYS C 160 12.57 36.37 -6.39
N SER C 161 11.88 37.16 -5.58
CA SER C 161 12.09 37.09 -4.14
C SER C 161 10.84 36.79 -3.33
N ILE C 162 10.86 35.64 -2.68
CA ILE C 162 9.67 35.12 -2.04
C ILE C 162 9.84 35.33 -0.54
N SER C 163 8.86 36.00 0.06
CA SER C 163 8.93 36.38 1.46
C SER C 163 7.70 35.79 2.10
N ASN C 164 7.63 35.83 3.43
CA ASN C 164 6.56 35.17 4.18
C ASN C 164 6.65 33.68 3.84
N ILE C 165 7.23 32.90 4.75
CA ILE C 165 7.54 31.52 4.42
C ILE C 165 6.32 30.59 4.47
N GLU C 166 5.29 31.01 5.20
CA GLU C 166 4.06 30.22 5.39
C GLU C 166 3.37 29.86 4.06
N THR C 167 3.75 30.58 3.00
CA THR C 167 3.29 30.40 1.62
C THR C 167 3.78 29.11 0.97
N VAL C 168 5.00 28.71 1.30
CA VAL C 168 5.60 27.53 0.70
C VAL C 168 4.98 26.34 1.41
N ILE C 169 4.55 26.55 2.66
CA ILE C 169 3.91 25.47 3.41
C ILE C 169 2.55 25.25 2.77
N GLU C 170 1.83 26.35 2.50
CA GLU C 170 0.49 26.28 1.90
C GLU C 170 0.47 25.61 0.54
N PHE C 171 1.54 25.80 -0.22
CA PHE C 171 1.59 25.24 -1.54
C PHE C 171 1.93 23.76 -1.47
N GLN C 172 2.87 23.40 -0.60
CA GLN C 172 3.18 21.98 -0.38
C GLN C 172 1.96 21.24 0.16
N GLN C 173 1.16 21.92 0.99
CA GLN C 173 -0.05 21.33 1.57
C GLN C 173 -1.10 21.08 0.50
N LYS C 174 -1.24 22.05 -0.39
CA LYS C 174 -2.22 21.98 -1.46
C LYS C 174 -1.75 20.99 -2.51
N ASN C 175 -0.47 21.06 -2.84
CA ASN C 175 0.11 20.19 -3.85
C ASN C 175 0.16 18.73 -3.42
N ASN C 176 0.28 18.52 -2.11
CA ASN C 176 0.43 17.18 -1.54
C ASN C 176 -0.62 16.17 -1.96
N ARG C 177 -1.88 16.59 -2.01
CA ARG C 177 -2.96 15.68 -2.37
C ARG C 177 -2.78 15.15 -3.78
N LEU C 178 -2.35 16.03 -4.67
CA LEU C 178 -2.09 15.69 -6.06
C LEU C 178 -0.95 14.68 -6.16
N LEU C 179 0.08 14.88 -5.34
CA LEU C 179 1.26 14.01 -5.32
C LEU C 179 1.00 12.58 -4.86
N GLU C 180 0.02 12.40 -3.98
CA GLU C 180 -0.27 11.06 -3.49
C GLU C 180 -1.11 10.36 -4.53
N ILE C 181 -1.98 11.13 -5.18
CA ILE C 181 -2.79 10.58 -6.26
C ILE C 181 -1.89 10.17 -7.43
N THR C 182 -0.92 10.99 -7.77
CA THR C 182 -0.02 10.65 -8.87
C THR C 182 0.85 9.45 -8.48
N ARG C 183 1.04 9.29 -7.17
CA ARG C 183 1.87 8.24 -6.63
C ARG C 183 1.20 6.88 -6.70
N GLU C 184 -0.05 6.87 -6.27
CA GLU C 184 -0.86 5.65 -6.24
C GLU C 184 -1.11 5.06 -7.62
N PHE C 185 -1.51 5.90 -8.56
CA PHE C 185 -1.79 5.45 -9.92
C PHE C 185 -0.52 4.88 -10.53
N SER C 186 0.60 5.41 -10.07
CA SER C 186 1.92 5.05 -10.56
C SER C 186 2.24 3.63 -10.16
N VAL C 187 1.73 3.21 -9.00
CA VAL C 187 2.02 1.88 -8.49
C VAL C 187 0.87 0.89 -8.74
N ASN C 188 -0.15 1.37 -9.46
CA ASN C 188 -1.30 0.54 -9.77
C ASN C 188 -1.73 0.57 -11.24
N ALA C 189 -0.83 1.01 -12.13
CA ALA C 189 -1.09 1.09 -13.57
C ALA C 189 -2.38 1.82 -13.94
N GLY C 190 -2.78 2.76 -13.07
CA GLY C 190 -3.92 3.63 -13.29
C GLY C 190 -5.27 3.11 -12.82
N VAL C 191 -5.26 2.01 -12.08
CA VAL C 191 -6.47 1.45 -11.48
C VAL C 191 -6.14 1.09 -10.05
N THR C 192 -6.80 1.75 -9.10
CA THR C 192 -6.50 1.47 -7.70
C THR C 192 -7.70 0.90 -6.99
N THR C 193 -7.44 -0.06 -6.11
CA THR C 193 -8.45 -0.57 -5.21
C THR C 193 -7.85 -1.20 -3.96
N PRO C 194 -8.39 -0.83 -2.80
CA PRO C 194 -9.49 0.12 -2.61
C PRO C 194 -9.15 1.59 -2.92
N VAL C 195 -10.17 2.42 -3.03
CA VAL C 195 -10.00 3.84 -3.29
C VAL C 195 -9.62 4.64 -2.07
N SER C 196 -8.42 5.19 -2.08
CA SER C 196 -7.89 5.90 -0.93
C SER C 196 -8.57 7.24 -0.68
N THR C 197 -8.33 7.80 0.50
CA THR C 197 -8.82 9.12 0.90
C THR C 197 -8.24 10.21 0.00
N TYR C 198 -6.97 10.07 -0.38
CA TYR C 198 -6.31 11.01 -1.28
C TYR C 198 -7.04 11.13 -2.60
N MET C 199 -7.57 10.01 -3.07
CA MET C 199 -8.26 9.95 -4.34
C MET C 199 -9.63 10.60 -4.21
N LEU C 200 -10.24 10.39 -3.05
CA LEU C 200 -11.59 10.89 -2.79
C LEU C 200 -11.90 10.97 -1.31
N THR C 201 -11.98 12.18 -0.79
CA THR C 201 -12.17 12.34 0.65
C THR C 201 -13.58 11.95 1.06
N ASN C 202 -13.72 11.74 2.35
CA ASN C 202 -14.98 11.31 2.94
C ASN C 202 -16.14 12.26 2.69
N SER C 203 -15.89 13.57 2.81
CA SER C 203 -16.91 14.59 2.56
C SER C 203 -17.34 14.56 1.10
N GLU C 204 -16.35 14.38 0.25
CA GLU C 204 -16.53 14.30 -1.18
C GLU C 204 -17.33 13.04 -1.44
N LEU C 205 -16.93 11.98 -0.75
CA LEU C 205 -17.53 10.66 -0.91
C LEU C 205 -18.99 10.62 -0.44
N LEU C 206 -19.25 11.22 0.72
CA LEU C 206 -20.61 11.26 1.28
C LEU C 206 -21.50 12.09 0.36
N SER C 207 -20.92 13.15 -0.19
CA SER C 207 -21.60 14.02 -1.14
C SER C 207 -21.93 13.25 -2.40
N LEU C 208 -21.01 12.40 -2.81
CA LEU C 208 -21.17 11.52 -3.96
C LEU C 208 -22.35 10.56 -3.78
N ILE C 209 -22.40 9.98 -2.59
CA ILE C 209 -23.45 9.04 -2.23
C ILE C 209 -24.86 9.66 -2.33
N ASN C 210 -25.06 10.91 -1.90
CA ASN C 210 -26.42 11.49 -1.90
C ASN C 210 -27.16 11.72 -3.25
N ASP C 211 -26.39 11.90 -4.33
CA ASP C 211 -26.94 12.12 -5.67
C ASP C 211 -27.04 10.81 -6.49
N MET C 212 -26.51 9.71 -5.96
CA MET C 212 -26.68 8.44 -6.62
C MET C 212 -28.16 8.08 -6.48
N PRO C 213 -28.79 7.70 -7.59
CA PRO C 213 -30.21 7.34 -7.60
C PRO C 213 -30.52 5.99 -6.94
N ILE C 214 -30.26 5.89 -5.65
CA ILE C 214 -30.59 4.67 -4.92
C ILE C 214 -31.56 5.01 -3.78
N THR C 215 -31.94 3.99 -3.01
CA THR C 215 -32.88 4.16 -1.90
C THR C 215 -32.24 5.00 -0.79
N ASN C 216 -33.07 5.69 -0.04
CA ASN C 216 -32.60 6.45 1.10
C ASN C 216 -31.96 5.46 2.08
N ASP C 217 -32.44 4.23 2.08
CA ASP C 217 -31.85 3.17 2.89
C ASP C 217 -30.51 2.75 2.33
N GLN C 218 -30.41 2.75 1.01
CA GLN C 218 -29.18 2.29 0.37
C GLN C 218 -28.08 3.31 0.65
N LYS C 219 -28.45 4.58 0.66
CA LYS C 219 -27.50 5.63 0.98
C LYS C 219 -27.04 5.46 2.42
N LYS C 220 -28.02 5.15 3.27
CA LYS C 220 -27.80 4.95 4.71
C LYS C 220 -26.82 3.81 4.95
N LEU C 221 -26.96 2.76 4.16
CA LEU C 221 -26.10 1.58 4.29
C LEU C 221 -24.67 1.94 3.99
N MET C 222 -24.48 2.60 2.86
CA MET C 222 -23.16 3.02 2.41
C MET C 222 -22.49 4.02 3.34
N SER C 223 -23.26 4.90 3.96
CA SER C 223 -22.67 5.95 4.77
C SER C 223 -22.15 5.44 6.11
N ASN C 224 -22.76 4.39 6.63
CA ASN C 224 -22.30 3.85 7.91
C ASN C 224 -21.15 2.88 7.66
N ASN C 225 -20.97 2.51 6.41
CA ASN C 225 -19.92 1.57 6.04
C ASN C 225 -19.09 2.09 4.86
N VAL C 226 -18.62 3.33 4.94
CA VAL C 226 -17.84 3.92 3.85
C VAL C 226 -16.56 3.13 3.61
N GLN C 227 -16.00 2.62 4.69
CA GLN C 227 -14.76 1.89 4.66
C GLN C 227 -14.93 0.60 3.87
N ILE C 228 -16.17 0.09 3.80
CA ILE C 228 -16.45 -1.10 3.02
C ILE C 228 -16.64 -0.74 1.56
N VAL C 229 -17.28 0.38 1.32
CA VAL C 229 -17.56 0.86 -0.03
C VAL C 229 -16.24 1.08 -0.76
N ARG C 230 -15.27 1.60 -0.02
CA ARG C 230 -13.95 1.86 -0.59
C ARG C 230 -13.31 0.59 -1.13
N GLN C 231 -13.45 -0.51 -0.40
CA GLN C 231 -12.77 -1.75 -0.80
C GLN C 231 -13.43 -2.38 -2.03
N GLN C 232 -14.71 -2.08 -2.25
CA GLN C 232 -15.45 -2.57 -3.40
C GLN C 232 -15.52 -1.51 -4.50
N SER C 233 -14.63 -0.52 -4.45
CA SER C 233 -14.64 0.55 -5.44
C SER C 233 -13.36 0.57 -6.26
N TYR C 234 -13.43 1.20 -7.43
CA TYR C 234 -12.24 1.33 -8.26
C TYR C 234 -12.02 2.79 -8.67
N SER C 235 -10.76 3.20 -8.73
CA SER C 235 -10.44 4.52 -9.26
C SER C 235 -9.61 4.35 -10.52
N ILE C 236 -10.09 4.92 -11.62
CA ILE C 236 -9.50 4.65 -12.91
C ILE C 236 -8.96 5.90 -13.59
N MET C 237 -7.65 5.96 -13.76
CA MET C 237 -7.05 7.11 -14.45
C MET C 237 -7.44 7.22 -15.92
N CYS C 238 -7.98 8.37 -16.33
CA CYS C 238 -8.46 8.56 -17.71
C CYS C 238 -7.57 9.42 -18.55
N ILE C 239 -7.81 10.73 -18.47
CA ILE C 239 -7.12 11.67 -19.30
C ILE C 239 -6.65 12.90 -18.55
N ILE C 240 -5.67 13.58 -19.13
CA ILE C 240 -5.32 14.91 -18.66
C ILE C 240 -5.31 15.94 -19.79
N LYS C 241 -6.34 15.89 -20.63
CA LYS C 241 -6.45 16.73 -21.82
C LYS C 241 -6.88 18.11 -21.32
N GLU C 242 -6.67 19.16 -22.12
CA GLU C 242 -6.93 20.52 -21.65
C GLU C 242 -6.12 20.80 -20.41
N GLU C 243 -6.68 21.55 -19.47
CA GLU C 243 -5.91 21.85 -18.27
C GLU C 243 -6.53 21.22 -17.04
N VAL C 244 -7.14 20.07 -17.24
CA VAL C 244 -7.90 19.41 -16.19
C VAL C 244 -7.43 17.97 -16.08
N LEU C 245 -7.25 17.52 -14.85
CA LEU C 245 -7.05 16.11 -14.60
C LEU C 245 -8.38 15.43 -14.30
N ALA C 246 -8.65 14.34 -14.99
CA ALA C 246 -9.90 13.63 -14.76
C ALA C 246 -9.71 12.13 -14.59
N TYR C 247 -10.27 11.61 -13.49
CA TYR C 247 -10.34 10.18 -13.26
C TYR C 247 -11.73 9.77 -12.79
N VAL C 248 -12.14 8.56 -13.13
CA VAL C 248 -13.46 8.05 -12.79
C VAL C 248 -13.44 7.14 -11.56
N VAL C 249 -14.19 7.53 -10.53
CA VAL C 249 -14.42 6.69 -9.37
C VAL C 249 -15.61 5.76 -9.57
N GLN C 250 -15.37 4.46 -9.45
CA GLN C 250 -16.40 3.45 -9.67
C GLN C 250 -16.96 2.86 -8.38
N LEU C 251 -18.18 3.26 -8.02
CA LEU C 251 -18.76 2.86 -6.76
C LEU C 251 -19.81 1.75 -6.89
N PRO C 252 -19.87 0.84 -5.90
CA PRO C 252 -20.83 -0.27 -5.92
C PRO C 252 -22.28 0.20 -5.70
N LEU C 253 -23.24 -0.36 -6.43
CA LEU C 253 -24.65 -0.08 -6.15
C LEU C 253 -25.31 -1.34 -5.57
N TYR C 254 -25.83 -1.21 -4.36
CA TYR C 254 -26.41 -2.35 -3.64
C TYR C 254 -27.90 -2.47 -3.86
N GLY C 255 -28.26 -3.30 -4.83
CA GLY C 255 -29.65 -3.49 -5.19
C GLY C 255 -30.36 -4.46 -4.26
N VAL C 256 -29.59 -5.24 -3.51
CA VAL C 256 -30.19 -6.17 -2.56
C VAL C 256 -29.83 -5.90 -1.10
N ILE C 257 -30.84 -5.58 -0.31
CA ILE C 257 -30.69 -5.20 1.09
C ILE C 257 -31.76 -5.86 1.98
N ASP C 258 -31.35 -6.26 3.18
CA ASP C 258 -32.26 -6.73 4.24
C ASP C 258 -32.98 -8.03 3.91
N THR C 259 -32.35 -8.86 3.08
CA THR C 259 -32.85 -10.21 2.83
C THR C 259 -32.09 -11.18 3.73
N PRO C 260 -32.75 -12.27 4.17
CA PRO C 260 -32.09 -13.18 5.11
C PRO C 260 -30.84 -13.82 4.51
N CYS C 261 -29.73 -13.83 5.26
CA CYS C 261 -28.53 -14.49 4.79
C CYS C 261 -28.08 -15.62 5.75
N TRP C 262 -27.36 -16.60 5.21
CA TRP C 262 -26.74 -17.63 6.05
C TRP C 262 -25.42 -18.20 5.52
N LYS C 263 -24.50 -18.52 6.43
CA LYS C 263 -23.17 -19.05 6.07
C LYS C 263 -23.05 -20.53 6.42
N LEU C 264 -22.59 -21.33 5.47
CA LEU C 264 -22.47 -22.77 5.68
C LEU C 264 -21.03 -23.20 5.95
N HIS C 265 -20.78 -23.80 7.10
CA HIS C 265 -19.46 -24.33 7.42
C HIS C 265 -19.47 -25.85 7.31
N THR C 266 -18.44 -26.42 6.67
CA THR C 266 -18.33 -27.87 6.48
C THR C 266 -16.97 -28.41 6.89
N SER C 267 -16.89 -29.72 7.15
CA SER C 267 -15.64 -30.34 7.53
C SER C 267 -15.65 -31.83 7.16
N PRO C 268 -14.46 -32.44 6.98
CA PRO C 268 -14.46 -33.85 6.59
C PRO C 268 -15.14 -34.75 7.61
N LEU C 269 -16.01 -35.62 7.12
CA LEU C 269 -16.67 -36.63 7.94
C LEU C 269 -16.29 -38.05 7.54
N CYS C 270 -15.70 -38.80 8.46
CA CYS C 270 -15.21 -40.13 8.13
C CYS C 270 -15.66 -41.13 9.18
N THR C 271 -15.66 -42.41 8.81
CA THR C 271 -15.91 -43.49 9.76
C THR C 271 -14.77 -43.64 10.73
N THR C 272 -15.05 -44.13 11.93
CA THR C 272 -14.01 -44.22 12.95
C THR C 272 -13.79 -45.67 13.35
N ASN C 273 -13.65 -46.54 12.35
CA ASN C 273 -13.36 -47.95 12.57
C ASN C 273 -11.92 -48.02 13.06
N THR C 274 -11.59 -49.06 13.83
CA THR C 274 -10.27 -49.14 14.47
C THR C 274 -9.07 -49.34 13.55
N LYS C 275 -9.25 -49.83 12.32
CA LYS C 275 -8.06 -50.12 11.53
C LYS C 275 -7.23 -48.88 11.18
N GLU C 276 -6.03 -49.11 10.68
CA GLU C 276 -5.09 -48.04 10.33
C GLU C 276 -5.52 -47.14 9.17
N GLY C 277 -5.74 -47.72 7.99
CA GLY C 277 -6.26 -46.95 6.88
C GLY C 277 -7.62 -47.55 6.62
N SER C 278 -7.89 -48.05 5.39
CA SER C 278 -9.13 -48.78 5.17
C SER C 278 -10.39 -47.96 5.55
N ASN C 279 -10.16 -46.68 5.86
CA ASN C 279 -11.25 -45.76 6.19
C ASN C 279 -11.78 -44.99 5.03
N ILE C 280 -13.05 -44.62 5.15
CA ILE C 280 -13.68 -43.81 4.16
C ILE C 280 -14.08 -42.46 4.73
N CYS C 281 -13.82 -41.42 3.94
CA CYS C 281 -14.12 -40.06 4.34
C CYS C 281 -15.21 -39.45 3.45
N LEU C 282 -15.80 -38.36 3.92
CA LEU C 282 -16.83 -37.68 3.18
C LEU C 282 -16.83 -36.21 3.58
N THR C 283 -17.00 -35.33 2.60
CA THR C 283 -17.02 -33.90 2.91
C THR C 283 -17.98 -33.14 2.00
N ARG C 284 -18.84 -32.33 2.61
CA ARG C 284 -19.73 -31.45 1.86
C ARG C 284 -18.96 -30.32 1.16
N THR C 285 -19.19 -30.12 -0.14
CA THR C 285 -18.37 -29.15 -0.88
C THR C 285 -19.09 -27.85 -1.18
N ASP C 286 -20.34 -27.75 -0.78
CA ASP C 286 -21.10 -26.54 -1.05
C ASP C 286 -20.95 -25.51 0.07
N ARG C 287 -19.75 -25.38 0.66
CA ARG C 287 -19.53 -24.39 1.71
C ARG C 287 -19.54 -22.97 1.16
N GLY C 288 -19.84 -22.02 2.04
CA GLY C 288 -19.84 -20.61 1.68
C GLY C 288 -21.08 -19.84 2.10
N TRP C 289 -21.25 -18.66 1.52
CA TRP C 289 -22.36 -17.79 1.87
C TRP C 289 -23.55 -18.00 0.93
N TYR C 290 -24.76 -18.07 1.47
CA TYR C 290 -25.97 -18.15 0.65
C TYR C 290 -26.94 -17.01 0.95
N CYS C 291 -27.51 -16.38 -0.08
CA CYS C 291 -28.51 -15.36 0.20
C CYS C 291 -29.70 -15.34 -0.73
N ASP C 292 -30.84 -15.14 -0.08
CA ASP C 292 -32.15 -14.98 -0.71
C ASP C 292 -32.21 -13.62 -1.40
N ASN C 293 -32.59 -13.54 -2.67
CA ASN C 293 -32.54 -12.24 -3.38
C ASN C 293 -33.59 -12.00 -4.48
N ALA C 294 -33.89 -13.04 -5.26
CA ALA C 294 -34.96 -12.95 -6.23
C ALA C 294 -35.71 -14.26 -6.35
N GLY C 295 -36.04 -14.87 -5.21
CA GLY C 295 -36.80 -16.11 -5.22
C GLY C 295 -35.86 -17.29 -5.32
N SER C 296 -34.61 -16.99 -5.67
CA SER C 296 -33.59 -18.02 -5.78
C SER C 296 -32.60 -17.75 -4.67
N VAL C 297 -31.43 -18.34 -4.77
CA VAL C 297 -30.38 -18.09 -3.80
C VAL C 297 -29.05 -17.79 -4.46
N SER C 298 -28.50 -16.62 -4.18
CA SER C 298 -27.15 -16.30 -4.65
C SER C 298 -26.11 -16.97 -3.75
N PHE C 299 -25.27 -17.81 -4.35
CA PHE C 299 -24.26 -18.56 -3.62
C PHE C 299 -22.84 -18.11 -3.91
N PHE C 300 -22.11 -17.79 -2.84
CA PHE C 300 -20.75 -17.29 -2.96
C PHE C 300 -19.74 -18.29 -2.41
N PRO C 301 -19.16 -19.11 -3.31
CA PRO C 301 -18.28 -20.25 -3.04
C PRO C 301 -17.03 -19.85 -2.27
N GLN C 302 -16.34 -18.83 -2.77
CA GLN C 302 -15.17 -18.30 -2.10
C GLN C 302 -15.67 -17.29 -1.10
N ALA C 303 -15.60 -17.60 0.19
CA ALA C 303 -16.12 -16.63 1.14
C ALA C 303 -15.10 -15.55 1.52
N GLU C 304 -13.98 -15.50 0.80
CA GLU C 304 -13.10 -14.34 0.93
C GLU C 304 -13.75 -13.09 0.35
N THR C 305 -14.65 -13.31 -0.62
CA THR C 305 -15.23 -12.19 -1.36
C THR C 305 -16.35 -11.54 -0.58
N CYS C 306 -16.55 -11.98 0.66
CA CYS C 306 -17.69 -11.50 1.41
C CYS C 306 -17.11 -10.93 2.70
N LYS C 307 -17.43 -9.67 2.95
CA LYS C 307 -17.01 -8.98 4.16
C LYS C 307 -18.12 -8.92 5.20
N VAL C 308 -17.79 -9.11 6.48
CA VAL C 308 -18.81 -9.12 7.51
C VAL C 308 -18.72 -7.98 8.55
N GLN C 309 -19.83 -7.25 8.72
CA GLN C 309 -19.95 -6.25 9.79
C GLN C 309 -21.14 -6.60 10.67
N SER C 310 -21.00 -7.68 11.45
CA SER C 310 -22.09 -8.19 12.27
C SER C 310 -23.35 -8.50 11.46
N ASN C 311 -24.39 -7.68 11.62
CA ASN C 311 -25.66 -7.92 10.93
C ASN C 311 -25.58 -7.95 9.40
N ARG C 312 -24.65 -7.19 8.82
CA ARG C 312 -24.58 -7.03 7.37
C ARG C 312 -23.44 -7.83 6.71
N VAL C 313 -23.75 -8.55 5.63
CA VAL C 313 -22.78 -9.35 4.90
C VAL C 313 -22.59 -8.76 3.51
N PHE C 314 -21.43 -8.18 3.25
CA PHE C 314 -21.14 -7.57 1.94
C PHE C 314 -20.52 -8.47 0.87
N CYS C 315 -21.27 -8.75 -0.19
CA CYS C 315 -20.81 -9.62 -1.29
C CYS C 315 -20.94 -9.01 -2.69
N ASP C 316 -20.13 -9.54 -3.60
CA ASP C 316 -20.12 -9.17 -5.01
C ASP C 316 -20.73 -10.27 -5.86
N THR C 317 -21.82 -9.93 -6.54
CA THR C 317 -22.58 -10.90 -7.31
C THR C 317 -21.86 -11.53 -8.50
N MET C 318 -20.73 -10.95 -8.90
CA MET C 318 -19.93 -11.51 -10.00
C MET C 318 -19.28 -12.85 -9.74
N ASN C 319 -18.90 -13.10 -8.49
CA ASN C 319 -18.33 -14.37 -8.11
C ASN C 319 -19.41 -15.31 -7.56
N SER C 320 -20.59 -15.30 -8.15
CA SER C 320 -21.66 -16.14 -7.59
C SER C 320 -22.45 -16.93 -8.62
N LEU C 321 -23.01 -18.02 -8.14
CA LEU C 321 -24.01 -18.80 -8.84
C LEU C 321 -25.38 -18.54 -8.24
N THR C 322 -26.37 -18.50 -9.11
CA THR C 322 -27.77 -18.36 -8.70
C THR C 322 -28.46 -19.71 -8.62
N LEU C 323 -28.70 -20.16 -7.40
CA LEU C 323 -29.25 -21.50 -7.18
C LEU C 323 -30.71 -21.44 -6.72
N PRO C 324 -31.48 -22.49 -7.03
CA PRO C 324 -32.86 -22.74 -6.59
C PRO C 324 -33.01 -22.86 -5.08
N SER C 325 -34.15 -22.40 -4.58
CA SER C 325 -34.39 -22.27 -3.15
C SER C 325 -34.37 -23.62 -2.43
N GLU C 326 -34.44 -24.69 -3.21
CA GLU C 326 -34.39 -26.06 -2.68
C GLU C 326 -33.03 -26.41 -2.12
N VAL C 327 -32.06 -25.52 -2.29
CA VAL C 327 -30.72 -25.76 -1.77
C VAL C 327 -30.70 -25.88 -0.24
N ASN C 328 -31.69 -25.31 0.45
CA ASN C 328 -31.67 -25.40 1.90
C ASN C 328 -31.98 -26.79 2.39
N LEU C 329 -32.61 -27.60 1.54
CA LEU C 329 -32.97 -28.94 1.97
C LEU C 329 -31.76 -29.82 2.24
N CYS C 330 -30.61 -29.48 1.65
CA CYS C 330 -29.40 -30.27 1.84
C CYS C 330 -28.89 -30.19 3.28
N ASN C 331 -29.35 -29.18 4.01
CA ASN C 331 -28.89 -28.97 5.38
C ASN C 331 -29.71 -29.77 6.38
N VAL C 332 -30.98 -30.00 6.06
CA VAL C 332 -31.86 -30.74 6.93
C VAL C 332 -31.95 -32.21 6.54
N ASP C 333 -32.24 -32.48 5.27
CA ASP C 333 -32.26 -33.85 4.79
C ASP C 333 -31.50 -33.96 3.46
N ILE C 334 -30.27 -34.49 3.55
CA ILE C 334 -29.37 -34.59 2.40
C ILE C 334 -29.82 -35.59 1.33
N PHE C 335 -30.76 -36.45 1.70
CA PHE C 335 -31.26 -37.49 0.80
C PHE C 335 -32.60 -37.16 0.15
N ASN C 336 -32.98 -35.89 0.20
CA ASN C 336 -34.23 -35.47 -0.42
C ASN C 336 -34.20 -35.69 -1.93
N PRO C 337 -35.35 -36.03 -2.51
CA PRO C 337 -35.38 -36.35 -3.94
C PRO C 337 -35.48 -35.09 -4.80
N LYS C 338 -35.54 -33.92 -4.16
CA LYS C 338 -35.81 -32.67 -4.87
C LYS C 338 -34.53 -31.92 -5.25
N TYR C 339 -33.45 -32.14 -4.51
CA TYR C 339 -32.16 -31.51 -4.84
C TYR C 339 -30.97 -32.42 -4.56
N ASP C 340 -30.12 -32.57 -5.58
CA ASP C 340 -28.94 -33.42 -5.51
C ASP C 340 -27.77 -32.67 -4.84
N CYS C 341 -27.59 -32.89 -3.55
CA CYS C 341 -26.60 -32.17 -2.73
C CYS C 341 -25.14 -32.44 -3.13
N LYS C 342 -24.37 -31.37 -3.33
CA LYS C 342 -22.98 -31.47 -3.79
C LYS C 342 -22.02 -31.92 -2.66
N ILE C 343 -21.24 -32.96 -2.94
CA ILE C 343 -20.27 -33.51 -1.99
C ILE C 343 -18.94 -33.98 -2.59
N MET C 344 -18.01 -34.37 -1.72
CA MET C 344 -16.77 -35.03 -2.15
C MET C 344 -16.45 -36.20 -1.23
N THR C 345 -15.70 -37.15 -1.77
CA THR C 345 -15.32 -38.35 -1.03
C THR C 345 -13.81 -38.51 -1.02
N SER C 346 -13.29 -39.21 -0.03
CA SER C 346 -11.84 -39.40 0.05
C SER C 346 -11.49 -40.57 0.95
N LYS C 347 -10.26 -41.05 0.83
CA LYS C 347 -9.73 -41.99 1.78
C LYS C 347 -8.76 -41.25 2.69
N THR C 348 -8.70 -39.93 2.53
CA THR C 348 -7.78 -39.12 3.31
C THR C 348 -8.35 -38.83 4.70
N ASP C 349 -7.92 -39.61 5.69
CA ASP C 349 -8.42 -39.49 7.05
C ASP C 349 -7.54 -38.52 7.87
N VAL C 350 -7.73 -37.22 7.68
CA VAL C 350 -6.85 -36.23 8.31
C VAL C 350 -7.63 -35.32 9.25
N SER C 351 -7.08 -35.11 10.43
CA SER C 351 -7.71 -34.26 11.43
C SER C 351 -7.50 -32.78 11.13
N SER C 352 -8.57 -32.01 11.31
CA SER C 352 -8.52 -30.57 11.16
C SER C 352 -9.70 -29.97 11.91
N SER C 353 -9.76 -28.65 12.02
CA SER C 353 -10.87 -27.99 12.69
C SER C 353 -11.40 -26.83 11.87
N VAL C 354 -12.67 -26.53 12.06
CA VAL C 354 -13.29 -25.41 11.37
C VAL C 354 -13.97 -24.49 12.37
N ILE C 355 -13.46 -23.27 12.47
CA ILE C 355 -14.03 -22.27 13.36
C ILE C 355 -15.23 -21.61 12.71
N THR C 356 -16.38 -21.77 13.34
CA THR C 356 -17.62 -21.19 12.81
C THR C 356 -17.87 -19.84 13.44
N SER C 357 -19.02 -19.26 13.13
CA SER C 357 -19.39 -17.96 13.65
C SER C 357 -19.62 -17.95 15.16
N LEU C 358 -20.23 -18.99 15.70
CA LEU C 358 -20.58 -19.01 17.11
C LEU C 358 -20.00 -20.23 17.79
N GLY C 359 -18.96 -20.78 17.19
CA GLY C 359 -18.36 -21.99 17.73
C GLY C 359 -17.31 -22.57 16.82
N ALA C 360 -17.09 -23.87 16.98
CA ALA C 360 -16.06 -24.55 16.21
C ALA C 360 -16.44 -26.00 15.90
N ILE C 361 -16.27 -26.39 14.65
CA ILE C 361 -16.45 -27.79 14.27
C ILE C 361 -15.10 -28.48 14.31
N VAL C 362 -15.05 -29.62 14.98
CA VAL C 362 -13.81 -30.35 15.14
C VAL C 362 -13.90 -31.73 14.48
N SER C 363 -13.13 -31.90 13.41
CA SER C 363 -12.98 -33.19 12.76
C SER C 363 -11.78 -33.95 13.32
N CYS C 364 -12.04 -34.78 14.32
CA CYS C 364 -10.99 -35.53 15.01
C CYS C 364 -10.90 -36.98 14.56
N TYR C 365 -9.75 -37.37 14.03
CA TYR C 365 -9.57 -38.73 13.55
C TYR C 365 -8.20 -39.26 13.89
N GLY C 366 -8.11 -40.58 13.99
CA GLY C 366 -6.88 -41.31 14.26
C GLY C 366 -6.46 -41.19 15.72
N LYS C 367 -5.17 -41.03 15.96
CA LYS C 367 -4.63 -40.92 17.32
C LYS C 367 -4.42 -39.46 17.73
N THR C 368 -4.94 -38.56 16.89
CA THR C 368 -4.70 -37.13 17.03
C THR C 368 -5.39 -36.61 18.28
N LYS C 369 -4.68 -35.77 19.04
CA LYS C 369 -5.26 -35.13 20.20
C LYS C 369 -6.09 -33.93 19.80
N CYS C 370 -7.39 -34.05 20.10
CA CYS C 370 -8.36 -33.01 19.83
C CYS C 370 -8.95 -32.57 21.16
N THR C 371 -8.85 -31.28 21.43
CA THR C 371 -9.22 -30.77 22.74
C THR C 371 -9.78 -29.35 22.69
N ALA C 372 -10.64 -29.03 23.65
CA ALA C 372 -11.15 -27.69 23.80
C ALA C 372 -10.82 -27.17 25.18
N SER C 373 -10.46 -25.89 25.26
CA SER C 373 -9.95 -25.33 26.50
C SER C 373 -10.59 -23.97 26.80
N ASN C 374 -10.65 -23.64 28.09
CA ASN C 374 -11.05 -22.32 28.55
C ASN C 374 -9.81 -21.60 29.06
N LYS C 375 -9.80 -20.27 28.97
CA LYS C 375 -8.64 -19.48 29.36
C LYS C 375 -8.34 -19.70 30.84
N ASN C 376 -9.39 -19.82 31.63
CA ASN C 376 -9.28 -19.97 33.08
C ASN C 376 -9.04 -21.42 33.56
N ARG C 377 -9.91 -22.35 33.18
CA ARG C 377 -9.85 -23.68 33.78
C ARG C 377 -8.94 -24.64 32.98
N GLY C 378 -8.59 -24.26 31.76
CA GLY C 378 -7.70 -25.08 30.94
C GLY C 378 -8.51 -26.06 30.11
N ILE C 379 -8.00 -27.26 29.94
CA ILE C 379 -8.71 -28.26 29.16
C ILE C 379 -10.02 -28.67 29.84
N ILE C 380 -11.11 -28.60 29.07
CA ILE C 380 -12.42 -28.92 29.62
C ILE C 380 -13.14 -30.05 28.89
N LYS C 381 -12.66 -30.41 27.71
CA LYS C 381 -13.26 -31.54 26.99
C LYS C 381 -12.28 -32.21 26.03
N THR C 382 -12.24 -33.52 26.08
CA THR C 382 -11.45 -34.32 25.15
C THR C 382 -12.35 -35.04 24.16
N PHE C 383 -12.19 -34.74 22.87
CA PHE C 383 -13.05 -35.30 21.85
C PHE C 383 -12.77 -36.77 21.55
N SER C 384 -13.86 -37.52 21.39
CA SER C 384 -13.84 -38.92 20.98
C SER C 384 -13.86 -39.32 19.50
N ASN C 385 -12.84 -38.96 18.72
CA ASN C 385 -12.77 -39.34 17.30
C ASN C 385 -14.05 -39.21 16.45
N GLY C 386 -14.32 -38.04 15.88
CA GLY C 386 -15.55 -37.86 15.10
C GLY C 386 -15.87 -36.40 14.88
N CYS C 387 -17.02 -36.11 14.24
CA CYS C 387 -17.35 -34.71 14.04
C CYS C 387 -18.22 -34.24 15.17
N ASP C 388 -17.75 -33.19 15.85
CA ASP C 388 -18.49 -32.63 16.95
C ASP C 388 -18.50 -31.11 16.84
N TYR C 389 -19.17 -30.46 17.78
CA TYR C 389 -19.32 -29.02 17.75
C TYR C 389 -19.34 -28.62 19.22
N VAL C 390 -18.92 -27.39 19.51
CA VAL C 390 -18.91 -26.86 20.87
C VAL C 390 -19.23 -25.38 20.84
N SER C 391 -20.05 -24.92 21.78
CA SER C 391 -20.36 -23.51 21.79
C SER C 391 -19.16 -22.65 22.19
N ASN C 392 -19.27 -21.39 21.80
CA ASN C 392 -18.31 -20.30 21.94
C ASN C 392 -18.34 -19.74 23.36
N LYS C 393 -19.45 -20.00 24.03
CA LYS C 393 -19.70 -19.50 25.36
C LYS C 393 -18.82 -20.15 26.44
N GLY C 394 -18.82 -21.48 26.53
CA GLY C 394 -18.05 -22.15 27.57
C GLY C 394 -16.63 -22.51 27.17
N VAL C 395 -16.26 -22.16 25.95
CA VAL C 395 -14.95 -22.48 25.35
C VAL C 395 -14.30 -21.24 24.75
N ASP C 396 -12.98 -21.15 24.88
CA ASP C 396 -12.25 -20.00 24.41
C ASP C 396 -11.20 -20.43 23.39
N THR C 397 -10.74 -21.67 23.50
CA THR C 397 -9.63 -22.14 22.66
C THR C 397 -9.82 -23.60 22.24
N VAL C 398 -9.35 -23.91 21.04
CA VAL C 398 -9.34 -25.27 20.53
C VAL C 398 -7.99 -25.64 19.96
N SER C 399 -7.51 -26.81 20.35
CA SER C 399 -6.21 -27.29 19.91
C SER C 399 -6.37 -28.62 19.19
N VAL C 400 -5.99 -28.66 17.91
CA VAL C 400 -6.02 -29.90 17.14
C VAL C 400 -4.61 -30.27 16.74
N GLY C 401 -4.05 -31.22 17.49
CA GLY C 401 -2.69 -31.66 17.29
C GLY C 401 -1.77 -30.56 17.79
N ASN C 402 -0.90 -30.07 16.93
CA ASN C 402 0.07 -29.04 17.30
C ASN C 402 -0.41 -27.68 16.86
N THR C 403 -1.57 -27.65 16.22
CA THR C 403 -2.12 -26.40 15.74
C THR C 403 -3.24 -25.94 16.66
N LEU C 404 -3.14 -24.69 17.10
CA LEU C 404 -4.11 -24.13 18.04
C LEU C 404 -5.07 -23.06 17.45
N TYR C 405 -6.36 -23.34 17.48
CA TYR C 405 -7.36 -22.43 16.92
C TYR C 405 -7.98 -21.61 18.04
N TYR C 406 -8.14 -20.30 17.80
CA TYR C 406 -8.90 -19.41 18.67
C TYR C 406 -10.36 -19.32 18.26
N VAL C 407 -11.27 -19.23 19.23
CA VAL C 407 -12.69 -19.25 18.90
C VAL C 407 -13.35 -17.87 18.99
N ASN C 408 -14.32 -17.63 18.10
CA ASN C 408 -15.04 -16.36 18.07
C ASN C 408 -15.88 -16.09 19.29
N LYS C 409 -15.82 -14.86 19.79
CA LYS C 409 -16.58 -14.48 20.96
C LYS C 409 -17.82 -13.64 20.73
N GLN C 410 -18.64 -13.95 19.73
CA GLN C 410 -19.87 -13.18 19.61
C GLN C 410 -20.94 -13.76 20.50
N GLU C 411 -22.11 -13.17 20.43
CA GLU C 411 -23.23 -13.58 21.25
C GLU C 411 -24.23 -14.23 20.31
N GLY C 412 -24.84 -15.31 20.79
CA GLY C 412 -25.82 -16.01 19.98
C GLY C 412 -25.95 -17.46 20.42
N LYS C 413 -27.15 -17.99 20.30
CA LYS C 413 -27.45 -19.36 20.67
C LYS C 413 -27.12 -20.36 19.54
N SER C 414 -26.55 -21.49 19.94
CA SER C 414 -26.27 -22.58 19.01
C SER C 414 -27.08 -23.85 19.30
N LEU C 415 -27.41 -24.60 18.25
CA LEU C 415 -28.24 -25.79 18.42
C LEU C 415 -27.54 -27.04 17.88
N TYR C 416 -27.40 -28.06 18.73
CA TYR C 416 -26.76 -29.31 18.32
C TYR C 416 -27.84 -30.24 17.78
N VAL C 417 -27.83 -30.52 16.48
CA VAL C 417 -28.81 -31.45 15.93
C VAL C 417 -28.25 -32.86 15.88
N LYS C 418 -28.66 -33.70 16.82
CA LYS C 418 -28.22 -35.10 16.83
C LYS C 418 -28.73 -35.92 15.65
N GLY C 419 -27.87 -36.83 15.20
CA GLY C 419 -28.18 -37.69 14.07
C GLY C 419 -27.00 -38.57 13.75
N GLU C 420 -27.27 -39.78 13.30
CA GLU C 420 -26.21 -40.72 12.95
C GLU C 420 -25.41 -40.18 11.77
N PRO C 421 -24.08 -40.07 11.93
CA PRO C 421 -23.25 -39.63 10.81
C PRO C 421 -23.49 -40.52 9.59
N ILE C 422 -23.79 -39.87 8.47
CA ILE C 422 -24.25 -40.51 7.24
C ILE C 422 -23.26 -41.53 6.63
N ILE C 423 -21.99 -41.32 6.88
CA ILE C 423 -20.93 -42.13 6.29
C ILE C 423 -21.02 -43.61 6.73
N ASN C 424 -21.72 -43.86 7.82
CA ASN C 424 -21.79 -45.19 8.40
C ASN C 424 -22.75 -46.13 7.65
N PHE C 425 -23.54 -45.60 6.73
CA PHE C 425 -24.47 -46.46 6.01
C PHE C 425 -23.82 -47.22 4.85
N TYR C 426 -22.59 -46.87 4.49
CA TYR C 426 -21.96 -47.49 3.32
C TYR C 426 -20.95 -48.61 3.67
N ASP C 427 -21.04 -49.72 2.94
CA ASP C 427 -20.04 -50.79 2.99
C ASP C 427 -18.77 -50.40 2.23
N PRO C 428 -17.61 -50.42 2.91
CA PRO C 428 -16.36 -50.09 2.20
C PRO C 428 -16.19 -50.95 0.94
N LEU C 429 -15.22 -50.60 0.09
CA LEU C 429 -14.79 -51.42 -1.06
C LEU C 429 -15.74 -51.19 -2.25
N VAL C 430 -16.97 -50.78 -1.96
CA VAL C 430 -17.98 -50.60 -3.01
C VAL C 430 -18.16 -49.09 -3.11
N PHE C 431 -17.62 -48.41 -2.12
CA PHE C 431 -17.63 -46.95 -2.04
C PHE C 431 -16.63 -46.27 -2.98
N PRO C 432 -17.10 -45.34 -3.82
CA PRO C 432 -16.29 -44.48 -4.69
C PRO C 432 -15.55 -43.41 -3.87
N SER C 433 -14.23 -43.45 -3.73
CA SER C 433 -13.65 -42.48 -2.80
C SER C 433 -12.83 -41.34 -3.43
N ASP C 434 -12.80 -41.25 -4.75
CA ASP C 434 -11.97 -40.22 -5.37
C ASP C 434 -12.92 -39.31 -6.14
N GLU C 435 -13.70 -38.52 -5.41
CA GLU C 435 -14.71 -37.67 -6.04
C GLU C 435 -14.55 -36.25 -5.53
N PHE C 436 -14.32 -35.33 -6.46
CA PHE C 436 -14.03 -33.95 -6.12
C PHE C 436 -15.21 -32.96 -6.12
N ASP C 437 -16.04 -32.99 -7.16
CA ASP C 437 -17.25 -32.17 -7.16
C ASP C 437 -18.52 -32.97 -7.46
N ALA C 438 -18.54 -34.22 -7.01
CA ALA C 438 -19.66 -35.12 -7.28
C ALA C 438 -20.90 -34.75 -6.47
N SER C 439 -21.80 -35.72 -6.29
CA SER C 439 -23.05 -35.47 -5.58
C SER C 439 -23.67 -36.77 -5.07
N ILE C 440 -24.75 -36.67 -4.31
CA ILE C 440 -25.40 -37.85 -3.74
C ILE C 440 -25.82 -38.85 -4.80
N SER C 441 -26.58 -38.37 -5.78
CA SER C 441 -27.07 -39.24 -6.83
C SER C 441 -25.91 -39.75 -7.67
N GLN C 442 -24.92 -38.87 -7.89
CA GLN C 442 -23.77 -39.26 -8.69
C GLN C 442 -22.94 -40.34 -8.01
N VAL C 443 -22.99 -40.36 -6.68
CA VAL C 443 -22.35 -41.41 -5.89
C VAL C 443 -23.12 -42.72 -5.94
N ASN C 444 -24.42 -42.61 -5.71
CA ASN C 444 -25.33 -43.76 -5.73
C ASN C 444 -25.29 -44.56 -7.02
N GLU C 445 -25.25 -43.88 -8.16
CA GLU C 445 -25.14 -44.59 -9.44
C GLU C 445 -23.84 -45.40 -9.57
N LYS C 446 -22.70 -44.84 -9.14
CA LYS C 446 -21.45 -45.59 -9.24
C LYS C 446 -21.45 -46.78 -8.30
N ILE C 447 -22.18 -46.64 -7.19
CA ILE C 447 -22.30 -47.74 -6.24
C ILE C 447 -23.24 -48.75 -6.89
N ASN C 448 -24.30 -48.23 -7.52
CA ASN C 448 -25.31 -49.03 -8.20
C ASN C 448 -24.59 -49.79 -9.30
N GLN C 449 -23.77 -49.07 -10.07
CA GLN C 449 -23.03 -49.63 -11.18
C GLN C 449 -22.15 -50.75 -10.64
N SER C 450 -21.53 -50.45 -9.50
CA SER C 450 -20.65 -51.41 -8.83
C SER C 450 -21.49 -52.44 -8.11
N LEU C 451 -22.71 -52.06 -7.75
CA LEU C 451 -23.63 -53.02 -7.15
C LEU C 451 -24.14 -53.92 -8.25
N ALA C 452 -24.39 -53.35 -9.43
CA ALA C 452 -24.81 -54.21 -10.54
C ALA C 452 -23.70 -55.17 -10.91
N PHE C 453 -22.53 -54.60 -11.20
CA PHE C 453 -21.37 -55.38 -11.63
C PHE C 453 -20.96 -56.49 -10.65
N ILE C 454 -21.03 -56.23 -9.35
CA ILE C 454 -20.75 -57.26 -8.35
C ILE C 454 -21.84 -58.31 -8.25
N ARG C 455 -23.07 -57.82 -8.33
CA ARG C 455 -24.25 -58.65 -8.26
C ARG C 455 -24.52 -59.40 -9.56
N LYS C 456 -24.34 -58.77 -10.72
CA LYS C 456 -24.62 -59.51 -11.96
C LYS C 456 -23.54 -60.57 -12.26
N SER C 457 -22.29 -60.26 -11.91
CA SER C 457 -21.10 -61.10 -12.23
C SER C 457 -20.97 -62.42 -11.46
N ASP C 458 -21.85 -62.66 -10.50
CA ASP C 458 -21.89 -63.95 -9.80
C ASP C 458 -23.13 -64.73 -10.18
N GLU C 459 -24.14 -64.02 -10.67
CA GLU C 459 -25.39 -64.63 -11.08
C GLU C 459 -25.10 -65.50 -12.30
N LEU C 460 -24.31 -64.93 -13.21
CA LEU C 460 -23.92 -65.61 -14.44
C LEU C 460 -23.01 -66.80 -14.13
N LEU C 461 -22.14 -66.61 -13.14
CA LEU C 461 -21.20 -67.67 -12.73
C LEU C 461 -21.86 -68.65 -11.77
N GLN D 1 -23.97 20.19 23.33
CA GLN D 1 -25.17 19.47 22.91
C GLN D 1 -25.85 20.21 21.78
N VAL D 2 -26.43 19.48 20.83
CA VAL D 2 -27.23 20.16 19.83
C VAL D 2 -28.49 20.71 20.50
N THR D 3 -28.82 21.92 20.12
CA THR D 3 -30.03 22.62 20.52
C THR D 3 -30.67 23.32 19.35
N LEU D 4 -31.96 23.15 19.14
CA LEU D 4 -32.53 23.88 18.04
C LEU D 4 -33.67 24.69 18.62
N ARG D 5 -34.02 25.77 17.94
CA ARG D 5 -35.12 26.61 18.37
C ARG D 5 -35.88 27.22 17.23
N GLU D 6 -37.19 27.13 17.32
CA GLU D 6 -38.08 27.70 16.32
C GLU D 6 -38.45 29.13 16.65
N SER D 7 -38.79 29.88 15.60
CA SER D 7 -39.29 31.24 15.73
C SER D 7 -40.26 31.44 14.56
N GLY D 8 -41.24 32.32 14.73
CA GLY D 8 -42.16 32.62 13.65
C GLY D 8 -43.39 33.23 14.26
N PRO D 9 -44.08 34.11 13.51
CA PRO D 9 -45.28 34.73 14.08
C PRO D 9 -46.25 33.67 14.58
N ALA D 10 -46.86 33.93 15.74
CA ALA D 10 -47.82 33.00 16.34
C ALA D 10 -49.14 33.07 15.61
N LEU D 11 -49.43 34.23 15.04
CA LEU D 11 -50.66 34.39 14.30
C LEU D 11 -50.35 34.78 12.87
N VAL D 12 -51.16 34.27 11.96
CA VAL D 12 -51.08 34.64 10.56
C VAL D 12 -52.42 34.54 9.84
N LYS D 13 -52.73 35.60 9.09
CA LYS D 13 -53.98 35.65 8.35
C LYS D 13 -53.94 34.74 7.14
N PRO D 14 -55.06 34.04 6.86
CA PRO D 14 -55.32 33.11 5.75
C PRO D 14 -54.94 33.70 4.38
N THR D 15 -54.24 32.88 3.59
CA THR D 15 -53.69 33.16 2.26
C THR D 15 -52.32 33.82 2.32
N GLN D 16 -52.02 34.48 3.44
CA GLN D 16 -50.70 35.07 3.63
C GLN D 16 -49.62 33.99 3.58
N THR D 17 -48.37 34.44 3.49
CA THR D 17 -47.24 33.52 3.47
C THR D 17 -46.66 33.39 4.89
N LEU D 18 -46.41 32.16 5.31
CA LEU D 18 -45.83 31.84 6.63
C LEU D 18 -44.32 31.64 6.66
N THR D 19 -43.56 32.55 7.24
CA THR D 19 -42.13 32.27 7.20
C THR D 19 -41.69 31.75 8.59
N LEU D 20 -40.76 30.80 8.64
CA LEU D 20 -40.24 30.21 9.88
C LEU D 20 -38.72 30.18 9.95
N THR D 21 -38.16 30.61 11.08
CA THR D 21 -36.71 30.62 11.27
C THR D 21 -36.25 29.64 12.36
N CYS D 22 -35.55 28.60 11.93
CA CYS D 22 -35.03 27.62 12.86
C CYS D 22 -33.56 27.94 13.03
N THR D 23 -33.13 28.08 14.29
CA THR D 23 -31.76 28.48 14.52
C THR D 23 -31.25 27.34 15.38
N PHE D 24 -29.95 27.11 15.34
CA PHE D 24 -29.34 26.04 16.13
C PHE D 24 -27.88 26.20 16.43
N SER D 25 -27.43 25.32 17.32
CA SER D 25 -26.05 25.29 17.74
C SER D 25 -25.66 23.86 18.10
N GLY D 26 -24.37 23.63 18.29
CA GLY D 26 -23.88 22.34 18.70
C GLY D 26 -23.38 21.63 17.46
N PHE D 27 -23.89 22.04 16.29
CA PHE D 27 -23.41 21.48 15.03
C PHE D 27 -23.57 22.39 13.83
N SER D 28 -22.57 22.37 12.94
CA SER D 28 -22.58 23.18 11.72
C SER D 28 -23.43 22.53 10.59
N LEU D 29 -24.23 23.31 9.85
CA LEU D 29 -24.99 22.64 8.80
C LEU D 29 -24.07 22.42 7.59
N SER D 30 -22.91 23.07 7.59
CA SER D 30 -21.95 22.87 6.50
C SER D 30 -21.19 21.54 6.53
N THR D 31 -21.06 20.96 7.72
CA THR D 31 -20.32 19.70 7.88
C THR D 31 -20.97 18.58 7.07
N ALA D 32 -20.14 17.78 6.41
CA ALA D 32 -20.65 16.71 5.54
C ALA D 32 -21.53 15.74 6.31
N GLY D 33 -22.67 15.38 5.71
CA GLY D 33 -23.57 14.45 6.35
C GLY D 33 -24.76 15.08 7.06
N MET D 34 -24.70 16.40 7.24
CA MET D 34 -25.68 17.14 8.03
C MET D 34 -26.92 17.63 7.29
N SER D 35 -28.06 17.59 8.01
CA SER D 35 -29.37 17.97 7.48
C SER D 35 -30.30 18.59 8.53
N VAL D 36 -31.26 19.40 8.09
CA VAL D 36 -32.30 19.95 8.96
C VAL D 36 -33.67 19.71 8.34
N GLY D 37 -34.64 19.25 9.14
CA GLY D 37 -35.96 18.98 8.60
C GLY D 37 -37.11 19.69 9.32
N TRP D 38 -38.22 19.90 8.61
CA TRP D 38 -39.39 20.51 9.23
C TRP D 38 -40.53 19.51 9.30
N ILE D 39 -41.26 19.55 10.41
CA ILE D 39 -42.31 18.60 10.73
C ILE D 39 -43.45 19.27 11.47
N ARG D 40 -44.71 18.93 11.18
CA ARG D 40 -45.77 19.65 11.89
C ARG D 40 -46.73 18.68 12.56
N GLN D 41 -47.41 19.21 13.56
CA GLN D 41 -48.41 18.44 14.28
C GLN D 41 -49.65 19.28 14.47
N PRO D 42 -50.70 18.96 13.72
CA PRO D 42 -51.97 19.65 13.91
C PRO D 42 -52.55 19.29 15.27
N PRO D 43 -53.40 20.14 15.85
CA PRO D 43 -54.00 19.84 17.16
C PRO D 43 -54.67 18.46 17.14
N GLY D 44 -54.36 17.62 18.13
CA GLY D 44 -54.94 16.30 18.24
C GLY D 44 -54.83 15.47 16.99
N LYS D 45 -53.70 15.62 16.29
CA LYS D 45 -53.45 14.86 15.08
C LYS D 45 -52.00 14.35 15.03
N ALA D 46 -51.72 13.39 14.17
CA ALA D 46 -50.38 12.83 14.09
C ALA D 46 -49.38 13.80 13.49
N LEU D 47 -48.11 13.50 13.66
CA LEU D 47 -47.03 14.32 13.15
C LEU D 47 -46.95 14.20 11.63
N GLU D 48 -46.68 15.31 10.95
CA GLU D 48 -46.57 15.31 9.51
C GLU D 48 -45.25 15.92 9.06
N TRP D 49 -44.48 15.18 8.27
CA TRP D 49 -43.22 15.69 7.75
C TRP D 49 -43.47 16.75 6.71
N LEU D 50 -42.61 17.76 6.66
CA LEU D 50 -42.87 18.88 5.78
C LEU D 50 -41.80 19.08 4.72
N ALA D 51 -40.54 19.05 5.14
CA ALA D 51 -39.45 19.42 4.24
C ALA D 51 -38.11 19.15 4.90
N ASP D 52 -37.06 19.09 4.09
CA ASP D 52 -35.71 19.09 4.63
C ASP D 52 -34.68 19.62 3.61
N ILE D 53 -33.44 19.74 4.04
CA ILE D 53 -32.37 20.31 3.21
C ILE D 53 -31.03 19.78 3.70
N TRP D 54 -30.04 19.65 2.83
CA TRP D 54 -28.78 19.06 3.25
C TRP D 54 -27.62 20.02 2.99
N TRP D 55 -26.43 19.63 3.43
CA TRP D 55 -25.26 20.49 3.31
C TRP D 55 -24.91 20.72 1.85
N ASP D 56 -25.33 19.79 0.99
CA ASP D 56 -25.08 19.89 -0.45
C ASP D 56 -26.28 20.54 -1.16
N ASP D 57 -27.12 21.20 -0.37
CA ASP D 57 -28.20 22.05 -0.86
C ASP D 57 -29.35 21.27 -1.51
N LYS D 58 -29.34 19.95 -1.33
CA LYS D 58 -30.45 19.14 -1.80
C LYS D 58 -31.72 19.46 -1.06
N LYS D 59 -32.83 19.59 -1.80
CA LYS D 59 -34.08 19.93 -1.15
C LYS D 59 -35.14 18.89 -1.47
N HIS D 60 -36.01 18.62 -0.49
CA HIS D 60 -37.14 17.73 -0.72
C HIS D 60 -38.44 18.29 -0.12
N TYR D 61 -39.59 18.00 -0.73
CA TYR D 61 -40.85 18.50 -0.21
C TYR D 61 -41.95 17.43 -0.23
N ASN D 62 -42.87 17.52 0.72
CA ASN D 62 -44.01 16.61 0.79
C ASN D 62 -45.14 17.03 -0.16
N PRO D 63 -45.44 16.19 -1.15
CA PRO D 63 -46.43 16.38 -2.21
C PRO D 63 -47.81 16.82 -1.71
N SER D 64 -48.20 16.43 -0.50
CA SER D 64 -49.50 16.83 0.06
C SER D 64 -49.71 18.34 0.14
N LEU D 65 -48.71 19.07 0.58
CA LEU D 65 -48.81 20.51 0.63
C LEU D 65 -47.91 21.14 -0.43
N LYS D 66 -47.94 20.55 -1.63
CA LYS D 66 -47.13 21.00 -2.75
C LYS D 66 -48.06 21.60 -3.79
N ASP D 67 -47.65 22.67 -4.48
CA ASP D 67 -46.33 23.29 -4.36
C ASP D 67 -46.29 24.58 -3.54
N ARG D 68 -46.51 24.45 -2.23
CA ARG D 68 -46.63 25.60 -1.37
C ARG D 68 -45.39 25.77 -0.47
N LEU D 69 -44.40 24.89 -0.63
CA LEU D 69 -43.24 24.89 0.27
C LEU D 69 -41.94 25.38 -0.38
N THR D 70 -41.18 26.17 0.37
CA THR D 70 -39.86 26.65 -0.05
C THR D 70 -38.88 26.65 1.12
N ILE D 71 -37.82 25.84 1.00
CA ILE D 71 -36.82 25.73 2.05
C ILE D 71 -35.43 26.21 1.60
N SER D 72 -34.75 26.95 2.47
CA SER D 72 -33.41 27.44 2.17
C SER D 72 -32.57 27.48 3.43
N LYS D 73 -31.25 27.63 3.27
CA LYS D 73 -30.36 27.62 4.42
C LYS D 73 -29.33 28.73 4.41
N ASP D 74 -28.76 28.98 5.59
CA ASP D 74 -27.66 29.92 5.72
C ASP D 74 -26.71 29.45 6.83
N THR D 75 -25.71 28.66 6.48
CA THR D 75 -24.80 28.08 7.46
C THR D 75 -24.09 29.19 8.26
N SER D 76 -24.00 30.38 7.66
CA SER D 76 -23.37 31.52 8.33
C SER D 76 -24.08 31.85 9.64
N LYS D 77 -25.41 31.87 9.62
CA LYS D 77 -26.14 32.26 10.82
C LYS D 77 -26.66 31.04 11.57
N ASN D 78 -26.24 29.85 11.13
CA ASN D 78 -26.72 28.61 11.73
C ASN D 78 -28.22 28.53 11.78
N GLN D 79 -28.86 28.87 10.68
CA GLN D 79 -30.31 28.82 10.64
C GLN D 79 -30.86 28.32 9.33
N VAL D 80 -32.05 27.76 9.38
CA VAL D 80 -32.72 27.26 8.20
C VAL D 80 -34.08 27.94 8.12
N VAL D 81 -34.52 28.31 6.92
CA VAL D 81 -35.81 28.97 6.78
C VAL D 81 -36.74 28.23 5.82
N LEU D 82 -37.99 28.06 6.24
CA LEU D 82 -39.03 27.44 5.41
C LEU D 82 -40.20 28.39 5.12
N LYS D 83 -40.62 28.53 3.86
CA LYS D 83 -41.78 29.37 3.54
C LYS D 83 -42.99 28.61 3.02
N VAL D 84 -44.17 28.93 3.55
CA VAL D 84 -45.44 28.35 3.09
C VAL D 84 -46.47 29.38 2.60
N THR D 85 -46.82 29.27 1.32
CA THR D 85 -47.75 30.20 0.70
C THR D 85 -49.21 29.75 0.85
N ASN D 86 -50.14 30.70 0.70
CA ASN D 86 -51.57 30.44 0.72
C ASN D 86 -52.02 29.61 1.92
N MET D 87 -51.90 30.18 3.12
CA MET D 87 -52.26 29.46 4.34
C MET D 87 -53.77 29.23 4.47
N ASP D 88 -54.11 28.14 5.15
CA ASP D 88 -55.49 27.77 5.43
C ASP D 88 -55.57 27.47 6.91
N PRO D 89 -56.73 27.73 7.54
CA PRO D 89 -56.73 27.38 8.97
C PRO D 89 -56.49 25.88 9.25
N ALA D 90 -56.54 25.05 8.21
CA ALA D 90 -56.22 23.63 8.31
C ALA D 90 -54.79 23.44 8.82
N ASP D 91 -53.97 24.45 8.53
CA ASP D 91 -52.56 24.44 8.82
C ASP D 91 -52.20 24.93 10.21
N THR D 92 -53.19 25.42 10.95
CA THR D 92 -52.98 25.85 12.33
C THR D 92 -52.42 24.68 13.11
N ALA D 93 -51.20 24.85 13.63
CA ALA D 93 -50.48 23.76 14.25
C ALA D 93 -49.17 24.21 14.83
N THR D 94 -48.50 23.26 15.45
CA THR D 94 -47.26 23.48 16.16
C THR D 94 -46.22 22.86 15.26
N TYR D 95 -45.13 23.56 14.99
CA TYR D 95 -44.19 22.98 14.06
C TYR D 95 -42.93 22.74 14.84
N TYR D 96 -42.23 21.67 14.50
CA TYR D 96 -40.87 21.47 14.96
C TYR D 96 -39.82 21.47 13.88
N CYS D 97 -38.59 21.74 14.29
CA CYS D 97 -37.48 21.80 13.38
C CYS D 97 -36.58 20.72 14.00
N ALA D 98 -35.83 19.98 13.19
CA ALA D 98 -34.97 18.95 13.76
C ALA D 98 -33.82 18.56 12.86
N ARG D 99 -32.75 18.06 13.46
CA ARG D 99 -31.59 17.68 12.68
C ARG D 99 -31.76 16.29 12.07
N ASP D 100 -31.07 16.09 10.96
CA ASP D 100 -31.01 14.81 10.27
C ASP D 100 -29.57 14.54 9.83
N MET D 101 -29.24 13.26 9.69
CA MET D 101 -27.91 12.86 9.24
C MET D 101 -28.07 11.82 8.13
N ILE D 102 -27.10 11.73 7.23
CA ILE D 102 -27.21 10.75 6.18
C ILE D 102 -26.85 9.38 6.74
N PHE D 103 -26.10 9.40 7.83
CA PHE D 103 -25.71 8.18 8.53
C PHE D 103 -26.91 7.49 9.14
N ASN D 104 -27.95 8.26 9.39
CA ASN D 104 -29.13 7.78 10.10
C ASN D 104 -30.36 8.64 9.79
N PHE D 105 -31.24 8.13 8.93
CA PHE D 105 -32.37 8.91 8.47
C PHE D 105 -33.50 9.02 9.47
N TYR D 106 -33.21 9.65 10.61
CA TYR D 106 -34.21 9.98 11.61
C TYR D 106 -33.86 11.28 12.36
N PHE D 107 -34.85 11.84 13.07
CA PHE D 107 -34.66 13.10 13.77
C PHE D 107 -34.29 12.91 15.24
N ASP D 108 -33.01 13.03 15.53
CA ASP D 108 -32.49 12.77 16.85
C ASP D 108 -32.69 13.91 17.84
N VAL D 109 -32.62 15.14 17.35
CA VAL D 109 -32.71 16.33 18.22
C VAL D 109 -33.83 17.28 17.80
N TRP D 110 -34.59 17.71 18.80
CA TRP D 110 -35.80 18.48 18.59
C TRP D 110 -35.96 19.81 19.31
N GLY D 111 -36.41 20.80 18.56
CA GLY D 111 -36.60 22.17 18.99
C GLY D 111 -37.72 22.03 19.99
N GLN D 112 -37.88 22.97 20.93
CA GLN D 112 -39.06 22.88 21.77
C GLN D 112 -40.29 23.36 21.02
N GLY D 113 -40.07 23.98 19.88
CA GLY D 113 -41.15 24.48 19.06
C GLY D 113 -41.77 25.86 19.19
N THR D 114 -42.47 26.21 18.12
CA THR D 114 -43.27 27.42 18.01
C THR D 114 -44.56 26.94 17.37
N THR D 115 -45.66 27.58 17.72
CA THR D 115 -46.95 27.17 17.19
C THR D 115 -47.49 28.25 16.30
N VAL D 116 -48.32 27.91 15.30
CA VAL D 116 -48.90 29.00 14.57
C VAL D 116 -50.40 28.86 14.36
N THR D 117 -51.04 30.00 14.51
CA THR D 117 -52.48 30.17 14.50
C THR D 117 -52.99 30.75 13.17
N VAL D 118 -54.02 30.21 12.56
CA VAL D 118 -54.44 30.82 11.29
C VAL D 118 -55.91 31.19 11.44
N SER D 119 -56.19 32.47 11.24
CA SER D 119 -57.55 33.01 11.34
C SER D 119 -57.62 34.46 10.88
N SER D 120 -58.81 34.91 10.48
CA SER D 120 -59.02 36.32 10.17
C SER D 120 -59.31 37.05 11.48
N ALA D 121 -59.76 36.28 12.46
CA ALA D 121 -60.10 36.78 13.79
C ALA D 121 -58.81 37.21 14.47
N SER D 122 -58.87 38.23 15.31
CA SER D 122 -57.71 38.62 16.10
C SER D 122 -58.07 39.05 17.51
N THR D 123 -58.02 40.35 17.82
CA THR D 123 -58.38 40.77 19.17
C THR D 123 -59.86 40.68 19.45
N LYS D 124 -60.18 40.44 20.72
CA LYS D 124 -61.57 40.34 21.15
C LYS D 124 -61.62 40.25 22.72
N GLY D 125 -62.80 40.54 23.24
CA GLY D 125 -63.30 40.38 24.58
C GLY D 125 -64.25 39.24 24.76
N PRO D 126 -64.13 38.53 25.87
CA PRO D 126 -65.04 37.40 25.95
C PRO D 126 -66.17 37.65 26.93
N SER D 127 -67.23 36.88 26.69
CA SER D 127 -68.41 36.98 27.49
C SER D 127 -68.67 35.84 28.44
N VAL D 128 -68.55 36.14 29.72
CA VAL D 128 -68.78 35.16 30.75
C VAL D 128 -70.31 35.14 31.04
N PHE D 129 -70.91 33.99 30.73
CA PHE D 129 -72.26 33.53 31.09
C PHE D 129 -72.34 32.49 32.20
N PRO D 130 -72.65 32.87 33.46
CA PRO D 130 -72.45 31.73 34.35
C PRO D 130 -73.54 30.68 34.41
N LEU D 131 -73.09 29.42 34.47
CA LEU D 131 -73.91 28.23 34.57
C LEU D 131 -74.41 28.12 36.00
N ALA D 132 -75.67 28.48 36.22
CA ALA D 132 -76.32 28.37 37.53
C ALA D 132 -76.76 26.96 37.91
N PRO D 133 -76.65 26.62 39.22
CA PRO D 133 -77.09 25.34 39.81
C PRO D 133 -78.61 25.29 40.04
N SER D 134 -79.19 24.10 40.09
CA SER D 134 -80.61 23.94 40.42
C SER D 134 -80.98 22.50 40.71
N THR D 142 -74.48 15.91 45.58
CA THR D 142 -73.40 16.72 45.01
C THR D 142 -73.94 17.61 43.90
N ALA D 143 -73.49 18.85 43.90
CA ALA D 143 -73.97 19.91 43.01
C ALA D 143 -72.88 20.53 42.15
N ALA D 144 -73.17 20.77 40.89
CA ALA D 144 -72.16 21.32 39.99
C ALA D 144 -72.60 22.67 39.40
N LEU D 145 -71.63 23.56 39.28
CA LEU D 145 -71.86 24.91 38.77
C LEU D 145 -70.63 25.25 37.96
N GLY D 146 -70.83 26.08 36.97
CA GLY D 146 -69.71 26.51 36.15
C GLY D 146 -69.90 27.79 35.39
N CYS D 147 -68.83 28.33 34.84
CA CYS D 147 -68.93 29.58 34.12
C CYS D 147 -68.69 29.30 32.67
N LEU D 148 -69.21 30.10 31.76
CA LEU D 148 -68.93 29.77 30.38
C LEU D 148 -68.30 30.99 29.79
N VAL D 149 -67.20 30.82 29.08
CA VAL D 149 -66.61 31.96 28.39
C VAL D 149 -66.94 31.87 26.91
N LYS D 150 -67.83 32.71 26.41
CA LYS D 150 -68.13 32.64 24.98
C LYS D 150 -67.40 33.70 24.13
N ASP D 151 -67.08 33.31 22.89
CA ASP D 151 -66.69 34.25 21.84
C ASP D 151 -65.47 35.12 22.13
N TYR D 152 -64.29 34.50 22.18
CA TYR D 152 -63.04 35.22 22.38
C TYR D 152 -61.92 34.74 21.46
N PHE D 153 -60.91 35.58 21.28
CA PHE D 153 -59.75 35.21 20.49
C PHE D 153 -58.58 36.13 20.90
N PRO D 154 -57.35 35.58 21.02
CA PRO D 154 -56.90 34.21 20.82
C PRO D 154 -56.74 33.43 22.11
N GLU D 155 -55.92 32.39 22.03
CA GLU D 155 -55.60 31.58 23.18
C GLU D 155 -54.25 32.15 23.58
N PRO D 156 -53.93 32.10 24.90
CA PRO D 156 -54.73 31.50 25.95
C PRO D 156 -55.55 32.44 26.82
N VAL D 157 -56.45 31.81 27.55
CA VAL D 157 -57.38 32.41 28.50
C VAL D 157 -57.41 31.48 29.73
N THR D 158 -57.53 32.00 30.95
CA THR D 158 -57.62 31.05 32.06
C THR D 158 -58.65 31.41 33.13
N VAL D 159 -58.92 30.42 33.98
CA VAL D 159 -59.93 30.50 35.03
C VAL D 159 -59.52 30.08 36.44
N SER D 160 -59.93 30.87 37.42
CA SER D 160 -59.56 30.60 38.80
C SER D 160 -60.88 30.75 39.56
N TRP D 161 -60.99 30.11 40.72
CA TRP D 161 -62.21 30.26 41.49
C TRP D 161 -61.95 30.89 42.83
N ASN D 162 -62.77 31.89 43.15
CA ASN D 162 -62.66 32.60 44.42
C ASN D 162 -61.30 33.30 44.55
N SER D 163 -60.55 33.26 43.44
CA SER D 163 -59.25 33.90 43.24
C SER D 163 -58.17 32.86 43.55
N GLY D 164 -58.56 31.58 43.48
CA GLY D 164 -57.64 30.49 43.68
C GLY D 164 -57.80 29.77 45.01
N ALA D 165 -58.81 30.17 45.76
CA ALA D 165 -59.09 29.50 47.02
C ALA D 165 -59.74 28.15 46.75
N LEU D 166 -60.62 28.12 45.76
CA LEU D 166 -61.32 26.92 45.39
C LEU D 166 -60.63 26.24 44.21
N THR D 167 -60.03 25.08 44.45
CA THR D 167 -59.20 24.41 43.44
C THR D 167 -59.59 22.95 43.15
N SER D 168 -60.12 22.28 44.16
CA SER D 168 -60.50 20.87 44.06
C SER D 168 -61.90 20.76 43.50
N GLY D 169 -62.21 19.68 42.79
CA GLY D 169 -63.54 19.65 42.20
C GLY D 169 -63.59 20.39 40.88
N VAL D 170 -62.67 21.31 40.67
CA VAL D 170 -62.68 22.11 39.45
C VAL D 170 -62.04 21.44 38.23
N HIS D 171 -62.65 21.69 37.07
CA HIS D 171 -62.22 21.13 35.82
C HIS D 171 -62.33 22.15 34.68
N THR D 172 -61.23 22.83 34.36
CA THR D 172 -61.26 23.84 33.31
C THR D 172 -61.12 23.06 32.01
N PHE D 173 -62.08 23.22 31.13
CA PHE D 173 -62.08 22.57 29.82
C PHE D 173 -61.35 23.22 28.64
N PRO D 174 -60.39 22.47 28.05
CA PRO D 174 -59.58 22.72 26.85
C PRO D 174 -60.53 23.43 25.91
N ALA D 175 -60.23 24.65 25.46
CA ALA D 175 -61.24 25.41 24.76
C ALA D 175 -61.46 24.88 23.38
N VAL D 176 -62.74 24.89 23.04
CA VAL D 176 -63.16 24.55 21.71
C VAL D 176 -63.58 25.67 20.75
N LEU D 177 -62.97 25.57 19.57
CA LEU D 177 -63.16 26.48 18.46
C LEU D 177 -64.62 26.39 17.94
N GLN D 178 -65.16 27.53 17.50
CA GLN D 178 -66.50 27.56 16.93
C GLN D 178 -66.34 27.84 15.45
N SER D 179 -67.45 27.94 14.71
CA SER D 179 -67.33 28.17 13.28
C SER D 179 -67.34 29.66 12.95
N SER D 180 -67.59 30.48 13.96
CA SER D 180 -67.45 31.93 13.82
C SER D 180 -65.98 32.29 13.85
N GLY D 181 -65.13 31.28 14.06
CA GLY D 181 -63.70 31.45 14.11
C GLY D 181 -63.27 31.77 15.52
N LEU D 182 -64.23 32.07 16.38
CA LEU D 182 -63.92 32.34 17.76
C LEU D 182 -63.87 31.09 18.63
N TYR D 183 -63.15 31.24 19.72
CA TYR D 183 -62.92 30.28 20.79
C TYR D 183 -63.89 30.41 21.93
N SER D 184 -64.17 29.29 22.58
CA SER D 184 -65.09 29.33 23.70
C SER D 184 -64.71 28.17 24.61
N LEU D 185 -65.16 28.25 25.86
CA LEU D 185 -64.85 27.26 26.88
C LEU D 185 -65.78 27.41 28.06
N SER D 186 -65.99 26.29 28.73
CA SER D 186 -66.74 26.17 29.96
C SER D 186 -65.98 25.48 31.07
N SER D 187 -65.95 26.03 32.29
CA SER D 187 -65.21 25.31 33.30
C SER D 187 -66.24 25.04 34.36
N VAL D 188 -66.00 24.02 35.20
CA VAL D 188 -66.93 23.71 36.27
C VAL D 188 -66.40 23.14 37.57
N VAL D 189 -66.89 23.66 38.68
CA VAL D 189 -66.60 23.11 40.00
C VAL D 189 -67.75 22.32 40.69
N THR D 190 -67.52 21.13 41.24
CA THR D 190 -68.68 20.48 41.86
C THR D 190 -68.45 20.92 43.30
N VAL D 191 -69.49 20.92 44.11
CA VAL D 191 -69.35 21.30 45.52
C VAL D 191 -70.47 20.70 46.37
N PRO D 192 -70.30 20.71 47.71
CA PRO D 192 -71.38 20.18 48.54
C PRO D 192 -72.68 20.92 48.18
N SER D 193 -73.82 20.27 48.29
CA SER D 193 -75.11 20.83 47.86
C SER D 193 -75.61 21.76 48.94
N SER D 194 -75.17 21.49 50.16
CA SER D 194 -75.59 22.23 51.32
C SER D 194 -74.89 23.59 51.41
N SER D 195 -73.71 23.72 50.79
CA SER D 195 -73.00 24.99 50.85
C SER D 195 -73.56 26.05 49.89
N LEU D 196 -74.58 25.72 49.09
CA LEU D 196 -75.20 26.73 48.24
C LEU D 196 -75.92 27.80 49.07
N GLY D 197 -76.00 29.01 48.52
CA GLY D 197 -76.68 30.11 49.18
C GLY D 197 -75.97 30.80 50.34
N THR D 198 -75.08 30.09 51.02
CA THR D 198 -74.27 30.68 52.10
C THR D 198 -72.86 30.88 51.56
N GLN D 199 -72.33 29.82 50.96
CA GLN D 199 -71.04 29.85 50.32
C GLN D 199 -71.28 30.47 48.94
N THR D 200 -70.65 31.60 48.65
CA THR D 200 -70.83 32.19 47.31
C THR D 200 -69.63 31.91 46.41
N TYR D 201 -69.89 31.27 45.29
CA TYR D 201 -68.88 31.03 44.26
C TYR D 201 -68.62 32.12 43.23
N ILE D 202 -67.35 32.42 43.01
CA ILE D 202 -66.95 33.44 42.05
C ILE D 202 -65.87 32.86 41.14
N CYS D 203 -66.03 33.10 39.84
CA CYS D 203 -65.11 32.61 38.82
C CYS D 203 -64.53 33.82 38.11
N ASN D 204 -63.21 33.93 38.07
CA ASN D 204 -62.67 35.10 37.42
C ASN D 204 -61.75 34.70 36.29
N VAL D 205 -62.17 35.12 35.11
CA VAL D 205 -61.43 34.91 33.88
C VAL D 205 -60.40 35.96 33.50
N ASN D 206 -59.18 35.54 33.17
CA ASN D 206 -58.14 36.51 32.85
C ASN D 206 -57.75 36.50 31.37
N HIS D 207 -58.32 37.39 30.55
CA HIS D 207 -57.95 37.41 29.13
C HIS D 207 -56.84 38.42 28.84
N LYS D 208 -55.59 38.06 29.10
CA LYS D 208 -54.48 38.99 28.84
C LYS D 208 -54.34 39.53 27.38
N PRO D 209 -54.49 38.66 26.35
CA PRO D 209 -54.43 39.11 24.93
C PRO D 209 -55.32 40.30 24.56
N SER D 210 -56.39 40.51 25.31
CA SER D 210 -57.27 41.65 25.07
C SER D 210 -57.44 42.44 26.35
N ASN D 211 -56.56 42.14 27.30
CA ASN D 211 -56.50 42.79 28.61
C ASN D 211 -57.87 42.87 29.32
N THR D 212 -58.58 41.74 29.42
CA THR D 212 -59.86 41.66 30.13
C THR D 212 -60.07 40.68 31.32
N LYS D 213 -60.18 41.20 32.55
CA LYS D 213 -60.32 40.33 33.74
C LYS D 213 -61.77 40.43 34.27
N VAL D 214 -62.66 39.57 33.79
CA VAL D 214 -64.04 39.56 34.27
C VAL D 214 -64.37 38.71 35.49
N ASP D 215 -64.84 39.34 36.55
CA ASP D 215 -65.27 38.53 37.69
C ASP D 215 -66.78 38.35 37.64
N LYS D 216 -67.25 37.12 37.75
CA LYS D 216 -68.69 36.94 37.72
C LYS D 216 -69.07 36.24 39.00
N LYS D 217 -70.25 36.55 39.52
CA LYS D 217 -70.75 35.94 40.72
C LYS D 217 -71.68 34.82 40.28
N VAL D 218 -71.46 33.61 40.76
CA VAL D 218 -72.33 32.52 40.37
C VAL D 218 -73.28 32.15 41.48
N GLU D 219 -74.56 32.20 41.18
CA GLU D 219 -75.58 31.92 42.17
C GLU D 219 -76.84 31.39 41.50
N PRO D 220 -77.57 30.51 42.20
CA PRO D 220 -78.85 29.94 41.75
C PRO D 220 -79.85 31.00 41.28
N ASP E 1 -45.81 7.61 -2.06
CA ASP E 1 -45.77 7.83 -0.62
C ASP E 1 -46.17 6.58 0.15
N ILE E 2 -45.52 6.34 1.28
CA ILE E 2 -45.87 5.18 2.07
C ILE E 2 -46.82 5.68 3.12
N GLN E 3 -47.64 4.82 3.69
CA GLN E 3 -48.61 5.26 4.69
C GLN E 3 -48.47 4.35 5.90
N MET E 4 -48.52 4.93 7.09
CA MET E 4 -48.37 4.09 8.25
C MET E 4 -49.69 3.93 8.98
N THR E 5 -49.86 2.74 9.56
CA THR E 5 -51.00 2.46 10.40
C THR E 5 -50.36 2.12 11.73
N GLN E 6 -51.12 2.17 12.83
CA GLN E 6 -50.54 1.79 14.11
C GLN E 6 -51.60 1.29 15.05
N SER E 7 -51.31 0.23 15.79
CA SER E 7 -52.30 -0.21 16.73
C SER E 7 -51.62 -0.57 18.04
N PRO E 8 -52.40 -0.64 19.14
CA PRO E 8 -53.76 -0.10 19.22
C PRO E 8 -53.65 1.43 19.24
N SER E 9 -54.57 2.14 18.59
CA SER E 9 -54.59 3.60 18.60
C SER E 9 -54.71 4.15 20.01
N THR E 10 -55.24 3.31 20.90
CA THR E 10 -55.42 3.70 22.28
C THR E 10 -55.22 2.43 23.06
N LEU E 11 -54.51 2.56 24.16
CA LEU E 11 -54.18 1.40 24.94
C LEU E 11 -53.97 1.95 26.33
N SER E 12 -54.19 1.13 27.33
CA SER E 12 -54.00 1.60 28.67
C SER E 12 -53.37 0.39 29.38
N ALA E 13 -52.53 0.56 30.40
CA ALA E 13 -52.03 -0.62 31.13
C ALA E 13 -51.61 -0.36 32.57
N SER E 14 -51.68 -1.38 33.41
CA SER E 14 -51.33 -1.23 34.82
C SER E 14 -49.82 -1.19 34.92
N VAL E 15 -49.30 -0.61 36.00
CA VAL E 15 -47.86 -0.61 36.19
C VAL E 15 -47.31 -2.02 36.25
N GLY E 16 -46.36 -2.31 35.37
CA GLY E 16 -45.74 -3.62 35.28
C GLY E 16 -46.29 -4.55 34.22
N ASP E 17 -47.49 -4.28 33.69
CA ASP E 17 -48.02 -5.15 32.62
C ASP E 17 -47.20 -4.92 31.37
N ARG E 18 -47.02 -5.97 30.58
CA ARG E 18 -46.24 -5.80 29.38
C ARG E 18 -47.07 -4.93 28.43
N VAL E 19 -46.38 -4.15 27.60
CA VAL E 19 -47.07 -3.38 26.57
C VAL E 19 -46.49 -3.63 25.18
N THR E 20 -47.36 -3.90 24.21
CA THR E 20 -46.91 -4.20 22.85
C THR E 20 -47.60 -3.27 21.86
N ILE E 21 -46.81 -2.65 20.99
CA ILE E 21 -47.33 -1.73 20.00
C ILE E 21 -46.90 -2.21 18.62
N THR E 22 -47.87 -2.42 17.73
CA THR E 22 -47.57 -2.90 16.39
C THR E 22 -47.78 -1.88 15.27
N CYS E 23 -46.83 -1.81 14.33
CA CYS E 23 -46.88 -0.83 13.26
C CYS E 23 -47.01 -1.62 11.97
N SER E 24 -47.88 -1.15 11.10
CA SER E 24 -48.09 -1.72 9.77
C SER E 24 -47.94 -0.69 8.65
N ALA E 25 -47.11 -0.98 7.66
CA ALA E 25 -46.89 -0.05 6.56
C ALA E 25 -47.24 -0.68 5.21
N SER E 26 -47.64 0.18 4.27
CA SER E 26 -48.11 -0.24 2.94
C SER E 26 -47.00 -0.81 2.03
N SER E 27 -45.75 -0.49 2.34
CA SER E 27 -44.60 -0.95 1.55
C SER E 27 -43.48 -1.44 2.46
N ARG E 28 -42.67 -2.37 1.98
CA ARG E 28 -41.60 -2.91 2.82
C ARG E 28 -40.56 -1.85 3.09
N VAL E 29 -40.04 -1.83 4.31
CA VAL E 29 -39.01 -0.86 4.63
C VAL E 29 -37.86 -1.43 5.47
N GLY E 30 -36.74 -0.72 5.41
CA GLY E 30 -35.49 -1.10 6.04
C GLY E 30 -35.51 -1.15 7.55
N TYR E 31 -35.90 -0.02 8.12
CA TYR E 31 -35.92 0.16 9.55
C TYR E 31 -37.18 0.87 9.99
N MET E 32 -37.65 0.56 11.20
CA MET E 32 -38.72 1.34 11.81
C MET E 32 -38.16 2.11 12.97
N HIS E 33 -38.59 3.35 13.12
CA HIS E 33 -38.04 4.20 14.17
C HIS E 33 -39.20 4.64 15.07
N TRP E 34 -38.92 4.90 16.34
CA TRP E 34 -39.98 5.21 17.30
C TRP E 34 -39.74 6.48 18.14
N TYR E 35 -40.80 7.26 18.33
CA TYR E 35 -40.75 8.52 19.07
C TYR E 35 -41.73 8.61 20.26
N GLN E 36 -41.25 9.13 21.40
CA GLN E 36 -42.16 9.37 22.51
C GLN E 36 -42.48 10.87 22.58
N GLN E 37 -43.76 11.19 22.81
CA GLN E 37 -44.19 12.58 22.95
C GLN E 37 -45.12 12.81 24.14
N LYS E 38 -44.75 13.74 25.02
CA LYS E 38 -45.63 14.12 26.11
C LYS E 38 -46.56 15.23 25.58
N PRO E 39 -47.69 15.50 26.25
CA PRO E 39 -48.60 16.53 25.73
C PRO E 39 -47.97 17.93 25.65
N GLY E 40 -48.02 18.54 24.47
CA GLY E 40 -47.51 19.88 24.21
C GLY E 40 -45.99 20.04 24.15
N LYS E 41 -45.28 19.07 24.70
CA LYS E 41 -43.81 19.03 24.65
C LYS E 41 -43.32 18.43 23.35
N ALA E 42 -42.17 18.89 22.87
CA ALA E 42 -41.63 18.36 21.64
C ALA E 42 -41.38 16.85 21.81
N PRO E 43 -41.67 16.05 20.75
CA PRO E 43 -41.45 14.59 20.69
C PRO E 43 -39.99 14.16 20.86
N LYS E 44 -39.78 13.03 21.55
CA LYS E 44 -38.43 12.48 21.74
C LYS E 44 -38.23 11.14 21.03
N LEU E 45 -37.03 10.95 20.51
CA LEU E 45 -36.66 9.70 19.85
C LEU E 45 -36.40 8.59 20.86
N LEU E 46 -37.14 7.48 20.75
CA LEU E 46 -37.01 6.35 21.66
C LEU E 46 -36.13 5.22 21.16
N ILE E 47 -36.54 4.64 20.04
CA ILE E 47 -35.85 3.52 19.43
C ILE E 47 -35.44 3.84 18.00
N TYR E 48 -34.22 3.48 17.63
CA TYR E 48 -33.78 3.65 16.25
C TYR E 48 -33.23 2.34 15.69
N ASP E 49 -33.09 2.31 14.36
CA ASP E 49 -32.65 1.12 13.65
C ASP E 49 -33.48 -0.12 14.03
N THR E 50 -34.78 0.10 14.28
CA THR E 50 -35.78 -0.95 14.52
C THR E 50 -35.74 -1.46 15.95
N SER E 51 -34.54 -1.61 16.49
CA SER E 51 -34.41 -2.21 17.81
C SER E 51 -33.33 -1.58 18.68
N LYS E 52 -32.62 -0.59 18.14
CA LYS E 52 -31.52 0.00 18.88
C LYS E 52 -32.03 1.07 19.83
N LEU E 53 -31.45 1.10 21.04
CA LEU E 53 -31.85 2.03 22.07
C LEU E 53 -31.14 3.37 21.90
N ALA E 54 -31.89 4.47 21.97
CA ALA E 54 -31.30 5.79 21.85
C ALA E 54 -30.72 6.16 23.20
N SER E 55 -29.89 7.19 23.27
CA SER E 55 -29.41 7.61 24.58
C SER E 55 -30.55 8.10 25.47
N GLY E 56 -30.32 8.08 26.76
CA GLY E 56 -31.32 8.48 27.74
C GLY E 56 -32.51 7.54 27.82
N VAL E 57 -32.59 6.59 26.89
CA VAL E 57 -33.71 5.67 26.90
C VAL E 57 -33.47 4.41 27.72
N PRO E 58 -34.47 4.04 28.54
CA PRO E 58 -34.52 2.86 29.42
C PRO E 58 -34.42 1.54 28.67
N SER E 59 -33.70 0.58 29.26
CA SER E 59 -33.59 -0.78 28.69
C SER E 59 -34.95 -1.46 28.75
N ARG E 60 -35.87 -0.83 29.49
CA ARG E 60 -37.23 -1.30 29.65
C ARG E 60 -37.87 -1.36 28.27
N PHE E 61 -37.48 -0.44 27.39
CA PHE E 61 -37.98 -0.41 26.03
C PHE E 61 -37.14 -1.31 25.11
N SER E 62 -37.78 -1.83 24.06
CA SER E 62 -37.13 -2.70 23.08
C SER E 62 -37.87 -2.73 21.75
N GLY E 63 -37.16 -3.08 20.68
CA GLY E 63 -37.74 -3.07 19.35
C GLY E 63 -37.49 -4.36 18.59
N SER E 64 -38.34 -4.63 17.60
CA SER E 64 -38.26 -5.86 16.83
C SER E 64 -39.15 -5.80 15.60
N GLY E 65 -38.75 -6.49 14.54
CA GLY E 65 -39.55 -6.54 13.33
C GLY E 65 -38.81 -6.52 12.00
N SER E 66 -39.57 -6.69 10.91
CA SER E 66 -39.02 -6.65 9.57
C SER E 66 -40.10 -6.54 8.50
N GLY E 67 -39.68 -6.20 7.28
CA GLY E 67 -40.58 -6.02 6.17
C GLY E 67 -41.54 -4.86 6.35
N THR E 68 -42.79 -5.19 6.66
CA THR E 68 -43.85 -4.20 6.84
C THR E 68 -44.42 -4.26 8.25
N GLU E 69 -43.91 -5.19 9.04
CA GLU E 69 -44.41 -5.40 10.40
C GLU E 69 -43.29 -5.20 11.42
N PHE E 70 -43.51 -4.26 12.32
CA PHE E 70 -42.57 -3.95 13.37
C PHE E 70 -43.33 -3.82 14.68
N THR E 71 -42.67 -4.11 15.79
CA THR E 71 -43.31 -3.95 17.11
C THR E 71 -42.39 -3.27 18.12
N LEU E 72 -43.00 -2.44 18.96
CA LEU E 72 -42.36 -1.81 20.10
C LEU E 72 -42.88 -2.46 21.38
N THR E 73 -41.99 -2.74 22.32
CA THR E 73 -42.41 -3.40 23.55
C THR E 73 -41.88 -2.77 24.82
N ILE E 74 -42.80 -2.41 25.71
CA ILE E 74 -42.44 -1.92 27.03
C ILE E 74 -42.57 -3.08 28.01
N SER E 75 -41.42 -3.60 28.47
CA SER E 75 -41.39 -4.78 29.33
C SER E 75 -42.23 -4.70 30.63
N SER E 76 -42.37 -3.49 31.16
CA SER E 76 -43.10 -3.24 32.42
C SER E 76 -43.56 -1.80 32.57
N LEU E 77 -44.76 -1.52 32.09
CA LEU E 77 -45.36 -0.17 32.00
C LEU E 77 -45.34 0.73 33.24
N GLN E 78 -44.40 1.68 33.23
CA GLN E 78 -44.15 2.58 34.36
C GLN E 78 -44.78 3.96 34.07
N PRO E 79 -45.35 4.59 35.12
CA PRO E 79 -46.02 5.90 35.03
C PRO E 79 -45.33 6.91 34.12
N ASP E 80 -44.00 6.97 34.13
CA ASP E 80 -43.28 7.93 33.31
C ASP E 80 -43.42 7.64 31.83
N ASP E 81 -44.09 6.54 31.51
CA ASP E 81 -44.25 6.12 30.12
C ASP E 81 -45.53 6.67 29.51
N PHE E 82 -46.26 7.48 30.26
CA PHE E 82 -47.54 7.98 29.75
C PHE E 82 -47.24 8.95 28.62
N ALA E 83 -47.74 8.61 27.42
CA ALA E 83 -47.49 9.40 26.23
C ALA E 83 -48.24 8.87 25.02
N THR E 84 -47.97 9.50 23.88
CA THR E 84 -48.44 9.01 22.59
C THR E 84 -47.20 8.45 21.91
N TYR E 85 -47.29 7.25 21.33
CA TYR E 85 -46.16 6.76 20.54
C TYR E 85 -46.37 6.63 19.03
N TYR E 86 -45.47 7.23 18.26
CA TYR E 86 -45.52 7.28 16.80
C TYR E 86 -44.48 6.41 16.07
N CYS E 87 -44.86 5.70 15.01
CA CYS E 87 -43.90 4.90 14.27
C CYS E 87 -43.41 5.85 13.18
N PHE E 88 -42.12 5.83 12.86
CA PHE E 88 -41.60 6.60 11.73
C PHE E 88 -40.63 5.87 10.80
N GLN E 89 -40.53 6.39 9.56
CA GLN E 89 -39.69 5.81 8.52
C GLN E 89 -39.11 6.90 7.62
N GLY E 90 -37.80 6.84 7.38
CA GLY E 90 -37.12 7.73 6.47
C GLY E 90 -36.59 6.98 5.26
N SER E 91 -37.17 5.82 5.02
CA SER E 91 -36.69 4.92 4.00
C SER E 91 -37.00 5.36 2.57
N GLY E 92 -38.07 6.13 2.41
CA GLY E 92 -38.46 6.65 1.12
C GLY E 92 -39.32 7.88 1.27
N TYR E 93 -39.15 8.86 0.40
CA TYR E 93 -39.95 10.06 0.55
C TYR E 93 -41.35 9.81 0.06
N PRO E 94 -42.31 10.61 0.53
CA PRO E 94 -42.33 11.63 1.59
C PRO E 94 -42.21 10.94 2.96
N PHE E 95 -41.61 11.53 3.99
CA PHE E 95 -41.54 10.73 5.21
C PHE E 95 -42.92 10.69 5.84
N THR E 96 -43.27 9.56 6.45
CA THR E 96 -44.52 9.44 7.20
C THR E 96 -44.43 9.20 8.71
N PHE E 97 -45.51 9.45 9.43
CA PHE E 97 -45.57 9.08 10.84
C PHE E 97 -46.74 8.13 11.07
N GLY E 98 -46.71 7.44 12.21
CA GLY E 98 -47.77 6.54 12.62
C GLY E 98 -49.14 7.19 12.71
N GLY E 99 -50.18 6.40 12.92
CA GLY E 99 -51.51 6.97 13.07
C GLY E 99 -51.51 7.52 14.49
N GLY E 100 -50.62 6.93 15.29
CA GLY E 100 -50.32 7.29 16.67
C GLY E 100 -51.00 6.53 17.79
N THR E 101 -50.16 5.99 18.67
CA THR E 101 -50.61 5.19 19.83
C THR E 101 -50.64 5.95 21.16
N LYS E 102 -51.81 6.07 21.78
CA LYS E 102 -51.94 6.79 23.05
C LYS E 102 -51.98 5.79 24.20
N VAL E 103 -51.04 5.87 25.13
CA VAL E 103 -51.10 4.99 26.30
C VAL E 103 -51.46 5.66 27.66
N GLU E 104 -52.17 4.89 28.51
CA GLU E 104 -52.63 5.34 29.83
C GLU E 104 -52.43 4.23 30.90
N ILE E 105 -53.48 3.81 31.63
CA ILE E 105 -53.40 2.71 32.62
C ILE E 105 -54.70 1.84 32.73
N LYS E 106 -54.62 0.57 32.26
CA LYS E 106 -55.67 -0.47 32.35
C LYS E 106 -55.61 -1.30 33.63
N ARG E 107 -56.71 -1.35 34.39
CA ARG E 107 -57.96 -0.70 34.02
C ARG E 107 -58.44 0.17 35.20
N THR E 108 -59.59 0.83 35.04
CA THR E 108 -60.23 1.69 36.05
C THR E 108 -61.65 1.91 35.54
N VAL E 109 -62.63 2.08 36.41
CA VAL E 109 -63.96 2.34 35.87
C VAL E 109 -64.63 3.43 36.69
N ALA E 110 -65.37 4.33 36.02
CA ALA E 110 -66.13 5.36 36.72
C ALA E 110 -67.43 5.77 36.02
N ALA E 111 -68.56 5.80 36.73
CA ALA E 111 -69.79 6.18 36.03
C ALA E 111 -69.86 7.72 36.03
N PRO E 112 -70.33 8.33 34.94
CA PRO E 112 -70.42 9.81 34.89
C PRO E 112 -71.49 10.40 35.80
N SER E 113 -71.19 11.47 36.52
CA SER E 113 -72.24 12.31 37.11
C SER E 113 -72.78 13.28 36.07
N VAL E 114 -74.07 13.23 35.77
CA VAL E 114 -74.59 14.08 34.71
C VAL E 114 -75.38 15.29 35.21
N PHE E 115 -74.99 16.47 34.74
CA PHE E 115 -75.69 17.71 35.04
C PHE E 115 -76.10 18.44 33.78
N ILE E 116 -77.15 19.24 33.87
CA ILE E 116 -77.55 20.07 32.74
C ILE E 116 -77.79 21.53 33.14
N PHE E 117 -77.37 22.44 32.27
CA PHE E 117 -77.47 23.88 32.50
C PHE E 117 -78.23 24.59 31.39
N PRO E 118 -79.37 25.19 31.73
CA PRO E 118 -80.07 26.04 30.77
C PRO E 118 -79.25 27.30 30.50
N PRO E 119 -79.46 27.96 29.34
CA PRO E 119 -78.71 29.18 29.04
C PRO E 119 -78.95 30.21 30.13
N SER E 120 -77.95 31.03 30.43
CA SER E 120 -78.13 32.05 31.45
C SER E 120 -79.04 33.17 30.93
N ASP E 121 -79.63 33.93 31.85
CA ASP E 121 -80.46 35.07 31.50
C ASP E 121 -79.67 36.22 30.89
N GLU E 122 -78.41 36.34 31.28
CA GLU E 122 -77.55 37.38 30.74
C GLU E 122 -77.30 37.09 29.26
N GLN E 123 -77.19 35.81 28.94
CA GLN E 123 -76.95 35.36 27.57
C GLN E 123 -78.21 35.46 26.71
N LEU E 124 -79.34 35.08 27.27
CA LEU E 124 -80.59 35.13 26.53
C LEU E 124 -80.91 36.55 26.08
N LYS E 125 -80.26 37.53 26.71
CA LYS E 125 -80.41 38.92 26.35
C LYS E 125 -79.54 39.34 25.16
N SER E 126 -78.43 38.64 24.97
CA SER E 126 -77.50 38.94 23.88
C SER E 126 -77.98 38.39 22.54
N GLY E 127 -78.93 37.46 22.59
CA GLY E 127 -79.52 36.94 21.38
C GLY E 127 -79.03 35.55 21.07
N THR E 128 -78.40 34.92 22.05
CA THR E 128 -77.90 33.56 21.87
C THR E 128 -78.27 32.73 23.12
N ALA E 129 -78.51 31.44 22.93
CA ALA E 129 -78.86 30.53 24.03
C ALA E 129 -77.93 29.34 24.05
N SER E 130 -77.12 29.20 25.09
CA SER E 130 -76.27 28.02 25.17
C SER E 130 -76.66 27.05 26.26
N VAL E 131 -77.07 25.85 25.86
CA VAL E 131 -77.38 24.80 26.81
C VAL E 131 -76.17 23.89 26.96
N VAL E 132 -75.75 23.67 28.19
CA VAL E 132 -74.54 22.90 28.45
C VAL E 132 -74.84 21.59 29.16
N CYS E 133 -74.29 20.50 28.65
CA CYS E 133 -74.42 19.20 29.30
C CYS E 133 -73.07 18.77 29.86
N LEU E 134 -73.05 18.35 31.12
CA LEU E 134 -71.81 17.97 31.81
C LEU E 134 -71.77 16.52 32.31
N LEU E 135 -70.71 15.80 31.93
CA LEU E 135 -70.44 14.46 32.44
C LEU E 135 -69.22 14.50 33.34
N ASN E 136 -69.39 14.17 34.61
CA ASN E 136 -68.32 14.37 35.58
C ASN E 136 -67.68 13.09 36.10
N ASN E 137 -66.35 13.09 36.08
CA ASN E 137 -65.51 12.07 36.70
C ASN E 137 -65.83 10.63 36.28
N PHE E 138 -65.58 10.34 35.00
CA PHE E 138 -65.81 9.01 34.43
C PHE E 138 -64.64 8.36 33.70
N TYR E 139 -64.80 7.08 33.36
CA TYR E 139 -63.83 6.29 32.60
C TYR E 139 -64.48 4.96 32.16
N PRO E 140 -64.14 4.46 30.95
CA PRO E 140 -63.22 4.98 29.94
C PRO E 140 -63.67 6.27 29.26
N ARG E 141 -62.81 6.78 28.40
CA ARG E 141 -63.02 8.07 27.77
C ARG E 141 -64.24 8.02 26.85
N GLU E 142 -64.53 6.83 26.34
CA GLU E 142 -65.63 6.63 25.41
C GLU E 142 -66.96 6.96 26.05
N ALA E 143 -67.69 7.88 25.43
CA ALA E 143 -69.00 8.30 25.93
C ALA E 143 -69.78 9.00 24.83
N LYS E 144 -71.05 8.67 24.70
CA LYS E 144 -71.86 9.31 23.68
C LYS E 144 -72.84 10.34 24.23
N VAL E 145 -72.80 11.52 23.63
CA VAL E 145 -73.70 12.59 24.00
C VAL E 145 -74.73 12.74 22.88
N GLN E 146 -75.98 12.68 23.30
CA GLN E 146 -77.12 12.89 22.42
C GLN E 146 -78.07 13.96 22.93
N TRP E 147 -78.27 15.00 22.11
CA TRP E 147 -79.16 16.08 22.49
C TRP E 147 -80.45 15.93 21.74
N LYS E 148 -81.53 16.15 22.48
CA LYS E 148 -82.87 16.11 21.95
C LYS E 148 -83.58 17.41 22.29
N VAL E 149 -84.39 17.91 21.36
CA VAL E 149 -85.17 19.12 21.60
C VAL E 149 -86.59 18.87 21.17
N ASP E 150 -87.49 18.90 22.16
CA ASP E 150 -88.87 18.45 21.97
C ASP E 150 -88.87 17.06 21.35
N ASN E 151 -88.00 16.21 21.91
CA ASN E 151 -87.79 14.82 21.53
C ASN E 151 -87.18 14.55 20.14
N ALA E 152 -86.73 15.58 19.42
CA ALA E 152 -86.14 15.30 18.12
C ALA E 152 -84.63 15.28 18.34
N LEU E 153 -83.86 14.56 17.51
CA LEU E 153 -82.41 14.58 17.63
C LEU E 153 -81.83 15.86 17.04
N GLN E 154 -80.80 16.42 17.65
CA GLN E 154 -80.17 17.56 17.00
C GLN E 154 -78.82 17.15 16.43
N SER E 155 -78.55 17.60 15.21
CA SER E 155 -77.28 17.34 14.54
C SER E 155 -76.61 18.63 14.09
N GLY E 156 -75.28 18.69 14.22
CA GLY E 156 -74.53 19.79 13.64
C GLY E 156 -74.61 21.10 14.40
N ASN E 157 -75.35 21.10 15.50
CA ASN E 157 -75.50 22.29 16.31
C ASN E 157 -74.97 22.06 17.71
N SER E 158 -74.03 21.13 17.84
CA SER E 158 -73.42 20.86 19.15
C SER E 158 -71.92 20.67 19.01
N GLN E 159 -71.23 21.05 20.08
CA GLN E 159 -69.78 21.01 20.18
C GLN E 159 -69.42 20.20 21.41
N GLU E 160 -68.38 19.37 21.34
CA GLU E 160 -68.01 18.69 22.58
C GLU E 160 -66.53 18.78 22.97
N SER E 161 -66.28 19.33 24.16
CA SER E 161 -64.94 19.45 24.71
C SER E 161 -64.74 18.49 25.88
N VAL E 162 -63.61 17.81 26.01
CA VAL E 162 -63.50 16.91 27.17
C VAL E 162 -62.25 17.32 27.98
N THR E 163 -62.25 17.01 29.27
CA THR E 163 -61.09 17.17 30.14
C THR E 163 -59.90 16.18 30.24
N GLU E 164 -58.73 16.78 30.44
CA GLU E 164 -57.42 16.14 30.64
C GLU E 164 -57.51 15.02 31.66
N GLN E 165 -56.84 13.89 31.51
CA GLN E 165 -56.96 12.90 32.58
C GLN E 165 -56.35 13.50 33.84
N ASP E 166 -57.04 13.27 34.96
CA ASP E 166 -56.64 13.84 36.25
C ASP E 166 -55.56 13.02 36.95
N SER E 167 -54.60 13.74 37.52
CA SER E 167 -53.46 13.18 38.23
C SER E 167 -53.79 12.58 39.59
N LYS E 168 -55.07 12.56 39.93
CA LYS E 168 -55.44 12.02 41.24
C LYS E 168 -56.33 10.79 41.11
N ASP E 169 -57.45 10.94 40.40
CA ASP E 169 -58.39 9.83 40.25
C ASP E 169 -58.46 9.24 38.84
N SER E 170 -57.67 9.80 37.93
CA SER E 170 -57.48 9.21 36.59
C SER E 170 -58.74 9.18 35.74
N THR E 171 -59.73 10.00 36.08
CA THR E 171 -60.96 10.06 35.30
C THR E 171 -60.99 11.23 34.33
N TYR E 172 -61.92 11.16 33.38
CA TYR E 172 -62.14 12.24 32.43
C TYR E 172 -63.48 12.91 32.71
N SER E 173 -63.61 14.15 32.25
CA SER E 173 -64.86 14.90 32.29
C SER E 173 -65.12 15.56 30.94
N LEU E 174 -66.38 15.62 30.53
CA LEU E 174 -66.70 16.13 29.20
C LEU E 174 -67.78 17.19 29.26
N SER E 175 -67.72 18.13 28.32
CA SER E 175 -68.76 19.15 28.22
C SER E 175 -69.32 19.18 26.81
N SER E 176 -70.64 19.35 26.74
CA SER E 176 -71.32 19.43 25.46
C SER E 176 -72.12 20.70 25.37
N THR E 177 -71.76 21.54 24.41
CA THR E 177 -72.40 22.83 24.27
C THR E 177 -73.30 22.79 23.03
N LEU E 178 -74.61 22.94 23.25
CA LEU E 178 -75.57 23.07 22.17
C LEU E 178 -75.75 24.56 21.91
N THR E 179 -75.45 25.02 20.70
CA THR E 179 -75.58 26.44 20.43
C THR E 179 -76.68 26.74 19.42
N LEU E 180 -77.67 27.51 19.89
CA LEU E 180 -78.80 27.99 19.08
C LEU E 180 -78.93 29.51 19.13
N SER E 181 -79.69 30.07 18.19
CA SER E 181 -80.10 31.47 18.27
C SER E 181 -81.21 31.61 19.31
N LYS E 182 -81.28 32.76 19.98
CA LYS E 182 -82.34 33.04 20.96
C LYS E 182 -83.73 32.69 20.42
N ALA E 183 -83.95 33.03 19.16
CA ALA E 183 -85.22 32.81 18.47
C ALA E 183 -85.57 31.33 18.49
N ASP E 184 -84.64 30.52 18.00
CA ASP E 184 -84.82 29.07 17.97
C ASP E 184 -85.03 28.48 19.36
N TYR E 185 -84.35 29.04 20.35
CA TYR E 185 -84.46 28.53 21.71
C TYR E 185 -85.89 28.63 22.24
N GLU E 186 -86.46 29.83 22.17
CA GLU E 186 -87.80 30.07 22.68
C GLU E 186 -88.89 29.44 21.79
N LYS E 187 -88.47 28.79 20.71
CA LYS E 187 -89.40 28.13 19.79
C LYS E 187 -89.75 26.71 20.27
N HIS E 188 -89.10 26.26 21.34
CA HIS E 188 -89.34 24.90 21.84
C HIS E 188 -89.47 24.85 23.35
N LYS E 189 -89.99 23.73 23.85
CA LYS E 189 -90.31 23.60 25.27
C LYS E 189 -89.30 22.79 26.07
N VAL E 190 -89.03 21.55 25.66
CA VAL E 190 -88.20 20.65 26.46
C VAL E 190 -86.82 20.41 25.82
N TYR E 191 -85.79 20.51 26.66
CA TYR E 191 -84.41 20.23 26.24
C TYR E 191 -83.79 19.09 27.05
N ALA E 192 -83.35 18.04 26.36
CA ALA E 192 -82.87 16.81 27.02
C ALA E 192 -81.50 16.34 26.54
N CYS E 193 -80.73 15.81 27.48
CA CYS E 193 -79.40 15.28 27.21
C CYS E 193 -79.29 13.78 27.55
N GLU E 194 -79.09 12.95 26.52
CA GLU E 194 -79.01 11.50 26.73
C GLU E 194 -77.58 10.98 26.67
N VAL E 195 -77.14 10.36 27.75
CA VAL E 195 -75.76 9.92 27.89
C VAL E 195 -75.64 8.41 27.80
N THR E 196 -74.68 7.94 27.01
CA THR E 196 -74.41 6.51 26.91
C THR E 196 -72.96 6.19 27.26
N HIS E 197 -72.77 5.36 28.28
CA HIS E 197 -71.42 5.03 28.70
C HIS E 197 -71.37 3.58 29.20
N GLN E 198 -70.17 3.02 29.21
CA GLN E 198 -69.94 1.62 29.56
C GLN E 198 -70.34 1.34 31.02
N GLY E 199 -70.15 2.35 31.86
CA GLY E 199 -70.50 2.30 33.27
C GLY E 199 -71.99 2.51 33.53
N LEU E 200 -72.75 2.72 32.46
CA LEU E 200 -74.19 2.90 32.59
C LEU E 200 -74.97 1.69 32.11
N SER E 201 -75.79 1.14 32.99
CA SER E 201 -76.63 -0.01 32.63
C SER E 201 -77.73 0.33 31.61
N SER E 202 -78.23 1.57 31.67
CA SER E 202 -79.25 2.06 30.73
C SER E 202 -79.08 3.57 30.54
N PRO E 203 -79.32 4.07 29.32
CA PRO E 203 -79.10 5.50 29.00
C PRO E 203 -79.72 6.47 30.02
N VAL E 204 -78.91 7.33 30.63
CA VAL E 204 -79.39 8.32 31.58
C VAL E 204 -79.76 9.62 30.87
N THR E 205 -80.90 10.19 31.23
CA THR E 205 -81.36 11.44 30.62
C THR E 205 -81.64 12.56 31.62
N LYS E 206 -80.91 13.67 31.49
CA LYS E 206 -81.19 14.88 32.27
C LYS E 206 -81.85 15.89 31.34
N SER E 207 -82.87 16.58 31.85
CA SER E 207 -83.62 17.53 31.03
C SER E 207 -84.21 18.70 31.81
N PHE E 208 -84.86 19.61 31.08
CA PHE E 208 -85.56 20.73 31.69
C PHE E 208 -86.59 21.32 30.74
N ASN E 209 -87.64 21.90 31.31
CA ASN E 209 -88.64 22.61 30.54
C ASN E 209 -88.27 24.10 30.53
N ARG E 210 -88.21 24.67 29.34
CA ARG E 210 -87.84 26.07 29.14
C ARG E 210 -88.63 27.05 30.02
N GLY E 211 -87.93 27.70 30.94
CA GLY E 211 -88.52 28.67 31.85
C GLY E 211 -89.26 27.99 32.99
N VAL F 2 44.08 -7.06 0.66
CA VAL F 2 44.70 -7.17 -0.65
C VAL F 2 46.20 -7.42 -0.51
N GLN F 3 46.57 -8.59 0.02
CA GLN F 3 47.98 -8.98 0.17
C GLN F 3 48.26 -10.47 0.26
N LEU F 4 49.23 -10.94 -0.52
CA LEU F 4 49.59 -12.35 -0.50
C LEU F 4 51.08 -12.41 -0.19
N VAL F 5 51.43 -13.19 0.82
CA VAL F 5 52.83 -13.33 1.23
C VAL F 5 53.27 -14.78 1.24
N GLU F 6 54.21 -15.11 0.37
CA GLU F 6 54.71 -16.46 0.30
C GLU F 6 55.80 -16.61 1.34
N SER F 7 56.07 -17.86 1.72
CA SER F 7 57.14 -18.17 2.65
C SER F 7 57.53 -19.64 2.50
N GLY F 8 58.73 -19.98 2.95
CA GLY F 8 59.17 -21.36 2.91
C GLY F 8 60.23 -21.60 1.85
N GLY F 9 60.62 -20.54 1.15
CA GLY F 9 61.61 -20.66 0.10
C GLY F 9 62.99 -20.96 0.64
N GLY F 10 63.94 -21.22 -0.26
CA GLY F 10 65.31 -21.52 0.11
C GLY F 10 65.82 -22.62 -0.78
N VAL F 11 67.01 -23.14 -0.48
CA VAL F 11 67.59 -24.21 -1.28
C VAL F 11 67.14 -25.59 -0.81
N VAL F 12 66.92 -26.52 -1.75
CA VAL F 12 66.54 -27.90 -1.40
C VAL F 12 67.21 -28.86 -2.37
N GLN F 13 67.79 -29.94 -1.83
CA GLN F 13 68.46 -30.95 -2.63
C GLN F 13 67.49 -31.83 -3.42
N PRO F 14 67.89 -32.22 -4.64
CA PRO F 14 67.08 -33.05 -5.54
C PRO F 14 66.63 -34.37 -4.91
N GLY F 15 65.39 -34.75 -5.19
CA GLY F 15 64.79 -35.96 -4.67
C GLY F 15 64.07 -35.66 -3.38
N ARG F 16 64.47 -34.56 -2.74
CA ARG F 16 63.87 -34.18 -1.47
C ARG F 16 62.64 -33.29 -1.68
N SER F 17 62.08 -32.82 -0.58
CA SER F 17 60.81 -32.09 -0.60
C SER F 17 60.90 -30.67 -0.04
N LEU F 18 59.95 -29.83 -0.44
CA LEU F 18 59.85 -28.46 0.07
C LEU F 18 58.39 -28.01 0.02
N ARG F 19 57.94 -27.36 1.09
CA ARG F 19 56.57 -26.87 1.16
C ARG F 19 56.53 -25.35 1.17
N LEU F 20 55.79 -24.76 0.25
CA LEU F 20 55.59 -23.33 0.24
C LEU F 20 54.26 -22.98 0.89
N SER F 21 54.20 -21.80 1.48
CA SER F 21 52.97 -21.33 2.10
C SER F 21 52.67 -19.91 1.68
N CYS F 22 51.39 -19.58 1.62
CA CYS F 22 50.95 -18.26 1.20
C CYS F 22 49.90 -17.73 2.16
N ALA F 23 50.24 -16.66 2.88
CA ALA F 23 49.28 -16.08 3.82
C ALA F 23 48.52 -14.93 3.18
N ALA F 24 47.21 -14.99 3.26
CA ALA F 24 46.33 -14.02 2.62
C ALA F 24 45.57 -13.13 3.61
N SER F 25 45.30 -11.89 3.21
CA SER F 25 44.56 -10.95 4.04
C SER F 25 43.92 -9.86 3.17
N GLY F 26 42.81 -9.30 3.63
CA GLY F 26 42.17 -8.17 2.98
C GLY F 26 41.13 -8.49 1.90
N PHE F 27 40.81 -9.77 1.70
CA PHE F 27 39.75 -10.19 0.77
C PHE F 27 39.11 -11.51 1.25
N SER F 28 37.97 -11.87 0.67
CA SER F 28 37.25 -13.08 1.06
C SER F 28 37.92 -14.36 0.61
N PHE F 29 38.94 -14.75 1.37
CA PHE F 29 39.80 -15.87 1.01
C PHE F 29 38.96 -17.10 0.71
N SER F 30 37.95 -17.36 1.55
CA SER F 30 37.18 -18.58 1.43
C SER F 30 36.25 -18.56 0.22
N HIS F 31 36.29 -17.47 -0.55
CA HIS F 31 35.43 -17.34 -1.71
C HIS F 31 36.14 -17.32 -3.06
N TYR F 32 37.45 -17.53 -3.05
CA TYR F 32 38.24 -17.51 -4.29
C TYR F 32 38.96 -18.82 -4.57
N ALA F 33 38.93 -19.26 -5.82
CA ALA F 33 39.86 -20.30 -6.24
C ALA F 33 41.27 -19.71 -6.13
N MET F 34 42.27 -20.55 -5.84
CA MET F 34 43.64 -20.07 -5.74
C MET F 34 44.62 -20.83 -6.63
N HIS F 35 45.53 -20.09 -7.27
CA HIS F 35 46.48 -20.69 -8.18
C HIS F 35 47.93 -20.62 -7.67
N TRP F 36 48.77 -21.53 -8.15
CA TRP F 36 50.22 -21.36 -8.08
C TRP F 36 50.77 -21.29 -9.51
N VAL F 37 51.72 -20.41 -9.75
CA VAL F 37 52.34 -20.24 -11.06
C VAL F 37 53.85 -20.07 -10.88
N ARG F 38 54.66 -20.62 -11.77
CA ARG F 38 56.10 -20.45 -11.61
C ARG F 38 56.80 -19.87 -12.83
N GLN F 39 58.00 -19.34 -12.58
CA GLN F 39 58.81 -18.70 -13.61
C GLN F 39 60.30 -18.89 -13.37
N ALA F 40 60.94 -19.68 -14.22
CA ALA F 40 62.39 -19.87 -14.15
C ALA F 40 63.08 -18.58 -14.56
N PRO F 41 64.30 -18.33 -14.03
CA PRO F 41 65.05 -17.10 -14.32
C PRO F 41 65.16 -16.80 -15.81
N GLY F 42 64.66 -15.64 -16.22
CA GLY F 42 64.75 -15.19 -17.60
C GLY F 42 63.81 -15.87 -18.57
N LYS F 43 62.93 -16.73 -18.08
CA LYS F 43 62.00 -17.47 -18.94
C LYS F 43 60.55 -17.04 -18.69
N GLY F 44 59.61 -17.69 -19.34
CA GLY F 44 58.21 -17.28 -19.29
C GLY F 44 57.40 -17.83 -18.13
N LEU F 45 56.16 -17.37 -18.01
CA LEU F 45 55.27 -17.86 -16.95
C LEU F 45 54.75 -19.27 -17.24
N GLU F 46 54.68 -20.10 -16.21
CA GLU F 46 54.13 -21.44 -16.35
C GLU F 46 53.14 -21.73 -15.22
N TRP F 47 51.89 -21.99 -15.59
CA TRP F 47 50.85 -22.32 -14.61
C TRP F 47 51.12 -23.64 -13.92
N VAL F 48 50.87 -23.68 -12.62
CA VAL F 48 51.22 -24.86 -11.84
C VAL F 48 50.03 -25.62 -11.29
N ALA F 49 49.14 -24.94 -10.58
CA ALA F 49 48.02 -25.63 -9.97
C ALA F 49 46.91 -24.66 -9.58
N VAL F 50 45.72 -25.20 -9.39
CA VAL F 50 44.61 -24.43 -8.86
C VAL F 50 43.80 -25.25 -7.86
N ILE F 51 43.24 -24.58 -6.87
CA ILE F 51 42.32 -25.21 -5.94
C ILE F 51 41.04 -24.39 -5.88
N SER F 52 39.89 -25.05 -5.89
CA SER F 52 38.61 -24.36 -5.87
C SER F 52 38.48 -23.68 -4.51
N TYR F 53 37.54 -22.75 -4.42
CA TYR F 53 37.37 -21.96 -3.21
C TYR F 53 37.13 -22.83 -1.97
N ASP F 54 36.47 -23.96 -2.17
CA ASP F 54 36.14 -24.85 -1.07
C ASP F 54 37.07 -26.06 -0.94
N GLY F 55 38.08 -26.11 -1.80
CA GLY F 55 39.07 -27.17 -1.73
C GLY F 55 38.56 -28.49 -2.26
N GLU F 56 37.37 -28.49 -2.87
CA GLU F 56 36.75 -29.71 -3.34
C GLU F 56 37.37 -30.15 -4.66
N ASN F 57 37.74 -29.18 -5.49
CA ASN F 57 38.29 -29.49 -6.80
C ASN F 57 39.72 -28.96 -6.90
N THR F 58 40.60 -29.76 -7.49
CA THR F 58 41.99 -29.35 -7.69
C THR F 58 42.45 -29.75 -9.09
N TYR F 59 43.35 -28.96 -9.67
CA TYR F 59 43.92 -29.32 -10.96
C TYR F 59 45.40 -28.98 -11.03
N TYR F 60 46.16 -29.71 -11.85
CA TYR F 60 47.60 -29.52 -11.89
C TYR F 60 48.16 -29.49 -13.30
N ALA F 61 49.28 -28.79 -13.46
CA ALA F 61 50.03 -28.82 -14.70
C ALA F 61 50.58 -30.23 -14.94
N ASP F 62 50.70 -30.61 -16.22
CA ASP F 62 51.17 -31.94 -16.59
C ASP F 62 52.59 -32.25 -16.10
N SER F 63 53.43 -31.22 -15.99
CA SER F 63 54.84 -31.41 -15.62
C SER F 63 55.04 -31.66 -14.13
N VAL F 64 54.00 -31.47 -13.35
CA VAL F 64 54.13 -31.69 -11.92
C VAL F 64 53.09 -32.68 -11.38
N LYS F 65 52.27 -33.24 -12.26
CA LYS F 65 51.25 -34.18 -11.83
C LYS F 65 51.85 -35.38 -11.12
N GLY F 66 51.24 -35.76 -10.00
CA GLY F 66 51.72 -36.88 -9.23
C GLY F 66 52.84 -36.48 -8.28
N ARG F 67 53.41 -35.30 -8.50
CA ARG F 67 54.53 -34.84 -7.69
C ARG F 67 54.16 -33.67 -6.78
N PHE F 68 53.25 -32.82 -7.23
CA PHE F 68 52.83 -31.66 -6.45
C PHE F 68 51.43 -31.89 -5.89
N SER F 69 51.17 -31.30 -4.72
CA SER F 69 49.82 -31.32 -4.16
C SER F 69 49.45 -29.97 -3.57
N ILE F 70 48.27 -29.47 -3.91
CA ILE F 70 47.81 -28.18 -3.41
C ILE F 70 46.70 -28.37 -2.39
N SER F 71 46.75 -27.57 -1.33
CA SER F 71 45.75 -27.61 -0.28
C SER F 71 45.54 -26.21 0.28
N ARG F 72 44.51 -26.06 1.09
CA ARG F 72 44.23 -24.78 1.71
C ARG F 72 43.59 -24.92 3.09
N ASP F 73 43.76 -23.86 3.90
CA ASP F 73 43.09 -23.80 5.18
C ASP F 73 42.34 -22.47 5.26
N ASN F 74 41.04 -22.54 5.01
CA ASN F 74 40.20 -21.34 4.94
C ASN F 74 40.03 -20.66 6.29
N SER F 75 40.21 -21.42 7.37
CA SER F 75 40.10 -20.86 8.71
C SER F 75 41.33 -20.01 9.04
N LYS F 76 42.44 -20.27 8.35
CA LYS F 76 43.67 -19.53 8.60
C LYS F 76 44.11 -18.73 7.38
N ASN F 77 43.27 -18.68 6.35
CA ASN F 77 43.57 -17.96 5.13
C ASN F 77 44.93 -18.33 4.54
N THR F 78 45.15 -19.63 4.33
CA THR F 78 46.45 -20.11 3.88
C THR F 78 46.31 -21.08 2.71
N VAL F 79 47.15 -20.88 1.70
CA VAL F 79 47.32 -21.87 0.66
C VAL F 79 48.75 -22.37 0.68
N SER F 80 48.88 -23.68 0.55
CA SER F 80 50.17 -24.33 0.56
C SER F 80 50.38 -25.13 -0.72
N LEU F 81 51.63 -25.27 -1.12
CA LEU F 81 51.96 -26.12 -2.26
C LEU F 81 53.04 -27.10 -1.83
N GLN F 82 52.66 -28.37 -1.73
CA GLN F 82 53.60 -29.41 -1.36
C GLN F 82 54.29 -29.99 -2.59
N MET F 83 55.61 -29.80 -2.65
CA MET F 83 56.42 -30.23 -3.78
C MET F 83 57.36 -31.40 -3.46
N ASN F 84 57.08 -32.56 -4.06
CA ASN F 84 57.89 -33.77 -3.80
C ASN F 84 58.78 -34.13 -4.97
N SER F 85 59.90 -34.80 -4.66
CA SER F 85 60.86 -35.23 -5.67
C SER F 85 61.19 -34.14 -6.69
N LEU F 86 61.82 -33.08 -6.22
CA LEU F 86 62.10 -31.93 -7.06
C LEU F 86 63.18 -32.20 -8.09
N ARG F 87 63.03 -31.62 -9.27
CA ARG F 87 64.04 -31.69 -10.32
C ARG F 87 64.70 -30.33 -10.50
N PRO F 88 65.92 -30.31 -11.05
CA PRO F 88 66.58 -29.03 -11.35
C PRO F 88 65.73 -28.12 -12.24
N GLU F 89 64.84 -28.72 -13.05
CA GLU F 89 63.99 -27.95 -13.96
C GLU F 89 62.82 -27.30 -13.25
N ASP F 90 62.67 -27.62 -11.97
CA ASP F 90 61.65 -27.01 -11.13
C ASP F 90 62.14 -25.73 -10.45
N THR F 91 63.41 -25.40 -10.64
CA THR F 91 64.00 -24.18 -10.09
C THR F 91 63.34 -22.94 -10.70
N ALA F 92 62.75 -22.11 -9.83
CA ALA F 92 61.98 -20.94 -10.27
C ALA F 92 61.52 -20.04 -9.10
N LEU F 93 60.98 -18.87 -9.46
CA LEU F 93 60.23 -18.03 -8.54
C LEU F 93 58.80 -18.53 -8.54
N TYR F 94 58.27 -18.81 -7.35
CA TYR F 94 56.91 -19.35 -7.21
C TYR F 94 55.88 -18.35 -6.67
N TYR F 95 54.84 -18.09 -7.46
CA TYR F 95 53.80 -17.13 -7.08
C TYR F 95 52.55 -17.75 -6.48
N CYS F 96 52.04 -17.12 -5.43
CA CYS F 96 50.70 -17.38 -4.93
C CYS F 96 49.79 -16.39 -5.64
N ALA F 97 48.67 -16.84 -6.17
CA ALA F 97 47.80 -15.93 -6.92
C ALA F 97 46.31 -16.20 -6.80
N ARG F 98 45.53 -15.13 -6.74
CA ARG F 98 44.09 -15.21 -6.55
C ARG F 98 43.32 -15.23 -7.87
N ASP F 99 42.36 -16.13 -7.99
CA ASP F 99 41.46 -16.16 -9.14
C ASP F 99 40.63 -14.87 -9.10
N ARG F 100 40.19 -14.37 -10.26
CA ARG F 100 39.48 -13.09 -10.27
C ARG F 100 38.01 -13.29 -9.96
N ILE F 101 37.54 -14.55 -10.00
CA ILE F 101 36.12 -14.80 -9.83
C ILE F 101 35.76 -15.65 -8.61
N VAL F 102 34.62 -15.32 -8.00
CA VAL F 102 34.17 -15.92 -6.76
C VAL F 102 33.21 -17.11 -6.95
N ASP F 103 33.35 -18.12 -6.10
CA ASP F 103 32.40 -19.22 -5.98
C ASP F 103 32.07 -19.93 -7.28
N ASP F 104 33.09 -20.31 -8.02
CA ASP F 104 32.88 -20.87 -9.35
C ASP F 104 33.76 -22.11 -9.43
N TYR F 105 33.28 -23.17 -10.07
CA TYR F 105 34.10 -24.37 -10.26
C TYR F 105 34.83 -24.30 -11.60
N TYR F 106 34.53 -23.26 -12.36
CA TYR F 106 35.37 -22.85 -13.49
C TYR F 106 36.49 -21.96 -12.98
N TYR F 107 37.64 -22.02 -13.63
CA TYR F 107 38.77 -21.22 -13.21
C TYR F 107 39.20 -20.21 -14.27
N TYR F 108 39.57 -19.02 -13.82
CA TYR F 108 39.85 -17.92 -14.73
C TYR F 108 41.23 -17.33 -14.50
N GLY F 109 41.45 -16.11 -14.97
CA GLY F 109 42.73 -15.44 -14.78
C GLY F 109 43.04 -15.05 -13.34
N MET F 110 44.21 -14.45 -13.13
CA MET F 110 44.64 -14.00 -11.80
C MET F 110 44.88 -12.49 -11.72
N ASP F 111 44.16 -11.82 -10.83
CA ASP F 111 44.22 -10.35 -10.76
C ASP F 111 44.99 -9.81 -9.54
N VAL F 112 45.30 -10.68 -8.58
CA VAL F 112 46.12 -10.29 -7.43
C VAL F 112 47.31 -11.24 -7.25
N TRP F 113 48.52 -10.69 -7.25
CA TRP F 113 49.72 -11.52 -7.18
C TRP F 113 50.59 -11.21 -5.95
N GLY F 114 51.08 -12.27 -5.31
CA GLY F 114 52.08 -12.15 -4.25
C GLY F 114 53.43 -11.88 -4.87
N GLN F 115 54.42 -11.51 -4.05
CA GLN F 115 55.75 -11.22 -4.57
C GLN F 115 56.55 -12.45 -4.99
N GLY F 116 56.16 -13.60 -4.47
CA GLY F 116 56.77 -14.86 -4.90
C GLY F 116 57.85 -15.37 -3.97
N ALA F 117 58.02 -16.69 -3.96
CA ALA F 117 59.08 -17.32 -3.18
C ALA F 117 60.08 -18.05 -4.09
N THR F 118 61.36 -17.79 -3.89
CA THR F 118 62.39 -18.41 -4.70
C THR F 118 62.72 -19.80 -4.19
N VAL F 119 62.60 -20.79 -5.07
CA VAL F 119 62.95 -22.16 -4.73
C VAL F 119 64.11 -22.64 -5.61
N THR F 120 65.23 -22.99 -5.00
CA THR F 120 66.35 -23.47 -5.81
C THR F 120 66.57 -24.95 -5.53
N VAL F 121 66.48 -25.75 -6.59
CA VAL F 121 66.70 -27.18 -6.47
C VAL F 121 68.11 -27.55 -6.93
N SER F 122 69.00 -27.83 -5.98
CA SER F 122 70.42 -28.06 -6.27
C SER F 122 71.09 -28.84 -5.15
N SER F 123 72.17 -29.52 -5.48
CA SER F 123 72.92 -30.26 -4.46
C SER F 123 74.04 -29.41 -3.91
N ALA F 124 74.26 -28.25 -4.51
CA ALA F 124 75.29 -27.34 -4.04
C ALA F 124 74.87 -26.78 -2.69
N SER F 125 75.85 -26.36 -1.88
CA SER F 125 75.57 -25.88 -0.54
C SER F 125 75.32 -24.38 -0.56
N THR F 126 74.58 -23.93 0.44
CA THR F 126 74.28 -22.53 0.60
C THR F 126 75.52 -21.78 1.07
N LYS F 127 75.79 -20.64 0.43
CA LYS F 127 76.93 -19.80 0.83
C LYS F 127 76.57 -18.32 0.81
N GLY F 128 76.94 -17.65 1.89
CA GLY F 128 76.73 -16.22 2.00
C GLY F 128 77.80 -15.47 1.24
N PRO F 129 77.45 -14.27 0.77
CA PRO F 129 78.34 -13.43 -0.03
C PRO F 129 79.27 -12.60 0.84
N SER F 130 80.41 -12.20 0.29
CA SER F 130 81.20 -11.18 0.94
C SER F 130 80.99 -9.91 0.13
N VAL F 131 80.76 -8.80 0.82
CA VAL F 131 80.43 -7.56 0.13
C VAL F 131 81.61 -6.59 0.14
N PHE F 132 82.03 -6.15 -1.04
CA PHE F 132 83.14 -5.23 -1.15
C PHE F 132 82.68 -3.90 -1.76
N PRO F 133 83.27 -2.77 -1.31
CA PRO F 133 82.86 -1.46 -1.81
C PRO F 133 83.53 -1.10 -3.14
N LEU F 134 82.77 -0.46 -4.03
CA LEU F 134 83.35 0.13 -5.23
C LEU F 134 83.41 1.66 -5.05
N ALA F 135 84.54 2.13 -4.54
CA ALA F 135 84.69 3.53 -4.16
C ALA F 135 84.64 4.50 -5.35
N PRO F 136 84.03 5.68 -5.12
CA PRO F 136 84.00 6.78 -6.09
C PRO F 136 85.32 7.55 -6.17
N SER F 137 85.58 8.17 -7.32
CA SER F 137 86.77 8.98 -7.51
C SER F 137 86.44 10.35 -8.08
N GLY F 144 79.53 17.31 -12.89
CA GLY F 144 80.07 16.87 -11.63
C GLY F 144 79.27 15.72 -11.02
N THR F 145 79.40 14.54 -11.60
CA THR F 145 78.67 13.38 -11.13
C THR F 145 79.62 12.19 -11.01
N ALA F 146 79.55 11.52 -9.86
CA ALA F 146 80.40 10.38 -9.55
C ALA F 146 79.58 9.09 -9.42
N ALA F 147 80.22 7.97 -9.71
CA ALA F 147 79.57 6.67 -9.55
C ALA F 147 80.24 5.88 -8.42
N LEU F 148 79.42 5.23 -7.61
CA LEU F 148 79.92 4.37 -6.55
C LEU F 148 79.00 3.17 -6.42
N GLY F 149 79.41 2.19 -5.62
CA GLY F 149 78.59 1.01 -5.44
C GLY F 149 79.16 -0.06 -4.52
N CYS F 150 78.55 -1.26 -4.60
CA CYS F 150 78.97 -2.39 -3.79
C CYS F 150 79.02 -3.64 -4.68
N LEU F 151 80.10 -4.41 -4.55
CA LEU F 151 80.22 -5.67 -5.26
C LEU F 151 79.85 -6.86 -4.37
N VAL F 152 78.80 -7.59 -4.75
CA VAL F 152 78.34 -8.73 -3.98
C VAL F 152 78.75 -10.05 -4.62
N LYS F 153 79.79 -10.65 -4.05
CA LYS F 153 80.53 -11.74 -4.70
C LYS F 153 80.41 -13.08 -3.98
N ASP F 154 80.43 -14.14 -4.78
CA ASP F 154 80.53 -15.52 -4.29
C ASP F 154 79.42 -15.95 -3.34
N TYR F 155 78.21 -16.13 -3.86
CA TYR F 155 77.09 -16.61 -3.06
C TYR F 155 76.27 -17.66 -3.79
N PHE F 156 75.53 -18.45 -3.01
CA PHE F 156 74.66 -19.48 -3.57
C PHE F 156 73.60 -19.88 -2.55
N PRO F 157 72.34 -20.04 -2.98
CA PRO F 157 71.81 -19.79 -4.33
C PRO F 157 71.24 -18.37 -4.46
N GLU F 158 70.52 -18.11 -5.55
CA GLU F 158 69.78 -16.85 -5.71
C GLU F 158 68.54 -16.84 -4.81
N PRO F 159 68.01 -15.65 -4.48
CA PRO F 159 68.54 -14.32 -4.83
C PRO F 159 69.13 -13.57 -3.65
N VAL F 160 69.76 -12.44 -3.95
CA VAL F 160 70.13 -11.47 -2.94
C VAL F 160 69.36 -10.17 -3.18
N THR F 161 69.02 -9.46 -2.11
CA THR F 161 68.39 -8.16 -2.27
C THR F 161 69.37 -7.08 -1.86
N VAL F 162 69.43 -6.00 -2.63
CA VAL F 162 70.31 -4.88 -2.31
C VAL F 162 69.56 -3.56 -2.31
N SER F 163 69.69 -2.82 -1.21
CA SER F 163 69.14 -1.49 -1.10
C SER F 163 70.23 -0.50 -0.68
N TRP F 164 69.97 0.79 -0.87
CA TRP F 164 70.93 1.81 -0.46
C TRP F 164 70.31 2.75 0.57
N ASN F 165 71.04 2.97 1.65
CA ASN F 165 70.56 3.78 2.78
C ASN F 165 69.20 3.27 3.27
N SER F 166 69.08 1.96 3.41
CA SER F 166 67.86 1.28 3.84
C SER F 166 66.62 1.69 3.02
N GLY F 167 66.80 1.87 1.72
CA GLY F 167 65.69 2.18 0.83
C GLY F 167 65.39 3.65 0.57
N ALA F 168 66.10 4.55 1.24
CA ALA F 168 65.87 5.98 1.06
C ALA F 168 66.44 6.47 -0.27
N LEU F 169 67.46 5.77 -0.75
CA LEU F 169 68.09 6.07 -2.03
C LEU F 169 67.69 5.00 -3.05
N THR F 170 66.93 5.41 -4.05
CA THR F 170 66.43 4.50 -5.08
C THR F 170 66.75 5.06 -6.46
N SER F 171 66.88 6.38 -6.53
CA SER F 171 67.15 7.06 -7.80
C SER F 171 68.59 6.85 -8.28
N GLY F 172 68.72 6.41 -9.54
CA GLY F 172 70.01 6.20 -10.18
C GLY F 172 70.70 4.88 -9.86
N VAL F 173 69.98 4.04 -9.12
CA VAL F 173 70.50 2.74 -8.70
C VAL F 173 70.31 1.68 -9.78
N HIS F 174 71.39 1.00 -10.11
CA HIS F 174 71.34 -0.14 -11.00
C HIS F 174 71.92 -1.32 -10.27
N THR F 175 71.06 -2.30 -10.01
CA THR F 175 71.50 -3.55 -9.42
C THR F 175 71.48 -4.59 -10.53
N PHE F 176 72.68 -4.97 -10.96
CA PHE F 176 72.86 -5.82 -12.13
C PHE F 176 72.36 -7.24 -11.87
N PRO F 177 71.89 -7.93 -12.92
CA PRO F 177 71.49 -9.32 -12.78
C PRO F 177 72.71 -10.17 -12.40
N ALA F 178 72.52 -11.21 -11.59
CA ALA F 178 73.64 -12.01 -11.15
C ALA F 178 74.33 -12.73 -12.30
N VAL F 179 75.65 -12.85 -12.17
CA VAL F 179 76.47 -13.61 -13.12
C VAL F 179 77.02 -14.85 -12.44
N LEU F 180 77.04 -15.97 -13.16
CA LEU F 180 77.59 -17.20 -12.61
C LEU F 180 79.10 -17.20 -12.87
N GLN F 181 79.87 -17.35 -11.80
CA GLN F 181 81.33 -17.36 -11.88
C GLN F 181 81.95 -18.71 -12.13
N SER F 182 83.23 -18.68 -12.48
CA SER F 182 84.01 -19.89 -12.76
C SER F 182 84.13 -20.73 -11.50
N SER F 183 83.91 -20.12 -10.34
CA SER F 183 83.91 -20.84 -9.08
C SER F 183 82.64 -21.69 -8.90
N GLY F 184 81.63 -21.43 -9.73
CA GLY F 184 80.35 -22.14 -9.65
C GLY F 184 79.40 -21.41 -8.71
N LEU F 185 79.84 -20.24 -8.28
CA LEU F 185 79.14 -19.32 -7.37
C LEU F 185 78.63 -18.08 -8.11
N TYR F 186 77.57 -17.45 -7.60
CA TYR F 186 77.04 -16.28 -8.27
C TYR F 186 77.67 -15.02 -7.70
N SER F 187 77.70 -13.97 -8.50
CA SER F 187 78.14 -12.66 -8.03
C SER F 187 77.53 -11.51 -8.82
N LEU F 188 77.25 -10.41 -8.14
CA LEU F 188 76.77 -9.22 -8.82
C LEU F 188 77.31 -7.95 -8.17
N SER F 189 77.09 -6.82 -8.84
CA SER F 189 77.38 -5.53 -8.25
C SER F 189 76.15 -4.62 -8.30
N SER F 190 76.06 -3.69 -7.35
CA SER F 190 75.05 -2.63 -7.38
C SER F 190 75.74 -1.26 -7.36
N VAL F 191 75.34 -0.37 -8.26
CA VAL F 191 76.00 0.93 -8.41
C VAL F 191 75.00 2.09 -8.34
N VAL F 192 75.40 3.21 -7.74
CA VAL F 192 74.59 4.43 -7.71
C VAL F 192 75.39 5.63 -8.19
N THR F 193 74.75 6.52 -8.94
CA THR F 193 75.34 7.80 -9.31
C THR F 193 74.72 8.93 -8.48
N VAL F 194 75.59 9.67 -7.80
CA VAL F 194 75.18 10.76 -6.93
C VAL F 194 76.01 12.01 -7.31
N PRO F 195 75.50 13.21 -6.96
CA PRO F 195 76.30 14.43 -7.17
C PRO F 195 77.61 14.39 -6.41
N SER F 196 78.71 14.74 -7.07
CA SER F 196 80.03 14.62 -6.46
C SER F 196 80.18 15.56 -5.27
N SER F 197 79.38 16.61 -5.24
CA SER F 197 79.38 17.55 -4.13
C SER F 197 78.79 16.89 -2.87
N SER F 198 78.02 15.83 -3.08
CA SER F 198 77.39 15.09 -1.99
C SER F 198 78.41 14.20 -1.33
N LEU F 199 79.47 13.89 -2.06
CA LEU F 199 80.52 13.02 -1.53
C LEU F 199 81.17 13.72 -0.35
N GLY F 200 81.55 12.93 0.66
CA GLY F 200 82.21 13.47 1.83
C GLY F 200 81.25 13.98 2.89
N THR F 201 80.05 14.39 2.45
CA THR F 201 79.04 14.91 3.36
C THR F 201 77.89 13.93 3.57
N GLN F 202 77.38 13.40 2.47
CA GLN F 202 76.27 12.45 2.51
C GLN F 202 76.77 11.01 2.65
N THR F 203 76.17 10.26 3.57
CA THR F 203 76.58 8.87 3.80
C THR F 203 75.86 7.93 2.83
N TYR F 204 76.61 7.07 2.16
CA TYR F 204 76.02 6.05 1.30
C TYR F 204 76.42 4.65 1.78
N ILE F 205 75.43 3.83 2.13
CA ILE F 205 75.72 2.47 2.60
C ILE F 205 74.80 1.41 1.96
N CYS F 206 75.40 0.37 1.37
CA CYS F 206 74.63 -0.68 0.71
C CYS F 206 74.17 -1.76 1.68
N ASN F 207 72.88 -2.07 1.64
CA ASN F 207 72.26 -3.07 2.51
C ASN F 207 72.03 -4.39 1.78
N VAL F 208 72.82 -5.42 2.10
CA VAL F 208 72.73 -6.70 1.40
C VAL F 208 72.09 -7.78 2.26
N ASN F 209 71.09 -8.46 1.67
CA ASN F 209 70.37 -9.55 2.34
C ASN F 209 70.32 -10.84 1.51
N HIS F 210 70.78 -11.93 2.12
CA HIS F 210 70.70 -13.26 1.50
C HIS F 210 69.93 -14.22 2.42
N LYS F 211 68.62 -14.32 2.21
CA LYS F 211 67.74 -15.11 3.08
C LYS F 211 68.07 -16.62 3.24
N PRO F 212 68.42 -17.33 2.15
CA PRO F 212 68.70 -18.76 2.36
C PRO F 212 69.88 -19.01 3.29
N SER F 213 70.84 -18.09 3.31
CA SER F 213 71.99 -18.21 4.20
C SER F 213 71.88 -17.38 5.48
N ASN F 214 70.71 -16.76 5.70
CA ASN F 214 70.50 -15.89 6.86
C ASN F 214 71.53 -14.78 6.94
N THR F 215 71.99 -14.32 5.77
CA THR F 215 73.00 -13.28 5.68
C THR F 215 72.45 -11.85 5.53
N LYS F 216 72.87 -10.94 6.40
CA LYS F 216 72.43 -9.55 6.32
C LYS F 216 73.64 -8.64 6.52
N VAL F 217 74.11 -8.03 5.43
CA VAL F 217 75.33 -7.23 5.51
C VAL F 217 75.08 -5.80 5.10
N ASP F 218 75.44 -4.85 5.96
CA ASP F 218 75.40 -3.46 5.60
C ASP F 218 76.82 -2.89 5.47
N LYS F 219 77.17 -2.36 4.29
CA LYS F 219 78.55 -1.94 4.07
C LYS F 219 78.71 -0.53 3.48
N LYS F 220 79.38 0.36 4.22
CA LYS F 220 79.58 1.76 3.81
C LYS F 220 80.67 1.95 2.74
N VAL F 221 80.38 2.80 1.75
CA VAL F 221 81.32 3.08 0.65
C VAL F 221 81.87 4.52 0.72
N GLU F 222 83.18 4.66 0.91
CA GLU F 222 83.85 5.97 1.02
C GLU F 222 84.86 6.21 -0.10
N PRO F 223 85.14 7.49 -0.42
CA PRO F 223 86.20 7.84 -1.37
C PRO F 223 87.57 7.29 -0.96
N ASP G 1 45.37 -31.18 -24.11
CA ASP G 1 45.99 -29.98 -23.59
C ASP G 1 46.17 -28.93 -24.70
N ILE G 2 45.72 -27.71 -24.43
CA ILE G 2 45.70 -26.64 -25.41
C ILE G 2 47.02 -25.84 -25.47
N GLN G 3 47.63 -25.78 -26.65
CA GLN G 3 48.88 -25.05 -26.85
C GLN G 3 48.71 -23.58 -27.25
N MET G 4 49.40 -22.68 -26.55
CA MET G 4 49.34 -21.26 -26.89
C MET G 4 50.64 -20.75 -27.52
N THR G 5 50.55 -20.22 -28.73
CA THR G 5 51.73 -19.70 -29.44
C THR G 5 51.69 -18.18 -29.63
N GLN G 6 52.74 -17.49 -29.24
CA GLN G 6 52.79 -16.03 -29.39
C GLN G 6 53.82 -15.57 -30.41
N SER G 7 53.54 -14.45 -31.08
CA SER G 7 54.48 -13.88 -32.05
C SER G 7 54.36 -12.36 -32.10
N PRO G 8 55.48 -11.64 -32.32
CA PRO G 8 56.85 -12.15 -32.43
C PRO G 8 57.42 -12.42 -31.04
N SER G 9 58.64 -12.94 -30.97
CA SER G 9 59.30 -13.17 -29.69
C SER G 9 59.75 -11.88 -29.01
N SER G 10 60.29 -10.95 -29.80
CA SER G 10 60.69 -9.66 -29.27
C SER G 10 60.51 -8.58 -30.31
N LEU G 11 60.31 -7.35 -29.87
CA LEU G 11 60.17 -6.23 -30.79
C LEU G 11 60.69 -4.91 -30.24
N SER G 12 61.08 -4.02 -31.15
CA SER G 12 61.53 -2.68 -30.78
C SER G 12 60.73 -1.61 -31.51
N ALA G 13 60.25 -0.64 -30.76
CA ALA G 13 59.45 0.44 -31.31
C ALA G 13 59.70 1.73 -30.53
N SER G 14 59.32 2.86 -31.11
CA SER G 14 59.55 4.16 -30.47
C SER G 14 58.32 4.52 -29.64
N VAL G 15 58.50 5.42 -28.66
CA VAL G 15 57.39 5.91 -27.84
C VAL G 15 56.30 6.56 -28.70
N GLY G 16 55.05 6.21 -28.43
CA GLY G 16 53.90 6.75 -29.15
C GLY G 16 53.46 5.92 -30.36
N ASP G 17 54.27 4.93 -30.74
CA ASP G 17 53.97 4.09 -31.88
C ASP G 17 52.77 3.19 -31.60
N ARG G 18 52.06 2.80 -32.65
CA ARG G 18 51.01 1.78 -32.55
C ARG G 18 51.61 0.38 -32.78
N VAL G 19 51.45 -0.50 -31.79
CA VAL G 19 52.11 -1.81 -31.79
C VAL G 19 51.14 -3.00 -31.65
N THR G 20 51.28 -4.01 -32.50
CA THR G 20 50.39 -5.18 -32.48
C THR G 20 51.11 -6.54 -32.31
N ILE G 21 50.69 -7.34 -31.33
CA ILE G 21 51.22 -8.71 -31.17
C ILE G 21 50.12 -9.78 -31.27
N THR G 22 50.51 -11.01 -31.63
CA THR G 22 49.54 -12.06 -31.98
C THR G 22 49.69 -13.29 -31.07
N CYS G 23 48.56 -13.93 -30.76
CA CYS G 23 48.55 -15.18 -30.01
C CYS G 23 47.72 -16.23 -30.77
N GLN G 24 48.22 -17.46 -30.87
CA GLN G 24 47.50 -18.53 -31.58
C GLN G 24 47.33 -19.80 -30.75
N ALA G 25 46.08 -20.27 -30.67
CA ALA G 25 45.74 -21.48 -29.91
C ALA G 25 45.61 -22.71 -30.80
N SER G 26 45.98 -23.87 -30.25
CA SER G 26 45.96 -25.11 -31.03
C SER G 26 44.52 -25.59 -31.25
N GLN G 27 43.58 -25.03 -30.52
CA GLN G 27 42.16 -25.35 -30.75
C GLN G 27 41.23 -24.21 -30.32
N ASP G 28 39.97 -24.32 -30.73
CA ASP G 28 38.95 -23.30 -30.42
C ASP G 28 38.76 -23.03 -28.93
N ILE G 29 39.02 -21.79 -28.52
CA ILE G 29 38.82 -21.38 -27.14
C ILE G 29 37.83 -20.21 -27.05
N LYS G 30 37.08 -20.00 -28.13
CA LYS G 30 36.11 -18.89 -28.22
C LYS G 30 36.78 -17.55 -27.89
N LYS G 31 36.34 -16.91 -26.82
CA LYS G 31 36.94 -15.65 -26.37
C LYS G 31 37.46 -15.77 -24.94
N TYR G 32 37.68 -17.00 -24.51
CA TYR G 32 38.17 -17.31 -23.17
C TYR G 32 39.68 -17.06 -23.09
N LEU G 33 40.09 -15.80 -23.17
CA LEU G 33 41.51 -15.45 -23.15
C LEU G 33 41.84 -14.26 -22.23
N ASN G 34 42.93 -14.39 -21.49
CA ASN G 34 43.44 -13.29 -20.67
C ASN G 34 44.76 -12.72 -21.19
N TRP G 35 44.99 -11.44 -20.93
CA TRP G 35 46.28 -10.82 -21.16
C TRP G 35 46.95 -10.27 -19.90
N TYR G 36 48.26 -10.48 -19.79
CA TYR G 36 49.01 -9.98 -18.64
C TYR G 36 50.15 -9.09 -19.09
N HIS G 37 50.48 -8.08 -18.27
CA HIS G 37 51.68 -7.29 -18.49
C HIS G 37 52.63 -7.49 -17.33
N GLN G 38 53.88 -7.83 -17.63
CA GLN G 38 54.89 -7.89 -16.61
C GLN G 38 56.02 -6.92 -16.85
N LYS G 39 56.08 -5.86 -16.05
CA LYS G 39 57.18 -4.92 -16.11
C LYS G 39 58.39 -5.61 -15.48
N PRO G 40 59.60 -5.20 -15.89
CA PRO G 40 60.85 -5.75 -15.33
C PRO G 40 60.91 -5.69 -13.79
N GLY G 41 61.19 -6.82 -13.15
CA GLY G 41 61.34 -6.87 -11.70
C GLY G 41 60.06 -6.91 -10.88
N LYS G 42 58.93 -6.89 -11.56
CA LYS G 42 57.63 -6.83 -10.91
C LYS G 42 56.82 -8.09 -11.16
N VAL G 43 55.76 -8.26 -10.37
CA VAL G 43 54.84 -9.37 -10.58
C VAL G 43 53.99 -9.07 -11.82
N PRO G 44 53.48 -10.14 -12.47
CA PRO G 44 52.59 -9.89 -13.62
C PRO G 44 51.34 -9.11 -13.25
N GLU G 45 50.83 -8.33 -14.20
CA GLU G 45 49.60 -7.59 -13.98
C GLU G 45 48.59 -7.95 -15.06
N LEU G 46 47.39 -8.33 -14.65
CA LEU G 46 46.31 -8.62 -15.58
C LEU G 46 45.81 -7.36 -16.25
N LEU G 47 45.82 -7.33 -17.58
CA LEU G 47 45.38 -6.16 -18.33
C LEU G 47 43.90 -6.28 -18.73
N MET G 48 43.51 -7.45 -19.21
CA MET G 48 42.14 -7.63 -19.67
C MET G 48 41.73 -9.11 -19.74
N HIS G 49 40.42 -9.36 -19.72
CA HIS G 49 39.90 -10.73 -19.76
C HIS G 49 38.82 -10.85 -20.82
N ASP G 50 38.42 -12.10 -21.11
CA ASP G 50 37.48 -12.39 -22.17
C ASP G 50 37.87 -11.73 -23.47
N ALA G 51 39.17 -11.79 -23.75
CA ALA G 51 39.79 -11.32 -24.98
C ALA G 51 39.83 -9.79 -25.15
N SER G 52 38.85 -9.08 -24.60
CA SER G 52 38.76 -7.66 -24.92
C SER G 52 38.26 -6.74 -23.80
N ASN G 53 37.97 -7.30 -22.63
CA ASN G 53 37.40 -6.52 -21.55
C ASN G 53 38.49 -6.02 -20.62
N LEU G 54 38.83 -4.74 -20.71
CA LEU G 54 39.93 -4.20 -19.91
C LEU G 54 39.63 -4.21 -18.43
N GLU G 55 40.64 -4.55 -17.62
CA GLU G 55 40.53 -4.44 -16.18
C GLU G 55 40.52 -2.98 -15.76
N THR G 56 39.89 -2.71 -14.62
CA THR G 56 39.81 -1.38 -14.07
C THR G 56 41.22 -0.86 -13.79
N GLY G 57 41.46 0.42 -14.09
CA GLY G 57 42.74 1.05 -13.86
C GLY G 57 43.75 0.87 -14.98
N VAL G 58 43.44 0.01 -15.94
CA VAL G 58 44.29 -0.20 -17.11
C VAL G 58 44.17 0.98 -18.09
N PRO G 59 45.31 1.52 -18.54
CA PRO G 59 45.34 2.67 -19.45
C PRO G 59 44.54 2.39 -20.72
N SER G 60 43.85 3.41 -21.22
CA SER G 60 42.97 3.24 -22.38
C SER G 60 43.68 2.84 -23.67
N ARG G 61 44.99 3.03 -23.72
CA ARG G 61 45.77 2.73 -24.92
C ARG G 61 45.86 1.22 -25.20
N PHE G 62 45.47 0.39 -24.23
CA PHE G 62 45.44 -1.06 -24.43
C PHE G 62 44.06 -1.49 -24.94
N SER G 63 44.03 -2.33 -25.97
CA SER G 63 42.77 -2.88 -26.48
C SER G 63 42.94 -4.28 -27.07
N GLY G 64 41.93 -5.14 -26.89
CA GLY G 64 41.99 -6.50 -27.38
C GLY G 64 40.92 -6.87 -28.40
N ARG G 65 41.28 -7.75 -29.33
CA ARG G 65 40.35 -8.25 -30.35
C ARG G 65 40.53 -9.76 -30.60
N GLY G 66 39.55 -10.38 -31.26
CA GLY G 66 39.70 -11.75 -31.69
C GLY G 66 38.72 -12.75 -31.10
N SER G 67 38.66 -13.92 -31.73
CA SER G 67 37.83 -15.03 -31.29
C SER G 67 38.32 -16.33 -31.91
N GLY G 68 37.92 -17.47 -31.33
CA GLY G 68 38.34 -18.76 -31.83
C GLY G 68 39.79 -19.09 -31.52
N THR G 69 40.67 -18.93 -32.49
CA THR G 69 42.07 -19.31 -32.32
C THR G 69 43.02 -18.13 -32.53
N ASP G 70 42.53 -17.06 -33.14
CA ASP G 70 43.38 -15.91 -33.43
C ASP G 70 43.00 -14.67 -32.64
N PHE G 71 43.97 -14.15 -31.91
CA PHE G 71 43.77 -13.00 -31.04
C PHE G 71 44.90 -12.00 -31.22
N THR G 72 44.62 -10.72 -31.00
CA THR G 72 45.65 -9.68 -31.07
C THR G 72 45.53 -8.71 -29.89
N LEU G 73 46.67 -8.20 -29.43
CA LEU G 73 46.70 -7.09 -28.46
C LEU G 73 47.35 -5.83 -29.02
N THR G 74 46.67 -4.70 -28.88
CA THR G 74 47.19 -3.45 -29.43
C THR G 74 47.41 -2.31 -28.43
N ILE G 75 48.59 -1.70 -28.50
CA ILE G 75 48.88 -0.49 -27.75
C ILE G 75 48.90 0.66 -28.75
N SER G 76 47.97 1.59 -28.62
CA SER G 76 47.76 2.62 -29.64
C SER G 76 48.71 3.80 -29.47
N SER G 77 49.45 3.81 -28.36
CA SER G 77 50.34 4.92 -28.03
C SER G 77 51.37 4.50 -27.00
N LEU G 78 52.37 3.76 -27.47
CA LEU G 78 53.37 3.12 -26.62
C LEU G 78 54.09 4.09 -25.69
N GLN G 79 54.08 3.77 -24.41
CA GLN G 79 54.75 4.58 -23.41
C GLN G 79 55.98 3.86 -22.89
N PRO G 80 56.96 4.62 -22.38
CA PRO G 80 58.18 4.02 -21.84
C PRO G 80 57.89 2.93 -20.78
N GLU G 81 56.86 3.12 -19.95
CA GLU G 81 56.56 2.16 -18.89
C GLU G 81 55.88 0.87 -19.36
N ASP G 82 55.60 0.76 -20.66
CA ASP G 82 54.97 -0.44 -21.22
C ASP G 82 55.96 -1.56 -21.54
N ILE G 83 57.24 -1.35 -21.27
CA ILE G 83 58.24 -2.40 -21.52
C ILE G 83 58.11 -3.58 -20.56
N GLY G 84 58.78 -4.67 -20.92
CA GLY G 84 58.75 -5.90 -20.15
C GLY G 84 58.22 -7.01 -21.04
N THR G 85 57.44 -7.90 -20.45
CA THR G 85 56.94 -9.05 -21.18
C THR G 85 55.44 -9.16 -21.00
N TYR G 86 54.75 -9.44 -22.09
CA TYR G 86 53.30 -9.62 -22.10
C TYR G 86 52.94 -11.09 -22.32
N TYR G 87 51.96 -11.60 -21.56
CA TYR G 87 51.55 -13.00 -21.65
C TYR G 87 50.05 -13.17 -21.92
N CYS G 88 49.70 -14.09 -22.83
CA CYS G 88 48.31 -14.50 -22.99
C CYS G 88 48.07 -15.80 -22.23
N GLN G 89 46.81 -16.08 -21.90
CA GLN G 89 46.46 -17.35 -21.27
C GLN G 89 45.01 -17.77 -21.53
N GLN G 90 44.80 -19.06 -21.76
CA GLN G 90 43.46 -19.58 -22.04
C GLN G 90 42.85 -20.17 -20.79
N TYR G 91 41.53 -20.16 -20.72
CA TYR G 91 40.80 -20.78 -19.61
C TYR G 91 39.53 -21.42 -20.14
N ASP G 92 39.69 -22.08 -21.28
CA ASP G 92 38.62 -22.79 -21.97
C ASP G 92 38.33 -24.11 -21.27
N ASN G 93 37.16 -24.19 -20.65
CA ASN G 93 36.71 -25.39 -19.97
C ASN G 93 37.64 -25.83 -18.86
N LEU G 94 38.18 -27.03 -19.03
CA LEU G 94 38.97 -27.67 -18.00
C LEU G 94 40.42 -27.19 -18.01
N PRO G 95 41.06 -27.16 -16.84
CA PRO G 95 42.50 -26.98 -16.71
C PRO G 95 43.25 -28.15 -17.38
N PRO G 96 44.56 -28.02 -17.62
CA PRO G 96 45.48 -26.96 -17.20
C PRO G 96 45.27 -25.63 -17.95
N LEU G 97 45.33 -24.54 -17.20
CA LEU G 97 45.44 -23.23 -17.79
C LEU G 97 46.84 -23.14 -18.37
N THR G 98 46.99 -22.54 -19.54
CA THR G 98 48.30 -22.45 -20.15
C THR G 98 48.62 -21.02 -20.59
N PHE G 99 49.88 -20.64 -20.41
CA PHE G 99 50.37 -19.35 -20.87
C PHE G 99 51.05 -19.48 -22.23
N GLY G 100 51.01 -18.40 -23.00
CA GLY G 100 51.83 -18.27 -24.19
C GLY G 100 53.29 -18.10 -23.77
N GLY G 101 54.20 -18.11 -24.74
CA GLY G 101 55.60 -18.05 -24.39
C GLY G 101 56.09 -16.66 -24.01
N GLY G 102 55.28 -15.64 -24.29
CA GLY G 102 55.64 -14.28 -23.91
C GLY G 102 56.24 -13.46 -25.04
N THR G 103 56.01 -12.15 -24.99
CA THR G 103 56.60 -11.24 -25.97
C THR G 103 57.36 -10.10 -25.28
N LYS G 104 58.66 -10.02 -25.50
CA LYS G 104 59.45 -8.96 -24.89
C LYS G 104 59.36 -7.70 -25.73
N VAL G 105 59.10 -6.58 -25.07
CA VAL G 105 58.98 -5.32 -25.75
C VAL G 105 60.09 -4.39 -25.31
N GLU G 106 60.81 -3.86 -26.28
CA GLU G 106 61.87 -2.91 -26.02
C GLU G 106 61.55 -1.56 -26.67
N ILE G 107 62.02 -0.47 -26.07
CA ILE G 107 61.84 0.87 -26.63
C ILE G 107 63.02 1.37 -27.46
N LYS G 108 62.74 1.81 -28.68
CA LYS G 108 63.75 2.45 -29.50
C LYS G 108 63.74 3.97 -29.31
N ARG G 109 64.86 4.52 -28.85
CA ARG G 109 64.95 5.95 -28.58
C ARG G 109 66.15 6.47 -29.36
N THR G 110 66.42 7.77 -29.26
CA THR G 110 67.60 8.32 -29.94
C THR G 110 68.84 7.73 -29.27
N VAL G 111 69.93 7.64 -30.04
CA VAL G 111 71.19 7.13 -29.51
C VAL G 111 71.70 8.00 -28.36
N ALA G 112 72.12 7.33 -27.29
CA ALA G 112 72.70 8.01 -26.14
C ALA G 112 73.98 7.29 -25.74
N ALA G 113 75.07 8.04 -25.71
CA ALA G 113 76.38 7.50 -25.36
C ALA G 113 76.49 7.22 -23.87
N PRO G 114 77.16 6.10 -23.52
CA PRO G 114 77.36 5.72 -22.12
C PRO G 114 78.36 6.60 -21.37
N SER G 115 78.08 6.87 -20.11
CA SER G 115 79.08 7.42 -19.21
C SER G 115 79.88 6.25 -18.64
N VAL G 116 81.21 6.35 -18.68
CA VAL G 116 82.05 5.23 -18.28
C VAL G 116 82.75 5.50 -16.96
N PHE G 117 82.73 4.50 -16.09
CA PHE G 117 83.41 4.55 -14.80
C PHE G 117 84.20 3.27 -14.60
N ILE G 118 85.34 3.35 -13.92
CA ILE G 118 86.10 2.16 -13.60
C ILE G 118 86.37 2.11 -12.10
N PHE G 119 86.26 0.91 -11.52
CA PHE G 119 86.46 0.72 -10.10
C PHE G 119 87.53 -0.32 -9.82
N PRO G 120 88.63 0.10 -9.17
CA PRO G 120 89.69 -0.80 -8.70
C PRO G 120 89.16 -1.72 -7.62
N PRO G 121 89.86 -2.83 -7.36
CA PRO G 121 89.44 -3.72 -6.27
C PRO G 121 89.60 -3.02 -4.93
N SER G 122 88.78 -3.42 -3.97
CA SER G 122 88.81 -2.84 -2.64
C SER G 122 89.96 -3.43 -1.86
N ASP G 123 90.40 -2.68 -0.84
CA ASP G 123 91.46 -3.15 0.04
C ASP G 123 91.06 -4.43 0.77
N GLU G 124 89.79 -4.49 1.15
CA GLU G 124 89.25 -5.66 1.85
C GLU G 124 89.33 -6.95 1.03
N GLN G 125 89.09 -6.82 -0.27
CA GLN G 125 89.14 -7.97 -1.18
C GLN G 125 90.55 -8.45 -1.49
N LEU G 126 91.50 -7.52 -1.61
CA LEU G 126 92.89 -7.88 -1.88
C LEU G 126 93.47 -8.77 -0.77
N LYS G 127 93.01 -8.55 0.46
CA LYS G 127 93.40 -9.37 1.60
C LYS G 127 92.98 -10.83 1.42
N SER G 128 91.90 -11.04 0.68
CA SER G 128 91.33 -12.37 0.47
C SER G 128 92.08 -13.13 -0.63
N GLY G 129 92.88 -12.39 -1.39
CA GLY G 129 93.67 -13.00 -2.45
C GLY G 129 92.95 -12.97 -3.78
N THR G 130 91.95 -12.10 -3.89
CA THR G 130 91.20 -11.96 -5.13
C THR G 130 91.08 -10.47 -5.47
N ALA G 131 91.18 -10.13 -6.75
CA ALA G 131 91.03 -8.74 -7.18
C ALA G 131 89.97 -8.58 -8.27
N SER G 132 88.87 -7.91 -7.93
CA SER G 132 87.86 -7.59 -8.93
C SER G 132 87.90 -6.11 -9.33
N VAL G 133 88.16 -5.86 -10.61
CA VAL G 133 88.09 -4.52 -11.15
C VAL G 133 86.80 -4.37 -11.93
N VAL G 134 86.05 -3.32 -11.65
CA VAL G 134 84.74 -3.19 -12.24
C VAL G 134 84.71 -1.99 -13.18
N CYS G 135 84.21 -2.21 -14.40
CA CYS G 135 84.00 -1.15 -15.37
C CYS G 135 82.50 -0.97 -15.58
N LEU G 136 82.01 0.25 -15.38
CA LEU G 136 80.59 0.56 -15.53
C LEU G 136 80.24 1.42 -16.74
N LEU G 137 79.28 0.95 -17.52
CA LEU G 137 78.69 1.72 -18.61
C LEU G 137 77.27 2.13 -18.24
N ASN G 138 77.03 3.42 -18.11
CA ASN G 138 75.75 3.89 -17.58
C ASN G 138 74.85 4.56 -18.62
N ASN G 139 73.59 4.14 -18.61
CA ASN G 139 72.54 4.81 -19.36
C ASN G 139 72.84 5.02 -20.84
N PHE G 140 72.92 3.93 -21.60
CA PHE G 140 73.22 4.05 -23.02
C PHE G 140 72.16 3.39 -23.89
N TYR G 141 72.18 3.75 -25.18
CA TYR G 141 71.33 3.16 -26.20
C TYR G 141 71.97 3.32 -27.57
N PRO G 142 71.92 2.27 -28.40
CA PRO G 142 71.26 0.96 -28.26
C PRO G 142 71.98 -0.06 -27.37
N ARG G 143 71.37 -1.24 -27.21
CA ARG G 143 71.86 -2.26 -26.30
C ARG G 143 73.27 -2.72 -26.62
N GLU G 144 73.59 -2.79 -27.90
CA GLU G 144 74.90 -3.29 -28.34
C GLU G 144 76.06 -2.40 -27.93
N ALA G 145 77.06 -2.99 -27.29
CA ALA G 145 78.24 -2.25 -26.89
C ALA G 145 79.41 -3.22 -26.70
N LYS G 146 80.62 -2.76 -26.99
CA LYS G 146 81.81 -3.58 -26.78
C LYS G 146 82.71 -3.04 -25.67
N VAL G 147 82.99 -3.88 -24.68
CA VAL G 147 83.89 -3.51 -23.60
C VAL G 147 85.12 -4.41 -23.59
N GLN G 148 86.29 -3.79 -23.67
CA GLN G 148 87.54 -4.54 -23.70
C GLN G 148 88.41 -4.15 -22.53
N TRP G 149 88.95 -5.17 -21.84
CA TRP G 149 89.87 -4.93 -20.75
C TRP G 149 91.30 -4.96 -21.28
N LYS G 150 92.10 -4.04 -20.77
CA LYS G 150 93.51 -3.99 -21.08
C LYS G 150 94.34 -3.85 -19.80
N VAL G 151 95.34 -4.70 -19.66
CA VAL G 151 96.21 -4.66 -18.50
C VAL G 151 97.63 -4.40 -18.97
N ASP G 152 98.22 -3.30 -18.50
CA ASP G 152 99.50 -2.82 -19.03
C ASP G 152 99.49 -2.75 -20.56
N ASN G 153 98.38 -2.24 -21.12
CA ASN G 153 98.19 -2.05 -22.56
C ASN G 153 98.02 -3.34 -23.37
N ALA G 154 97.90 -4.46 -22.68
CA ALA G 154 97.74 -5.74 -23.35
C ALA G 154 96.28 -6.18 -23.29
N LEU G 155 95.70 -6.51 -24.44
CA LEU G 155 94.29 -6.91 -24.49
C LEU G 155 94.07 -8.18 -23.68
N GLN G 156 92.97 -8.21 -22.93
CA GLN G 156 92.69 -9.34 -22.05
C GLN G 156 91.58 -10.23 -22.59
N SER G 157 91.64 -11.51 -22.19
CA SER G 157 90.64 -12.48 -22.56
C SER G 157 90.55 -13.58 -21.50
N GLY G 158 89.32 -14.01 -21.23
CA GLY G 158 89.04 -15.12 -20.33
C GLY G 158 88.98 -14.84 -18.84
N ASN G 159 89.28 -13.61 -18.43
CA ASN G 159 89.27 -13.28 -17.01
C ASN G 159 88.27 -12.18 -16.67
N SER G 160 87.22 -12.06 -17.48
CA SER G 160 86.18 -11.08 -17.25
C SER G 160 84.78 -11.58 -17.56
N GLN G 161 83.79 -11.06 -16.85
CA GLN G 161 82.38 -11.36 -17.10
C GLN G 161 81.58 -10.08 -17.21
N GLU G 162 80.55 -10.08 -18.06
CA GLU G 162 79.70 -8.90 -18.20
C GLU G 162 78.29 -9.13 -17.71
N SER G 163 77.67 -8.06 -17.20
CA SER G 163 76.25 -8.06 -16.84
C SER G 163 75.54 -6.82 -17.37
N VAL G 164 74.34 -7.02 -17.92
CA VAL G 164 73.57 -5.89 -18.43
C VAL G 164 72.17 -5.83 -17.81
N THR G 165 71.72 -4.63 -17.47
CA THR G 165 70.39 -4.45 -16.89
C THR G 165 69.30 -4.64 -17.94
N GLU G 166 68.07 -4.85 -17.47
CA GLU G 166 66.91 -4.76 -18.33
C GLU G 166 66.73 -3.30 -18.74
N GLN G 167 65.97 -3.05 -19.79
CA GLN G 167 65.75 -1.68 -20.24
C GLN G 167 65.03 -0.86 -19.17
N ASP G 168 65.46 0.38 -18.98
CA ASP G 168 64.88 1.25 -17.96
C ASP G 168 63.46 1.68 -18.35
N SER G 169 62.53 1.57 -17.41
CA SER G 169 61.12 1.86 -17.68
C SER G 169 60.80 3.35 -17.79
N LYS G 170 61.81 4.20 -17.66
CA LYS G 170 61.56 5.63 -17.70
C LYS G 170 62.24 6.35 -18.86
N ASP G 171 63.55 6.20 -19.00
CA ASP G 171 64.27 6.86 -20.08
C ASP G 171 64.70 5.89 -21.16
N SER G 172 64.33 4.63 -20.98
CA SER G 172 64.51 3.56 -21.98
C SER G 172 65.94 3.22 -22.38
N THR G 173 66.88 3.46 -21.48
CA THR G 173 68.29 3.14 -21.74
C THR G 173 68.69 1.84 -21.05
N TYR G 174 69.91 1.40 -21.34
CA TYR G 174 70.51 0.26 -20.67
C TYR G 174 71.76 0.66 -19.92
N SER G 175 72.12 -0.15 -18.94
CA SER G 175 73.41 -0.01 -18.30
C SER G 175 74.11 -1.38 -18.34
N LEU G 176 75.44 -1.37 -18.32
CA LEU G 176 76.20 -2.61 -18.42
C LEU G 176 77.40 -2.59 -17.47
N SER G 177 77.67 -3.72 -16.82
CA SER G 177 78.88 -3.87 -16.03
C SER G 177 79.80 -4.97 -16.54
N SER G 178 81.09 -4.71 -16.53
CA SER G 178 82.09 -5.73 -16.84
C SER G 178 83.08 -5.85 -15.69
N THR G 179 83.24 -7.05 -15.15
CA THR G 179 84.10 -7.27 -13.99
C THR G 179 85.29 -8.16 -14.35
N LEU G 180 86.48 -7.61 -14.18
CA LEU G 180 87.71 -8.37 -14.37
C LEU G 180 88.16 -8.96 -13.04
N THR G 181 88.30 -10.28 -13.00
CA THR G 181 88.69 -10.93 -11.75
C THR G 181 90.00 -11.67 -11.93
N LEU G 182 90.97 -11.30 -11.09
CA LEU G 182 92.28 -11.93 -11.08
C LEU G 182 92.65 -12.31 -9.67
N SER G 183 93.62 -13.20 -9.53
CA SER G 183 94.22 -13.49 -8.23
C SER G 183 95.02 -12.26 -7.78
N LYS G 184 95.25 -12.17 -6.47
CA LYS G 184 96.03 -11.08 -5.90
C LYS G 184 97.42 -11.04 -6.53
N ALA G 185 97.99 -12.21 -6.77
CA ALA G 185 99.32 -12.33 -7.36
C ALA G 185 99.42 -11.73 -8.76
N ASP G 186 98.45 -12.04 -9.62
CA ASP G 186 98.44 -11.53 -10.99
C ASP G 186 98.20 -10.02 -11.00
N TYR G 187 97.30 -9.55 -10.14
CA TYR G 187 96.97 -8.13 -10.03
C TYR G 187 98.19 -7.26 -9.68
N GLU G 188 98.99 -7.72 -8.74
CA GLU G 188 100.12 -6.91 -8.26
C GLU G 188 101.33 -7.01 -9.16
N LYS G 189 101.21 -7.78 -10.24
CA LYS G 189 102.28 -7.91 -11.23
C LYS G 189 102.16 -6.94 -12.39
N HIS G 190 101.18 -6.04 -12.33
CA HIS G 190 101.01 -5.05 -13.38
C HIS G 190 100.71 -3.68 -12.80
N LYS G 191 100.91 -2.64 -13.60
CA LYS G 191 100.81 -1.28 -13.11
C LYS G 191 99.50 -0.59 -13.53
N VAL G 192 99.15 -0.68 -14.81
CA VAL G 192 98.01 0.08 -15.32
C VAL G 192 96.88 -0.82 -15.84
N TYR G 193 95.66 -0.49 -15.43
CA TYR G 193 94.45 -1.22 -15.82
C TYR G 193 93.45 -0.30 -16.52
N ALA G 194 92.93 -0.75 -17.66
CA ALA G 194 92.06 0.10 -18.48
C ALA G 194 90.93 -0.69 -19.12
N CYS G 195 89.74 -0.09 -19.19
CA CYS G 195 88.65 -0.65 -19.97
C CYS G 195 88.25 0.26 -21.12
N GLU G 196 88.22 -0.29 -22.33
CA GLU G 196 87.89 0.47 -23.53
C GLU G 196 86.48 0.15 -24.04
N VAL G 197 85.70 1.21 -24.25
CA VAL G 197 84.31 1.05 -24.63
C VAL G 197 84.06 1.58 -26.02
N THR G 198 83.46 0.76 -26.89
CA THR G 198 83.06 1.24 -28.21
C THR G 198 81.54 1.10 -28.32
N HIS G 199 80.90 2.18 -28.74
CA HIS G 199 79.44 2.22 -28.83
C HIS G 199 79.03 3.23 -29.90
N GLN G 200 77.82 3.07 -30.44
CA GLN G 200 77.37 3.92 -31.52
C GLN G 200 77.24 5.40 -31.11
N GLY G 201 77.02 5.66 -29.82
CA GLY G 201 76.89 7.02 -29.34
C GLY G 201 78.21 7.76 -29.18
N LEU G 202 79.30 7.04 -29.33
CA LEU G 202 80.63 7.61 -29.16
C LEU G 202 81.38 7.55 -30.51
N SER G 203 81.88 8.70 -30.97
CA SER G 203 82.60 8.77 -32.24
C SER G 203 83.83 7.87 -32.24
N SER G 204 84.52 7.83 -31.11
CA SER G 204 85.69 6.97 -30.92
C SER G 204 85.65 6.34 -29.53
N PRO G 205 86.25 5.15 -29.37
CA PRO G 205 86.31 4.46 -28.08
C PRO G 205 86.74 5.35 -26.92
N VAL G 206 86.06 5.20 -25.79
CA VAL G 206 86.40 5.94 -24.59
C VAL G 206 87.09 5.01 -23.62
N THR G 207 88.25 5.43 -23.11
CA THR G 207 89.00 4.60 -22.19
C THR G 207 89.09 5.24 -20.80
N LYS G 208 88.71 4.45 -19.79
CA LYS G 208 88.91 4.85 -18.40
C LYS G 208 89.89 3.89 -17.76
N SER G 209 90.86 4.43 -17.04
CA SER G 209 91.93 3.61 -16.50
C SER G 209 92.45 4.09 -15.15
N PHE G 210 93.27 3.25 -14.52
CA PHE G 210 93.98 3.63 -13.31
C PHE G 210 95.32 2.91 -13.16
N ASN G 211 96.19 3.50 -12.33
CA ASN G 211 97.45 2.89 -11.93
C ASN G 211 97.41 2.49 -10.46
N ARG G 212 97.95 1.31 -10.16
CA ARG G 212 98.10 0.83 -8.79
C ARG G 212 98.88 1.83 -7.92
N GLY G 213 98.31 2.18 -6.77
CA GLY G 213 98.93 3.14 -5.87
C GLY G 213 98.59 4.58 -6.16
N VAL H 2 -18.01 21.46 -33.79
CA VAL H 2 -19.46 21.54 -33.75
C VAL H 2 -19.98 22.34 -34.94
N GLN H 3 -19.86 21.77 -36.14
CA GLN H 3 -20.36 22.40 -37.36
C GLN H 3 -20.61 21.46 -38.53
N LEU H 4 -21.76 21.62 -39.19
CA LEU H 4 -22.07 20.82 -40.37
C LEU H 4 -22.32 21.77 -41.54
N VAL H 5 -21.65 21.45 -42.65
CA VAL H 5 -21.70 22.21 -43.89
C VAL H 5 -22.11 21.26 -45.03
N GLU H 6 -23.11 21.64 -45.81
CA GLU H 6 -23.55 20.77 -46.88
C GLU H 6 -23.47 21.50 -48.21
N SER H 7 -23.37 20.72 -49.28
CA SER H 7 -23.28 21.25 -50.63
C SER H 7 -23.74 20.22 -51.66
N GLY H 8 -24.10 20.69 -52.85
CA GLY H 8 -24.48 19.82 -53.95
C GLY H 8 -25.96 19.96 -54.26
N GLY H 9 -26.60 20.90 -53.57
CA GLY H 9 -28.00 21.22 -53.78
C GLY H 9 -28.17 21.90 -55.11
N GLY H 10 -29.41 22.15 -55.52
CA GLY H 10 -29.65 22.77 -56.80
C GLY H 10 -30.86 22.18 -57.50
N VAL H 11 -31.21 22.75 -58.64
CA VAL H 11 -32.34 22.26 -59.41
C VAL H 11 -31.95 21.09 -60.33
N VAL H 12 -32.86 20.13 -60.47
CA VAL H 12 -32.63 18.98 -61.33
C VAL H 12 -33.91 18.52 -62.03
N GLN H 13 -33.78 18.10 -63.28
CA GLN H 13 -34.90 17.59 -64.08
C GLN H 13 -35.26 16.22 -63.52
N PRO H 14 -36.57 15.93 -63.40
CA PRO H 14 -37.01 14.65 -62.85
C PRO H 14 -36.74 13.44 -63.72
N GLY H 15 -36.44 12.34 -63.05
CA GLY H 15 -35.99 11.10 -63.67
C GLY H 15 -34.48 11.02 -63.53
N ARG H 16 -33.87 12.18 -63.31
CA ARG H 16 -32.42 12.26 -63.19
C ARG H 16 -31.99 12.04 -61.75
N SER H 17 -30.70 12.21 -61.52
CA SER H 17 -30.08 11.91 -60.24
C SER H 17 -29.43 13.15 -59.63
N LEU H 18 -29.24 13.13 -58.31
CA LEU H 18 -28.55 14.22 -57.61
C LEU H 18 -27.87 13.69 -56.35
N ARG H 19 -26.63 14.16 -56.12
CA ARG H 19 -25.85 13.76 -54.96
C ARG H 19 -25.61 14.89 -53.97
N LEU H 20 -25.99 14.67 -52.71
CA LEU H 20 -25.71 15.64 -51.66
C LEU H 20 -24.49 15.21 -50.83
N SER H 21 -23.78 16.18 -50.29
CA SER H 21 -22.62 15.90 -49.46
C SER H 21 -22.65 16.71 -48.18
N CYS H 22 -22.08 16.16 -47.11
CA CYS H 22 -22.06 16.85 -45.82
C CYS H 22 -20.67 16.77 -45.21
N ALA H 23 -20.01 17.92 -45.07
CA ALA H 23 -18.67 17.97 -44.48
C ALA H 23 -18.76 18.30 -43.00
N ALA H 24 -18.11 17.50 -42.17
CA ALA H 24 -18.22 17.65 -40.72
C ALA H 24 -16.92 18.13 -40.10
N SER H 25 -17.04 18.91 -39.01
CA SER H 25 -15.88 19.42 -38.27
C SER H 25 -16.21 19.79 -36.83
N GLY H 26 -15.19 19.69 -35.97
CA GLY H 26 -15.28 20.08 -34.57
C GLY H 26 -15.68 18.99 -33.59
N PHE H 27 -15.83 17.76 -34.09
CA PHE H 27 -16.19 16.64 -33.23
C PHE H 27 -15.71 15.31 -33.79
N SER H 28 -15.76 14.26 -32.97
CA SER H 28 -15.28 12.93 -33.35
C SER H 28 -16.22 12.23 -34.33
N PHE H 29 -16.06 12.57 -35.61
CA PHE H 29 -16.96 12.15 -36.67
C PHE H 29 -17.18 10.62 -36.75
N SER H 30 -16.11 9.85 -36.62
CA SER H 30 -16.20 8.41 -36.83
C SER H 30 -16.94 7.65 -35.73
N HIS H 31 -17.43 8.37 -34.73
CA HIS H 31 -18.14 7.75 -33.61
C HIS H 31 -19.64 8.05 -33.50
N TYR H 32 -20.19 8.76 -34.50
CA TYR H 32 -21.61 9.11 -34.45
C TYR H 32 -22.37 8.52 -35.63
N ALA H 33 -23.56 7.97 -35.37
CA ALA H 33 -24.49 7.70 -36.46
C ALA H 33 -24.91 9.02 -37.10
N MET H 34 -25.21 9.00 -38.41
CA MET H 34 -25.64 10.22 -39.11
C MET H 34 -26.96 10.04 -39.86
N HIS H 35 -27.83 11.04 -39.76
CA HIS H 35 -29.15 10.99 -40.39
C HIS H 35 -29.32 12.00 -41.53
N TRP H 36 -30.25 11.73 -42.44
CA TRP H 36 -30.76 12.76 -43.32
C TRP H 36 -32.24 12.98 -43.05
N VAL H 37 -32.65 14.24 -43.05
CA VAL H 37 -34.04 14.63 -42.83
C VAL H 37 -34.42 15.72 -43.80
N ARG H 38 -35.66 15.71 -44.30
CA ARG H 38 -36.05 16.76 -45.23
C ARG H 38 -37.32 17.45 -44.75
N GLN H 39 -37.55 18.65 -45.29
CA GLN H 39 -38.71 19.45 -44.92
C GLN H 39 -39.20 20.27 -46.10
N ALA H 40 -40.36 19.89 -46.62
CA ALA H 40 -41.03 20.63 -47.70
C ALA H 40 -41.56 21.99 -47.23
N PRO H 41 -41.65 22.97 -48.14
CA PRO H 41 -42.12 24.32 -47.78
C PRO H 41 -43.44 24.31 -47.00
N GLY H 42 -43.42 24.85 -45.78
CA GLY H 42 -44.60 24.99 -44.94
C GLY H 42 -45.09 23.69 -44.30
N LYS H 43 -44.35 22.60 -44.49
CA LYS H 43 -44.76 21.30 -43.95
C LYS H 43 -43.77 20.82 -42.89
N GLY H 44 -44.00 19.61 -42.40
CA GLY H 44 -43.24 19.07 -41.28
C GLY H 44 -41.95 18.37 -41.67
N LEU H 45 -41.18 17.97 -40.66
CA LEU H 45 -39.93 17.25 -40.82
C LEU H 45 -40.17 15.80 -41.23
N GLU H 46 -39.35 15.29 -42.14
CA GLU H 46 -39.47 13.88 -42.54
C GLU H 46 -38.12 13.19 -42.53
N TRP H 47 -37.99 12.16 -41.69
CA TRP H 47 -36.77 11.37 -41.60
C TRP H 47 -36.52 10.61 -42.88
N VAL H 48 -35.27 10.59 -43.33
CA VAL H 48 -34.97 9.98 -44.63
C VAL H 48 -34.15 8.70 -44.54
N ALA H 49 -33.01 8.79 -43.85
CA ALA H 49 -32.10 7.65 -43.76
C ALA H 49 -31.11 7.82 -42.63
N VAL H 50 -30.51 6.70 -42.21
CA VAL H 50 -29.44 6.70 -41.24
C VAL H 50 -28.35 5.70 -41.62
N ILE H 51 -27.12 6.03 -41.25
CA ILE H 51 -26.00 5.11 -41.41
C ILE H 51 -25.25 4.98 -40.07
N SER H 52 -24.89 3.75 -39.71
CA SER H 52 -24.22 3.53 -38.44
C SER H 52 -22.83 4.15 -38.43
N TYR H 53 -22.26 4.29 -37.25
CA TYR H 53 -20.97 4.96 -37.08
C TYR H 53 -19.87 4.32 -37.93
N ASP H 54 -19.95 3.01 -38.09
CA ASP H 54 -18.93 2.25 -38.84
C ASP H 54 -19.36 1.92 -40.26
N GLY H 55 -20.54 2.39 -40.64
CA GLY H 55 -21.05 2.18 -41.98
C GLY H 55 -21.58 0.78 -42.23
N GLU H 56 -21.71 0.00 -41.17
CA GLU H 56 -22.14 -1.40 -41.30
C GLU H 56 -23.65 -1.49 -41.49
N ASN H 57 -24.39 -0.60 -40.83
CA ASN H 57 -25.83 -0.61 -40.88
C ASN H 57 -26.40 0.64 -41.52
N THR H 58 -27.44 0.47 -42.33
CA THR H 58 -28.12 1.59 -42.97
C THR H 58 -29.62 1.32 -42.85
N TYR H 59 -30.43 2.38 -42.76
CA TYR H 59 -31.87 2.20 -42.73
C TYR H 59 -32.55 3.33 -43.53
N TYR H 60 -33.73 3.09 -44.09
CA TYR H 60 -34.34 4.10 -44.96
C TYR H 60 -35.84 4.30 -44.68
N ALA H 61 -36.34 5.50 -44.95
CA ALA H 61 -37.80 5.80 -44.91
C ALA H 61 -38.58 5.03 -45.99
N ASP H 62 -39.84 4.66 -45.71
CA ASP H 62 -40.60 3.87 -46.70
C ASP H 62 -40.78 4.60 -48.03
N SER H 63 -40.85 5.93 -47.97
CA SER H 63 -41.10 6.71 -49.18
C SER H 63 -39.85 6.88 -50.06
N VAL H 64 -38.69 6.51 -49.55
CA VAL H 64 -37.46 6.64 -50.33
C VAL H 64 -36.64 5.37 -50.48
N LYS H 65 -37.14 4.24 -49.97
CA LYS H 65 -36.37 3.00 -50.06
C LYS H 65 -36.07 2.60 -51.49
N GLY H 66 -34.82 2.21 -51.73
CA GLY H 66 -34.43 1.81 -53.06
C GLY H 66 -33.97 2.88 -54.04
N ARG H 67 -34.27 4.13 -53.74
CA ARG H 67 -33.97 5.24 -54.64
C ARG H 67 -32.84 6.05 -54.02
N PHE H 68 -32.81 6.06 -52.69
CA PHE H 68 -31.80 6.80 -51.97
C PHE H 68 -30.81 5.77 -51.42
N SER H 69 -29.56 6.18 -51.31
CA SER H 69 -28.53 5.37 -50.67
C SER H 69 -27.67 6.27 -49.80
N ILE H 70 -27.43 5.84 -48.56
CA ILE H 70 -26.62 6.66 -47.67
C ILE H 70 -25.25 6.01 -47.50
N SER H 71 -24.22 6.85 -47.49
CA SER H 71 -22.85 6.39 -47.31
C SER H 71 -22.02 7.41 -46.55
N ARG H 72 -20.83 7.00 -46.13
CA ARG H 72 -19.93 7.88 -45.41
C ARG H 72 -18.45 7.58 -45.71
N ASP H 73 -17.61 8.60 -45.51
CA ASP H 73 -16.16 8.47 -45.63
C ASP H 73 -15.44 8.97 -44.38
N ASN H 74 -15.02 8.03 -43.54
CA ASN H 74 -14.42 8.39 -42.28
C ASN H 74 -13.07 9.07 -42.46
N SER H 75 -12.40 8.82 -43.59
CA SER H 75 -11.12 9.47 -43.82
C SER H 75 -11.24 10.96 -44.18
N LYS H 76 -12.39 11.36 -44.69
CA LYS H 76 -12.63 12.76 -45.08
C LYS H 76 -13.73 13.47 -44.31
N ASN H 77 -14.26 12.84 -43.26
CA ASN H 77 -15.33 13.46 -42.49
C ASN H 77 -16.45 13.86 -43.43
N THR H 78 -16.90 12.90 -44.22
CA THR H 78 -17.89 13.15 -45.26
C THR H 78 -18.99 12.11 -45.17
N VAL H 79 -20.23 12.59 -45.27
CA VAL H 79 -21.39 11.75 -45.49
C VAL H 79 -22.04 12.13 -46.80
N SER H 80 -22.42 11.14 -47.59
CA SER H 80 -23.04 11.45 -48.86
C SER H 80 -24.42 10.84 -48.94
N LEU H 81 -25.30 11.49 -49.68
CA LEU H 81 -26.62 10.94 -49.94
C LEU H 81 -26.85 10.95 -51.45
N GLN H 82 -26.85 9.75 -52.04
CA GLN H 82 -27.08 9.61 -53.47
C GLN H 82 -28.58 9.45 -53.74
N MET H 83 -29.17 10.40 -54.48
CA MET H 83 -30.61 10.39 -54.74
C MET H 83 -30.91 10.08 -56.21
N ASN H 84 -31.49 8.91 -56.48
CA ASN H 84 -31.80 8.48 -57.84
C ASN H 84 -33.27 8.55 -58.22
N SER H 85 -33.53 8.75 -59.51
CA SER H 85 -34.89 8.83 -60.05
C SER H 85 -35.74 9.72 -59.16
N LEU H 86 -35.39 11.02 -59.13
CA LEU H 86 -36.05 11.97 -58.24
C LEU H 86 -37.46 12.30 -58.69
N ARG H 87 -38.35 12.51 -57.73
CA ARG H 87 -39.71 12.95 -58.03
C ARG H 87 -39.87 14.39 -57.56
N PRO H 88 -40.82 15.12 -58.15
CA PRO H 88 -41.13 16.47 -57.70
C PRO H 88 -41.48 16.54 -56.21
N GLU H 89 -41.97 15.45 -55.65
CA GLU H 89 -42.37 15.44 -54.24
C GLU H 89 -41.17 15.31 -53.33
N ASP H 90 -40.00 15.11 -53.93
CA ASP H 90 -38.79 15.07 -53.15
C ASP H 90 -38.16 16.44 -53.01
N THR H 91 -38.75 17.44 -53.68
CA THR H 91 -38.28 18.81 -53.57
C THR H 91 -38.46 19.31 -52.15
N ALA H 92 -37.35 19.71 -51.53
CA ALA H 92 -37.33 20.11 -50.12
C ALA H 92 -35.96 20.66 -49.68
N LEU H 93 -35.90 21.21 -48.47
CA LEU H 93 -34.62 21.48 -47.81
C LEU H 93 -34.15 20.22 -47.09
N TYR H 94 -32.91 19.82 -47.38
CA TYR H 94 -32.33 18.63 -46.80
C TYR H 94 -31.25 18.89 -45.75
N TYR H 95 -31.50 18.42 -44.54
CA TYR H 95 -30.56 18.61 -43.44
C TYR H 95 -29.65 17.41 -43.21
N CYS H 96 -28.38 17.72 -42.94
CA CYS H 96 -27.42 16.75 -42.41
C CYS H 96 -27.48 16.87 -40.90
N ALA H 97 -27.56 15.74 -40.20
CA ALA H 97 -27.69 15.76 -38.73
C ALA H 97 -26.98 14.62 -37.99
N ARG H 98 -26.41 14.96 -36.84
CA ARG H 98 -25.63 14.01 -36.05
C ARG H 98 -26.50 13.33 -35.00
N ASP H 99 -26.38 12.01 -34.87
CA ASP H 99 -27.09 11.31 -33.79
C ASP H 99 -26.51 11.77 -32.48
N ARG H 100 -27.32 11.75 -31.43
CA ARG H 100 -26.84 12.28 -30.17
C ARG H 100 -26.04 11.21 -29.48
N ILE H 101 -26.14 9.97 -29.96
CA ILE H 101 -25.50 8.84 -29.29
C ILE H 101 -24.42 8.13 -30.12
N VAL H 102 -23.32 7.82 -29.43
CA VAL H 102 -22.11 7.29 -30.03
C VAL H 102 -21.88 5.78 -29.94
N ASP H 103 -21.30 5.23 -31.01
CA ASP H 103 -21.08 3.79 -31.14
C ASP H 103 -22.28 2.92 -30.84
N ASP H 104 -23.41 3.17 -31.48
CA ASP H 104 -24.52 2.29 -31.24
C ASP H 104 -25.18 1.93 -32.57
N TYR H 105 -25.67 0.70 -32.67
CA TYR H 105 -26.37 0.23 -33.86
C TYR H 105 -27.84 0.59 -33.71
N TYR H 106 -28.18 1.13 -32.53
CA TYR H 106 -29.50 1.71 -32.29
C TYR H 106 -29.49 3.18 -32.71
N TYR H 107 -30.63 3.68 -33.17
CA TYR H 107 -30.65 5.07 -33.58
C TYR H 107 -31.60 5.92 -32.77
N TYR H 108 -31.15 7.14 -32.50
CA TYR H 108 -31.86 8.02 -31.60
C TYR H 108 -32.14 9.37 -32.26
N GLY H 109 -32.40 10.38 -31.46
CA GLY H 109 -32.65 11.71 -32.00
C GLY H 109 -31.44 12.38 -32.62
N MET H 110 -31.64 13.60 -33.13
CA MET H 110 -30.57 14.38 -33.75
C MET H 110 -30.32 15.69 -33.01
N ASP H 111 -29.09 15.87 -32.54
CA ASP H 111 -28.76 17.02 -31.72
C ASP H 111 -27.93 18.13 -32.39
N VAL H 112 -27.33 17.86 -33.54
CA VAL H 112 -26.66 18.91 -34.30
C VAL H 112 -27.14 18.91 -35.74
N TRP H 113 -27.62 20.06 -36.20
CA TRP H 113 -28.25 20.21 -37.51
C TRP H 113 -27.56 21.22 -38.42
N GLY H 114 -27.21 20.77 -39.63
CA GLY H 114 -26.50 21.59 -40.58
C GLY H 114 -27.41 22.72 -41.02
N GLN H 115 -26.91 23.65 -41.84
CA GLN H 115 -27.79 24.66 -42.41
C GLN H 115 -28.70 24.18 -43.54
N GLY H 116 -28.33 23.12 -44.23
CA GLY H 116 -29.21 22.50 -45.20
C GLY H 116 -29.02 22.98 -46.62
N ALA H 117 -29.30 22.11 -47.58
CA ALA H 117 -29.24 22.44 -48.99
C ALA H 117 -30.59 22.21 -49.68
N THR H 118 -31.04 23.19 -50.47
CA THR H 118 -32.32 23.04 -51.18
C THR H 118 -32.21 22.26 -52.48
N VAL H 119 -33.07 21.26 -52.61
CA VAL H 119 -33.08 20.42 -53.79
C VAL H 119 -34.38 20.76 -54.51
N THR H 120 -34.26 21.19 -55.76
CA THR H 120 -35.44 21.49 -56.56
C THR H 120 -35.64 20.61 -57.82
N VAL H 121 -36.74 19.87 -57.90
CA VAL H 121 -36.97 19.05 -59.10
C VAL H 121 -38.15 19.57 -59.95
N SER H 122 -37.86 20.02 -61.16
CA SER H 122 -38.91 20.52 -62.03
C SER H 122 -38.58 20.23 -63.48
N SER H 123 -39.63 20.03 -64.27
CA SER H 123 -39.43 19.79 -65.68
C SER H 123 -38.83 21.09 -66.21
N ALA H 124 -39.35 22.20 -65.69
CA ALA H 124 -38.93 23.52 -66.09
C ALA H 124 -37.47 23.84 -65.79
N SER H 125 -36.83 24.48 -66.75
CA SER H 125 -35.44 24.90 -66.65
C SER H 125 -35.36 26.16 -65.81
N THR H 126 -34.14 26.51 -65.41
CA THR H 126 -33.93 27.69 -64.60
C THR H 126 -34.34 28.97 -65.33
N LYS H 127 -34.89 29.91 -64.57
CA LYS H 127 -35.33 31.20 -65.09
C LYS H 127 -35.19 32.36 -64.10
N GLY H 128 -34.63 33.47 -64.57
CA GLY H 128 -34.47 34.68 -63.78
C GLY H 128 -35.79 35.44 -63.70
N PRO H 129 -36.00 36.22 -62.64
CA PRO H 129 -37.27 36.96 -62.44
C PRO H 129 -37.37 38.31 -63.15
N SER H 130 -38.60 38.74 -63.43
CA SER H 130 -38.88 40.11 -63.85
C SER H 130 -39.52 40.97 -62.76
N VAL H 131 -39.02 42.20 -62.57
CA VAL H 131 -39.50 43.05 -61.50
C VAL H 131 -40.36 44.21 -61.97
N PHE H 132 -41.57 44.31 -61.43
CA PHE H 132 -42.49 45.38 -61.80
C PHE H 132 -42.80 46.25 -60.58
N PRO H 133 -42.99 47.56 -60.79
CA PRO H 133 -43.24 48.46 -59.66
C PRO H 133 -44.70 48.45 -59.22
N LEU H 134 -44.97 48.51 -57.92
CA LEU H 134 -46.33 48.73 -57.45
C LEU H 134 -46.52 50.17 -56.95
N ALA H 135 -46.93 51.05 -57.86
CA ALA H 135 -47.03 52.49 -57.63
C ALA H 135 -48.09 52.96 -56.62
N PRO H 136 -47.77 54.01 -55.84
CA PRO H 136 -48.64 54.74 -54.91
C PRO H 136 -49.61 55.74 -55.59
N SER H 137 -50.75 56.04 -54.95
CA SER H 137 -51.71 57.02 -55.48
C SER H 137 -52.08 58.04 -54.40
N GLY H 144 -52.41 59.51 -42.84
CA GLY H 144 -51.64 59.81 -44.03
C GLY H 144 -50.53 58.82 -44.27
N THR H 145 -50.90 57.62 -44.70
CA THR H 145 -49.93 56.58 -44.95
C THR H 145 -50.18 55.91 -46.29
N ALA H 146 -49.12 55.77 -47.08
CA ALA H 146 -49.20 55.16 -48.41
C ALA H 146 -48.41 53.85 -48.51
N ALA H 147 -48.86 52.96 -49.39
CA ALA H 147 -48.15 51.70 -49.64
C ALA H 147 -47.56 51.63 -51.06
N LEU H 148 -46.33 51.12 -51.17
CA LEU H 148 -45.71 50.91 -52.50
C LEU H 148 -44.89 49.64 -52.46
N GLY H 149 -44.40 49.19 -53.60
CA GLY H 149 -43.61 47.97 -53.64
C GLY H 149 -43.10 47.53 -55.00
N CYS H 150 -42.65 46.27 -55.06
CA CYS H 150 -42.14 45.66 -56.28
C CYS H 150 -42.72 44.28 -56.37
N LEU H 151 -43.19 43.94 -57.55
CA LEU H 151 -43.70 42.62 -57.83
C LEU H 151 -42.62 41.77 -58.51
N VAL H 152 -42.20 40.69 -57.86
CA VAL H 152 -41.17 39.83 -58.42
C VAL H 152 -41.78 38.55 -59.00
N LYS H 153 -41.91 38.53 -60.32
CA LYS H 153 -42.74 37.55 -61.01
C LYS H 153 -41.95 36.62 -61.92
N ASP H 154 -42.42 35.38 -62.03
CA ASP H 154 -41.93 34.39 -63.00
C ASP H 154 -40.45 34.06 -62.90
N TYR H 155 -40.05 33.35 -61.85
CA TYR H 155 -38.66 32.93 -61.72
C TYR H 155 -38.55 31.49 -61.27
N PHE H 156 -37.39 30.91 -61.53
CA PHE H 156 -37.12 29.55 -61.11
C PHE H 156 -35.63 29.29 -61.07
N PRO H 157 -35.16 28.62 -60.01
CA PRO H 157 -35.95 28.21 -58.84
C PRO H 157 -35.86 29.31 -57.78
N GLU H 158 -36.23 29.04 -56.53
CA GLU H 158 -36.01 30.03 -55.48
C GLU H 158 -34.50 30.06 -55.20
N PRO H 159 -34.02 31.02 -54.39
CA PRO H 159 -34.66 32.10 -53.66
C PRO H 159 -34.22 33.46 -54.18
N VAL H 160 -35.16 34.39 -54.08
CA VAL H 160 -34.94 35.78 -54.41
C VAL H 160 -34.90 36.60 -53.15
N THR H 161 -33.99 37.57 -53.14
CA THR H 161 -33.86 38.47 -52.01
C THR H 161 -33.97 39.87 -52.55
N VAL H 162 -34.87 40.63 -51.91
CA VAL H 162 -35.04 42.04 -52.22
C VAL H 162 -34.93 42.93 -51.00
N SER H 163 -34.07 43.92 -51.14
CA SER H 163 -33.85 44.90 -50.11
C SER H 163 -34.18 46.26 -50.68
N TRP H 164 -34.33 47.24 -49.82
CA TRP H 164 -34.73 48.55 -50.24
C TRP H 164 -33.64 49.53 -49.94
N ASN H 165 -33.32 50.37 -50.93
CA ASN H 165 -32.25 51.34 -50.81
C ASN H 165 -30.97 50.65 -50.35
N SER H 166 -30.73 49.46 -50.88
CA SER H 166 -29.55 48.66 -50.61
C SER H 166 -29.39 48.45 -49.11
N GLY H 167 -30.53 48.24 -48.45
CA GLY H 167 -30.59 48.04 -47.02
C GLY H 167 -30.87 49.24 -46.15
N ALA H 168 -31.01 50.43 -46.73
CA ALA H 168 -31.24 51.65 -45.94
C ALA H 168 -32.66 51.73 -45.39
N LEU H 169 -33.61 51.17 -46.12
CA LEU H 169 -34.99 51.11 -45.66
C LEU H 169 -35.35 49.67 -45.32
N THR H 170 -35.61 49.40 -44.05
CA THR H 170 -35.91 48.07 -43.59
C THR H 170 -37.20 48.12 -42.79
N SER H 171 -37.46 49.30 -42.23
CA SER H 171 -38.64 49.52 -41.41
C SER H 171 -39.90 49.58 -42.26
N GLY H 172 -40.89 48.77 -41.88
CA GLY H 172 -42.18 48.73 -42.56
C GLY H 172 -42.20 47.86 -43.79
N VAL H 173 -41.08 47.16 -44.02
CA VAL H 173 -40.92 46.28 -45.18
C VAL H 173 -41.51 44.88 -44.98
N HIS H 174 -42.36 44.46 -45.92
CA HIS H 174 -42.88 43.09 -45.98
C HIS H 174 -42.57 42.43 -47.32
N THR H 175 -41.75 41.38 -47.27
CA THR H 175 -41.46 40.57 -48.45
C THR H 175 -42.18 39.24 -48.29
N PHE H 176 -43.24 39.05 -49.07
CA PHE H 176 -44.12 37.90 -48.92
C PHE H 176 -43.41 36.61 -49.32
N PRO H 177 -43.81 35.47 -48.72
CA PRO H 177 -43.25 34.17 -49.09
C PRO H 177 -43.58 33.82 -50.53
N ALA H 178 -42.68 33.08 -51.20
CA ALA H 178 -42.88 32.79 -52.62
C ALA H 178 -44.14 31.99 -52.88
N VAL H 179 -44.75 32.28 -54.02
CA VAL H 179 -45.99 31.65 -54.47
C VAL H 179 -45.68 30.86 -55.72
N LEU H 180 -46.33 29.71 -55.93
CA LEU H 180 -46.08 29.05 -57.19
C LEU H 180 -47.29 29.10 -58.11
N GLN H 181 -46.98 29.38 -59.37
CA GLN H 181 -47.95 29.43 -60.45
C GLN H 181 -48.16 28.06 -61.07
N SER H 182 -49.07 27.99 -62.03
CA SER H 182 -49.39 26.73 -62.70
C SER H 182 -48.43 26.49 -63.88
N SER H 183 -47.75 27.56 -64.29
CA SER H 183 -46.73 27.47 -65.33
C SER H 183 -45.47 26.78 -64.79
N GLY H 184 -45.43 26.60 -63.47
CA GLY H 184 -44.28 26.00 -62.82
C GLY H 184 -43.26 27.01 -62.34
N LEU H 185 -43.61 28.29 -62.39
CA LEU H 185 -42.71 29.36 -61.93
C LEU H 185 -43.18 30.00 -60.64
N TYR H 186 -42.22 30.52 -59.88
CA TYR H 186 -42.53 31.16 -58.61
C TYR H 186 -42.69 32.67 -58.80
N SER H 187 -43.43 33.31 -57.90
CA SER H 187 -43.53 34.77 -57.90
C SER H 187 -43.83 35.33 -56.53
N LEU H 188 -43.26 36.49 -56.21
CA LEU H 188 -43.59 37.17 -54.97
C LEU H 188 -43.59 38.69 -55.14
N SER H 189 -44.08 39.38 -54.12
CA SER H 189 -43.96 40.83 -54.05
C SER H 189 -43.32 41.32 -52.75
N SER H 190 -42.68 42.48 -52.79
CA SER H 190 -42.21 43.13 -51.58
C SER H 190 -42.86 44.50 -51.46
N VAL H 191 -43.38 44.80 -50.27
CA VAL H 191 -44.15 46.03 -50.05
C VAL H 191 -43.60 46.76 -48.83
N VAL H 192 -43.59 48.09 -48.86
CA VAL H 192 -43.20 48.91 -47.72
C VAL H 192 -44.25 49.96 -47.40
N THR H 193 -44.47 50.21 -46.12
CA THR H 193 -45.31 51.34 -45.75
C THR H 193 -44.43 52.46 -45.27
N VAL H 194 -44.59 53.59 -45.92
CA VAL H 194 -43.83 54.80 -45.65
C VAL H 194 -44.79 55.95 -45.49
N PRO H 195 -44.36 57.02 -44.81
CA PRO H 195 -45.19 58.23 -44.72
C PRO H 195 -45.49 58.77 -46.11
N SER H 196 -46.74 59.10 -46.36
CA SER H 196 -47.16 59.51 -47.69
C SER H 196 -46.51 60.84 -48.07
N SER H 197 -46.10 61.60 -47.07
CA SER H 197 -45.42 62.87 -47.28
C SER H 197 -44.02 62.68 -47.88
N SER H 198 -43.48 61.48 -47.73
CA SER H 198 -42.16 61.16 -48.25
C SER H 198 -42.15 60.96 -49.75
N LEU H 199 -43.30 60.65 -50.33
CA LEU H 199 -43.39 60.41 -51.76
C LEU H 199 -43.01 61.66 -52.56
N GLY H 200 -42.38 61.44 -53.71
CA GLY H 200 -41.99 62.52 -54.60
C GLY H 200 -40.66 63.15 -54.30
N THR H 201 -40.26 63.12 -53.03
CA THR H 201 -38.98 63.71 -52.65
C THR H 201 -37.97 62.62 -52.31
N GLN H 202 -38.48 61.47 -51.85
CA GLN H 202 -37.61 60.34 -51.48
C GLN H 202 -37.63 59.20 -52.48
N THR H 203 -36.45 58.80 -52.94
CA THR H 203 -36.32 57.72 -53.90
C THR H 203 -36.24 56.35 -53.23
N TYR H 204 -37.01 55.39 -53.69
CA TYR H 204 -36.92 54.07 -53.08
C TYR H 204 -36.45 53.16 -54.18
N ILE H 205 -35.39 52.41 -53.93
CA ILE H 205 -34.98 51.43 -54.90
C ILE H 205 -34.97 50.04 -54.29
N CYS H 206 -35.76 49.11 -54.83
CA CYS H 206 -35.69 47.81 -54.20
C CYS H 206 -34.67 47.01 -54.99
N ASN H 207 -33.65 46.47 -54.32
CA ASN H 207 -32.70 45.72 -55.12
C ASN H 207 -33.23 44.30 -55.19
N VAL H 208 -33.39 43.75 -56.37
CA VAL H 208 -33.90 42.40 -56.43
C VAL H 208 -32.75 41.47 -56.75
N ASN H 209 -32.29 40.70 -55.78
CA ASN H 209 -31.14 39.88 -56.09
C ASN H 209 -31.50 38.40 -56.17
N HIS H 210 -31.09 37.76 -57.25
CA HIS H 210 -31.34 36.34 -57.41
C HIS H 210 -29.95 35.79 -57.70
N LYS H 211 -29.49 34.85 -56.88
CA LYS H 211 -28.20 34.20 -57.11
C LYS H 211 -28.05 33.09 -58.16
N PRO H 212 -28.99 32.14 -58.22
CA PRO H 212 -28.67 31.04 -59.15
C PRO H 212 -28.49 31.48 -60.59
N SER H 213 -29.23 32.49 -61.07
CA SER H 213 -29.06 32.85 -62.47
C SER H 213 -28.25 34.15 -62.57
N ASN H 214 -27.36 34.37 -61.60
CA ASN H 214 -26.52 35.57 -61.53
C ASN H 214 -27.29 36.87 -61.86
N THR H 215 -28.56 36.91 -61.46
CA THR H 215 -29.46 38.04 -61.70
C THR H 215 -29.66 39.16 -60.67
N LYS H 216 -29.14 40.37 -60.92
CA LYS H 216 -29.28 41.40 -59.91
C LYS H 216 -30.04 42.52 -60.62
N VAL H 217 -31.16 42.85 -59.98
CA VAL H 217 -32.11 43.93 -60.26
C VAL H 217 -32.27 45.13 -59.34
N ASP H 218 -32.14 46.34 -59.88
CA ASP H 218 -32.18 47.54 -59.07
C ASP H 218 -33.27 48.35 -59.78
N LYS H 219 -34.35 48.60 -59.03
CA LYS H 219 -35.56 49.28 -59.51
C LYS H 219 -36.06 50.45 -58.67
N LYS H 220 -36.48 51.50 -59.39
CA LYS H 220 -36.98 52.77 -58.87
C LYS H 220 -38.50 52.91 -59.12
N VAL H 221 -39.28 53.05 -58.04
CA VAL H 221 -40.74 53.15 -58.13
C VAL H 221 -41.34 54.50 -57.71
N GLU H 222 -42.00 55.13 -58.68
CA GLU H 222 -42.74 56.38 -58.52
C GLU H 222 -44.25 56.20 -58.76
N PRO H 223 -45.08 57.11 -58.23
CA PRO H 223 -46.53 57.11 -58.48
C PRO H 223 -46.87 57.16 -59.98
N ASP I 1 -44.50 -0.22 -39.18
CA ASP I 1 -44.28 1.20 -39.38
C ASP I 1 -45.02 1.99 -38.30
N ILE I 2 -44.29 2.80 -37.54
CA ILE I 2 -44.87 3.58 -36.46
C ILE I 2 -45.36 4.94 -36.94
N GLN I 3 -46.60 5.25 -36.58
CA GLN I 3 -47.28 6.49 -36.90
C GLN I 3 -47.46 7.44 -35.71
N MET I 4 -46.98 8.68 -35.84
CA MET I 4 -47.07 9.65 -34.74
C MET I 4 -48.04 10.81 -35.05
N THR I 5 -48.96 11.01 -34.10
CA THR I 5 -50.01 12.04 -34.15
C THR I 5 -49.78 13.13 -33.10
N GLN I 6 -50.21 14.35 -33.41
CA GLN I 6 -50.08 15.49 -32.50
C GLN I 6 -51.25 16.44 -32.69
N SER I 7 -51.70 17.08 -31.60
CA SER I 7 -52.69 18.11 -31.77
C SER I 7 -52.38 19.23 -30.77
N PRO I 8 -53.09 20.38 -30.84
CA PRO I 8 -53.92 20.77 -31.99
C PRO I 8 -52.94 21.12 -33.10
N SER I 9 -53.39 21.26 -34.34
CA SER I 9 -52.47 21.65 -35.41
C SER I 9 -51.73 22.93 -35.10
N SER I 10 -52.42 23.90 -34.52
CA SER I 10 -51.74 25.12 -34.13
C SER I 10 -52.44 25.66 -32.90
N LEU I 11 -51.67 26.40 -32.11
CA LEU I 11 -52.17 27.06 -30.92
C LEU I 11 -51.88 28.56 -30.86
N SER I 12 -52.70 29.28 -30.12
CA SER I 12 -52.53 30.73 -29.99
C SER I 12 -52.90 31.13 -28.57
N ALA I 13 -51.98 31.82 -27.90
CA ALA I 13 -52.17 32.22 -26.50
C ALA I 13 -51.26 33.37 -26.08
N SER I 14 -51.66 34.07 -25.02
CA SER I 14 -50.87 35.15 -24.42
C SER I 14 -49.49 34.73 -23.90
N VAL I 15 -48.57 35.68 -23.84
CA VAL I 15 -47.25 35.50 -23.23
C VAL I 15 -47.36 35.17 -21.74
N GLY I 16 -46.69 34.11 -21.28
CA GLY I 16 -46.75 33.76 -19.87
C GLY I 16 -47.72 32.64 -19.53
N ASP I 17 -48.55 32.27 -20.50
CA ASP I 17 -49.57 31.22 -20.33
C ASP I 17 -48.97 29.85 -20.16
N ARG I 18 -49.71 28.96 -19.48
CA ARG I 18 -49.34 27.56 -19.44
C ARG I 18 -49.98 26.85 -20.61
N VAL I 19 -49.13 26.24 -21.42
CA VAL I 19 -49.54 25.66 -22.68
C VAL I 19 -49.16 24.19 -22.72
N THR I 20 -50.11 23.34 -23.09
CA THR I 20 -49.88 21.89 -23.15
C THR I 20 -50.19 21.35 -24.54
N ILE I 21 -49.25 20.62 -25.13
CA ILE I 21 -49.53 19.96 -26.39
C ILE I 21 -49.39 18.47 -26.20
N THR I 22 -50.07 17.73 -27.05
CA THR I 22 -50.22 16.29 -26.86
C THR I 22 -49.63 15.55 -28.06
N CYS I 23 -49.06 14.38 -27.80
CA CYS I 23 -48.55 13.50 -28.86
C CYS I 23 -49.14 12.11 -28.68
N GLN I 24 -49.61 11.50 -29.78
CA GLN I 24 -50.18 10.16 -29.70
C GLN I 24 -49.58 9.19 -30.73
N ALA I 25 -49.14 8.04 -30.23
CA ALA I 25 -48.51 7.00 -31.06
C ALA I 25 -49.48 5.88 -31.45
N SER I 26 -49.23 5.28 -32.61
CA SER I 26 -50.06 4.19 -33.10
C SER I 26 -49.80 2.89 -32.33
N GLN I 27 -48.67 2.84 -31.62
CA GLN I 27 -48.35 1.71 -30.74
C GLN I 27 -47.43 2.11 -29.59
N ASP I 28 -47.30 1.21 -28.60
CA ASP I 28 -46.40 1.39 -27.46
C ASP I 28 -44.93 1.62 -27.85
N ILE I 29 -44.40 2.79 -27.51
CA ILE I 29 -43.00 3.11 -27.76
C ILE I 29 -42.26 3.40 -26.46
N LYS I 30 -42.84 2.97 -25.35
CA LYS I 30 -42.25 3.15 -24.01
C LYS I 30 -41.92 4.61 -23.74
N LYS I 31 -40.62 4.92 -23.59
CA LYS I 31 -40.19 6.30 -23.40
C LYS I 31 -39.21 6.74 -24.48
N TYR I 32 -39.24 6.04 -25.61
CA TYR I 32 -38.37 6.34 -26.73
C TYR I 32 -38.93 7.52 -27.51
N LEU I 33 -38.93 8.72 -26.92
CA LEU I 33 -39.47 9.88 -27.61
C LEU I 33 -38.61 11.14 -27.46
N ASN I 34 -38.44 11.88 -28.55
CA ASN I 34 -37.77 13.17 -28.52
C ASN I 34 -38.73 14.32 -28.82
N TRP I 35 -38.45 15.50 -28.29
CA TRP I 35 -39.17 16.72 -28.66
C TRP I 35 -38.22 17.73 -29.32
N TYR I 36 -38.70 18.36 -30.37
CA TYR I 36 -37.90 19.37 -31.07
C TYR I 36 -38.62 20.71 -31.11
N HIS I 37 -37.87 21.80 -31.09
CA HIS I 37 -38.41 23.13 -31.33
C HIS I 37 -37.80 23.73 -32.58
N GLN I 38 -38.64 24.21 -33.49
CA GLN I 38 -38.16 24.92 -34.66
C GLN I 38 -38.67 26.35 -34.69
N LYS I 39 -37.78 27.30 -34.44
CA LYS I 39 -38.12 28.70 -34.55
C LYS I 39 -38.25 28.97 -36.03
N PRO I 40 -39.05 29.97 -36.41
CA PRO I 40 -39.16 30.31 -37.83
C PRO I 40 -37.82 30.54 -38.52
N GLY I 41 -37.60 29.81 -39.61
CA GLY I 41 -36.40 29.93 -40.42
C GLY I 41 -35.13 29.35 -39.81
N LYS I 42 -35.23 28.88 -38.58
CA LYS I 42 -34.06 28.34 -37.90
C LYS I 42 -34.08 26.82 -38.03
N VAL I 43 -32.92 26.20 -37.81
CA VAL I 43 -32.81 24.76 -37.83
C VAL I 43 -33.54 24.23 -36.60
N PRO I 44 -34.01 22.97 -36.65
CA PRO I 44 -34.66 22.40 -35.47
C PRO I 44 -33.75 22.34 -34.24
N GLU I 45 -34.35 22.45 -33.06
CA GLU I 45 -33.63 22.34 -31.80
C GLU I 45 -34.19 21.25 -30.90
N LEU I 46 -33.33 20.35 -30.44
CA LEU I 46 -33.73 19.32 -29.50
C LEU I 46 -34.02 19.88 -28.11
N LEU I 47 -35.22 19.64 -27.60
CA LEU I 47 -35.55 20.16 -26.29
C LEU I 47 -35.28 19.15 -25.20
N MET I 48 -35.69 17.90 -25.45
CA MET I 48 -35.53 16.85 -24.46
C MET I 48 -35.62 15.47 -25.09
N HIS I 49 -35.10 14.48 -24.39
CA HIS I 49 -35.11 13.10 -24.89
C HIS I 49 -35.63 12.20 -23.77
N ASP I 50 -35.94 10.95 -24.11
CA ASP I 50 -36.53 9.99 -23.17
C ASP I 50 -37.77 10.55 -22.47
N ALA I 51 -38.59 11.23 -23.26
CA ALA I 51 -39.88 11.77 -22.82
C ALA I 51 -39.77 12.94 -21.85
N SER I 52 -38.72 12.95 -21.04
CA SER I 52 -38.64 13.91 -19.94
C SER I 52 -37.25 14.45 -19.61
N ASN I 53 -36.23 14.02 -20.34
CA ASN I 53 -34.89 14.45 -20.01
C ASN I 53 -34.49 15.67 -20.84
N LEU I 54 -34.55 16.85 -20.22
CA LEU I 54 -34.27 18.11 -20.89
C LEU I 54 -32.80 18.28 -21.24
N GLU I 55 -32.56 18.74 -22.46
CA GLU I 55 -31.20 18.90 -22.96
C GLU I 55 -30.53 20.00 -22.17
N THR I 56 -29.20 19.96 -22.11
CA THR I 56 -28.46 21.01 -21.44
C THR I 56 -28.70 22.34 -22.15
N GLY I 57 -28.86 23.38 -21.34
CA GLY I 57 -29.07 24.72 -21.83
C GLY I 57 -30.55 25.01 -22.11
N VAL I 58 -31.35 23.95 -22.06
CA VAL I 58 -32.79 24.10 -22.23
C VAL I 58 -33.44 24.66 -20.98
N PRO I 59 -34.23 25.73 -21.14
CA PRO I 59 -34.96 26.35 -20.04
C PRO I 59 -35.89 25.37 -19.32
N SER I 60 -35.95 25.49 -18.00
CA SER I 60 -36.79 24.62 -17.17
C SER I 60 -38.29 24.80 -17.35
N ARG I 61 -38.74 25.89 -17.98
CA ARG I 61 -40.18 26.12 -18.15
C ARG I 61 -40.80 25.03 -19.03
N PHE I 62 -39.95 24.26 -19.70
CA PHE I 62 -40.35 23.12 -20.51
C PHE I 62 -40.31 21.87 -19.65
N SER I 63 -41.37 21.06 -19.72
CA SER I 63 -41.40 19.79 -19.02
C SER I 63 -42.21 18.78 -19.82
N GLY I 64 -41.76 17.52 -19.80
CA GLY I 64 -42.42 16.47 -20.56
C GLY I 64 -42.95 15.37 -19.67
N ARG I 65 -44.06 14.78 -20.07
CA ARG I 65 -44.66 13.68 -19.34
C ARG I 65 -45.17 12.59 -20.27
N GLY I 66 -45.44 11.42 -19.71
CA GLY I 66 -46.09 10.36 -20.46
C GLY I 66 -45.31 9.08 -20.65
N SER I 67 -46.03 8.04 -21.06
CA SER I 67 -45.47 6.73 -21.36
C SER I 67 -46.45 5.94 -22.24
N GLY I 68 -45.98 4.90 -22.90
CA GLY I 68 -46.84 4.11 -23.77
C GLY I 68 -47.19 4.80 -25.07
N THR I 69 -48.39 5.37 -25.16
CA THR I 69 -48.88 5.98 -26.41
C THR I 69 -49.23 7.48 -26.29
N ASP I 70 -49.38 7.96 -25.05
CA ASP I 70 -49.77 9.34 -24.78
C ASP I 70 -48.68 10.16 -24.11
N PHE I 71 -48.32 11.27 -24.75
CA PHE I 71 -47.25 12.14 -24.29
C PHE I 71 -47.69 13.58 -24.31
N THR I 72 -47.11 14.38 -23.43
CA THR I 72 -47.39 15.81 -23.38
C THR I 72 -46.07 16.55 -23.25
N LEU I 73 -46.04 17.73 -23.85
CA LEU I 73 -44.96 18.68 -23.65
C LEU I 73 -45.57 19.90 -22.99
N THR I 74 -44.97 20.35 -21.89
CA THR I 74 -45.52 21.47 -21.15
C THR I 74 -44.58 22.66 -21.04
N ILE I 75 -45.10 23.83 -21.37
CA ILE I 75 -44.43 25.11 -21.17
C ILE I 75 -45.07 25.89 -20.04
N SER I 76 -44.36 26.11 -18.94
CA SER I 76 -45.00 26.66 -17.75
C SER I 76 -45.09 28.19 -17.81
N SER I 77 -44.46 28.80 -18.79
CA SER I 77 -44.41 30.26 -18.89
C SER I 77 -44.00 30.71 -20.30
N LEU I 78 -44.94 30.65 -21.23
CA LEU I 78 -44.66 30.88 -22.64
C LEU I 78 -43.97 32.22 -22.92
N GLN I 79 -42.85 32.14 -23.63
CA GLN I 79 -42.07 33.33 -23.99
C GLN I 79 -42.19 33.61 -25.49
N PRO I 80 -41.97 34.88 -25.89
CA PRO I 80 -42.04 35.28 -27.30
C PRO I 80 -41.20 34.47 -28.28
N GLU I 81 -40.00 34.05 -27.89
CA GLU I 81 -39.13 33.29 -28.79
C GLU I 81 -39.53 31.83 -28.95
N ASP I 82 -40.60 31.44 -28.26
CA ASP I 82 -41.11 30.06 -28.34
C ASP I 82 -42.05 29.77 -29.52
N ILE I 83 -42.29 30.75 -30.37
CA ILE I 83 -43.12 30.53 -31.55
C ILE I 83 -42.40 29.65 -32.56
N GLY I 84 -43.15 29.14 -33.53
CA GLY I 84 -42.59 28.26 -34.54
C GLY I 84 -43.31 26.94 -34.49
N THR I 85 -42.59 25.85 -34.73
CA THR I 85 -43.23 24.55 -34.78
C THR I 85 -42.52 23.52 -33.88
N TYR I 86 -43.30 22.73 -33.15
CA TYR I 86 -42.76 21.67 -32.30
C TYR I 86 -43.06 20.29 -32.84
N TYR I 87 -42.06 19.41 -32.81
CA TYR I 87 -42.19 18.06 -33.33
C TYR I 87 -41.81 17.00 -32.30
N CYS I 88 -42.61 15.94 -32.21
CA CYS I 88 -42.19 14.75 -31.45
C CYS I 88 -41.64 13.73 -32.45
N GLN I 89 -40.82 12.79 -31.99
CA GLN I 89 -40.33 11.69 -32.84
C GLN I 89 -39.96 10.44 -32.06
N GLN I 90 -40.27 9.26 -32.62
CA GLN I 90 -39.97 8.02 -31.91
C GLN I 90 -38.68 7.45 -32.45
N TYR I 91 -37.99 6.70 -31.61
CA TYR I 91 -36.79 5.99 -31.99
C TYR I 91 -36.79 4.65 -31.28
N ASP I 92 -37.98 4.05 -31.28
CA ASP I 92 -38.24 2.74 -30.68
C ASP I 92 -37.70 1.66 -31.60
N ASN I 93 -36.64 1.00 -31.15
CA ASN I 93 -36.05 -0.09 -31.90
C ASN I 93 -35.55 0.33 -33.27
N LEU I 94 -36.14 -0.28 -34.27
CA LEU I 94 -35.68 -0.11 -35.61
C LEU I 94 -36.23 1.14 -36.25
N PRO I 95 -35.43 1.74 -37.14
CA PRO I 95 -35.92 2.77 -38.04
C PRO I 95 -37.02 2.15 -38.91
N PRO I 96 -37.80 2.95 -39.64
CA PRO I 96 -37.66 4.41 -39.74
C PRO I 96 -38.01 5.16 -38.48
N LEU I 97 -37.18 6.13 -38.14
CA LEU I 97 -37.57 7.09 -37.14
C LEU I 97 -38.64 7.92 -37.85
N THR I 98 -39.69 8.28 -37.14
CA THR I 98 -40.76 9.04 -37.77
C THR I 98 -41.12 10.27 -36.94
N PHE I 99 -41.41 11.35 -37.64
CA PHE I 99 -41.87 12.56 -37.00
C PHE I 99 -43.40 12.66 -36.96
N GLY I 100 -43.91 13.35 -35.96
CA GLY I 100 -45.29 13.77 -35.93
C GLY I 100 -45.59 14.85 -36.96
N GLY I 101 -46.86 15.18 -37.11
CA GLY I 101 -47.25 16.14 -38.13
C GLY I 101 -46.94 17.56 -37.73
N GLY I 102 -46.61 17.76 -36.46
CA GLY I 102 -46.23 19.08 -35.97
C GLY I 102 -47.27 19.94 -35.26
N THR I 103 -46.80 20.78 -34.33
CA THR I 103 -47.69 21.71 -33.64
C THR I 103 -47.14 23.14 -33.78
N LYS I 104 -47.90 23.99 -34.44
CA LYS I 104 -47.54 25.40 -34.67
C LYS I 104 -47.91 26.32 -33.51
N VAL I 105 -46.98 27.16 -33.08
CA VAL I 105 -47.28 28.06 -31.98
C VAL I 105 -47.28 29.52 -32.41
N GLU I 106 -48.39 30.18 -32.12
CA GLU I 106 -48.57 31.60 -32.39
C GLU I 106 -48.84 32.45 -31.12
N ILE I 107 -48.44 33.72 -31.14
CA ILE I 107 -48.70 34.67 -30.03
C ILE I 107 -49.95 35.52 -30.32
N LYS I 108 -50.93 35.50 -29.41
CA LYS I 108 -52.17 36.26 -29.63
C LYS I 108 -52.10 37.75 -29.29
N ARG I 109 -52.55 38.57 -30.24
CA ARG I 109 -52.31 40.02 -30.24
C ARG I 109 -53.58 40.90 -30.16
N THR I 110 -54.75 40.31 -29.89
CA THR I 110 -56.04 41.04 -29.86
C THR I 110 -56.41 41.37 -31.31
N VAL I 111 -57.70 41.52 -31.60
CA VAL I 111 -58.11 41.86 -32.96
C VAL I 111 -57.57 43.19 -33.47
N ALA I 112 -57.06 43.15 -34.71
CA ALA I 112 -56.55 44.31 -35.43
C ALA I 112 -57.08 44.38 -36.87
N ALA I 113 -57.72 45.47 -37.24
CA ALA I 113 -58.26 45.61 -38.60
C ALA I 113 -57.15 45.87 -39.62
N PRO I 114 -57.28 45.26 -40.81
CA PRO I 114 -56.29 45.45 -41.87
C PRO I 114 -56.40 46.85 -42.50
N SER I 115 -55.27 47.47 -42.84
CA SER I 115 -55.30 48.62 -43.75
C SER I 115 -55.30 48.11 -45.18
N VAL I 116 -56.20 48.62 -46.00
CA VAL I 116 -56.33 48.06 -47.34
C VAL I 116 -55.80 49.04 -48.41
N PHE I 117 -55.00 48.50 -49.34
CA PHE I 117 -54.45 49.25 -50.48
C PHE I 117 -54.65 48.45 -51.76
N ILE I 118 -54.84 49.13 -52.88
CA ILE I 118 -54.93 48.44 -54.16
C ILE I 118 -53.94 48.99 -55.20
N PHE I 119 -53.34 48.09 -55.98
CA PHE I 119 -52.34 48.44 -56.99
C PHE I 119 -52.63 47.94 -58.41
N PRO I 120 -52.80 48.88 -59.36
CA PRO I 120 -52.95 48.52 -60.77
C PRO I 120 -51.68 47.90 -61.34
N PRO I 121 -51.78 47.17 -62.46
CA PRO I 121 -50.59 46.62 -63.12
C PRO I 121 -49.73 47.75 -63.65
N SER I 122 -48.43 47.53 -63.76
CA SER I 122 -47.54 48.55 -64.27
C SER I 122 -47.62 48.60 -65.78
N ASP I 123 -47.26 49.74 -66.36
CA ASP I 123 -47.24 49.91 -67.81
C ASP I 123 -46.23 48.96 -68.45
N GLU I 124 -45.10 48.77 -67.78
CA GLU I 124 -44.01 47.89 -68.25
C GLU I 124 -44.46 46.44 -68.37
N GLN I 125 -45.31 46.01 -67.43
CA GLN I 125 -45.84 44.65 -67.40
C GLN I 125 -46.89 44.41 -68.48
N LEU I 126 -47.69 45.43 -68.75
CA LEU I 126 -48.73 45.35 -69.79
C LEU I 126 -48.14 45.06 -71.17
N LYS I 127 -46.91 45.53 -71.40
CA LYS I 127 -46.19 45.25 -72.64
C LYS I 127 -45.92 43.77 -72.85
N SER I 128 -45.78 43.05 -71.75
CA SER I 128 -45.44 41.64 -71.78
C SER I 128 -46.63 40.72 -72.06
N GLY I 129 -47.83 41.27 -71.92
CA GLY I 129 -49.04 40.52 -72.17
C GLY I 129 -49.56 39.88 -70.89
N THR I 130 -49.11 40.39 -69.76
CA THR I 130 -49.57 39.91 -68.46
C THR I 130 -49.92 41.10 -67.57
N ALA I 131 -51.00 40.99 -66.80
CA ALA I 131 -51.39 42.04 -65.89
C ALA I 131 -51.55 41.50 -64.48
N SER I 132 -50.70 41.92 -63.56
CA SER I 132 -50.90 41.54 -62.18
C SER I 132 -51.45 42.69 -61.37
N VAL I 133 -52.64 42.49 -60.81
CA VAL I 133 -53.24 43.46 -59.91
C VAL I 133 -53.07 42.96 -58.49
N VAL I 134 -52.56 43.82 -57.61
CA VAL I 134 -52.24 43.38 -56.27
C VAL I 134 -53.14 44.06 -55.25
N CYS I 135 -53.71 43.25 -54.37
CA CYS I 135 -54.48 43.75 -53.24
C CYS I 135 -53.73 43.43 -51.95
N LEU I 136 -53.45 44.46 -51.15
CA LEU I 136 -52.72 44.30 -49.89
C LEU I 136 -53.55 44.50 -48.62
N LEU I 137 -53.46 43.52 -47.73
CA LEU I 137 -54.03 43.63 -46.39
C LEU I 137 -52.90 43.76 -45.38
N ASN I 138 -52.84 44.90 -44.70
CA ASN I 138 -51.69 45.20 -43.85
C ASN I 138 -51.97 45.16 -42.36
N ASN I 139 -51.08 44.48 -41.66
CA ASN I 139 -51.03 44.49 -40.21
C ASN I 139 -52.38 44.17 -39.56
N PHE I 140 -52.86 42.93 -39.70
CA PHE I 140 -54.14 42.58 -39.09
C PHE I 140 -54.06 41.37 -38.16
N TYR I 141 -55.10 41.22 -37.34
CA TYR I 141 -55.26 40.07 -36.45
C TYR I 141 -56.74 39.86 -36.12
N PRO I 142 -57.20 38.59 -36.10
CA PRO I 142 -56.41 37.38 -36.34
C PRO I 142 -56.09 37.10 -37.80
N ARG I 143 -55.36 36.01 -38.03
CA ARG I 143 -54.84 35.67 -39.34
C ARG I 143 -55.93 35.40 -40.39
N GLU I 144 -57.05 34.87 -39.92
CA GLU I 144 -58.15 34.51 -40.80
C GLU I 144 -58.77 35.73 -41.46
N ALA I 145 -58.89 35.68 -42.79
CA ALA I 145 -59.46 36.78 -43.55
C ALA I 145 -59.99 36.29 -44.88
N LYS I 146 -61.04 36.95 -45.37
CA LYS I 146 -61.62 36.64 -46.65
C LYS I 146 -61.39 37.80 -47.61
N VAL I 147 -60.76 37.52 -48.75
CA VAL I 147 -60.53 38.52 -49.78
C VAL I 147 -61.27 38.11 -51.05
N GLN I 148 -62.12 39.01 -51.54
CA GLN I 148 -62.91 38.72 -52.73
C GLN I 148 -62.57 39.72 -53.82
N TRP I 149 -62.35 39.20 -55.02
CA TRP I 149 -62.09 40.01 -56.19
C TRP I 149 -63.37 40.28 -56.98
N LYS I 150 -63.51 41.51 -57.48
CA LYS I 150 -64.64 41.86 -58.36
C LYS I 150 -64.19 42.63 -59.61
N VAL I 151 -64.61 42.17 -60.79
CA VAL I 151 -64.27 42.82 -62.05
C VAL I 151 -65.54 43.28 -62.73
N ASP I 152 -65.65 44.58 -62.96
CA ASP I 152 -66.90 45.21 -63.41
C ASP I 152 -68.06 44.76 -62.50
N ASN I 153 -67.75 44.72 -61.21
CA ASN I 153 -68.66 44.37 -60.10
C ASN I 153 -69.11 42.90 -60.03
N ALA I 154 -68.53 42.04 -60.86
CA ALA I 154 -68.90 40.63 -60.90
C ALA I 154 -67.82 39.83 -60.16
N LEU I 155 -68.21 38.85 -59.35
CA LEU I 155 -67.20 38.13 -58.58
C LEU I 155 -66.25 37.33 -59.48
N GLN I 156 -65.03 37.13 -58.98
CA GLN I 156 -64.01 36.35 -59.66
C GLN I 156 -63.64 35.12 -58.86
N SER I 157 -63.39 34.01 -59.55
CA SER I 157 -62.93 32.81 -58.89
C SER I 157 -61.87 32.12 -59.74
N GLY I 158 -60.84 31.57 -59.12
CA GLY I 158 -59.85 30.78 -59.81
C GLY I 158 -58.74 31.53 -60.54
N ASN I 159 -58.75 32.85 -60.46
CA ASN I 159 -57.73 33.67 -61.12
C ASN I 159 -56.94 34.52 -60.13
N SER I 160 -56.87 34.07 -58.90
CA SER I 160 -56.13 34.79 -57.86
C SER I 160 -55.37 33.83 -56.93
N GLN I 161 -54.26 34.32 -56.40
CA GLN I 161 -53.49 33.57 -55.42
C GLN I 161 -53.23 34.49 -54.23
N GLU I 162 -53.21 33.89 -53.05
CA GLU I 162 -52.97 34.63 -51.83
C GLU I 162 -51.65 34.24 -51.19
N SER I 163 -51.03 35.20 -50.52
CA SER I 163 -49.83 34.93 -49.71
C SER I 163 -49.91 35.58 -48.34
N VAL I 164 -49.55 34.83 -47.31
CA VAL I 164 -49.57 35.38 -45.96
C VAL I 164 -48.21 35.25 -45.27
N THR I 165 -47.80 36.30 -44.57
CA THR I 165 -46.54 36.31 -43.85
C THR I 165 -46.58 35.47 -42.57
N GLU I 166 -45.40 35.13 -42.06
CA GLU I 166 -45.27 34.58 -40.70
C GLU I 166 -45.61 35.69 -39.72
N GLN I 167 -45.90 35.32 -38.48
CA GLN I 167 -46.23 36.34 -37.50
C GLN I 167 -45.03 37.24 -37.28
N ASP I 168 -45.29 38.55 -37.19
CA ASP I 168 -44.25 39.55 -37.01
C ASP I 168 -43.64 39.45 -35.62
N SER I 169 -42.31 39.48 -35.55
CA SER I 169 -41.60 39.30 -34.29
C SER I 169 -41.64 40.51 -33.35
N LYS I 170 -42.35 41.57 -33.75
CA LYS I 170 -42.40 42.79 -32.95
C LYS I 170 -43.84 43.08 -32.49
N ASP I 171 -44.77 43.14 -33.44
CA ASP I 171 -46.16 43.45 -33.10
C ASP I 171 -47.14 42.27 -33.26
N SER I 172 -46.64 41.11 -33.63
CA SER I 172 -47.44 39.87 -33.63
C SER I 172 -48.62 39.85 -34.62
N THR I 173 -48.57 40.70 -35.63
CA THR I 173 -49.62 40.74 -36.64
C THR I 173 -49.23 40.01 -37.90
N TYR I 174 -50.20 39.90 -38.80
CA TYR I 174 -49.97 39.33 -40.12
C TYR I 174 -50.25 40.41 -41.16
N SER I 175 -49.66 40.23 -42.34
CA SER I 175 -49.99 41.02 -43.52
C SER I 175 -50.35 40.06 -44.65
N LEU I 176 -51.16 40.51 -45.61
CA LEU I 176 -51.59 39.61 -46.66
C LEU I 176 -51.61 40.25 -48.04
N SER I 177 -51.16 39.48 -49.03
CA SER I 177 -51.28 39.88 -50.42
C SER I 177 -52.12 38.88 -51.20
N SER I 178 -52.97 39.40 -52.07
CA SER I 178 -53.73 38.57 -52.99
C SER I 178 -53.39 39.09 -54.37
N THR I 179 -52.94 38.22 -55.27
CA THR I 179 -52.52 38.70 -56.58
C THR I 179 -53.44 38.14 -57.68
N LEU I 180 -54.09 39.06 -58.39
CA LEU I 180 -54.92 38.72 -59.53
C LEU I 180 -54.15 38.80 -60.83
N THR I 181 -54.09 37.68 -61.56
CA THR I 181 -53.35 37.64 -62.81
C THR I 181 -54.22 37.30 -64.03
N LEU I 182 -54.22 38.19 -65.02
CA LEU I 182 -54.95 38.01 -66.29
C LEU I 182 -54.05 38.30 -67.49
N SER I 183 -54.47 37.84 -68.67
CA SER I 183 -53.83 38.26 -69.91
C SER I 183 -54.16 39.73 -70.19
N LYS I 184 -53.34 40.40 -71.00
CA LYS I 184 -53.57 41.80 -71.37
C LYS I 184 -54.93 42.02 -72.02
N ALA I 185 -55.32 41.07 -72.86
CA ALA I 185 -56.58 41.14 -73.57
C ALA I 185 -57.79 41.19 -72.63
N ASP I 186 -57.81 40.34 -71.61
CA ASP I 186 -58.93 40.33 -70.66
C ASP I 186 -59.00 41.59 -69.81
N TYR I 187 -57.85 42.09 -69.39
CA TYR I 187 -57.79 43.29 -68.55
C TYR I 187 -58.40 44.52 -69.22
N GLU I 188 -58.10 44.73 -70.50
CA GLU I 188 -58.54 45.95 -71.18
C GLU I 188 -59.98 45.88 -71.69
N LYS I 189 -60.66 44.77 -71.43
CA LYS I 189 -62.06 44.63 -71.81
C LYS I 189 -63.02 45.05 -70.69
N HIS I 190 -62.45 45.44 -69.54
CA HIS I 190 -63.26 45.85 -68.41
C HIS I 190 -62.73 47.14 -67.82
N LYS I 191 -63.56 47.79 -67.01
CA LYS I 191 -63.23 49.12 -66.52
C LYS I 191 -62.75 49.15 -65.07
N VAL I 192 -63.59 48.64 -64.18
CA VAL I 192 -63.35 48.81 -62.76
C VAL I 192 -62.92 47.52 -62.09
N TYR I 193 -61.88 47.65 -61.26
CA TYR I 193 -61.34 46.52 -60.53
C TYR I 193 -61.38 46.83 -59.02
N ALA I 194 -61.87 45.89 -58.23
CA ALA I 194 -62.09 46.11 -56.80
C ALA I 194 -61.78 44.85 -56.01
N CYS I 195 -61.17 45.03 -54.85
CA CYS I 195 -61.00 43.94 -53.90
C CYS I 195 -61.74 44.17 -52.59
N GLU I 196 -62.55 43.19 -52.21
CA GLU I 196 -63.33 43.27 -50.99
C GLU I 196 -62.76 42.43 -49.87
N VAL I 197 -62.57 43.06 -48.71
CA VAL I 197 -61.93 42.42 -47.59
C VAL I 197 -62.97 42.30 -46.49
N THR I 198 -63.16 41.11 -45.96
CA THR I 198 -64.04 40.95 -44.81
C THR I 198 -63.16 40.40 -43.70
N HIS I 199 -63.21 41.02 -42.53
CA HIS I 199 -62.34 40.59 -41.45
C HIS I 199 -62.97 40.93 -40.11
N GLN I 200 -62.57 40.21 -39.06
CA GLN I 200 -63.16 40.39 -37.75
C GLN I 200 -62.89 41.81 -37.24
N GLY I 201 -61.80 42.40 -37.71
CA GLY I 201 -61.41 43.75 -37.34
C GLY I 201 -62.20 44.83 -38.06
N LEU I 202 -62.99 44.43 -39.04
CA LEU I 202 -63.75 45.38 -39.84
C LEU I 202 -65.23 45.16 -39.59
N SER I 203 -65.93 46.22 -39.20
CA SER I 203 -67.36 46.12 -38.92
C SER I 203 -68.14 45.63 -40.13
N SER I 204 -67.74 46.13 -41.30
CA SER I 204 -68.32 45.72 -42.57
C SER I 204 -67.20 45.57 -43.57
N PRO I 205 -67.38 44.71 -44.58
CA PRO I 205 -66.34 44.57 -45.61
C PRO I 205 -65.86 45.91 -46.16
N VAL I 206 -64.54 46.07 -46.33
CA VAL I 206 -63.97 47.29 -46.89
C VAL I 206 -63.54 47.04 -48.33
N THR I 207 -63.96 47.92 -49.24
CA THR I 207 -63.59 47.76 -50.64
C THR I 207 -62.72 48.91 -51.14
N LYS I 208 -61.59 48.53 -51.73
CA LYS I 208 -60.71 49.46 -52.41
C LYS I 208 -60.68 49.09 -53.89
N SER I 209 -60.80 50.11 -54.74
CA SER I 209 -60.93 49.89 -56.18
C SER I 209 -60.26 50.94 -57.05
N PHE I 210 -60.17 50.63 -58.35
CA PHE I 210 -59.72 51.59 -59.33
C PHE I 210 -60.36 51.37 -60.71
N ASN I 211 -60.31 52.42 -61.52
CA ASN I 211 -60.71 52.40 -62.93
C ASN I 211 -59.47 52.52 -63.79
N ARG I 212 -59.43 51.74 -64.86
CA ARG I 212 -58.34 51.83 -65.83
C ARG I 212 -58.18 53.25 -66.34
N GLY I 213 -56.95 53.74 -66.27
CA GLY I 213 -56.61 55.08 -66.69
C GLY I 213 -56.77 56.09 -65.57
N VAL J 2 -21.04 0.65 39.31
CA VAL J 2 -20.47 -0.23 40.32
C VAL J 2 -21.30 -0.14 41.59
N GLN J 3 -22.54 -0.63 41.54
CA GLN J 3 -23.41 -0.64 42.72
C GLN J 3 -24.54 -1.65 42.70
N LEU J 4 -24.68 -2.39 43.80
CA LEU J 4 -25.74 -3.39 43.92
C LEU J 4 -26.58 -3.12 45.18
N VAL J 5 -27.88 -3.06 45.00
CA VAL J 5 -28.80 -2.80 46.12
C VAL J 5 -29.88 -3.89 46.26
N GLU J 6 -29.84 -4.60 47.39
CA GLU J 6 -30.81 -5.66 47.64
C GLU J 6 -32.09 -5.13 48.26
N SER J 7 -33.16 -5.90 48.12
CA SER J 7 -34.43 -5.54 48.74
C SER J 7 -35.31 -6.78 48.88
N GLY J 8 -36.30 -6.71 49.77
CA GLY J 8 -37.25 -7.78 49.95
C GLY J 8 -37.08 -8.59 51.22
N GLY J 9 -36.12 -8.21 52.06
CA GLY J 9 -35.85 -8.92 53.30
C GLY J 9 -36.95 -8.71 54.32
N GLY J 10 -36.89 -9.42 55.43
CA GLY J 10 -37.90 -9.28 56.47
C GLY J 10 -38.29 -10.60 57.12
N VAL J 11 -39.33 -10.56 57.95
CA VAL J 11 -39.78 -11.76 58.63
C VAL J 11 -40.78 -12.56 57.79
N VAL J 12 -40.65 -13.88 57.88
CA VAL J 12 -41.54 -14.81 57.21
C VAL J 12 -41.74 -15.99 58.14
N GLN J 13 -42.98 -16.45 58.27
CA GLN J 13 -43.26 -17.58 59.14
C GLN J 13 -42.74 -18.84 58.48
N PRO J 14 -42.21 -19.77 59.29
CA PRO J 14 -41.67 -21.03 58.76
C PRO J 14 -42.68 -21.76 57.90
N GLY J 15 -42.22 -22.34 56.81
CA GLY J 15 -43.08 -23.05 55.88
C GLY J 15 -43.56 -22.12 54.77
N ARG J 16 -43.51 -20.82 55.02
CA ARG J 16 -43.98 -19.83 54.05
C ARG J 16 -42.87 -19.40 53.08
N SER J 17 -43.20 -18.43 52.22
CA SER J 17 -42.30 -18.01 51.14
C SER J 17 -41.87 -16.55 51.21
N LEU J 18 -40.75 -16.26 50.56
CA LEU J 18 -40.22 -14.90 50.47
C LEU J 18 -39.39 -14.70 49.19
N ARG J 19 -39.58 -13.55 48.54
CA ARG J 19 -38.85 -13.20 47.32
C ARG J 19 -37.89 -12.05 47.49
N LEU J 20 -36.62 -12.27 47.14
CA LEU J 20 -35.64 -11.20 47.15
C LEU J 20 -35.42 -10.65 45.75
N SER J 21 -35.05 -9.38 45.67
CA SER J 21 -34.78 -8.74 44.40
C SER J 21 -33.46 -7.99 44.50
N CYS J 22 -32.74 -7.88 43.40
CA CYS J 22 -31.45 -7.20 43.39
C CYS J 22 -31.35 -6.23 42.20
N ALA J 23 -31.26 -4.94 42.49
CA ALA J 23 -31.15 -3.94 41.42
C ALA J 23 -29.69 -3.57 41.17
N ALA J 24 -29.30 -3.65 39.91
CA ALA J 24 -27.91 -3.41 39.51
C ALA J 24 -27.75 -2.14 38.68
N SER J 25 -26.60 -1.49 38.81
CA SER J 25 -26.30 -0.28 38.04
C SER J 25 -24.78 -0.05 37.95
N GLY J 26 -24.36 0.63 36.88
CA GLY J 26 -22.97 1.03 36.71
C GLY J 26 -22.05 0.05 36.02
N PHE J 27 -22.60 -1.06 35.53
CA PHE J 27 -21.80 -2.00 34.77
C PHE J 27 -22.64 -2.75 33.75
N SER J 28 -21.97 -3.41 32.82
CA SER J 28 -22.64 -4.16 31.78
C SER J 28 -23.28 -5.43 32.33
N PHE J 29 -24.44 -5.26 32.96
CA PHE J 29 -25.13 -6.32 33.70
C PHE J 29 -25.35 -7.63 32.94
N SER J 30 -25.75 -7.52 31.67
CA SER J 30 -26.14 -8.68 30.88
C SER J 30 -24.94 -9.54 30.49
N HIS J 31 -23.75 -9.12 30.94
CA HIS J 31 -22.52 -9.82 30.61
C HIS J 31 -21.86 -10.51 31.80
N TYR J 32 -22.51 -10.49 32.97
CA TYR J 32 -21.90 -11.11 34.14
C TYR J 32 -22.75 -12.24 34.74
N ALA J 33 -22.12 -13.36 35.10
CA ALA J 33 -22.80 -14.33 35.97
C ALA J 33 -23.09 -13.68 37.33
N MET J 34 -24.18 -14.09 37.98
CA MET J 34 -24.51 -13.53 39.30
C MET J 34 -24.73 -14.56 40.40
N HIS J 35 -24.22 -14.29 41.59
CA HIS J 35 -24.34 -15.22 42.71
C HIS J 35 -25.22 -14.69 43.84
N TRP J 36 -25.75 -15.61 44.64
CA TRP J 36 -26.29 -15.29 45.96
C TRP J 36 -25.48 -16.04 47.02
N VAL J 37 -25.19 -15.35 48.12
CA VAL J 37 -24.44 -15.91 49.24
C VAL J 37 -25.11 -15.45 50.54
N ARG J 38 -25.15 -16.32 51.55
CA ARG J 38 -25.78 -15.90 52.80
C ARG J 38 -24.88 -16.07 54.01
N GLN J 39 -25.21 -15.35 55.07
CA GLN J 39 -24.43 -15.36 56.30
C GLN J 39 -25.34 -15.18 57.52
N ALA J 40 -25.50 -16.22 58.32
CA ALA J 40 -26.27 -16.09 59.55
C ALA J 40 -25.46 -15.23 60.55
N PRO J 41 -26.14 -14.52 61.46
CA PRO J 41 -25.46 -13.63 62.42
C PRO J 41 -24.31 -14.30 63.18
N GLY J 42 -23.09 -13.76 63.04
CA GLY J 42 -21.92 -14.28 63.75
C GLY J 42 -21.29 -15.54 63.18
N LYS J 43 -21.77 -16.00 62.04
CA LYS J 43 -21.26 -17.22 61.41
C LYS J 43 -20.59 -16.93 60.06
N GLY J 44 -20.19 -17.99 59.37
CA GLY J 44 -19.44 -17.87 58.14
C GLY J 44 -20.25 -17.74 56.87
N LEU J 45 -19.57 -17.52 55.75
CA LEU J 45 -20.18 -17.41 54.44
C LEU J 45 -20.64 -18.75 53.87
N GLU J 46 -21.81 -18.75 53.22
CA GLU J 46 -22.33 -19.94 52.55
C GLU J 46 -22.82 -19.61 51.16
N TRP J 47 -22.20 -20.23 50.15
CA TRP J 47 -22.62 -20.02 48.78
C TRP J 47 -24.01 -20.62 48.62
N VAL J 48 -24.90 -19.91 47.91
CA VAL J 48 -26.29 -20.35 47.82
C VAL J 48 -26.68 -20.79 46.42
N ALA J 49 -26.45 -19.91 45.45
CA ALA J 49 -26.85 -20.19 44.07
C ALA J 49 -26.13 -19.30 43.06
N VAL J 50 -26.12 -19.74 41.81
CA VAL J 50 -25.62 -18.93 40.72
C VAL J 50 -26.49 -19.03 39.46
N ILE J 51 -26.53 -17.94 38.70
CA ILE J 51 -27.18 -17.93 37.39
C ILE J 51 -26.20 -17.37 36.36
N SER J 52 -26.13 -18.00 35.20
CA SER J 52 -25.21 -17.55 34.16
C SER J 52 -25.64 -16.19 33.62
N TYR J 53 -24.73 -15.53 32.92
CA TYR J 53 -24.99 -14.18 32.44
C TYR J 53 -26.26 -14.14 31.55
N ASP J 54 -26.53 -15.22 30.82
CA ASP J 54 -27.69 -15.23 29.92
C ASP J 54 -28.88 -15.96 30.54
N GLY J 55 -28.72 -16.44 31.77
CA GLY J 55 -29.82 -17.09 32.45
C GLY J 55 -30.13 -18.52 32.02
N GLU J 56 -29.27 -19.08 31.18
CA GLU J 56 -29.54 -20.41 30.64
C GLU J 56 -29.23 -21.51 31.65
N ASN J 57 -28.18 -21.30 32.44
CA ASN J 57 -27.70 -22.27 33.42
C ASN J 57 -27.81 -21.75 34.85
N THR J 58 -28.22 -22.62 35.75
CA THR J 58 -28.32 -22.30 37.17
C THR J 58 -27.77 -23.42 38.05
N TYR J 59 -27.23 -23.05 39.20
CA TYR J 59 -26.76 -24.03 40.16
C TYR J 59 -27.12 -23.56 41.55
N TYR J 60 -27.28 -24.51 42.46
CA TYR J 60 -27.77 -24.19 43.78
C TYR J 60 -26.97 -24.91 44.87
N ALA J 61 -26.89 -24.33 46.07
CA ALA J 61 -26.30 -25.04 47.20
C ALA J 61 -27.17 -26.25 47.55
N ASP J 62 -26.55 -27.32 48.02
CA ASP J 62 -27.29 -28.55 48.34
C ASP J 62 -28.35 -28.32 49.41
N SER J 63 -28.10 -27.38 50.31
CA SER J 63 -28.99 -27.13 51.43
C SER J 63 -30.24 -26.35 51.05
N VAL J 64 -30.29 -25.83 49.83
CA VAL J 64 -31.45 -25.08 49.38
C VAL J 64 -32.04 -25.61 48.08
N LYS J 65 -31.47 -26.71 47.58
CA LYS J 65 -31.93 -27.32 46.33
C LYS J 65 -33.39 -27.75 46.37
N GLY J 66 -34.13 -27.43 45.32
CA GLY J 66 -35.55 -27.80 45.25
C GLY J 66 -36.46 -26.79 45.92
N ARG J 67 -35.89 -25.92 46.74
CA ARG J 67 -36.67 -24.96 47.52
C ARG J 67 -36.44 -23.54 47.01
N PHE J 68 -35.24 -23.27 46.51
CA PHE J 68 -34.92 -21.93 46.01
C PHE J 68 -34.89 -21.93 44.49
N SER J 69 -35.24 -20.80 43.89
CA SER J 69 -35.11 -20.62 42.46
C SER J 69 -34.58 -19.24 42.15
N ILE J 70 -33.56 -19.19 41.29
CA ILE J 70 -32.93 -17.94 40.91
C ILE J 70 -33.29 -17.57 39.47
N SER J 71 -33.56 -16.29 39.24
CA SER J 71 -33.87 -15.81 37.90
C SER J 71 -33.33 -14.41 37.67
N ARG J 72 -33.37 -13.95 36.41
CA ARG J 72 -32.91 -12.61 36.08
C ARG J 72 -33.66 -11.98 34.92
N ASP J 73 -33.65 -10.65 34.88
CA ASP J 73 -34.21 -9.88 33.79
C ASP J 73 -33.18 -8.87 33.26
N ASN J 74 -32.55 -9.21 32.14
CA ASN J 74 -31.47 -8.38 31.59
C ASN J 74 -32.00 -7.05 31.07
N SER J 75 -33.29 -7.02 30.75
CA SER J 75 -33.93 -5.81 30.27
C SER J 75 -34.13 -4.83 31.43
N LYS J 76 -34.17 -5.35 32.67
CA LYS J 76 -34.38 -4.51 33.84
C LYS J 76 -33.22 -4.47 34.80
N ASN J 77 -32.11 -5.09 34.43
CA ASN J 77 -30.92 -5.12 35.27
C ASN J 77 -31.32 -5.62 36.66
N THR J 78 -31.99 -6.76 36.71
CA THR J 78 -32.53 -7.27 37.97
C THR J 78 -32.21 -8.74 38.18
N VAL J 79 -31.78 -9.09 39.40
CA VAL J 79 -31.71 -10.49 39.81
C VAL J 79 -32.63 -10.80 40.99
N SER J 80 -33.35 -11.92 40.93
CA SER J 80 -34.26 -12.31 42.01
C SER J 80 -33.92 -13.70 42.58
N LEU J 81 -34.23 -13.89 43.86
CA LEU J 81 -34.09 -15.19 44.51
C LEU J 81 -35.38 -15.60 45.20
N GLN J 82 -36.07 -16.61 44.66
CA GLN J 82 -37.30 -17.10 45.27
C GLN J 82 -37.08 -18.20 46.29
N MET J 83 -37.45 -17.93 47.54
CA MET J 83 -37.24 -18.86 48.65
C MET J 83 -38.55 -19.47 49.16
N ASN J 84 -38.74 -20.76 48.94
CA ASN J 84 -39.96 -21.45 49.33
C ASN J 84 -39.79 -22.37 50.54
N SER J 85 -40.88 -22.57 51.29
CA SER J 85 -40.89 -23.42 52.49
C SER J 85 -39.68 -23.14 53.38
N LEU J 86 -39.62 -21.93 53.92
CA LEU J 86 -38.46 -21.51 54.69
C LEU J 86 -38.38 -22.19 56.05
N ARG J 87 -37.16 -22.46 56.47
CA ARG J 87 -36.90 -23.01 57.79
C ARG J 87 -36.21 -21.99 58.67
N PRO J 88 -36.32 -22.15 59.99
CA PRO J 88 -35.61 -21.29 60.93
C PRO J 88 -34.10 -21.26 60.64
N GLU J 89 -33.57 -22.33 60.03
CA GLU J 89 -32.14 -22.40 59.73
C GLU J 89 -31.80 -21.56 58.51
N ASP J 90 -32.81 -21.00 57.86
CA ASP J 90 -32.58 -20.10 56.72
C ASP J 90 -32.41 -18.64 57.12
N THR J 91 -32.58 -18.34 58.41
CA THR J 91 -32.39 -16.98 58.90
C THR J 91 -30.95 -16.52 58.73
N ALA J 92 -30.76 -15.44 57.99
CA ALA J 92 -29.42 -14.95 57.67
C ALA J 92 -29.47 -13.61 56.93
N LEU J 93 -28.30 -12.99 56.78
CA LEU J 93 -28.13 -11.89 55.85
C LEU J 93 -27.81 -12.44 54.47
N TYR J 94 -28.56 -12.02 53.46
CA TYR J 94 -28.39 -12.53 52.10
C TYR J 94 -27.74 -11.51 51.17
N TYR J 95 -26.59 -11.85 50.62
CA TYR J 95 -25.86 -10.96 49.72
C TYR J 95 -26.13 -11.25 48.25
N CYS J 96 -26.31 -10.19 47.48
CA CYS J 96 -26.30 -10.25 46.02
C CYS J 96 -24.85 -9.98 45.58
N ALA J 97 -24.34 -10.80 44.67
CA ALA J 97 -22.95 -10.65 44.26
C ALA J 97 -22.64 -10.96 42.79
N ARG J 98 -21.72 -10.18 42.22
CA ARG J 98 -21.36 -10.28 40.81
C ARG J 98 -20.17 -11.20 40.60
N ASP J 99 -20.25 -12.07 39.60
CA ASP J 99 -19.11 -12.90 39.24
C ASP J 99 -18.01 -12.01 38.71
N ARG J 100 -16.76 -12.43 38.86
CA ARG J 100 -15.65 -11.57 38.49
C ARG J 100 -15.35 -11.69 36.99
N ILE J 101 -15.91 -12.70 36.33
CA ILE J 101 -15.60 -12.97 34.93
C ILE J 101 -16.82 -12.86 34.00
N VAL J 102 -16.59 -12.36 32.78
CA VAL J 102 -17.67 -12.08 31.83
C VAL J 102 -17.97 -13.21 30.84
N ASP J 103 -19.26 -13.41 30.54
CA ASP J 103 -19.73 -14.28 29.46
C ASP J 103 -19.19 -15.70 29.51
N ASP J 104 -19.27 -16.33 30.67
CA ASP J 104 -18.65 -17.63 30.85
C ASP J 104 -19.63 -18.57 31.53
N TYR J 105 -19.61 -19.85 31.14
CA TYR J 105 -20.44 -20.85 31.79
C TYR J 105 -19.72 -21.53 32.95
N TYR J 106 -18.44 -21.20 33.13
CA TYR J 106 -17.72 -21.50 34.37
C TYR J 106 -17.96 -20.41 35.40
N TYR J 107 -17.95 -20.79 36.67
CA TYR J 107 -18.18 -19.80 37.69
C TYR J 107 -16.97 -19.62 38.59
N TYR J 108 -16.70 -18.37 38.94
CA TYR J 108 -15.49 -18.00 39.66
C TYR J 108 -15.87 -17.23 40.91
N GLY J 109 -14.92 -16.48 41.46
CA GLY J 109 -15.19 -15.68 42.64
C GLY J 109 -16.11 -14.50 42.39
N MET J 110 -16.40 -13.76 43.46
CA MET J 110 -17.26 -12.58 43.39
C MET J 110 -16.50 -11.31 43.81
N ASP J 111 -16.45 -10.32 42.93
CA ASP J 111 -15.63 -9.13 43.20
C ASP J 111 -16.45 -7.89 43.57
N VAL J 112 -17.76 -7.94 43.36
CA VAL J 112 -18.65 -6.85 43.79
C VAL J 112 -19.80 -7.37 44.65
N TRP J 113 -19.96 -6.84 45.85
CA TRP J 113 -20.96 -7.31 46.79
C TRP J 113 -21.94 -6.20 47.18
N GLY J 114 -23.23 -6.55 47.23
CA GLY J 114 -24.25 -5.65 47.76
C GLY J 114 -24.20 -5.62 49.27
N GLN J 115 -24.91 -4.68 49.88
CA GLN J 115 -24.88 -4.55 51.34
C GLN J 115 -25.68 -5.65 52.06
N GLY J 116 -26.62 -6.28 51.34
CA GLY J 116 -27.36 -7.42 51.85
C GLY J 116 -28.73 -7.14 52.43
N ALA J 117 -29.63 -8.13 52.35
CA ALA J 117 -30.96 -8.03 52.95
C ALA J 117 -31.18 -9.09 54.05
N THR J 118 -31.64 -8.65 55.22
CA THR J 118 -31.87 -9.57 56.33
C THR J 118 -33.22 -10.29 56.22
N VAL J 119 -33.20 -11.63 56.22
CA VAL J 119 -34.42 -12.42 56.18
C VAL J 119 -34.59 -13.27 57.45
N THR J 120 -35.66 -13.05 58.21
CA THR J 120 -35.84 -13.86 59.41
C THR J 120 -37.03 -14.82 59.35
N VAL J 121 -36.75 -16.11 59.49
CA VAL J 121 -37.76 -17.16 59.49
C VAL J 121 -38.10 -17.64 60.91
N SER J 122 -39.23 -17.26 61.49
CA SER J 122 -39.42 -17.64 62.89
C SER J 122 -40.85 -17.67 63.43
N SER J 123 -41.08 -18.47 64.47
CA SER J 123 -42.40 -18.50 65.08
C SER J 123 -42.49 -17.58 66.29
N ALA J 124 -41.35 -17.04 66.71
CA ALA J 124 -41.30 -16.08 67.81
C ALA J 124 -41.94 -14.77 67.37
N SER J 125 -42.48 -13.97 68.28
CA SER J 125 -43.14 -12.75 67.83
C SER J 125 -42.10 -11.63 67.78
N THR J 126 -42.35 -10.65 66.93
CA THR J 126 -41.46 -9.49 66.82
C THR J 126 -41.58 -8.55 68.01
N LYS J 127 -40.45 -8.09 68.55
CA LYS J 127 -40.45 -7.16 69.67
C LYS J 127 -39.39 -6.06 69.53
N GLY J 128 -39.81 -4.82 69.75
CA GLY J 128 -38.91 -3.67 69.73
C GLY J 128 -38.10 -3.48 70.99
N PRO J 129 -36.90 -2.86 70.87
CA PRO J 129 -36.03 -2.68 72.03
C PRO J 129 -36.36 -1.45 72.87
N SER J 130 -35.97 -1.50 74.15
CA SER J 130 -35.97 -0.32 75.02
C SER J 130 -34.53 0.13 75.24
N VAL J 131 -34.29 1.43 75.15
CA VAL J 131 -32.91 1.94 75.25
C VAL J 131 -32.66 2.61 76.61
N PHE J 132 -31.64 2.14 77.32
CA PHE J 132 -31.29 2.71 78.63
C PHE J 132 -29.89 3.32 78.59
N PRO J 133 -29.68 4.41 79.33
CA PRO J 133 -28.38 5.10 79.32
C PRO J 133 -27.35 4.45 80.26
N LEU J 134 -26.10 4.41 79.82
CA LEU J 134 -25.01 4.02 80.71
C LEU J 134 -24.22 5.29 81.11
N ALA J 135 -24.64 5.91 82.21
CA ALA J 135 -24.12 7.22 82.64
C ALA J 135 -22.65 7.23 83.06
N PRO J 136 -21.94 8.33 82.72
CA PRO J 136 -20.57 8.52 83.20
C PRO J 136 -20.55 8.97 84.67
N SER J 137 -19.46 8.68 85.37
CA SER J 137 -19.32 9.10 86.76
C SER J 137 -17.98 9.80 86.98
N GLY J 144 -7.32 11.54 81.42
CA GLY J 144 -8.64 12.14 81.50
C GLY J 144 -9.57 11.66 80.41
N THR J 145 -10.03 10.41 80.54
CA THR J 145 -10.91 9.81 79.55
C THR J 145 -12.08 9.12 80.24
N ALA J 146 -13.29 9.40 79.76
CA ALA J 146 -14.48 8.82 80.34
C ALA J 146 -15.15 7.88 79.36
N ALA J 147 -15.85 6.89 79.91
CA ALA J 147 -16.61 5.95 79.11
C ALA J 147 -18.09 6.17 79.36
N LEU J 148 -18.89 6.13 78.30
CA LEU J 148 -20.32 6.23 78.43
C LEU J 148 -20.93 5.31 77.41
N GLY J 149 -22.23 5.12 77.48
CA GLY J 149 -22.85 4.24 76.53
C GLY J 149 -24.35 4.05 76.66
N CYS J 150 -24.84 3.02 75.99
CA CYS J 150 -26.26 2.70 75.98
C CYS J 150 -26.48 1.21 76.17
N LEU J 151 -27.43 0.85 77.02
CA LEU J 151 -27.81 -0.53 77.18
C LEU J 151 -29.02 -0.83 76.31
N VAL J 152 -28.85 -1.72 75.34
CA VAL J 152 -29.92 -2.09 74.42
C VAL J 152 -30.48 -3.46 74.79
N LYS J 153 -31.63 -3.46 75.45
CA LYS J 153 -32.11 -4.65 76.14
C LYS J 153 -33.41 -5.22 75.56
N ASP J 154 -33.51 -6.55 75.63
CA ASP J 154 -34.75 -7.27 75.33
C ASP J 154 -35.34 -7.07 73.93
N TYR J 155 -34.69 -7.63 72.92
CA TYR J 155 -35.24 -7.54 71.57
C TYR J 155 -35.15 -8.85 70.80
N PHE J 156 -35.98 -8.98 69.77
CA PHE J 156 -35.99 -10.16 68.92
C PHE J 156 -36.67 -9.79 67.58
N PRO J 157 -36.11 -10.24 66.44
CA PRO J 157 -34.87 -10.98 66.26
C PRO J 157 -33.70 -10.04 65.98
N GLU J 158 -32.58 -10.62 65.57
CA GLU J 158 -31.42 -9.85 65.11
C GLU J 158 -31.63 -9.24 63.72
N PRO J 159 -30.89 -8.17 63.39
CA PRO J 159 -29.92 -7.44 64.23
C PRO J 159 -30.42 -6.05 64.64
N VAL J 160 -29.68 -5.39 65.52
CA VAL J 160 -29.89 -3.95 65.78
C VAL J 160 -28.66 -3.14 65.37
N THR J 161 -28.89 -1.92 64.89
CA THR J 161 -27.76 -1.03 64.59
C THR J 161 -27.68 0.13 65.58
N VAL J 162 -26.47 0.46 66.02
CA VAL J 162 -26.28 1.58 66.93
C VAL J 162 -25.20 2.51 66.38
N SER J 163 -25.52 3.80 66.27
CA SER J 163 -24.55 4.80 65.88
C SER J 163 -24.52 5.94 66.89
N TRP J 164 -23.45 6.74 66.85
CA TRP J 164 -23.30 7.88 67.73
C TRP J 164 -23.19 9.22 66.98
N ASN J 165 -23.98 10.19 67.42
CA ASN J 165 -24.09 11.50 66.78
C ASN J 165 -24.40 11.42 65.29
N SER J 166 -25.37 10.58 64.95
CA SER J 166 -25.79 10.34 63.57
C SER J 166 -24.62 10.02 62.65
N GLY J 167 -23.67 9.25 63.17
CA GLY J 167 -22.53 8.80 62.38
C GLY J 167 -21.33 9.72 62.46
N ALA J 168 -21.47 10.86 63.14
CA ALA J 168 -20.38 11.82 63.26
C ALA J 168 -19.33 11.31 64.23
N LEU J 169 -19.77 10.49 65.19
CA LEU J 169 -18.89 9.89 66.19
C LEU J 169 -18.69 8.41 65.90
N THR J 170 -17.47 8.04 65.55
CA THR J 170 -17.16 6.65 65.22
C THR J 170 -15.93 6.19 65.99
N SER J 171 -15.07 7.14 66.35
CA SER J 171 -13.84 6.84 67.08
C SER J 171 -14.08 6.47 68.54
N GLY J 172 -13.54 5.33 68.95
CA GLY J 172 -13.63 4.87 70.33
C GLY J 172 -14.94 4.15 70.65
N VAL J 173 -15.75 3.95 69.63
CA VAL J 173 -17.04 3.29 69.78
C VAL J 173 -16.89 1.77 69.76
N HIS J 174 -17.44 1.11 70.77
CA HIS J 174 -17.50 -0.35 70.77
C HIS J 174 -18.95 -0.80 70.92
N THR J 175 -19.49 -1.45 69.89
CA THR J 175 -20.83 -2.02 69.99
C THR J 175 -20.76 -3.54 70.11
N PHE J 176 -21.04 -4.03 71.31
CA PHE J 176 -20.86 -5.43 71.64
C PHE J 176 -21.89 -6.31 70.92
N PRO J 177 -21.50 -7.56 70.63
CA PRO J 177 -22.41 -8.54 70.03
C PRO J 177 -23.56 -8.90 70.97
N ALA J 178 -24.74 -9.17 70.39
CA ALA J 178 -25.94 -9.47 71.17
C ALA J 178 -25.76 -10.75 71.98
N VAL J 179 -26.34 -10.77 73.17
CA VAL J 179 -26.36 -11.97 73.99
C VAL J 179 -27.77 -12.53 74.08
N LEU J 180 -27.90 -13.86 74.01
CA LEU J 180 -29.21 -14.48 74.16
C LEU J 180 -29.51 -14.73 75.64
N GLN J 181 -30.61 -14.18 76.11
CA GLN J 181 -31.02 -14.32 77.49
C GLN J 181 -31.85 -15.59 77.65
N SER J 182 -32.07 -16.03 78.88
CA SER J 182 -32.85 -17.23 79.11
C SER J 182 -34.31 -17.02 78.68
N SER J 183 -34.70 -15.76 78.53
CA SER J 183 -36.04 -15.41 78.03
C SER J 183 -36.21 -15.64 76.52
N GLY J 184 -35.10 -15.82 75.80
CA GLY J 184 -35.15 -16.03 74.36
C GLY J 184 -35.08 -14.74 73.56
N LEU J 185 -34.82 -13.62 74.26
CA LEU J 185 -34.71 -12.32 73.62
C LEU J 185 -33.25 -11.87 73.63
N TYR J 186 -32.87 -11.03 72.66
CA TYR J 186 -31.49 -10.57 72.59
C TYR J 186 -31.29 -9.22 73.31
N SER J 187 -30.06 -8.97 73.74
CA SER J 187 -29.70 -7.67 74.32
C SER J 187 -28.21 -7.36 74.14
N LEU J 188 -27.89 -6.09 73.93
CA LEU J 188 -26.50 -5.66 73.86
C LEU J 188 -26.35 -4.27 74.47
N SER J 189 -25.10 -3.84 74.66
CA SER J 189 -24.85 -2.48 75.05
C SER J 189 -23.89 -1.86 74.05
N SER J 190 -23.97 -0.54 73.89
CA SER J 190 -22.98 0.18 73.13
C SER J 190 -22.32 1.21 74.03
N VAL J 191 -21.00 1.25 74.01
CA VAL J 191 -20.25 2.13 74.90
C VAL J 191 -19.25 2.96 74.09
N VAL J 192 -19.05 4.21 74.49
CA VAL J 192 -18.04 5.07 73.87
C VAL J 192 -17.13 5.70 74.91
N THR J 193 -15.85 5.79 74.58
CA THR J 193 -14.91 6.53 75.39
C THR J 193 -14.61 7.86 74.73
N VAL J 194 -14.83 8.92 75.49
CA VAL J 194 -14.63 10.28 75.02
C VAL J 194 -13.77 11.03 76.04
N PRO J 195 -13.11 12.12 75.61
CA PRO J 195 -12.37 12.96 76.57
C PRO J 195 -13.29 13.52 77.66
N SER J 196 -12.87 13.40 78.92
CA SER J 196 -13.70 13.80 80.06
C SER J 196 -13.99 15.29 80.11
N SER J 197 -13.14 16.10 79.47
CA SER J 197 -13.37 17.53 79.43
C SER J 197 -14.58 17.84 78.56
N SER J 198 -14.94 16.88 77.70
CA SER J 198 -16.08 17.02 76.80
C SER J 198 -17.45 16.82 77.47
N LEU J 199 -17.49 16.12 78.61
CA LEU J 199 -18.77 15.89 79.28
C LEU J 199 -19.39 17.22 79.69
N GLY J 200 -20.71 17.32 79.60
CA GLY J 200 -21.39 18.53 80.00
C GLY J 200 -21.46 19.54 78.87
N THR J 201 -20.51 19.48 77.94
CA THR J 201 -20.49 20.42 76.82
C THR J 201 -20.92 19.80 75.49
N GLN J 202 -20.35 18.64 75.16
CA GLN J 202 -20.67 17.92 73.92
C GLN J 202 -21.86 16.97 74.13
N THR J 203 -22.81 16.99 73.20
CA THR J 203 -23.97 16.11 73.34
C THR J 203 -23.71 14.72 72.78
N TYR J 204 -24.03 13.71 73.59
CA TYR J 204 -23.93 12.33 73.13
C TYR J 204 -25.30 11.68 73.19
N ILE J 205 -25.77 11.23 72.04
CA ILE J 205 -27.07 10.57 71.97
C ILE J 205 -26.90 9.31 71.11
N CYS J 206 -27.30 8.17 71.65
CA CYS J 206 -27.16 6.90 70.94
C CYS J 206 -28.34 6.64 70.01
N ASN J 207 -28.04 6.31 68.76
CA ASN J 207 -29.08 6.05 67.77
C ASN J 207 -29.24 4.55 67.58
N VAL J 208 -30.34 4.01 68.09
CA VAL J 208 -30.59 2.57 68.05
C VAL J 208 -31.69 2.30 67.03
N ASN J 209 -31.41 1.35 66.13
CA ASN J 209 -32.39 0.99 65.11
C ASN J 209 -32.66 -0.51 65.09
N HIS J 210 -33.95 -0.86 65.22
CA HIS J 210 -34.40 -2.24 65.12
C HIS J 210 -35.44 -2.35 64.01
N LYS J 211 -34.95 -2.67 62.82
CA LYS J 211 -35.77 -2.70 61.61
C LYS J 211 -37.00 -3.64 61.64
N PRO J 212 -36.87 -4.87 62.19
CA PRO J 212 -38.06 -5.73 62.17
C PRO J 212 -39.28 -5.23 62.96
N SER J 213 -39.08 -4.48 64.04
CA SER J 213 -40.20 -3.93 64.81
C SER J 213 -40.57 -2.47 64.50
N ASN J 214 -39.92 -1.90 63.49
CA ASN J 214 -40.11 -0.49 63.12
C ASN J 214 -39.87 0.48 64.26
N THR J 215 -38.94 0.11 65.15
CA THR J 215 -38.61 0.90 66.32
C THR J 215 -37.42 1.81 66.01
N LYS J 216 -37.57 3.11 66.24
CA LYS J 216 -36.45 4.02 65.99
C LYS J 216 -36.36 4.97 67.18
N VAL J 217 -35.34 4.77 68.01
CA VAL J 217 -35.21 5.52 69.25
C VAL J 217 -33.91 6.31 69.34
N ASP J 218 -34.01 7.60 69.59
CA ASP J 218 -32.86 8.43 69.87
C ASP J 218 -32.86 8.84 71.34
N LYS J 219 -31.80 8.50 72.06
CA LYS J 219 -31.75 8.72 73.50
C LYS J 219 -30.47 9.40 73.96
N LYS J 220 -30.62 10.58 74.55
CA LYS J 220 -29.50 11.39 75.00
C LYS J 220 -28.89 10.82 76.30
N VAL J 221 -27.56 10.79 76.37
CA VAL J 221 -26.84 10.27 77.53
C VAL J 221 -26.14 11.37 78.31
N GLU J 222 -26.58 11.55 79.56
CA GLU J 222 -26.06 12.58 80.45
C GLU J 222 -25.38 12.01 81.71
N PRO J 223 -24.46 12.78 82.33
CA PRO J 223 -23.86 12.39 83.62
C PRO J 223 -24.90 12.20 84.72
N ASP K 1 -19.23 -33.44 46.25
CA ASP K 1 -19.11 -32.11 46.82
C ASP K 1 -17.75 -31.87 47.48
N ILE K 2 -17.10 -30.77 47.11
CA ILE K 2 -15.76 -30.48 47.56
C ILE K 2 -15.75 -29.73 48.91
N GLN K 3 -15.09 -30.30 49.92
CA GLN K 3 -15.01 -29.68 51.25
C GLN K 3 -13.81 -28.76 51.49
N MET K 4 -14.07 -27.55 51.99
CA MET K 4 -12.98 -26.61 52.32
C MET K 4 -12.79 -26.42 53.82
N THR K 5 -11.59 -26.72 54.32
CA THR K 5 -11.29 -26.59 55.74
C THR K 5 -10.27 -25.48 56.00
N GLN K 6 -10.59 -24.57 56.92
CA GLN K 6 -9.66 -23.49 57.20
C GLN K 6 -9.08 -23.63 58.60
N SER K 7 -7.83 -23.20 58.78
CA SER K 7 -7.19 -23.24 60.09
C SER K 7 -6.21 -22.07 60.25
N PRO K 8 -6.09 -21.55 61.48
CA PRO K 8 -6.90 -21.93 62.65
C PRO K 8 -8.28 -21.26 62.57
N SER K 9 -9.15 -21.53 63.53
CA SER K 9 -10.47 -20.88 63.57
C SER K 9 -10.22 -19.43 63.96
N SER K 10 -9.28 -19.25 64.87
CA SER K 10 -8.84 -17.93 65.29
C SER K 10 -7.35 -18.02 65.65
N LEU K 11 -6.64 -16.90 65.51
CA LEU K 11 -5.22 -16.82 65.85
C LEU K 11 -4.85 -15.44 66.36
N SER K 12 -3.79 -15.36 67.15
CA SER K 12 -3.33 -14.07 67.64
C SER K 12 -1.87 -13.79 67.32
N ALA K 13 -1.63 -12.60 66.76
CA ALA K 13 -0.30 -12.15 66.36
C ALA K 13 -0.22 -10.64 66.56
N SER K 14 0.99 -10.08 66.59
CA SER K 14 1.18 -8.65 66.85
C SER K 14 1.20 -7.79 65.59
N VAL K 15 0.95 -6.48 65.75
CA VAL K 15 1.05 -5.59 64.61
C VAL K 15 2.45 -5.72 64.05
N GLY K 16 2.55 -5.88 62.74
CA GLY K 16 3.83 -6.03 62.07
C GLY K 16 4.22 -7.49 61.92
N ASP K 17 3.48 -8.37 62.59
CA ASP K 17 3.76 -9.81 62.55
C ASP K 17 3.46 -10.37 61.18
N ARG K 18 4.15 -11.44 60.83
CA ARG K 18 3.83 -12.22 59.64
C ARG K 18 2.81 -13.30 59.99
N VAL K 19 1.66 -13.29 59.32
CA VAL K 19 0.57 -14.19 59.70
C VAL K 19 0.20 -15.07 58.53
N THR K 20 0.12 -16.37 58.82
CA THR K 20 -0.21 -17.36 57.82
C THR K 20 -1.43 -18.18 58.24
N ILE K 21 -2.43 -18.27 57.36
CA ILE K 21 -3.56 -19.14 57.63
C ILE K 21 -3.62 -20.18 56.52
N THR K 22 -4.21 -21.33 56.81
CA THR K 22 -4.12 -22.47 55.90
C THR K 22 -5.51 -22.90 55.47
N CYS K 23 -5.62 -23.35 54.23
CA CYS K 23 -6.87 -23.89 53.71
C CYS K 23 -6.61 -25.26 53.09
N GLN K 24 -7.48 -26.22 53.39
CA GLN K 24 -7.33 -27.56 52.84
C GLN K 24 -8.62 -28.04 52.17
N ALA K 25 -8.48 -28.50 50.93
CA ALA K 25 -9.59 -28.98 50.14
C ALA K 25 -9.70 -30.49 50.18
N SER K 26 -10.92 -31.00 50.12
CA SER K 26 -11.16 -32.43 50.22
C SER K 26 -10.72 -33.18 48.95
N GLN K 27 -10.48 -32.44 47.87
CA GLN K 27 -9.94 -33.03 46.65
C GLN K 27 -9.14 -32.03 45.83
N ASP K 28 -8.41 -32.53 44.83
CA ASP K 28 -7.58 -31.70 43.97
C ASP K 28 -8.38 -30.60 43.28
N ILE K 29 -8.04 -29.34 43.56
CA ILE K 29 -8.68 -28.21 42.91
C ILE K 29 -7.70 -27.32 42.15
N LYS K 30 -6.51 -27.84 41.88
CA LYS K 30 -5.45 -27.10 41.19
C LYS K 30 -5.19 -25.76 41.90
N LYS K 31 -5.44 -24.66 41.20
CA LYS K 31 -5.30 -23.33 41.78
C LYS K 31 -6.61 -22.56 41.71
N TYR K 32 -7.71 -23.29 41.57
CA TYR K 32 -9.01 -22.65 41.48
C TYR K 32 -9.45 -22.25 42.89
N LEU K 33 -8.76 -21.28 43.48
CA LEU K 33 -9.08 -20.85 44.84
C LEU K 33 -9.07 -19.33 44.96
N ASN K 34 -10.07 -18.82 45.67
CA ASN K 34 -10.14 -17.40 46.00
C ASN K 34 -9.96 -17.11 47.49
N TRP K 35 -9.44 -15.92 47.81
CA TRP K 35 -9.43 -15.44 49.19
C TRP K 35 -10.23 -14.15 49.39
N TYR K 36 -10.97 -14.12 50.50
CA TYR K 36 -11.75 -12.95 50.87
C TYR K 36 -11.37 -12.44 52.25
N HIS K 37 -11.50 -11.12 52.42
CA HIS K 37 -11.37 -10.49 53.71
C HIS K 37 -12.70 -9.84 54.08
N GLN K 38 -13.19 -10.14 55.28
CA GLN K 38 -14.39 -9.46 55.77
C GLN K 38 -14.08 -8.69 57.03
N LYS K 39 -14.06 -7.36 56.92
CA LYS K 39 -13.90 -6.55 58.11
C LYS K 39 -15.22 -6.63 58.86
N PRO K 40 -15.17 -6.46 60.19
CA PRO K 40 -16.39 -6.44 61.01
C PRO K 40 -17.42 -5.42 60.52
N GLY K 41 -18.65 -5.87 60.29
CA GLY K 41 -19.71 -4.96 59.87
C GLY K 41 -19.71 -4.57 58.41
N LYS K 42 -18.73 -5.07 57.67
CA LYS K 42 -18.58 -4.69 56.27
C LYS K 42 -18.79 -5.88 55.35
N VAL K 43 -18.99 -5.62 54.06
CA VAL K 43 -19.09 -6.71 53.08
C VAL K 43 -17.71 -7.29 52.83
N PRO K 44 -17.65 -8.57 52.42
CA PRO K 44 -16.40 -9.22 52.06
C PRO K 44 -15.68 -8.54 50.89
N GLU K 45 -14.35 -8.63 50.90
CA GLU K 45 -13.55 -8.10 49.81
C GLU K 45 -12.68 -9.23 49.23
N LEU K 46 -12.74 -9.40 47.92
CA LEU K 46 -11.91 -10.39 47.26
C LEU K 46 -10.45 -9.95 47.27
N LEU K 47 -9.58 -10.79 47.81
CA LEU K 47 -8.17 -10.47 47.88
C LEU K 47 -7.38 -11.01 46.69
N MET K 48 -7.64 -12.26 46.31
CA MET K 48 -6.91 -12.87 45.21
C MET K 48 -7.62 -14.07 44.59
N HIS K 49 -7.24 -14.38 43.36
CA HIS K 49 -7.81 -15.50 42.62
C HIS K 49 -6.67 -16.33 42.05
N ASP K 50 -6.98 -17.53 41.54
CA ASP K 50 -5.98 -18.46 41.05
C ASP K 50 -4.90 -18.65 42.10
N ALA K 51 -5.34 -18.74 43.35
CA ALA K 51 -4.52 -19.01 44.53
C ALA K 51 -3.57 -17.86 44.94
N SER K 52 -3.10 -17.07 43.98
CA SER K 52 -2.04 -16.12 44.30
C SER K 52 -2.08 -14.79 43.54
N ASN K 53 -3.08 -14.60 42.70
CA ASN K 53 -3.12 -13.39 41.89
C ASN K 53 -3.96 -12.31 42.56
N LEU K 54 -3.29 -11.31 43.11
CA LEU K 54 -3.94 -10.23 43.86
C LEU K 54 -4.82 -9.34 42.99
N GLU K 55 -5.97 -8.94 43.50
CA GLU K 55 -6.80 -7.95 42.83
C GLU K 55 -6.14 -6.58 42.87
N THR K 56 -6.46 -5.75 41.88
CA THR K 56 -5.91 -4.40 41.83
C THR K 56 -6.37 -3.61 43.07
N GLY K 57 -5.45 -2.83 43.64
CA GLY K 57 -5.74 -2.02 44.81
C GLY K 57 -5.58 -2.73 46.15
N VAL K 58 -5.40 -4.05 46.09
CA VAL K 58 -5.16 -4.85 47.28
C VAL K 58 -3.72 -4.65 47.74
N PRO K 59 -3.52 -4.38 49.04
CA PRO K 59 -2.18 -4.11 49.57
C PRO K 59 -1.19 -5.24 49.30
N SER K 60 0.05 -4.85 49.01
CA SER K 60 1.10 -5.78 48.65
C SER K 60 1.46 -6.79 49.75
N ARG K 61 1.08 -6.48 50.99
CA ARG K 61 1.43 -7.35 52.12
C ARG K 61 0.74 -8.70 52.11
N PHE K 62 -0.27 -8.86 51.27
CA PHE K 62 -0.94 -10.14 51.12
C PHE K 62 -0.33 -10.98 50.01
N SER K 63 -0.08 -12.25 50.30
CA SER K 63 0.40 -13.19 49.29
C SER K 63 -0.15 -14.56 49.60
N GLY K 64 -0.47 -15.30 48.54
CA GLY K 64 -1.05 -16.63 48.65
C GLY K 64 -0.15 -17.67 48.03
N ARG K 65 -0.16 -18.88 48.59
CA ARG K 65 0.63 -19.97 48.05
C ARG K 65 -0.15 -21.27 48.06
N GLY K 66 0.33 -22.26 47.31
CA GLY K 66 -0.23 -23.58 47.36
C GLY K 66 -0.85 -24.05 46.05
N SER K 67 -1.08 -25.35 45.97
CA SER K 67 -1.72 -25.96 44.81
C SER K 67 -2.27 -27.32 45.24
N GLY K 68 -3.19 -27.87 44.45
CA GLY K 68 -3.79 -29.15 44.78
C GLY K 68 -4.81 -29.05 45.89
N THR K 69 -4.42 -29.44 47.10
CA THR K 69 -5.38 -29.47 48.21
C THR K 69 -4.94 -28.60 49.38
N ASP K 70 -3.67 -28.21 49.39
CA ASP K 70 -3.13 -27.42 50.49
C ASP K 70 -2.72 -26.01 50.04
N PHE K 71 -3.30 -25.02 50.71
CA PHE K 71 -3.09 -23.62 50.37
C PHE K 71 -2.80 -22.77 51.61
N THR K 72 -2.05 -21.70 51.40
CA THR K 72 -1.76 -20.76 52.47
C THR K 72 -1.95 -19.34 51.98
N LEU K 73 -2.38 -18.48 52.90
CA LEU K 73 -2.42 -17.05 52.73
C LEU K 73 -1.46 -16.45 53.72
N THR K 74 -0.58 -15.58 53.24
CA THR K 74 0.41 -15.01 54.11
C THR K 74 0.30 -13.48 54.14
N ILE K 75 0.29 -12.94 55.35
CA ILE K 75 0.36 -11.50 55.56
C ILE K 75 1.75 -11.19 56.10
N SER K 76 2.54 -10.45 55.32
CA SER K 76 3.96 -10.28 55.63
C SER K 76 4.20 -9.17 56.64
N SER K 77 3.15 -8.41 56.94
CA SER K 77 3.26 -7.26 57.82
C SER K 77 1.87 -6.91 58.30
N LEU K 78 1.38 -7.68 59.26
CA LEU K 78 -0.01 -7.57 59.70
C LEU K 78 -0.34 -6.14 60.09
N GLN K 79 -1.39 -5.61 59.49
CA GLN K 79 -1.86 -4.26 59.76
C GLN K 79 -3.18 -4.29 60.54
N PRO K 80 -3.46 -3.19 61.27
CA PRO K 80 -4.68 -3.06 62.07
C PRO K 80 -5.98 -3.33 61.29
N GLU K 81 -6.06 -2.92 60.03
CA GLU K 81 -7.27 -3.09 59.23
C GLU K 81 -7.48 -4.53 58.71
N ASP K 82 -6.56 -5.43 59.03
CA ASP K 82 -6.64 -6.85 58.63
C ASP K 82 -7.50 -7.76 59.50
N ILE K 83 -8.14 -7.23 60.52
CA ILE K 83 -9.04 -8.04 61.36
C ILE K 83 -10.30 -8.47 60.64
N GLY K 84 -10.99 -9.42 61.24
CA GLY K 84 -12.21 -9.95 60.69
C GLY K 84 -12.05 -11.43 60.46
N THR K 85 -12.65 -11.91 59.37
CA THR K 85 -12.64 -13.33 59.07
C THR K 85 -12.16 -13.50 57.63
N TYR K 86 -11.30 -14.47 57.41
CA TYR K 86 -10.81 -14.75 56.06
C TYR K 86 -11.43 -16.05 55.60
N TYR K 87 -11.87 -16.06 54.35
CA TYR K 87 -12.53 -17.21 53.79
C TYR K 87 -11.86 -17.66 52.51
N CYS K 88 -11.66 -18.96 52.36
CA CYS K 88 -11.25 -19.51 51.08
C CYS K 88 -12.47 -20.04 50.32
N GLN K 89 -12.37 -20.14 49.01
CA GLN K 89 -13.45 -20.77 48.22
C GLN K 89 -12.96 -21.37 46.91
N GLN K 90 -13.51 -22.53 46.55
CA GLN K 90 -13.10 -23.21 45.33
C GLN K 90 -14.09 -22.94 44.21
N TYR K 91 -13.60 -22.99 42.98
CA TYR K 91 -14.45 -22.84 41.82
C TYR K 91 -13.93 -23.79 40.76
N ASP K 92 -13.56 -24.97 41.23
CA ASP K 92 -13.03 -26.04 40.38
C ASP K 92 -14.17 -26.68 39.64
N ASN K 93 -14.23 -26.48 38.32
CA ASN K 93 -15.26 -27.09 37.51
C ASN K 93 -16.67 -26.72 37.90
N LEU K 94 -17.42 -27.73 38.31
CA LEU K 94 -18.82 -27.55 38.55
C LEU K 94 -19.08 -26.97 39.92
N PRO K 95 -20.14 -26.17 40.02
CA PRO K 95 -20.71 -25.74 41.29
C PRO K 95 -21.20 -26.98 42.06
N PRO K 96 -21.52 -26.84 43.35
CA PRO K 96 -21.51 -25.61 44.16
C PRO K 96 -20.12 -25.07 44.41
N LEU K 97 -19.96 -23.76 44.29
CA LEU K 97 -18.77 -23.12 44.80
C LEU K 97 -18.94 -23.23 46.30
N THR K 98 -17.86 -23.50 47.02
CA THR K 98 -17.97 -23.65 48.47
C THR K 98 -16.94 -22.81 49.21
N PHE K 99 -17.37 -22.25 50.33
CA PHE K 99 -16.50 -21.49 51.21
C PHE K 99 -15.93 -22.35 52.34
N GLY K 100 -14.75 -21.97 52.82
CA GLY K 100 -14.21 -22.50 54.07
C GLY K 100 -15.00 -21.96 55.25
N GLY K 101 -14.71 -22.47 56.43
CA GLY K 101 -15.48 -22.10 57.60
C GLY K 101 -15.06 -20.72 58.08
N GLY K 102 -13.95 -20.25 57.54
CA GLY K 102 -13.46 -18.93 57.86
C GLY K 102 -12.36 -18.98 58.90
N THR K 103 -11.46 -18.02 58.81
CA THR K 103 -10.39 -17.91 59.79
C THR K 103 -10.38 -16.52 60.38
N LYS K 104 -10.62 -16.44 61.68
CA LYS K 104 -10.62 -15.15 62.32
C LYS K 104 -9.17 -14.87 62.65
N VAL K 105 -8.71 -13.68 62.32
CA VAL K 105 -7.34 -13.29 62.58
C VAL K 105 -7.43 -12.16 63.58
N GLU K 106 -6.68 -12.31 64.67
CA GLU K 106 -6.68 -11.25 65.65
C GLU K 106 -5.27 -10.68 65.76
N ILE K 107 -5.17 -9.38 66.05
CA ILE K 107 -3.89 -8.69 66.24
C ILE K 107 -3.52 -8.53 67.74
N LYS K 108 -2.31 -8.91 68.13
CA LYS K 108 -1.75 -8.71 69.49
C LYS K 108 -0.94 -7.43 69.83
N ARG K 109 -1.39 -6.60 70.78
CA ARG K 109 -0.59 -5.38 71.01
C ARG K 109 0.34 -5.60 72.21
N THR K 110 0.81 -6.83 72.47
CA THR K 110 1.76 -7.07 73.59
C THR K 110 0.73 -7.17 74.72
N VAL K 111 1.03 -7.83 75.83
CA VAL K 111 0.02 -7.88 76.87
C VAL K 111 -0.37 -6.47 77.31
N ALA K 112 -1.69 -6.30 77.39
CA ALA K 112 -2.34 -5.06 77.82
C ALA K 112 -3.45 -5.18 78.85
N ALA K 113 -3.29 -4.47 79.96
CA ALA K 113 -4.26 -4.49 81.03
C ALA K 113 -5.49 -3.69 80.64
N PRO K 114 -6.68 -4.19 81.02
CA PRO K 114 -7.95 -3.51 80.73
C PRO K 114 -8.18 -2.25 81.55
N SER K 115 -8.77 -1.24 80.93
CA SER K 115 -9.31 -0.12 81.68
C SER K 115 -10.73 -0.50 82.13
N VAL K 116 -11.02 -0.31 83.42
CA VAL K 116 -12.29 -0.75 83.98
C VAL K 116 -13.25 0.42 84.32
N PHE K 117 -14.51 0.26 83.93
CA PHE K 117 -15.57 1.22 84.21
C PHE K 117 -16.81 0.50 84.76
N ILE K 118 -17.55 1.17 85.64
CA ILE K 118 -18.80 0.62 86.14
C ILE K 118 -19.97 1.60 85.96
N PHE K 119 -21.13 1.08 85.58
CA PHE K 119 -22.32 1.89 85.33
C PHE K 119 -23.47 1.41 86.18
N PRO K 120 -23.96 2.28 87.09
CA PRO K 120 -25.17 1.91 87.84
C PRO K 120 -26.37 1.82 86.90
N PRO K 121 -27.45 1.14 87.32
CA PRO K 121 -28.64 1.11 86.48
C PRO K 121 -29.25 2.50 86.39
N SER K 122 -29.94 2.79 85.30
CA SER K 122 -30.54 4.11 85.15
C SER K 122 -31.85 4.19 85.93
N ASP K 123 -32.24 5.42 86.27
CA ASP K 123 -33.49 5.66 86.96
C ASP K 123 -34.70 5.22 86.12
N GLU K 124 -34.60 5.44 84.82
CA GLU K 124 -35.66 5.08 83.87
C GLU K 124 -35.94 3.56 83.84
N GLN K 125 -34.87 2.79 83.95
CA GLN K 125 -34.94 1.32 83.96
C GLN K 125 -35.48 0.79 85.28
N LEU K 126 -35.13 1.47 86.39
CA LEU K 126 -35.60 1.09 87.72
C LEU K 126 -37.13 1.14 87.78
N LYS K 127 -37.72 2.05 87.01
CA LYS K 127 -39.18 2.15 86.88
C LYS K 127 -39.78 0.87 86.31
N SER K 128 -39.00 0.14 85.51
CA SER K 128 -39.50 -1.07 84.85
C SER K 128 -39.48 -2.27 85.78
N GLY K 129 -38.78 -2.15 86.90
CA GLY K 129 -38.72 -3.22 87.87
C GLY K 129 -37.51 -4.08 87.59
N THR K 130 -36.58 -3.53 86.83
CA THR K 130 -35.35 -4.23 86.50
C THR K 130 -34.17 -3.28 86.71
N ALA K 131 -33.06 -3.82 87.22
CA ALA K 131 -31.85 -3.03 87.43
C ALA K 131 -30.67 -3.69 86.74
N SER K 132 -30.13 -3.04 85.71
CA SER K 132 -28.93 -3.54 85.06
C SER K 132 -27.67 -2.76 85.43
N VAL K 133 -26.72 -3.46 86.04
CA VAL K 133 -25.42 -2.89 86.34
C VAL K 133 -24.42 -3.41 85.32
N VAL K 134 -23.67 -2.51 84.70
CA VAL K 134 -22.80 -2.88 83.59
C VAL K 134 -21.33 -2.69 83.96
N CYS K 135 -20.52 -3.72 83.71
CA CYS K 135 -19.08 -3.63 83.87
C CYS K 135 -18.41 -3.71 82.52
N LEU K 136 -17.61 -2.70 82.21
CA LEU K 136 -16.91 -2.63 80.94
C LEU K 136 -15.41 -2.84 81.10
N LEU K 137 -14.86 -3.76 80.31
CA LEU K 137 -13.42 -3.89 80.24
C LEU K 137 -13.01 -3.39 78.87
N ASN K 138 -12.25 -2.31 78.85
CA ASN K 138 -11.96 -1.65 77.58
C ASN K 138 -10.52 -1.83 77.15
N ASN K 139 -10.39 -2.20 75.89
CA ASN K 139 -9.12 -2.25 75.19
C ASN K 139 -8.01 -3.05 75.90
N PHE K 140 -8.19 -4.37 75.99
CA PHE K 140 -7.21 -5.23 76.63
C PHE K 140 -6.75 -6.38 75.75
N TYR K 141 -5.63 -6.98 76.15
CA TYR K 141 -5.09 -8.18 75.53
C TYR K 141 -4.22 -8.90 76.54
N PRO K 142 -4.33 -10.24 76.58
CA PRO K 142 -5.14 -11.17 75.77
C PRO K 142 -6.61 -11.24 76.12
N ARG K 143 -7.33 -12.05 75.35
CA ARG K 143 -8.78 -12.17 75.45
C ARG K 143 -9.16 -12.64 76.84
N GLU K 144 -8.31 -13.47 77.40
CA GLU K 144 -8.60 -14.07 78.69
C GLU K 144 -8.66 -13.10 79.84
N ALA K 145 -9.78 -13.16 80.53
CA ALA K 145 -10.00 -12.34 81.69
C ALA K 145 -11.06 -13.02 82.54
N LYS K 146 -10.96 -12.83 83.84
CA LYS K 146 -11.97 -13.36 84.73
C LYS K 146 -12.65 -12.13 85.28
N VAL K 147 -13.97 -12.03 85.10
CA VAL K 147 -14.68 -10.90 85.66
C VAL K 147 -15.66 -11.45 86.68
N GLN K 148 -15.53 -10.95 87.91
CA GLN K 148 -16.39 -11.42 88.98
C GLN K 148 -17.21 -10.28 89.57
N TRP K 149 -18.50 -10.53 89.75
CA TRP K 149 -19.42 -9.58 90.37
C TRP K 149 -19.52 -9.83 91.86
N LYS K 150 -19.55 -8.73 92.60
CA LYS K 150 -19.77 -8.80 94.03
C LYS K 150 -20.84 -7.81 94.46
N VAL K 151 -21.81 -8.31 95.21
CA VAL K 151 -22.92 -7.51 95.72
C VAL K 151 -22.91 -7.55 97.24
N ASP K 152 -22.78 -6.38 97.86
CA ASP K 152 -22.53 -6.30 99.31
C ASP K 152 -21.37 -7.21 99.69
N ASN K 153 -20.32 -7.17 98.87
CA ASN K 153 -19.08 -7.90 99.04
C ASN K 153 -19.23 -9.42 98.84
N ALA K 154 -20.40 -9.85 98.39
CA ALA K 154 -20.67 -11.28 98.16
C ALA K 154 -20.61 -11.67 96.68
N LEU K 155 -19.82 -12.69 96.36
CA LEU K 155 -19.66 -13.14 94.96
C LEU K 155 -20.99 -13.65 94.37
N GLN K 156 -21.26 -13.30 93.13
CA GLN K 156 -22.51 -13.67 92.45
C GLN K 156 -22.29 -14.76 91.41
N SER K 157 -23.33 -15.55 91.14
CA SER K 157 -23.26 -16.60 90.11
C SER K 157 -24.61 -16.90 89.50
N GLY K 158 -24.62 -17.15 88.19
CA GLY K 158 -25.84 -17.57 87.50
C GLY K 158 -26.72 -16.40 87.10
N ASN K 159 -26.32 -15.19 87.50
CA ASN K 159 -27.10 -13.99 87.21
C ASN K 159 -26.37 -12.94 86.37
N SER K 160 -25.43 -13.37 85.54
CA SER K 160 -24.71 -12.44 84.67
C SER K 160 -24.40 -13.00 83.27
N GLN K 161 -24.33 -12.10 82.28
CA GLN K 161 -23.94 -12.49 80.93
C GLN K 161 -22.83 -11.57 80.42
N GLU K 162 -21.93 -12.14 79.61
CA GLU K 162 -20.84 -11.38 79.04
C GLU K 162 -20.95 -11.27 77.53
N SER K 163 -20.46 -10.16 76.98
CA SER K 163 -20.36 -10.04 75.53
C SER K 163 -18.99 -9.49 75.18
N VAL K 164 -18.32 -10.07 74.19
CA VAL K 164 -17.01 -9.56 73.80
C VAL K 164 -17.00 -9.23 72.31
N THR K 165 -16.41 -8.10 71.96
CA THR K 165 -16.32 -7.70 70.57
C THR K 165 -15.30 -8.51 69.77
N GLU K 166 -15.42 -8.47 68.45
CA GLU K 166 -14.32 -8.94 67.61
C GLU K 166 -13.22 -7.92 67.86
N GLN K 167 -11.99 -8.26 67.53
CA GLN K 167 -10.89 -7.34 67.75
C GLN K 167 -11.02 -6.06 66.92
N ASP K 168 -10.68 -4.93 67.52
CA ASP K 168 -10.75 -3.57 66.93
C ASP K 168 -9.70 -3.33 65.81
N SER K 169 -10.11 -2.72 64.69
CA SER K 169 -9.23 -2.53 63.50
C SER K 169 -8.16 -1.46 63.63
N LYS K 170 -8.04 -0.82 64.77
CA LYS K 170 -7.06 0.27 64.93
C LYS K 170 -5.94 0.08 65.98
N ASP K 171 -6.34 -0.22 67.22
CA ASP K 171 -5.45 -0.39 68.37
C ASP K 171 -5.21 -1.81 68.90
N SER K 172 -5.77 -2.79 68.20
CA SER K 172 -5.57 -4.23 68.42
C SER K 172 -5.99 -4.89 69.73
N THR K 173 -6.98 -4.30 70.37
CA THR K 173 -7.58 -4.78 71.61
C THR K 173 -8.94 -5.48 71.48
N TYR K 174 -9.43 -6.02 72.60
CA TYR K 174 -10.77 -6.58 72.72
C TYR K 174 -11.43 -5.70 73.76
N SER K 175 -12.76 -5.68 73.75
CA SER K 175 -13.49 -5.05 74.83
C SER K 175 -14.46 -6.08 75.35
N LEU K 176 -14.84 -5.94 76.62
CA LEU K 176 -15.71 -6.91 77.23
C LEU K 176 -16.71 -6.19 78.11
N SER K 177 -17.95 -6.67 78.07
CA SER K 177 -18.99 -6.20 78.96
C SER K 177 -19.48 -7.35 79.83
N SER K 178 -19.72 -7.05 81.10
CA SER K 178 -20.35 -8.00 81.99
C SER K 178 -21.58 -7.33 82.58
N THR K 179 -22.73 -8.00 82.43
CA THR K 179 -23.98 -7.41 82.86
C THR K 179 -24.63 -8.18 84.02
N LEU K 180 -24.79 -7.50 85.13
CA LEU K 180 -25.50 -8.05 86.28
C LEU K 180 -26.97 -7.65 86.20
N THR K 181 -27.86 -8.64 86.18
CA THR K 181 -29.28 -8.33 86.07
C THR K 181 -30.04 -8.85 87.27
N LEU K 182 -30.73 -7.94 87.96
CA LEU K 182 -31.54 -8.29 89.11
C LEU K 182 -32.93 -7.66 88.98
N SER K 183 -33.88 -8.17 89.75
CA SER K 183 -35.18 -7.51 89.88
C SER K 183 -34.95 -6.22 90.67
N LYS K 184 -35.87 -5.27 90.55
CA LYS K 184 -35.75 -4.02 91.29
C LYS K 184 -35.69 -4.31 92.79
N ALA K 185 -36.49 -5.28 93.24
CA ALA K 185 -36.54 -5.63 94.67
C ALA K 185 -35.21 -6.12 95.25
N ASP K 186 -34.53 -7.03 94.55
CA ASP K 186 -33.24 -7.54 95.03
C ASP K 186 -32.14 -6.47 94.99
N TYR K 187 -32.13 -5.65 93.93
CA TYR K 187 -31.14 -4.59 93.78
C TYR K 187 -31.16 -3.56 94.92
N GLU K 188 -32.34 -3.13 95.32
CA GLU K 188 -32.46 -2.08 96.32
C GLU K 188 -32.34 -2.68 97.73
N LYS K 189 -32.12 -3.99 97.80
CA LYS K 189 -31.93 -4.66 99.08
C LYS K 189 -30.44 -4.73 99.40
N HIS K 190 -29.62 -4.12 98.56
CA HIS K 190 -28.17 -4.10 98.78
C HIS K 190 -27.63 -2.69 98.49
N LYS K 191 -26.44 -2.39 99.00
CA LYS K 191 -25.91 -1.02 98.91
C LYS K 191 -24.82 -0.81 97.86
N VAL K 192 -23.82 -1.67 97.84
CA VAL K 192 -22.64 -1.49 97.02
C VAL K 192 -22.48 -2.57 95.95
N TYR K 193 -22.18 -2.15 94.73
CA TYR K 193 -21.99 -3.06 93.61
C TYR K 193 -20.60 -2.88 93.00
N ALA K 194 -19.91 -4.00 92.77
CA ALA K 194 -18.53 -4.00 92.32
C ALA K 194 -18.23 -5.12 91.35
N CYS K 195 -17.43 -4.83 90.33
CA CYS K 195 -16.91 -5.85 89.45
C CYS K 195 -15.38 -5.91 89.57
N GLU K 196 -14.88 -7.12 89.83
CA GLU K 196 -13.45 -7.36 89.99
C GLU K 196 -12.84 -8.04 88.78
N VAL K 197 -11.75 -7.47 88.27
CA VAL K 197 -11.13 -7.94 87.04
C VAL K 197 -9.72 -8.49 87.29
N THR K 198 -9.46 -9.71 86.83
CA THR K 198 -8.11 -10.27 86.90
C THR K 198 -7.66 -10.51 85.46
N HIS K 199 -6.47 -10.04 85.14
CA HIS K 199 -5.98 -10.13 83.77
C HIS K 199 -4.45 -10.14 83.82
N GLN K 200 -3.80 -10.67 82.80
CA GLN K 200 -2.34 -10.79 82.79
C GLN K 200 -1.63 -9.43 82.84
N GLY K 201 -2.29 -8.39 82.36
CA GLY K 201 -1.72 -7.06 82.35
C GLY K 201 -1.73 -6.34 83.68
N LEU K 202 -2.41 -6.93 84.66
CA LEU K 202 -2.54 -6.32 85.99
C LEU K 202 -1.83 -7.16 87.03
N SER K 203 -0.93 -6.52 87.77
CA SER K 203 -0.16 -7.20 88.80
C SER K 203 -1.13 -7.80 89.82
N SER K 204 -2.18 -7.05 90.12
CA SER K 204 -3.23 -7.52 91.01
C SER K 204 -4.59 -7.12 90.46
N PRO K 205 -5.64 -7.89 90.78
CA PRO K 205 -7.01 -7.60 90.35
C PRO K 205 -7.44 -6.14 90.60
N VAL K 206 -8.12 -5.54 89.63
CA VAL K 206 -8.63 -4.18 89.77
C VAL K 206 -10.15 -4.17 89.99
N THR K 207 -10.58 -3.46 91.02
CA THR K 207 -12.01 -3.39 91.35
C THR K 207 -12.58 -1.97 91.20
N LYS K 208 -13.67 -1.86 90.46
CA LYS K 208 -14.43 -0.61 90.37
C LYS K 208 -15.83 -0.79 90.96
N SER K 209 -16.27 0.17 91.77
CA SER K 209 -17.53 0.03 92.50
C SER K 209 -18.29 1.34 92.69
N PHE K 210 -19.54 1.22 93.12
CA PHE K 210 -20.34 2.36 93.51
C PHE K 210 -21.34 1.96 94.60
N ASN K 211 -21.85 2.96 95.30
CA ASN K 211 -22.93 2.77 96.25
C ASN K 211 -24.20 3.40 95.72
N ARG K 212 -25.32 2.70 95.88
CA ARG K 212 -26.62 3.24 95.50
C ARG K 212 -26.88 4.57 96.17
N GLY K 213 -27.26 5.56 95.36
CA GLY K 213 -27.52 6.90 95.85
C GLY K 213 -26.26 7.75 95.87
N GLN L 1 5.37 25.63 -28.77
CA GLN L 1 5.80 24.71 -29.82
C GLN L 1 7.33 24.62 -29.86
N VAL L 2 7.84 23.44 -30.15
CA VAL L 2 9.29 23.30 -30.33
C VAL L 2 9.71 24.04 -31.60
N THR L 3 10.84 24.73 -31.51
CA THR L 3 11.47 25.40 -32.64
C THR L 3 12.97 25.15 -32.67
N LEU L 4 13.50 24.74 -33.81
CA LEU L 4 14.93 24.55 -33.86
C LEU L 4 15.46 25.37 -35.03
N ARG L 5 16.74 25.72 -34.99
CA ARG L 5 17.34 26.46 -36.09
C ARG L 5 18.80 26.07 -36.25
N GLU L 6 19.21 25.82 -37.48
CA GLU L 6 20.60 25.50 -37.75
C GLU L 6 21.36 26.79 -38.02
N SER L 7 22.66 26.77 -37.72
CA SER L 7 23.55 27.88 -38.02
C SER L 7 24.91 27.29 -38.34
N GLY L 8 25.69 28.00 -39.15
CA GLY L 8 27.03 27.54 -39.46
C GLY L 8 27.42 28.25 -40.72
N PRO L 9 28.72 28.49 -40.91
CA PRO L 9 29.21 29.20 -42.09
C PRO L 9 28.67 28.59 -43.39
N ALA L 10 28.32 29.44 -44.36
CA ALA L 10 27.70 28.97 -45.60
C ALA L 10 28.67 28.29 -46.56
N LEU L 11 29.93 28.71 -46.53
CA LEU L 11 30.93 28.12 -47.40
C LEU L 11 32.08 27.57 -46.58
N VAL L 12 32.66 26.45 -47.03
CA VAL L 12 33.85 25.91 -46.37
C VAL L 12 34.80 25.24 -47.36
N LYS L 13 36.07 25.59 -47.25
CA LYS L 13 37.13 25.09 -48.13
C LYS L 13 37.43 23.61 -47.81
N PRO L 14 37.69 22.80 -48.85
CA PRO L 14 38.03 21.37 -48.75
C PRO L 14 39.13 21.07 -47.72
N THR L 15 38.88 20.05 -46.88
CA THR L 15 39.75 19.58 -45.78
C THR L 15 39.62 20.38 -44.48
N GLN L 16 39.13 21.61 -44.57
CA GLN L 16 38.86 22.41 -43.37
C GLN L 16 37.75 21.73 -42.58
N THR L 17 37.58 22.11 -41.34
CA THR L 17 36.56 21.50 -40.50
C THR L 17 35.27 22.29 -40.50
N LEU L 18 34.16 21.56 -40.60
CA LEU L 18 32.83 22.17 -40.52
C LEU L 18 32.28 22.08 -39.10
N THR L 19 31.81 23.21 -38.58
CA THR L 19 31.24 23.32 -37.26
C THR L 19 29.82 23.88 -37.28
N LEU L 20 28.87 23.01 -36.98
CA LEU L 20 27.46 23.37 -37.01
C LEU L 20 26.87 23.55 -35.60
N THR L 21 25.92 24.49 -35.48
CA THR L 21 25.27 24.77 -34.21
C THR L 21 23.77 24.75 -34.39
N CYS L 22 23.11 24.00 -33.53
CA CYS L 22 21.65 23.88 -33.58
C CYS L 22 21.03 24.56 -32.37
N THR L 23 20.36 25.69 -32.60
CA THR L 23 19.70 26.38 -31.49
C THR L 23 18.19 26.16 -31.49
N PHE L 24 17.69 25.70 -30.35
CA PHE L 24 16.29 25.36 -30.21
C PHE L 24 15.58 26.01 -29.02
N SER L 25 14.27 25.83 -29.01
CA SER L 25 13.45 26.32 -27.90
C SER L 25 12.19 25.47 -27.79
N GLY L 26 11.48 25.62 -26.69
CA GLY L 26 10.26 24.86 -26.44
C GLY L 26 10.50 23.65 -25.56
N PHE L 27 11.75 23.17 -25.48
CA PHE L 27 12.08 22.07 -24.59
C PHE L 27 13.54 22.04 -24.13
N SER L 28 13.76 21.68 -22.87
CA SER L 28 15.11 21.60 -22.31
C SER L 28 15.74 20.26 -22.72
N LEU L 29 17.01 20.24 -23.12
CA LEU L 29 17.59 18.94 -23.49
C LEU L 29 17.99 18.14 -22.25
N SER L 30 17.97 18.79 -21.10
CA SER L 30 18.27 18.12 -19.84
C SER L 30 17.15 17.20 -19.36
N THR L 31 15.94 17.46 -19.81
CA THR L 31 14.79 16.67 -19.39
C THR L 31 15.03 15.23 -19.82
N ALA L 32 14.73 14.29 -18.94
CA ALA L 32 14.96 12.87 -19.21
C ALA L 32 14.18 12.40 -20.44
N GLY L 33 14.84 11.63 -21.31
CA GLY L 33 14.19 11.10 -22.49
C GLY L 33 14.45 11.89 -23.76
N MET L 34 15.01 13.08 -23.58
CA MET L 34 15.21 14.00 -24.69
C MET L 34 16.50 13.81 -25.46
N SER L 35 16.43 14.02 -26.77
CA SER L 35 17.58 13.82 -27.65
C SER L 35 17.55 14.81 -28.81
N VAL L 36 18.71 15.08 -29.38
CA VAL L 36 18.82 15.90 -30.58
C VAL L 36 19.67 15.17 -31.62
N GLY L 37 19.21 15.17 -32.86
CA GLY L 37 19.92 14.48 -33.92
C GLY L 37 20.27 15.32 -35.12
N TRP L 38 21.32 14.92 -35.84
CA TRP L 38 21.69 15.62 -37.05
C TRP L 38 21.45 14.72 -38.25
N ILE L 39 20.95 15.31 -39.32
CA ILE L 39 20.55 14.57 -40.52
C ILE L 39 20.86 15.44 -41.72
N ARG L 40 21.37 14.86 -42.79
CA ARG L 40 21.70 15.70 -43.93
C ARG L 40 21.07 15.19 -45.19
N GLN L 41 20.93 16.08 -46.15
CA GLN L 41 20.40 15.72 -47.46
C GLN L 41 21.27 16.37 -48.53
N PRO L 42 22.09 15.55 -49.20
CA PRO L 42 22.89 16.08 -50.31
C PRO L 42 21.96 16.49 -51.44
N PRO L 43 22.41 17.40 -52.31
CA PRO L 43 21.54 17.81 -53.41
C PRO L 43 21.04 16.58 -54.18
N GLY L 44 19.73 16.51 -54.40
CA GLY L 44 19.10 15.42 -55.13
C GLY L 44 19.39 14.00 -54.66
N LYS L 45 19.52 13.84 -53.35
CA LYS L 45 19.74 12.51 -52.76
C LYS L 45 18.85 12.32 -51.53
N ALA L 46 18.74 11.08 -51.06
CA ALA L 46 17.89 10.76 -49.93
C ALA L 46 18.45 11.31 -48.63
N LEU L 47 17.67 11.23 -47.55
CA LEU L 47 18.12 11.73 -46.26
C LEU L 47 19.09 10.76 -45.63
N GLU L 48 20.13 11.30 -44.99
CA GLU L 48 21.14 10.49 -44.34
C GLU L 48 21.31 10.93 -42.88
N TRP L 49 21.13 9.99 -41.97
CA TRP L 49 21.35 10.25 -40.57
C TRP L 49 22.83 10.40 -40.27
N LEU L 50 23.18 11.29 -39.33
CA LEU L 50 24.58 11.59 -39.11
C LEU L 50 25.05 11.26 -37.70
N ALA L 51 24.27 11.68 -36.72
CA ALA L 51 24.66 11.61 -35.32
C ALA L 51 23.51 12.00 -34.40
N ASP L 52 23.62 11.64 -33.12
CA ASP L 52 22.69 12.17 -32.14
C ASP L 52 23.31 12.16 -30.74
N ILE L 53 22.58 12.71 -29.77
CA ILE L 53 23.09 12.84 -28.40
C ILE L 53 21.89 12.92 -27.46
N TRP L 54 22.06 12.44 -26.23
CA TRP L 54 20.96 12.38 -25.27
C TRP L 54 21.30 13.13 -23.98
N TRP L 55 20.33 13.24 -23.05
CA TRP L 55 20.55 14.02 -21.83
C TRP L 55 21.61 13.38 -20.95
N ASP L 56 21.79 12.07 -21.10
CA ASP L 56 22.79 11.34 -20.34
C ASP L 56 24.08 11.25 -21.14
N ASP L 57 24.16 12.10 -22.16
CA ASP L 57 25.38 12.35 -22.91
C ASP L 57 25.82 11.17 -23.78
N LYS L 58 24.94 10.19 -23.95
CA LYS L 58 25.22 9.11 -24.88
C LYS L 58 25.26 9.67 -26.28
N LYS L 59 26.25 9.24 -27.06
CA LYS L 59 26.41 9.76 -28.41
C LYS L 59 26.46 8.60 -29.40
N HIS L 60 25.93 8.84 -30.59
CA HIS L 60 26.02 7.86 -31.66
C HIS L 60 26.42 8.51 -32.96
N TYR L 61 27.13 7.78 -33.80
CA TYR L 61 27.58 8.33 -35.08
C TYR L 61 27.41 7.32 -36.22
N ASN L 62 27.18 7.86 -37.41
CA ASN L 62 27.05 7.04 -38.60
C ASN L 62 28.41 6.62 -39.18
N PRO L 63 28.67 5.32 -39.17
CA PRO L 63 29.90 4.66 -39.61
C PRO L 63 30.34 5.14 -41.00
N SER L 64 29.39 5.50 -41.86
CA SER L 64 29.70 6.00 -43.20
C SER L 64 30.63 7.22 -43.18
N LEU L 65 30.35 8.15 -42.28
CA LEU L 65 31.18 9.35 -42.14
C LEU L 65 32.00 9.34 -40.85
N LYS L 66 32.58 8.19 -40.54
CA LYS L 66 33.39 8.02 -39.35
C LYS L 66 34.83 7.77 -39.80
N ASP L 67 35.83 8.26 -39.07
CA ASP L 67 35.66 9.02 -37.83
C ASP L 67 35.87 10.52 -38.01
N ARG L 68 34.95 11.14 -38.72
CA ARG L 68 35.07 12.54 -39.07
C ARG L 68 34.10 13.38 -38.25
N LEU L 69 33.35 12.73 -37.37
CA LEU L 69 32.25 13.34 -36.62
C LEU L 69 32.53 13.57 -35.13
N THR L 70 32.09 14.73 -34.64
CA THR L 70 32.16 15.06 -33.23
C THR L 70 30.87 15.79 -32.84
N ILE L 71 30.10 15.19 -31.93
CA ILE L 71 28.84 15.80 -31.50
C ILE L 71 28.88 16.13 -30.01
N SER L 72 28.38 17.32 -29.67
CA SER L 72 28.34 17.73 -28.28
C SER L 72 27.12 18.60 -27.99
N LYS L 73 26.82 18.81 -26.71
CA LYS L 73 25.65 19.58 -26.31
C LYS L 73 25.98 20.61 -25.24
N ASP L 74 25.11 21.59 -25.07
CA ASP L 74 25.23 22.55 -23.98
C ASP L 74 23.85 22.99 -23.52
N THR L 75 23.26 22.28 -22.56
CA THR L 75 21.89 22.56 -22.12
C THR L 75 21.71 24.00 -21.58
N SER L 76 22.80 24.60 -21.11
CA SER L 76 22.75 25.95 -20.60
C SER L 76 22.27 26.93 -21.67
N LYS L 77 22.83 26.80 -22.85
CA LYS L 77 22.48 27.72 -23.92
C LYS L 77 21.47 27.06 -24.86
N ASN L 78 21.00 25.88 -24.47
CA ASN L 78 20.05 25.10 -25.28
C ASN L 78 20.48 24.89 -26.72
N GLN L 79 21.73 24.50 -26.94
CA GLN L 79 22.21 24.28 -28.29
C GLN L 79 23.13 23.07 -28.42
N VAL L 80 23.18 22.51 -29.63
CA VAL L 80 24.02 21.36 -29.92
C VAL L 80 24.96 21.68 -31.08
N VAL L 81 26.18 21.19 -30.99
CA VAL L 81 27.19 21.45 -32.01
C VAL L 81 27.74 20.15 -32.61
N LEU L 82 27.84 20.15 -33.92
CA LEU L 82 28.42 19.04 -34.67
C LEU L 82 29.64 19.51 -35.44
N LYS L 83 30.74 18.78 -35.32
CA LYS L 83 31.95 19.12 -36.05
C LYS L 83 32.25 18.07 -37.10
N VAL L 84 32.55 18.53 -38.31
CA VAL L 84 32.95 17.61 -39.35
C VAL L 84 34.33 17.95 -39.88
N THR L 85 35.27 17.02 -39.70
CA THR L 85 36.65 17.21 -40.10
C THR L 85 36.89 16.75 -41.53
N ASN L 86 37.97 17.23 -42.13
CA ASN L 86 38.38 16.81 -43.46
C ASN L 86 37.23 16.80 -44.45
N MET L 87 36.69 17.98 -44.75
CA MET L 87 35.56 18.03 -45.64
C MET L 87 35.96 17.67 -47.06
N ASP L 88 35.02 17.10 -47.79
CA ASP L 88 35.21 16.75 -49.18
C ASP L 88 33.98 17.35 -49.84
N PRO L 89 34.09 17.81 -51.10
CA PRO L 89 32.85 18.39 -51.66
C PRO L 89 31.66 17.41 -51.73
N ALA L 90 31.91 16.12 -51.51
CA ALA L 90 30.84 15.13 -51.44
C ALA L 90 29.86 15.50 -50.34
N ASP L 91 30.38 16.23 -49.36
CA ASP L 91 29.66 16.62 -48.16
C ASP L 91 28.83 17.88 -48.35
N THR L 92 28.98 18.53 -49.50
CA THR L 92 28.17 19.71 -49.81
C THR L 92 26.71 19.34 -49.71
N ALA L 93 26.01 19.98 -48.78
CA ALA L 93 24.63 19.61 -48.48
C ALA L 93 23.97 20.51 -47.45
N THR L 94 22.71 20.21 -47.21
CA THR L 94 21.84 20.96 -46.33
C THR L 94 21.71 20.10 -45.11
N TYR L 95 21.86 20.67 -43.92
CA TYR L 95 21.79 19.80 -42.78
C TYR L 95 20.59 20.27 -42.00
N TYR L 96 19.90 19.33 -41.39
CA TYR L 96 18.91 19.65 -40.40
C TYR L 96 19.25 19.16 -38.99
N CYS L 97 18.63 19.79 -38.01
CA CYS L 97 18.88 19.47 -36.63
C CYS L 97 17.48 19.05 -36.21
N ALA L 98 17.34 18.09 -35.32
CA ALA L 98 15.99 17.71 -34.94
C ALA L 98 15.94 17.07 -33.57
N ARG L 99 14.78 17.17 -32.93
CA ARG L 99 14.66 16.57 -31.61
C ARG L 99 14.36 15.09 -31.71
N ASP L 100 14.77 14.34 -30.70
CA ASP L 100 14.43 12.93 -30.64
C ASP L 100 14.04 12.56 -29.20
N MET L 101 13.23 11.51 -29.02
CA MET L 101 12.85 11.07 -27.69
C MET L 101 13.00 9.56 -27.62
N ILE L 102 13.24 9.01 -26.45
CA ILE L 102 13.37 7.57 -26.34
C ILE L 102 11.98 6.97 -26.38
N PHE L 103 10.98 7.80 -26.12
CA PHE L 103 9.61 7.37 -26.19
C PHE L 103 9.25 7.00 -27.63
N ASN L 104 9.99 7.58 -28.57
CA ASN L 104 9.70 7.44 -30.00
C ASN L 104 10.91 7.69 -30.90
N PHE L 105 11.54 6.64 -31.41
CA PHE L 105 12.77 6.84 -32.17
C PHE L 105 12.64 7.37 -33.58
N TYR L 106 12.12 8.60 -33.65
CA TYR L 106 12.05 9.33 -34.89
C TYR L 106 12.18 10.81 -34.61
N PHE L 107 12.45 11.58 -35.65
CA PHE L 107 12.66 13.01 -35.50
C PHE L 107 11.36 13.74 -35.77
N ASP L 108 10.66 14.11 -34.72
CA ASP L 108 9.34 14.72 -34.86
C ASP L 108 9.35 16.21 -35.22
N VAL L 109 10.34 16.95 -34.74
CA VAL L 109 10.41 18.38 -35.00
C VAL L 109 11.72 18.72 -35.69
N TRP L 110 11.61 19.52 -36.74
CA TRP L 110 12.70 19.78 -37.65
C TRP L 110 13.04 21.26 -37.89
N GLY L 111 14.34 21.51 -37.86
CA GLY L 111 14.99 22.80 -38.00
C GLY L 111 14.61 23.24 -39.40
N GLN L 112 14.65 24.53 -39.70
CA GLN L 112 14.44 24.90 -41.09
C GLN L 112 15.65 24.63 -41.95
N GLY L 113 16.78 24.40 -41.28
CA GLY L 113 18.01 24.11 -42.01
C GLY L 113 18.89 25.21 -42.51
N THR L 114 20.14 24.82 -42.76
CA THR L 114 21.14 25.67 -43.39
C THR L 114 21.90 24.77 -44.33
N THR L 115 22.42 25.31 -45.42
CA THR L 115 23.11 24.45 -46.36
C THR L 115 24.58 24.77 -46.34
N VAL L 116 25.45 23.82 -46.67
CA VAL L 116 26.84 24.21 -46.77
C VAL L 116 27.51 23.66 -48.03
N THR L 117 28.33 24.52 -48.62
CA THR L 117 29.00 24.36 -49.90
C THR L 117 30.50 24.03 -49.73
N VAL L 118 31.06 23.05 -50.45
CA VAL L 118 32.48 22.80 -50.22
C VAL L 118 33.17 22.93 -51.58
N SER L 119 34.14 23.85 -51.63
CA SER L 119 34.91 24.13 -52.85
C SER L 119 36.07 25.08 -52.59
N SER L 120 37.06 25.10 -53.47
CA SER L 120 38.12 26.09 -53.39
C SER L 120 37.63 27.38 -54.06
N ALA L 121 36.62 27.23 -54.90
CA ALA L 121 36.02 28.34 -55.62
C ALA L 121 35.29 29.24 -54.64
N SER L 122 35.29 30.55 -54.90
CA SER L 122 34.50 31.49 -54.11
C SER L 122 33.89 32.59 -54.98
N THR L 123 34.48 33.77 -54.97
CA THR L 123 33.96 34.86 -55.79
C THR L 123 34.25 34.60 -57.27
N LYS L 124 33.26 34.84 -58.13
CA LYS L 124 33.48 34.74 -59.57
C LYS L 124 32.39 35.36 -60.48
N GLY L 125 32.87 36.04 -61.52
CA GLY L 125 32.13 36.63 -62.63
C GLY L 125 31.57 35.63 -63.64
N PRO L 126 30.31 35.85 -64.09
CA PRO L 126 29.80 34.83 -65.01
C PRO L 126 29.72 35.36 -66.44
N SER L 127 29.72 34.45 -67.41
CA SER L 127 29.64 34.86 -68.82
C SER L 127 28.33 34.58 -69.55
N VAL L 128 27.66 35.62 -70.02
CA VAL L 128 26.39 35.47 -70.76
C VAL L 128 26.71 35.19 -72.23
N PHE L 129 26.44 33.97 -72.69
CA PHE L 129 26.44 33.59 -74.11
C PHE L 129 25.06 33.43 -74.74
N PRO L 130 24.55 34.44 -75.48
CA PRO L 130 23.16 34.20 -75.88
C PRO L 130 22.92 33.28 -77.08
N LEU L 131 21.89 32.46 -76.94
CA LEU L 131 21.41 31.49 -77.93
C LEU L 131 20.64 32.23 -79.05
N ALA L 132 21.22 32.36 -80.24
CA ALA L 132 20.48 32.99 -81.34
C ALA L 132 19.36 32.14 -81.97
N PRO L 133 18.24 32.80 -82.35
CA PRO L 133 17.06 32.23 -83.03
C PRO L 133 17.27 31.98 -84.53
N SER L 134 16.47 31.08 -85.11
CA SER L 134 16.52 30.80 -86.54
C SER L 134 15.32 29.97 -87.02
N THR L 142 6.18 29.08 -83.89
CA THR L 142 6.73 29.53 -82.62
C THR L 142 8.25 29.45 -82.62
N ALA L 143 8.87 30.50 -82.11
CA ALA L 143 10.32 30.69 -82.11
C ALA L 143 10.86 30.80 -80.67
N ALA L 144 11.96 30.12 -80.40
CA ALA L 144 12.53 30.13 -79.06
C ALA L 144 13.96 30.69 -79.08
N LEU L 145 14.29 31.45 -78.05
CA LEU L 145 15.60 32.10 -77.91
C LEU L 145 15.98 32.12 -76.44
N GLY L 146 17.28 32.09 -76.16
CA GLY L 146 17.78 32.13 -74.80
C GLY L 146 19.22 32.55 -74.59
N CYS L 147 19.56 32.82 -73.34
CA CYS L 147 20.91 33.25 -72.97
C CYS L 147 21.46 32.16 -72.08
N LEU L 148 22.78 32.00 -72.06
CA LEU L 148 23.35 30.96 -71.22
C LEU L 148 24.37 31.59 -70.29
N VAL L 149 24.33 31.21 -69.02
CA VAL L 149 25.32 31.69 -68.07
C VAL L 149 26.36 30.61 -67.82
N LYS L 150 27.58 30.75 -68.33
CA LYS L 150 28.56 29.70 -68.06
C LYS L 150 29.50 30.08 -66.90
N ASP L 151 29.91 29.10 -66.10
CA ASP L 151 31.05 29.24 -65.19
C ASP L 151 30.96 30.35 -64.14
N TYR L 152 30.10 30.19 -63.15
CA TYR L 152 30.01 31.16 -62.05
C TYR L 152 29.92 30.46 -60.70
N PHE L 153 30.24 31.19 -59.63
CA PHE L 153 30.12 30.64 -58.28
C PHE L 153 30.01 31.79 -57.29
N PRO L 154 29.14 31.66 -56.27
CA PRO L 154 28.23 30.59 -55.87
C PRO L 154 26.78 30.84 -56.29
N GLU L 155 25.85 30.23 -55.57
CA GLU L 155 24.42 30.42 -55.79
C GLU L 155 23.90 31.43 -54.76
N PRO L 156 22.83 32.19 -55.07
CA PRO L 156 22.02 32.21 -56.29
C PRO L 156 22.31 33.39 -57.22
N VAL L 157 21.79 33.24 -58.42
CA VAL L 157 21.89 34.17 -59.54
C VAL L 157 20.51 34.29 -60.21
N THR L 158 20.12 35.45 -60.73
CA THR L 158 18.84 35.36 -61.40
C THR L 158 18.82 36.12 -62.72
N VAL L 159 17.76 35.80 -63.47
CA VAL L 159 17.49 36.29 -64.81
C VAL L 159 16.09 36.83 -65.09
N SER L 160 16.01 37.96 -65.78
CA SER L 160 14.74 38.60 -66.07
C SER L 160 14.83 38.95 -67.54
N TRP L 161 13.67 39.09 -68.18
CA TRP L 161 13.65 39.48 -69.58
C TRP L 161 12.96 40.83 -69.69
N ASN L 162 13.64 41.75 -70.38
CA ASN L 162 13.15 43.11 -70.60
C ASN L 162 12.95 43.86 -69.28
N SER L 163 13.37 43.22 -68.19
CA SER L 163 13.38 43.71 -66.78
C SER L 163 12.19 43.18 -65.99
N GLY L 164 11.58 42.11 -66.49
CA GLY L 164 10.45 41.51 -65.82
C GLY L 164 9.18 41.81 -66.58
N ALA L 165 9.33 42.44 -67.74
CA ALA L 165 8.20 42.73 -68.61
C ALA L 165 7.73 41.47 -69.32
N LEU L 166 8.68 40.62 -69.71
CA LEU L 166 8.39 39.37 -70.40
C LEU L 166 8.34 38.24 -69.38
N THR L 167 7.15 37.69 -69.15
CA THR L 167 6.97 36.76 -68.04
C THR L 167 6.43 35.39 -68.43
N SER L 168 5.55 35.36 -69.42
CA SER L 168 4.98 34.10 -69.88
C SER L 168 5.87 33.55 -70.97
N GLY L 169 5.91 32.22 -71.11
CA GLY L 169 6.81 31.65 -72.09
C GLY L 169 8.24 31.41 -71.64
N VAL L 170 8.67 32.13 -70.62
CA VAL L 170 10.04 31.99 -70.15
C VAL L 170 10.23 30.83 -69.18
N HIS L 171 11.39 30.17 -69.28
CA HIS L 171 11.70 29.01 -68.45
C HIS L 171 13.11 29.03 -67.85
N THR L 172 13.28 29.38 -66.58
CA THR L 172 14.63 29.43 -66.00
C THR L 172 15.01 28.02 -65.57
N PHE L 173 16.10 27.51 -66.11
CA PHE L 173 16.61 26.18 -65.74
C PHE L 173 17.58 26.07 -64.58
N PRO L 174 17.18 25.26 -63.58
CA PRO L 174 17.93 24.85 -62.38
C PRO L 174 19.40 24.67 -62.76
N ALA L 175 20.31 25.41 -62.13
CA ALA L 175 21.69 25.41 -62.60
C ALA L 175 22.43 24.17 -62.17
N VAL L 176 23.23 23.70 -63.11
CA VAL L 176 24.17 22.59 -62.92
C VAL L 176 25.69 22.82 -62.82
N LEU L 177 26.24 22.16 -61.81
CA LEU L 177 27.65 22.15 -61.45
C LEU L 177 28.50 21.53 -62.56
N GLN L 178 29.71 22.03 -62.73
CA GLN L 178 30.64 21.49 -63.72
C GLN L 178 31.78 20.78 -62.98
N SER L 179 32.68 20.15 -63.73
CA SER L 179 33.78 19.42 -63.10
C SER L 179 34.99 20.30 -62.90
N SER L 180 34.94 21.50 -63.49
CA SER L 180 35.94 22.51 -63.16
C SER L 180 35.54 23.07 -61.81
N GLY L 181 34.41 22.59 -61.31
CA GLY L 181 33.87 22.99 -60.02
C GLY L 181 32.89 24.15 -60.10
N LEU L 182 32.75 24.74 -61.29
CA LEU L 182 31.81 25.84 -61.48
C LEU L 182 30.34 25.50 -61.84
N TYR L 183 29.48 26.47 -61.53
CA TYR L 183 28.03 26.47 -61.79
C TYR L 183 27.67 27.13 -63.12
N SER L 184 26.59 26.64 -63.75
CA SER L 184 26.16 27.24 -65.00
C SER L 184 24.66 27.00 -65.20
N LEU L 185 24.05 27.77 -66.09
CA LEU L 185 22.61 27.69 -66.37
C LEU L 185 22.23 28.20 -67.77
N SER L 186 21.16 27.64 -68.32
CA SER L 186 20.57 28.12 -69.57
C SER L 186 19.06 28.36 -69.47
N SER L 187 18.56 29.53 -69.88
CA SER L 187 17.10 29.72 -69.79
C SER L 187 16.56 30.11 -71.16
N VAL L 188 15.26 29.93 -71.40
CA VAL L 188 14.64 30.33 -72.68
C VAL L 188 13.18 30.79 -72.68
N VAL L 189 12.92 31.88 -73.42
CA VAL L 189 11.56 32.40 -73.67
C VAL L 189 11.00 32.00 -75.04
N THR L 190 9.76 31.51 -75.16
CA THR L 190 9.35 31.15 -76.51
C THR L 190 8.57 32.41 -76.92
N VAL L 191 8.42 32.68 -78.21
CA VAL L 191 7.66 33.85 -78.68
C VAL L 191 7.12 33.68 -80.10
N PRO L 192 6.13 34.52 -80.50
CA PRO L 192 5.60 34.43 -81.87
C PRO L 192 6.77 34.56 -82.85
N SER L 193 6.70 33.91 -84.00
CA SER L 193 7.83 33.89 -84.93
C SER L 193 7.92 35.14 -85.77
N SER L 194 6.78 35.80 -85.97
CA SER L 194 6.72 37.00 -86.80
C SER L 194 7.26 38.20 -86.04
N SER L 195 7.31 38.11 -84.71
CA SER L 195 7.80 39.20 -83.89
C SER L 195 9.33 39.32 -83.89
N LEU L 196 10.04 38.39 -84.56
CA LEU L 196 11.49 38.50 -84.71
C LEU L 196 11.86 39.67 -85.62
N GLY L 197 13.04 40.23 -85.41
CA GLY L 197 13.50 41.34 -86.22
C GLY L 197 12.84 42.68 -85.89
N THR L 198 11.65 42.63 -85.30
CA THR L 198 10.95 43.86 -84.90
C THR L 198 10.94 44.08 -83.38
N GLN L 199 10.57 43.05 -82.63
CA GLN L 199 10.59 43.05 -81.16
C GLN L 199 12.00 42.77 -80.63
N THR L 200 12.48 43.58 -79.70
CA THR L 200 13.81 43.32 -79.15
C THR L 200 13.72 42.67 -77.77
N TYR L 201 14.23 41.44 -77.69
CA TYR L 201 14.33 40.71 -76.43
C TYR L 201 15.60 41.01 -75.64
N ILE L 202 15.43 41.25 -74.34
CA ILE L 202 16.56 41.56 -73.46
C ILE L 202 16.52 40.61 -72.27
N CYS L 203 17.67 40.04 -71.93
CA CYS L 203 17.84 39.09 -70.82
C CYS L 203 18.83 39.64 -69.80
N ASN L 204 18.45 39.75 -68.53
CA ASN L 204 19.44 40.32 -67.60
C ASN L 204 19.75 39.41 -66.42
N VAL L 205 21.01 39.00 -66.34
CA VAL L 205 21.50 38.18 -65.23
C VAL L 205 22.00 38.95 -64.01
N ASN L 206 21.55 38.61 -62.81
CA ASN L 206 21.96 39.38 -61.65
C ASN L 206 22.87 38.59 -60.69
N HIS L 207 24.19 38.73 -60.76
CA HIS L 207 25.05 37.96 -59.84
C HIS L 207 25.40 38.77 -58.58
N LYS L 208 24.49 38.86 -57.61
CA LYS L 208 24.79 39.61 -56.38
C LYS L 208 26.06 39.18 -55.65
N PRO L 209 26.30 37.85 -55.50
CA PRO L 209 27.56 37.49 -54.83
C PRO L 209 28.85 38.09 -55.42
N SER L 210 28.91 38.31 -56.73
CA SER L 210 30.12 38.86 -57.33
C SER L 210 29.85 40.27 -57.81
N ASN L 211 28.71 40.81 -57.38
CA ASN L 211 28.30 42.18 -57.67
C ASN L 211 28.45 42.54 -59.14
N THR L 212 27.90 41.71 -60.01
CA THR L 212 27.97 41.95 -61.44
C THR L 212 26.55 41.86 -62.02
N LYS L 213 26.19 42.83 -62.85
CA LYS L 213 24.90 42.80 -63.53
C LYS L 213 25.09 42.84 -65.04
N VAL L 214 24.88 41.73 -65.74
CA VAL L 214 25.13 41.79 -67.17
C VAL L 214 23.82 41.78 -67.94
N ASP L 215 23.69 42.71 -68.88
CA ASP L 215 22.53 42.79 -69.77
C ASP L 215 22.92 42.39 -71.19
N LYS L 216 22.41 41.27 -71.70
CA LYS L 216 22.77 40.91 -73.06
C LYS L 216 21.57 40.98 -74.02
N LYS L 217 21.83 41.33 -75.27
CA LYS L 217 20.80 41.42 -76.29
C LYS L 217 20.69 40.13 -77.12
N VAL L 218 19.48 39.60 -77.27
CA VAL L 218 19.30 38.39 -78.05
C VAL L 218 18.70 38.70 -79.41
N GLU L 219 19.39 38.23 -80.45
CA GLU L 219 18.97 38.46 -81.84
C GLU L 219 19.43 37.33 -82.77
N PRO L 220 18.62 37.02 -83.80
CA PRO L 220 18.94 36.00 -84.80
C PRO L 220 20.34 36.13 -85.41
N ASP M 1 24.27 -2.77 -40.01
CA ASP M 1 23.36 -1.71 -40.45
C ASP M 1 22.26 -2.28 -41.34
N ILE M 2 21.10 -1.65 -41.25
CA ILE M 2 19.97 -2.08 -42.05
C ILE M 2 19.91 -1.19 -43.27
N GLN M 3 19.25 -1.69 -44.32
CA GLN M 3 19.14 -1.00 -45.59
C GLN M 3 17.67 -0.92 -45.95
N MET M 4 17.25 0.31 -46.22
CA MET M 4 15.89 0.57 -46.61
C MET M 4 15.82 0.84 -48.10
N THR M 5 15.00 0.02 -48.73
CA THR M 5 14.77 -0.10 -50.15
C THR M 5 13.36 0.42 -50.27
N GLN M 6 13.12 1.24 -51.29
CA GLN M 6 11.79 1.74 -51.47
C GLN M 6 11.37 1.85 -52.91
N SER M 7 10.08 1.64 -53.12
CA SER M 7 9.48 1.79 -54.44
C SER M 7 8.06 2.38 -54.34
N PRO M 8 7.57 2.94 -55.46
CA PRO M 8 8.44 3.16 -56.62
C PRO M 8 9.38 4.34 -56.35
N SER M 9 10.50 4.41 -57.08
CA SER M 9 11.49 5.49 -56.95
C SER M 9 10.89 6.82 -57.39
N THR M 10 9.74 6.73 -58.06
CA THR M 10 9.05 7.83 -58.70
C THR M 10 7.67 7.26 -58.93
N LEU M 11 6.65 8.09 -58.76
CA LEU M 11 5.29 7.64 -59.01
C LEU M 11 4.42 8.67 -59.73
N SER M 12 3.24 8.21 -60.15
CA SER M 12 2.29 9.04 -60.85
C SER M 12 0.91 8.58 -60.41
N ALA M 13 -0.03 9.51 -60.38
CA ALA M 13 -1.43 9.29 -59.99
C ALA M 13 -2.17 10.62 -60.03
N SER M 14 -3.46 10.54 -60.32
CA SER M 14 -4.39 11.67 -60.32
C SER M 14 -4.97 12.11 -58.97
N VAL M 15 -5.52 13.31 -58.95
CA VAL M 15 -6.28 13.81 -57.81
C VAL M 15 -7.40 12.83 -57.51
N GLY M 16 -7.51 12.36 -56.27
CA GLY M 16 -8.54 11.40 -55.94
C GLY M 16 -8.08 9.96 -55.87
N ASP M 17 -6.92 9.67 -56.46
CA ASP M 17 -6.38 8.31 -56.49
C ASP M 17 -5.91 7.75 -55.15
N ARG M 18 -6.00 6.43 -55.05
CA ARG M 18 -5.46 5.68 -53.94
C ARG M 18 -4.00 5.39 -54.27
N VAL M 19 -3.11 5.65 -53.33
CA VAL M 19 -1.68 5.50 -53.57
C VAL M 19 -0.98 4.59 -52.56
N THR M 20 -0.21 3.63 -53.05
CA THR M 20 0.48 2.69 -52.18
C THR M 20 2.01 2.68 -52.41
N ILE M 21 2.76 2.94 -51.33
CA ILE M 21 4.22 2.96 -51.32
C ILE M 21 4.83 1.79 -50.52
N THR M 22 5.85 1.12 -51.03
CA THR M 22 6.39 -0.06 -50.35
C THR M 22 7.82 0.17 -49.87
N CYS M 23 8.14 -0.30 -48.66
CA CYS M 23 9.51 -0.27 -48.13
C CYS M 23 9.96 -1.67 -47.69
N SER M 24 11.13 -2.12 -48.16
CA SER M 24 11.62 -3.44 -47.82
C SER M 24 12.98 -3.40 -47.15
N ALA M 25 13.02 -3.77 -45.89
CA ALA M 25 14.24 -3.71 -45.11
C ALA M 25 15.06 -4.97 -45.25
N SER M 26 16.37 -4.83 -45.13
CA SER M 26 17.29 -5.96 -45.28
C SER M 26 17.16 -6.89 -44.09
N SER M 27 16.69 -6.34 -42.97
CA SER M 27 16.46 -7.11 -41.76
C SER M 27 15.14 -6.66 -41.15
N ARG M 28 14.56 -7.52 -40.32
CA ARG M 28 13.26 -7.25 -39.70
C ARG M 28 13.34 -6.03 -38.80
N VAL M 29 12.27 -5.25 -38.71
CA VAL M 29 12.29 -4.08 -37.84
C VAL M 29 11.03 -3.83 -36.99
N GLY M 30 11.20 -3.05 -35.92
CA GLY M 30 10.13 -2.77 -34.97
C GLY M 30 8.94 -2.01 -35.50
N TYR M 31 9.24 -0.80 -35.94
CA TYR M 31 8.26 0.14 -36.44
C TYR M 31 8.81 0.82 -37.68
N MET M 32 7.94 1.19 -38.60
CA MET M 32 8.39 1.96 -39.75
C MET M 32 7.81 3.37 -39.62
N HIS M 33 8.61 4.39 -39.93
CA HIS M 33 8.18 5.77 -39.78
C HIS M 33 8.27 6.45 -41.13
N TRP M 34 7.43 7.46 -41.35
CA TRP M 34 7.37 8.08 -42.67
C TRP M 34 7.49 9.59 -42.60
N TYR M 35 8.23 10.12 -43.56
CA TYR M 35 8.49 11.55 -43.62
C TYR M 35 8.03 12.11 -44.97
N GLN M 36 7.36 13.25 -44.95
CA GLN M 36 7.00 13.93 -46.19
C GLN M 36 7.93 15.11 -46.41
N GLN M 37 8.41 15.30 -47.64
CA GLN M 37 9.27 16.44 -47.92
C GLN M 37 8.86 17.20 -49.19
N LYS M 38 8.64 18.50 -49.01
CA LYS M 38 8.39 19.40 -50.13
C LYS M 38 9.75 19.87 -50.60
N PRO M 39 9.84 20.40 -51.84
CA PRO M 39 11.18 20.81 -52.29
C PRO M 39 11.81 21.90 -51.41
N GLY M 40 13.00 21.60 -50.91
CA GLY M 40 13.81 22.49 -50.08
C GLY M 40 13.33 22.72 -48.66
N LYS M 41 12.10 22.29 -48.37
CA LYS M 41 11.54 22.39 -47.03
C LYS M 41 11.98 21.23 -46.15
N ALA M 42 12.13 21.49 -44.85
CA ALA M 42 12.53 20.45 -43.92
C ALA M 42 11.48 19.35 -43.96
N PRO M 43 11.92 18.08 -43.92
CA PRO M 43 10.96 16.97 -43.89
C PRO M 43 9.99 17.04 -42.72
N LYS M 44 8.75 16.65 -42.96
CA LYS M 44 7.73 16.64 -41.92
C LYS M 44 7.32 15.21 -41.64
N LEU M 45 7.01 14.92 -40.37
CA LEU M 45 6.56 13.59 -39.99
C LEU M 45 5.13 13.30 -40.39
N LEU M 46 4.95 12.27 -41.21
CA LEU M 46 3.60 11.85 -41.62
C LEU M 46 3.09 10.69 -40.79
N ILE M 47 3.81 9.58 -40.87
CA ILE M 47 3.42 8.38 -40.13
C ILE M 47 4.56 7.92 -39.23
N TYR M 48 4.20 7.60 -38.00
CA TYR M 48 5.13 7.04 -37.03
C TYR M 48 4.56 5.78 -36.42
N ASP M 49 5.42 5.00 -35.78
CA ASP M 49 5.02 3.75 -35.17
C ASP M 49 4.24 2.86 -36.14
N THR M 50 4.67 2.88 -37.40
CA THR M 50 4.17 1.99 -38.45
C THR M 50 2.83 2.43 -39.03
N SER M 51 1.91 2.87 -38.19
CA SER M 51 0.56 3.17 -38.68
C SER M 51 -0.10 4.40 -38.06
N LYS M 52 0.61 5.05 -37.14
CA LYS M 52 0.00 6.16 -36.42
C LYS M 52 0.08 7.50 -37.13
N LEU M 53 -1.02 8.23 -37.05
CA LEU M 53 -1.20 9.50 -37.72
C LEU M 53 -0.56 10.60 -36.91
N ALA M 54 0.17 11.48 -37.58
CA ALA M 54 0.87 12.56 -36.91
C ALA M 54 -0.13 13.69 -36.71
N SER M 55 0.29 14.74 -36.01
CA SER M 55 -0.57 15.89 -35.75
C SER M 55 -0.67 16.88 -36.91
N GLY M 56 -1.92 17.09 -37.34
CA GLY M 56 -2.24 18.05 -38.38
C GLY M 56 -2.24 17.36 -39.71
N VAL M 57 -1.94 16.07 -39.70
CA VAL M 57 -1.95 15.27 -40.90
C VAL M 57 -3.37 14.79 -41.19
N PRO M 58 -3.81 14.91 -42.45
CA PRO M 58 -5.15 14.45 -42.84
C PRO M 58 -5.31 12.97 -42.56
N SER M 59 -6.49 12.56 -42.11
CA SER M 59 -6.77 11.15 -41.84
C SER M 59 -6.69 10.34 -43.15
N ARG M 60 -6.57 11.09 -44.24
CA ARG M 60 -6.46 10.56 -45.60
C ARG M 60 -5.27 9.63 -45.78
N PHE M 61 -4.24 9.77 -44.97
CA PHE M 61 -3.14 8.84 -45.11
C PHE M 61 -3.32 7.68 -44.13
N SER M 62 -2.76 6.52 -44.46
CA SER M 62 -2.87 5.33 -43.63
C SER M 62 -1.51 4.66 -43.51
N GLY M 63 -1.29 3.87 -42.46
CA GLY M 63 0.00 3.23 -42.28
C GLY M 63 -0.12 1.74 -42.05
N SER M 64 0.87 0.96 -42.49
CA SER M 64 0.85 -0.49 -42.24
C SER M 64 2.15 -1.21 -42.59
N GLY M 65 2.24 -2.49 -42.23
CA GLY M 65 3.39 -3.32 -42.54
C GLY M 65 3.94 -4.12 -41.37
N SER M 66 4.80 -5.10 -41.64
CA SER M 66 5.41 -5.93 -40.61
C SER M 66 6.59 -6.73 -41.16
N GLY M 67 7.45 -7.21 -40.25
CA GLY M 67 8.63 -7.97 -40.64
C GLY M 67 9.67 -7.14 -41.36
N THR M 68 9.74 -7.32 -42.67
CA THR M 68 10.72 -6.61 -43.49
C THR M 68 9.96 -5.81 -44.55
N GLU M 69 8.63 -5.91 -44.51
CA GLU M 69 7.79 -5.28 -45.52
C GLU M 69 6.78 -4.29 -44.90
N PHE M 70 6.83 -3.02 -45.31
CA PHE M 70 5.90 -1.98 -44.81
C PHE M 70 5.33 -1.08 -45.91
N THR M 71 4.13 -0.56 -45.69
CA THR M 71 3.49 0.37 -46.65
C THR M 71 2.80 1.62 -46.10
N LEU M 72 2.90 2.72 -46.86
CA LEU M 72 2.15 3.96 -46.62
C LEU M 72 1.06 4.12 -47.68
N THR M 73 -0.15 4.52 -47.27
CA THR M 73 -1.25 4.66 -48.21
C THR M 73 -2.08 5.97 -48.11
N ILE M 74 -2.18 6.68 -49.22
CA ILE M 74 -3.05 7.85 -49.28
C ILE M 74 -4.37 7.46 -49.94
N SER M 75 -5.43 7.40 -49.15
CA SER M 75 -6.72 6.92 -49.66
C SER M 75 -7.26 7.66 -50.90
N SER M 76 -6.90 8.94 -51.03
CA SER M 76 -7.37 9.78 -52.14
C SER M 76 -6.48 11.00 -52.42
N LEU M 77 -5.50 10.83 -53.28
CA LEU M 77 -4.48 11.85 -53.55
C LEU M 77 -4.99 13.27 -53.88
N GLN M 78 -4.51 14.25 -53.12
CA GLN M 78 -4.95 15.66 -53.18
C GLN M 78 -3.75 16.53 -53.57
N PRO M 79 -3.99 17.57 -54.40
CA PRO M 79 -2.94 18.48 -54.91
C PRO M 79 -1.80 18.83 -53.95
N ASP M 80 -2.09 19.10 -52.69
CA ASP M 80 -1.04 19.48 -51.74
C ASP M 80 -0.14 18.31 -51.35
N ASP M 81 -0.42 17.13 -51.90
CA ASP M 81 0.33 15.94 -51.50
C ASP M 81 1.61 15.78 -52.30
N PHE M 82 1.88 16.71 -53.20
CA PHE M 82 3.06 16.57 -54.05
C PHE M 82 4.26 16.77 -53.15
N ALA M 83 5.12 15.77 -53.06
CA ALA M 83 6.27 15.84 -52.16
C ALA M 83 7.18 14.64 -52.34
N THR M 84 8.25 14.60 -51.56
CA THR M 84 9.10 13.42 -51.55
C THR M 84 8.94 12.69 -50.22
N TYR M 85 8.68 11.39 -50.31
CA TYR M 85 8.42 10.57 -49.13
C TYR M 85 9.59 9.63 -48.85
N TYR M 86 9.97 9.53 -47.58
CA TYR M 86 11.07 8.68 -47.17
C TYR M 86 10.58 7.78 -46.05
N CYS M 87 10.96 6.50 -46.06
CA CYS M 87 10.70 5.71 -44.87
C CYS M 87 11.89 5.86 -43.96
N PHE M 88 11.69 5.62 -42.68
CA PHE M 88 12.75 5.79 -41.71
C PHE M 88 12.61 4.78 -40.60
N GLN M 89 13.75 4.28 -40.12
CA GLN M 89 13.72 3.32 -39.03
C GLN M 89 14.68 3.76 -37.93
N GLY M 90 14.21 3.65 -36.69
CA GLY M 90 15.01 3.98 -35.53
C GLY M 90 15.16 2.72 -34.73
N SER M 91 14.96 1.59 -35.39
CA SER M 91 14.98 0.30 -34.74
C SER M 91 16.38 -0.19 -34.38
N GLY M 92 17.36 0.26 -35.14
CA GLY M 92 18.75 -0.09 -34.89
C GLY M 92 19.65 0.93 -35.53
N TYR M 93 20.74 1.28 -34.86
CA TYR M 93 21.64 2.25 -35.45
C TYR M 93 22.43 1.56 -36.53
N PRO M 94 22.98 2.35 -37.47
CA PRO M 94 22.84 3.79 -37.73
C PRO M 94 21.45 4.05 -38.27
N PHE M 95 20.82 5.20 -38.05
CA PHE M 95 19.46 5.26 -38.60
C PHE M 95 19.57 5.37 -40.12
N THR M 96 18.63 4.75 -40.83
CA THR M 96 18.51 4.88 -42.29
C THR M 96 17.25 5.59 -42.76
N PHE M 97 17.27 6.07 -44.00
CA PHE M 97 16.06 6.59 -44.59
C PHE M 97 15.86 5.81 -45.88
N GLY M 98 14.64 5.86 -46.42
CA GLY M 98 14.27 5.23 -47.68
C GLY M 98 15.12 5.73 -48.84
N GLY M 99 14.99 5.12 -50.01
CA GLY M 99 15.76 5.61 -51.14
C GLY M 99 15.04 6.89 -51.54
N GLY M 100 13.76 6.92 -51.16
CA GLY M 100 12.87 8.04 -51.33
C GLY M 100 11.97 8.06 -52.56
N THR M 101 10.67 8.19 -52.30
CA THR M 101 9.62 8.20 -53.31
C THR M 101 9.13 9.61 -53.70
N LYS M 102 9.28 10.00 -54.97
CA LYS M 102 8.82 11.32 -55.38
C LYS M 102 7.48 11.15 -56.08
N VAL M 103 6.41 11.76 -55.58
CA VAL M 103 5.17 11.66 -56.35
C VAL M 103 4.79 13.00 -56.99
N GLU M 104 4.22 12.92 -58.19
CA GLU M 104 3.76 14.05 -59.00
C GLU M 104 2.22 14.16 -59.03
N ILE M 105 1.68 15.26 -59.56
CA ILE M 105 0.21 15.37 -59.77
C ILE M 105 -0.10 15.31 -61.29
N LYS M 106 -0.90 14.30 -61.67
CA LYS M 106 -1.22 13.80 -63.04
C LYS M 106 -2.33 14.30 -63.99
N ARG M 107 -2.05 14.76 -65.22
CA ARG M 107 -3.22 14.98 -66.09
C ARG M 107 -3.13 14.23 -67.46
N THR M 108 -2.43 14.75 -68.46
CA THR M 108 -2.32 14.07 -69.77
C THR M 108 -1.03 14.34 -70.57
N VAL M 109 -0.63 13.33 -71.35
CA VAL M 109 0.55 13.38 -72.22
C VAL M 109 0.59 14.59 -73.17
N ALA M 110 1.80 15.11 -73.38
CA ALA M 110 2.05 16.21 -74.32
C ALA M 110 3.44 16.05 -74.96
N ALA M 111 3.52 16.17 -76.29
CA ALA M 111 4.80 15.97 -76.97
C ALA M 111 5.67 17.24 -76.94
N PRO M 112 7.00 17.08 -76.80
CA PRO M 112 7.93 18.22 -76.72
C PRO M 112 8.08 19.01 -78.02
N SER M 113 8.08 20.33 -77.91
CA SER M 113 8.59 21.18 -78.98
C SER M 113 10.10 21.24 -78.90
N VAL M 114 10.78 20.81 -79.97
CA VAL M 114 12.24 20.74 -79.93
C VAL M 114 12.94 21.85 -80.73
N PHE M 115 13.87 22.55 -80.08
CA PHE M 115 14.68 23.59 -80.72
C PHE M 115 16.17 23.26 -80.56
N ILE M 116 17.01 23.75 -81.45
CA ILE M 116 18.46 23.56 -81.29
C ILE M 116 19.22 24.87 -81.46
N PHE M 117 20.24 25.06 -80.62
CA PHE M 117 21.02 26.28 -80.66
C PHE M 117 22.51 25.98 -80.84
N PRO M 118 23.10 26.45 -81.94
CA PRO M 118 24.56 26.35 -82.07
C PRO M 118 25.26 27.30 -81.09
N PRO M 119 26.53 27.01 -80.73
CA PRO M 119 27.25 27.90 -79.80
C PRO M 119 27.32 29.33 -80.33
N SER M 120 27.30 30.32 -79.44
CA SER M 120 27.39 31.72 -79.84
C SER M 120 28.79 32.09 -80.30
N ASP M 121 28.89 33.19 -81.06
CA ASP M 121 30.17 33.71 -81.51
C ASP M 121 30.99 34.31 -80.38
N GLU M 122 30.31 34.83 -79.36
CA GLU M 122 31.00 35.41 -78.20
C GLU M 122 31.71 34.32 -77.41
N GLN M 123 31.08 33.16 -77.34
CA GLN M 123 31.63 32.01 -76.63
C GLN M 123 32.75 31.34 -77.39
N LEU M 124 32.58 31.22 -78.71
CA LEU M 124 33.59 30.59 -79.56
C LEU M 124 34.91 31.37 -79.48
N LYS M 125 34.83 32.61 -79.02
CA LYS M 125 36.00 33.46 -78.83
C LYS M 125 36.71 33.19 -77.50
N SER M 126 35.97 32.70 -76.52
CA SER M 126 36.55 32.41 -75.21
C SER M 126 37.32 31.09 -75.19
N GLY M 127 37.08 30.25 -76.18
CA GLY M 127 37.84 29.02 -76.32
C GLY M 127 37.04 27.80 -75.91
N THR M 128 35.73 27.97 -75.77
CA THR M 128 34.85 26.87 -75.39
C THR M 128 33.60 26.89 -76.27
N ALA M 129 33.04 25.71 -76.56
CA ALA M 129 31.83 25.59 -77.39
C ALA M 129 30.69 24.82 -76.73
N SER M 130 29.59 25.50 -76.46
CA SER M 130 28.41 24.83 -75.91
C SER M 130 27.25 24.74 -76.89
N VAL M 131 26.89 23.53 -77.27
CA VAL M 131 25.73 23.31 -78.14
C VAL M 131 24.54 22.96 -77.25
N VAL M 132 23.43 23.67 -77.46
CA VAL M 132 22.25 23.51 -76.61
C VAL M 132 21.03 22.93 -77.33
N CYS M 133 20.44 21.89 -76.74
CA CYS M 133 19.20 21.28 -77.21
C CYS M 133 18.03 21.55 -76.24
N LEU M 134 16.89 21.99 -76.77
CA LEU M 134 15.75 22.36 -75.93
C LEU M 134 14.48 21.56 -76.17
N LEU M 135 13.92 20.99 -75.10
CA LEU M 135 12.61 20.33 -75.16
C LEU M 135 11.58 21.14 -74.39
N ASN M 136 10.56 21.64 -75.07
CA ASN M 136 9.64 22.58 -74.45
C ASN M 136 8.26 21.98 -74.17
N ASN M 137 7.76 22.20 -72.95
CA ASN M 137 6.39 21.86 -72.60
C ASN M 137 5.98 20.42 -72.92
N PHE M 138 6.56 19.46 -72.22
CA PHE M 138 6.19 18.07 -72.47
C PHE M 138 5.73 17.32 -71.22
N TYR M 139 5.20 16.12 -71.43
CA TYR M 139 4.73 15.27 -70.33
C TYR M 139 4.42 13.82 -70.74
N PRO M 140 4.71 12.83 -69.86
CA PRO M 140 5.31 12.90 -68.52
C PRO M 140 6.78 13.33 -68.53
N ARG M 141 7.39 13.40 -67.36
CA ARG M 141 8.75 13.92 -67.22
C ARG M 141 9.79 13.10 -67.97
N GLU M 142 9.55 11.79 -68.13
CA GLU M 142 10.50 10.92 -68.79
C GLU M 142 10.69 11.24 -70.27
N ALA M 143 11.93 11.49 -70.65
CA ALA M 143 12.32 11.82 -72.02
C ALA M 143 13.82 11.56 -72.17
N LYS M 144 14.23 10.91 -73.25
CA LYS M 144 15.67 10.65 -73.44
C LYS M 144 16.34 11.50 -74.51
N VAL M 145 17.45 12.13 -74.13
CA VAL M 145 18.26 12.95 -75.04
C VAL M 145 19.56 12.19 -75.35
N GLN M 146 19.82 12.04 -76.64
CA GLN M 146 21.02 11.43 -77.19
C GLN M 146 21.72 12.34 -78.19
N TRP M 147 22.99 12.66 -77.94
CA TRP M 147 23.69 13.55 -78.85
C TRP M 147 24.61 12.73 -79.73
N LYS M 148 24.57 13.13 -81.00
CA LYS M 148 25.39 12.54 -82.04
C LYS M 148 26.25 13.62 -82.68
N VAL M 149 27.49 13.28 -82.99
CA VAL M 149 28.39 14.20 -83.67
C VAL M 149 29.06 13.47 -84.81
N ASP M 150 28.79 13.93 -86.03
CA ASP M 150 29.19 13.19 -87.23
C ASP M 150 28.71 11.75 -87.10
N ASN M 151 27.47 11.62 -86.60
CA ASN M 151 26.76 10.35 -86.39
C ASN M 151 27.31 9.42 -85.31
N ALA M 152 28.30 9.85 -84.51
CA ALA M 152 28.81 8.96 -83.47
C ALA M 152 28.12 9.33 -82.14
N LEU M 153 28.05 8.38 -81.21
CA LEU M 153 27.48 8.67 -79.89
C LEU M 153 28.43 9.50 -79.04
N GLN M 154 27.89 10.44 -78.26
CA GLN M 154 28.75 11.15 -77.31
C GLN M 154 28.45 10.69 -75.90
N SER M 155 29.51 10.45 -75.15
CA SER M 155 29.39 10.06 -73.75
C SER M 155 30.18 11.00 -72.85
N GLY M 156 29.63 11.36 -71.70
CA GLY M 156 30.40 12.04 -70.68
C GLY M 156 30.69 13.52 -70.90
N ASN M 157 30.23 14.07 -72.01
CA ASN M 157 30.48 15.47 -72.32
C ASN M 157 29.21 16.28 -72.46
N SER M 158 28.13 15.85 -71.82
CA SER M 158 26.88 16.58 -71.85
C SER M 158 26.21 16.63 -70.49
N GLN M 159 25.48 17.72 -70.26
CA GLN M 159 24.78 17.98 -69.00
C GLN M 159 23.30 18.23 -69.25
N GLU M 160 22.44 17.71 -68.38
CA GLU M 160 21.02 17.99 -68.53
C GLU M 160 20.30 18.52 -67.29
N SER M 161 19.68 19.69 -67.44
CA SER M 161 18.92 20.34 -66.38
C SER M 161 17.42 20.26 -66.68
N VAL M 162 16.61 20.01 -65.64
CA VAL M 162 15.18 19.88 -65.87
C VAL M 162 14.37 20.92 -65.07
N THR M 163 13.38 21.45 -65.76
CA THR M 163 12.41 22.44 -65.31
C THR M 163 11.37 21.80 -64.37
N GLU M 164 10.98 22.50 -63.31
CA GLU M 164 10.03 21.92 -62.37
C GLU M 164 8.68 22.14 -63.03
N GLN M 165 7.69 21.31 -62.68
CA GLN M 165 6.37 21.43 -63.29
C GLN M 165 5.73 22.81 -63.24
N ASP M 166 5.19 23.19 -64.40
CA ASP M 166 4.56 24.48 -64.62
C ASP M 166 3.22 24.54 -63.91
N SER M 167 2.96 25.66 -63.25
CA SER M 167 1.74 25.84 -62.46
C SER M 167 0.53 26.13 -63.34
N LYS M 168 0.72 26.10 -64.66
CA LYS M 168 -0.35 26.42 -65.58
C LYS M 168 -0.70 25.23 -66.50
N ASP M 169 0.31 24.68 -67.18
CA ASP M 169 0.06 23.59 -68.12
C ASP M 169 0.55 22.22 -67.66
N SER M 170 1.13 22.14 -66.46
CA SER M 170 1.46 20.84 -65.86
C SER M 170 2.56 20.07 -66.60
N THR M 171 3.06 20.63 -67.71
CA THR M 171 4.20 20.01 -68.38
C THR M 171 5.58 20.55 -68.00
N TYR M 172 6.61 19.77 -68.27
CA TYR M 172 8.00 20.13 -67.96
C TYR M 172 8.80 20.57 -69.19
N SER M 173 9.92 21.26 -68.96
CA SER M 173 10.82 21.60 -70.06
C SER M 173 12.09 20.79 -69.80
N LEU M 174 12.89 20.47 -70.82
CA LEU M 174 14.19 19.82 -70.59
C LEU M 174 15.31 20.41 -71.43
N SER M 175 16.52 20.54 -70.88
CA SER M 175 17.58 21.16 -71.64
C SER M 175 18.82 20.26 -71.64
N SER M 176 19.58 20.29 -72.74
CA SER M 176 20.85 19.55 -72.82
C SER M 176 21.96 20.48 -73.27
N THR M 177 23.13 20.37 -72.66
CA THR M 177 24.26 21.19 -73.04
C THR M 177 25.50 20.38 -73.38
N LEU M 178 25.97 20.41 -74.62
CA LEU M 178 27.14 19.58 -74.90
C LEU M 178 28.27 20.58 -74.96
N THR M 179 29.19 20.49 -74.00
CA THR M 179 30.40 21.30 -74.04
C THR M 179 31.64 20.67 -74.66
N LEU M 180 32.14 21.28 -75.71
CA LEU M 180 33.33 20.75 -76.35
C LEU M 180 34.41 21.82 -76.20
N SER M 181 35.68 21.47 -76.32
CA SER M 181 36.71 22.50 -76.29
C SER M 181 36.58 23.15 -77.65
N LYS M 182 37.01 24.40 -77.79
CA LYS M 182 36.89 25.10 -79.09
C LYS M 182 37.50 24.30 -80.24
N ALA M 183 38.65 23.70 -79.98
CA ALA M 183 39.40 22.92 -80.96
C ALA M 183 38.55 21.75 -81.50
N ASP M 184 38.05 20.93 -80.57
CA ASP M 184 37.21 19.78 -80.88
C ASP M 184 35.91 20.11 -81.64
N TYR M 185 35.30 21.25 -81.34
CA TYR M 185 34.04 21.64 -81.97
C TYR M 185 34.20 21.78 -83.48
N GLU M 186 35.20 22.56 -83.88
CA GLU M 186 35.48 22.82 -85.28
C GLU M 186 36.06 21.59 -86.00
N LYS M 187 36.23 20.49 -85.28
CA LYS M 187 36.75 19.24 -85.83
C LYS M 187 35.66 18.39 -86.49
N HIS M 188 34.41 18.82 -86.39
CA HIS M 188 33.30 18.07 -86.98
C HIS M 188 32.28 18.95 -87.71
N LYS M 189 31.42 18.32 -88.49
CA LYS M 189 30.51 19.02 -89.39
C LYS M 189 29.07 19.12 -88.85
N VAL M 190 28.48 17.96 -88.56
CA VAL M 190 27.06 17.91 -88.20
C VAL M 190 26.85 17.59 -86.71
N TYR M 191 25.98 18.36 -86.07
CA TYR M 191 25.59 18.15 -84.68
C TYR M 191 24.09 17.87 -84.57
N ALA M 192 23.71 16.74 -84.01
CA ALA M 192 22.30 16.36 -84.01
C ALA M 192 21.76 15.97 -82.63
N CYS M 193 20.50 16.33 -82.39
CA CYS M 193 19.81 16.02 -81.13
C CYS M 193 18.58 15.15 -81.36
N GLU M 194 18.65 13.93 -80.86
CA GLU M 194 17.59 12.94 -81.01
C GLU M 194 16.78 12.76 -79.71
N VAL M 195 15.48 13.02 -79.78
CA VAL M 195 14.64 13.01 -78.60
C VAL M 195 13.74 11.77 -78.61
N THR M 196 13.65 11.07 -77.48
CA THR M 196 12.73 9.96 -77.39
C THR M 196 11.81 10.24 -76.22
N HIS M 197 10.52 10.33 -76.49
CA HIS M 197 9.56 10.65 -75.46
C HIS M 197 8.22 9.94 -75.72
N GLN M 198 7.40 9.78 -74.68
CA GLN M 198 6.15 9.05 -74.81
C GLN M 198 5.18 9.71 -75.77
N GLY M 199 5.22 11.04 -75.83
CA GLY M 199 4.36 11.80 -76.73
C GLY M 199 4.85 11.83 -78.16
N LEU M 200 5.98 11.20 -78.42
CA LEU M 200 6.51 11.16 -79.77
C LEU M 200 6.36 9.76 -80.35
N SER M 201 5.68 9.66 -81.50
CA SER M 201 5.52 8.38 -82.16
C SER M 201 6.87 7.90 -82.69
N SER M 202 7.72 8.84 -83.08
CA SER M 202 9.07 8.54 -83.55
C SER M 202 9.99 9.70 -83.17
N PRO M 203 11.28 9.40 -82.93
CA PRO M 203 12.27 10.41 -82.54
C PRO M 203 12.26 11.62 -83.47
N VAL M 204 12.17 12.82 -82.93
CA VAL M 204 12.29 13.96 -83.82
C VAL M 204 13.71 14.50 -83.68
N THR M 205 14.43 14.52 -84.79
CA THR M 205 15.78 15.05 -84.81
C THR M 205 15.90 16.54 -85.12
N LYS M 206 16.73 17.25 -84.37
CA LYS M 206 16.97 18.67 -84.58
C LYS M 206 18.48 18.73 -84.76
N SER M 207 18.92 19.16 -85.92
CA SER M 207 20.35 19.36 -86.14
C SER M 207 20.72 20.49 -87.07
N PHE M 208 22.02 20.75 -87.15
CA PHE M 208 22.54 21.82 -87.99
C PHE M 208 23.95 21.54 -88.51
N ASN M 209 24.43 22.46 -89.34
CA ASN M 209 25.78 22.49 -89.90
C ASN M 209 26.62 23.59 -89.27
N ARG M 210 27.92 23.37 -89.21
CA ARG M 210 28.82 24.37 -88.69
C ARG M 210 29.34 25.27 -89.81
N GLY M 211 29.17 26.58 -89.60
CA GLY M 211 29.54 27.57 -90.58
C GLY M 211 28.40 27.77 -91.56
N GLN N 1 33.88 4.20 20.97
CA GLN N 1 33.72 2.89 21.59
C GLN N 1 33.03 3.00 22.94
N VAL N 2 32.16 2.02 23.20
CA VAL N 2 31.52 1.88 24.50
C VAL N 2 32.54 1.57 25.59
N THR N 3 32.49 2.34 26.67
CA THR N 3 33.36 2.13 27.83
C THR N 3 32.52 2.04 29.10
N LEU N 4 33.08 1.43 30.14
CA LEU N 4 32.38 1.31 31.42
C LEU N 4 33.34 1.41 32.59
N ARG N 5 32.94 2.18 33.61
CA ARG N 5 33.75 2.33 34.81
C ARG N 5 32.92 2.11 36.06
N GLU N 6 33.27 1.08 36.81
CA GLU N 6 32.62 0.85 38.08
C GLU N 6 33.27 1.77 39.10
N SER N 7 32.52 2.13 40.14
CA SER N 7 33.10 2.91 41.22
C SER N 7 32.31 2.62 42.48
N GLY N 8 33.01 2.68 43.61
CA GLY N 8 32.38 2.40 44.89
C GLY N 8 33.47 2.20 45.91
N PRO N 9 33.06 1.91 47.15
CA PRO N 9 33.99 1.65 48.26
C PRO N 9 34.85 0.41 47.99
N ALA N 10 36.11 0.41 48.41
CA ALA N 10 36.95 -0.78 48.29
C ALA N 10 36.79 -1.71 49.50
N LEU N 11 36.48 -1.13 50.65
CA LEU N 11 36.32 -1.89 51.88
C LEU N 11 34.95 -1.66 52.53
N VAL N 12 34.36 -2.73 53.05
CA VAL N 12 33.06 -2.63 53.72
C VAL N 12 32.85 -3.73 54.77
N LYS N 13 32.42 -3.31 55.97
CA LYS N 13 32.21 -4.22 57.09
C LYS N 13 31.01 -5.15 56.84
N PRO N 14 31.00 -6.33 57.49
CA PRO N 14 29.86 -7.26 57.37
C PRO N 14 28.53 -6.62 57.79
N THR N 15 27.43 -7.13 57.23
CA THR N 15 26.04 -6.67 57.46
C THR N 15 25.69 -5.31 56.84
N GLN N 16 26.70 -4.51 56.52
CA GLN N 16 26.49 -3.21 55.89
C GLN N 16 26.06 -3.35 54.42
N THR N 17 25.52 -2.27 53.84
CA THR N 17 25.05 -2.33 52.47
C THR N 17 26.16 -1.81 51.55
N LEU N 18 26.39 -2.50 50.45
CA LEU N 18 27.35 -2.08 49.44
C LEU N 18 26.62 -1.33 48.32
N THR N 19 27.14 -0.17 47.94
CA THR N 19 26.51 0.60 46.86
C THR N 19 27.52 0.89 45.74
N LEU N 20 27.34 0.21 44.62
CA LEU N 20 28.23 0.33 43.46
C LEU N 20 27.58 1.17 42.37
N THR N 21 28.41 1.92 41.64
CA THR N 21 27.94 2.79 40.57
C THR N 21 28.71 2.52 39.28
N CYS N 22 27.97 2.34 38.18
CA CYS N 22 28.58 2.08 36.89
C CYS N 22 28.38 3.25 35.94
N THR N 23 29.47 3.96 35.65
CA THR N 23 29.41 5.08 34.71
C THR N 23 29.98 4.72 33.35
N PHE N 24 29.19 4.94 32.30
CA PHE N 24 29.58 4.55 30.96
C PHE N 24 29.45 5.66 29.92
N SER N 25 29.95 5.38 28.71
CA SER N 25 29.87 6.30 27.59
C SER N 25 29.92 5.51 26.29
N GLY N 26 29.63 6.17 25.17
CA GLY N 26 29.65 5.51 23.88
C GLY N 26 28.25 5.05 23.48
N PHE N 27 27.37 4.89 24.47
CA PHE N 27 25.99 4.51 24.23
C PHE N 27 25.04 5.07 25.30
N SER N 28 23.75 5.11 24.98
CA SER N 28 22.74 5.54 25.95
C SER N 28 21.85 4.37 26.36
N LEU N 29 21.49 4.33 27.64
CA LEU N 29 20.66 3.26 28.19
C LEU N 29 19.20 3.48 27.81
N SER N 30 18.86 4.70 27.43
CA SER N 30 17.48 5.01 27.05
C SER N 30 17.15 4.49 25.64
N THR N 31 18.17 4.07 24.90
CA THR N 31 17.99 3.52 23.57
C THR N 31 17.36 2.14 23.66
N ALA N 32 16.37 1.87 22.80
CA ALA N 32 15.68 0.60 22.82
C ALA N 32 16.63 -0.56 22.58
N GLY N 33 16.49 -1.61 23.39
CA GLY N 33 17.29 -2.82 23.26
C GLY N 33 18.51 -2.93 24.16
N MET N 34 18.87 -1.82 24.79
CA MET N 34 20.10 -1.72 25.58
C MET N 34 19.90 -2.14 27.05
N SER N 35 20.92 -2.77 27.63
CA SER N 35 20.85 -3.27 29.00
C SER N 35 22.20 -3.21 29.72
N VAL N 36 22.15 -3.18 31.05
CA VAL N 36 23.36 -3.25 31.85
C VAL N 36 23.22 -4.32 32.93
N GLY N 37 24.25 -5.15 33.09
CA GLY N 37 24.24 -6.22 34.06
C GLY N 37 25.42 -6.16 35.01
N TRP N 38 25.25 -6.73 36.20
CA TRP N 38 26.36 -6.77 37.16
C TRP N 38 26.86 -8.20 37.38
N ILE N 39 28.16 -8.35 37.51
CA ILE N 39 28.82 -9.66 37.62
C ILE N 39 30.02 -9.58 38.55
N ARG N 40 30.19 -10.61 39.39
CA ARG N 40 31.27 -10.61 40.36
C ARG N 40 32.11 -11.90 40.28
N GLN N 41 33.34 -11.82 40.78
CA GLN N 41 34.26 -12.95 40.84
C GLN N 41 34.92 -13.03 42.20
N PRO N 42 34.52 -14.01 43.01
CA PRO N 42 35.18 -14.20 44.30
C PRO N 42 36.62 -14.63 44.04
N PRO N 43 37.54 -14.40 45.01
CA PRO N 43 38.93 -14.80 44.77
C PRO N 43 39.01 -16.26 44.35
N GLY N 44 39.74 -16.52 43.27
CA GLY N 44 39.93 -17.87 42.75
C GLY N 44 38.65 -18.64 42.52
N LYS N 45 37.60 -17.95 42.07
CA LYS N 45 36.34 -18.61 41.76
C LYS N 45 35.78 -18.15 40.43
N ALA N 46 34.82 -18.89 39.91
CA ALA N 46 34.23 -18.54 38.62
C ALA N 46 33.36 -17.30 38.71
N LEU N 47 32.87 -16.88 37.54
CA LEU N 47 32.00 -15.72 37.44
C LEU N 47 30.57 -16.04 37.83
N GLU N 48 29.96 -15.11 38.54
CA GLU N 48 28.58 -15.26 38.99
C GLU N 48 27.77 -14.05 38.54
N TRP N 49 26.69 -14.30 37.80
CA TRP N 49 25.82 -13.20 37.44
C TRP N 49 25.01 -12.78 38.66
N LEU N 50 24.74 -11.48 38.77
CA LEU N 50 24.12 -10.94 39.98
C LEU N 50 22.77 -10.29 39.69
N ALA N 51 22.74 -9.46 38.65
CA ALA N 51 21.60 -8.63 38.35
C ALA N 51 21.80 -7.94 37.01
N ASP N 52 20.70 -7.44 36.44
CA ASP N 52 20.76 -6.56 35.29
C ASP N 52 19.54 -5.66 35.20
N ILE N 53 19.53 -4.78 34.21
CA ILE N 53 18.44 -3.82 34.07
C ILE N 53 18.36 -3.37 32.62
N TRP N 54 17.15 -3.03 32.16
CA TRP N 54 16.92 -2.66 30.76
C TRP N 54 16.30 -1.26 30.63
N TRP N 55 16.15 -0.79 29.39
CA TRP N 55 15.65 0.56 29.17
C TRP N 55 14.20 0.74 29.62
N ASP N 56 13.44 -0.37 29.66
CA ASP N 56 12.05 -0.33 30.09
C ASP N 56 11.87 -0.63 31.58
N ASP N 57 12.98 -0.58 32.31
CA ASP N 57 13.02 -0.72 33.77
C ASP N 57 12.78 -2.13 34.31
N LYS N 58 12.77 -3.14 33.44
CA LYS N 58 12.70 -4.51 33.93
C LYS N 58 13.96 -4.88 34.67
N LYS N 59 13.80 -5.55 35.80
CA LYS N 59 14.95 -5.87 36.61
C LYS N 59 14.94 -7.37 36.87
N HIS N 60 16.14 -7.95 36.94
CA HIS N 60 16.29 -9.36 37.27
C HIS N 60 17.39 -9.55 38.29
N TYR N 61 17.25 -10.56 39.14
CA TYR N 61 18.26 -10.82 40.16
C TYR N 61 18.52 -12.31 40.25
N ASN N 62 19.74 -12.67 40.62
CA ASN N 62 20.10 -14.06 40.79
C ASN N 62 19.63 -14.54 42.17
N PRO N 63 18.70 -15.50 42.20
CA PRO N 63 18.05 -16.06 43.40
C PRO N 63 19.01 -16.47 44.51
N SER N 64 20.23 -16.90 44.17
CA SER N 64 21.20 -17.25 45.21
C SER N 64 21.44 -16.07 46.14
N LEU N 65 21.59 -14.89 45.55
CA LEU N 65 21.83 -13.67 46.32
C LEU N 65 20.55 -12.83 46.45
N LYS N 66 19.43 -13.51 46.69
CA LYS N 66 18.15 -12.83 46.81
C LYS N 66 17.65 -13.08 48.23
N ASP N 67 16.95 -12.12 48.83
CA ASP N 67 16.63 -10.84 48.23
C ASP N 67 17.50 -9.71 48.75
N ARG N 68 18.79 -9.76 48.40
CA ARG N 68 19.72 -8.81 48.95
C ARG N 68 20.11 -7.77 47.91
N LEU N 69 19.54 -7.91 46.72
CA LEU N 69 19.96 -7.07 45.60
C LEU N 69 18.89 -6.04 45.26
N THR N 70 19.33 -4.81 44.96
CA THR N 70 18.45 -3.73 44.52
C THR N 70 19.16 -2.94 43.42
N ILE N 71 18.58 -2.95 42.23
CA ILE N 71 19.17 -2.25 41.10
C ILE N 71 18.27 -1.12 40.60
N SER N 72 18.89 0.02 40.29
CA SER N 72 18.14 1.17 39.79
C SER N 72 19.03 1.90 38.79
N LYS N 73 18.42 2.81 38.01
CA LYS N 73 19.17 3.53 36.98
C LYS N 73 18.90 5.02 36.99
N ASP N 74 19.79 5.75 36.31
CA ASP N 74 19.61 7.18 36.10
C ASP N 74 20.20 7.56 34.75
N THR N 75 19.37 7.50 33.71
CA THR N 75 19.81 7.72 32.34
C THR N 75 20.43 9.11 32.14
N SER N 76 20.03 10.04 32.99
CA SER N 76 20.56 11.41 32.94
C SER N 76 22.07 11.49 33.11
N LYS N 77 22.58 10.75 34.09
CA LYS N 77 24.00 10.79 34.42
C LYS N 77 24.74 9.61 33.83
N ASN N 78 24.05 8.84 32.99
CA ASN N 78 24.63 7.64 32.39
C ASN N 78 25.23 6.66 33.41
N GLN N 79 24.47 6.37 34.47
CA GLN N 79 24.96 5.44 35.48
C GLN N 79 23.88 4.52 36.03
N VAL N 80 24.32 3.36 36.51
CA VAL N 80 23.43 2.37 37.09
C VAL N 80 23.92 2.05 38.50
N VAL N 81 23.01 1.86 39.44
CA VAL N 81 23.41 1.57 40.82
C VAL N 81 22.82 0.24 41.29
N LEU N 82 23.66 -0.58 41.92
CA LEU N 82 23.23 -1.84 42.51
C LEU N 82 23.49 -1.82 44.00
N LYS N 83 22.50 -2.18 44.81
CA LYS N 83 22.71 -2.21 46.25
C LYS N 83 22.63 -3.64 46.76
N VAL N 84 23.60 -3.99 47.59
CA VAL N 84 23.62 -5.29 48.25
C VAL N 84 23.65 -5.15 49.77
N THR N 85 22.60 -5.65 50.43
CA THR N 85 22.49 -5.54 51.88
C THR N 85 23.17 -6.74 52.53
N ASN N 86 23.46 -6.64 53.82
CA ASN N 86 24.06 -7.73 54.60
C ASN N 86 25.28 -8.41 53.96
N MET N 87 26.36 -7.65 53.78
CA MET N 87 27.57 -8.17 53.14
C MET N 87 28.24 -9.21 54.04
N ASP N 88 28.85 -10.20 53.42
CA ASP N 88 29.52 -11.28 54.15
C ASP N 88 30.94 -11.43 53.61
N PRO N 89 31.89 -11.88 54.44
CA PRO N 89 33.27 -12.09 53.96
C PRO N 89 33.36 -12.91 52.66
N ALA N 90 32.41 -13.82 52.44
CA ALA N 90 32.37 -14.63 51.22
C ALA N 90 31.99 -13.81 49.99
N ASP N 91 31.47 -12.61 50.24
CA ASP N 91 31.10 -11.68 49.19
C ASP N 91 32.31 -10.90 48.69
N THR N 92 33.44 -11.06 49.37
CA THR N 92 34.69 -10.44 48.94
C THR N 92 34.98 -10.87 47.52
N ALA N 93 35.15 -9.90 46.63
CA ALA N 93 35.32 -10.18 45.21
C ALA N 93 35.58 -8.93 44.38
N THR N 94 35.81 -9.16 43.09
CA THR N 94 35.95 -8.09 42.11
C THR N 94 34.63 -8.01 41.34
N TYR N 95 34.05 -6.82 41.28
CA TYR N 95 32.74 -6.67 40.69
C TYR N 95 32.75 -5.99 39.33
N TYR N 96 32.02 -6.57 38.37
CA TYR N 96 32.00 -5.99 37.03
C TYR N 96 30.59 -5.56 36.62
N CYS N 97 30.52 -4.52 35.81
CA CYS N 97 29.29 -4.16 35.10
C CYS N 97 29.58 -4.35 33.61
N ALA N 98 28.54 -4.54 32.80
CA ALA N 98 28.75 -4.80 31.38
C ALA N 98 27.52 -4.51 30.54
N ARG N 99 27.73 -4.06 29.31
CA ARG N 99 26.62 -3.75 28.43
C ARG N 99 26.07 -5.06 27.85
N ASP N 100 24.80 -5.03 27.46
CA ASP N 100 24.11 -6.18 26.90
C ASP N 100 23.03 -5.72 25.92
N MET N 101 22.66 -6.56 24.96
CA MET N 101 21.55 -6.19 24.07
C MET N 101 20.60 -7.37 23.94
N ILE N 102 19.33 -7.09 23.66
CA ILE N 102 18.36 -8.15 23.47
C ILE N 102 18.55 -8.74 22.08
N PHE N 103 19.29 -8.02 21.24
CA PHE N 103 19.67 -8.52 19.93
C PHE N 103 20.66 -9.66 20.10
N ASN N 104 21.34 -9.64 21.24
CA ASN N 104 22.41 -10.58 21.53
C ASN N 104 22.60 -10.70 23.04
N PHE N 105 22.08 -11.78 23.63
CA PHE N 105 22.11 -11.90 25.08
C PHE N 105 23.45 -12.26 25.65
N TYR N 106 24.41 -11.37 25.44
CA TYR N 106 25.71 -11.52 26.07
C TYR N 106 26.30 -10.15 26.35
N PHE N 107 27.32 -10.14 27.20
CA PHE N 107 27.93 -8.89 27.59
C PHE N 107 29.14 -8.69 26.69
N ASP N 108 28.98 -7.88 25.66
CA ASP N 108 30.03 -7.69 24.66
C ASP N 108 31.10 -6.73 25.17
N VAL N 109 30.71 -5.78 25.99
CA VAL N 109 31.64 -4.81 26.55
C VAL N 109 31.54 -4.73 28.07
N TRP N 110 32.70 -4.77 28.71
CA TRP N 110 32.84 -4.81 30.15
C TRP N 110 33.60 -3.63 30.71
N GLY N 111 33.31 -3.30 31.96
CA GLY N 111 34.09 -2.33 32.69
C GLY N 111 35.37 -3.00 33.14
N GLN N 112 36.29 -2.26 33.73
CA GLN N 112 37.54 -2.85 34.17
C GLN N 112 37.42 -3.56 35.51
N GLY N 113 36.32 -3.31 36.22
CA GLY N 113 36.04 -3.94 37.50
C GLY N 113 36.61 -3.24 38.72
N THR N 114 35.97 -3.46 39.86
CA THR N 114 36.45 -2.94 41.14
C THR N 114 36.38 -4.02 42.21
N THR N 115 37.35 -4.02 43.11
CA THR N 115 37.47 -5.09 44.08
C THR N 115 36.85 -4.64 45.40
N VAL N 116 36.06 -5.53 46.00
CA VAL N 116 35.39 -5.22 47.25
C VAL N 116 35.72 -6.31 48.26
N THR N 117 36.25 -5.90 49.41
CA THR N 117 36.61 -6.82 50.48
C THR N 117 35.72 -6.62 51.71
N VAL N 118 35.18 -7.71 52.25
CA VAL N 118 34.37 -7.63 53.45
C VAL N 118 35.15 -8.14 54.67
N SER N 119 35.47 -7.20 55.56
CA SER N 119 36.33 -7.45 56.73
C SER N 119 36.04 -6.38 57.78
N SER N 120 36.28 -6.70 59.04
CA SER N 120 36.10 -5.72 60.11
C SER N 120 37.37 -4.87 60.27
N ALA N 121 38.46 -5.33 59.68
CA ALA N 121 39.72 -4.59 59.70
C ALA N 121 39.62 -3.23 58.97
N SER N 122 40.49 -2.30 59.36
CA SER N 122 40.53 -0.96 58.78
C SER N 122 41.65 -0.82 57.74
N THR N 123 41.54 0.21 56.92
CA THR N 123 42.51 0.49 55.85
C THR N 123 43.86 0.93 56.41
N LYS N 124 44.94 0.53 55.74
CA LYS N 124 46.29 0.98 56.05
C LYS N 124 47.16 1.17 54.81
N GLY N 125 47.89 2.28 54.75
CA GLY N 125 48.79 2.57 53.65
C GLY N 125 50.03 1.70 53.67
N PRO N 126 50.61 1.43 52.50
CA PRO N 126 51.82 0.61 52.39
C PRO N 126 53.13 1.31 52.73
N SER N 127 54.14 0.51 53.05
CA SER N 127 55.52 0.98 53.16
C SER N 127 56.34 0.49 51.97
N VAL N 128 57.11 1.38 51.35
CA VAL N 128 57.89 1.03 50.17
C VAL N 128 59.41 0.99 50.39
N PHE N 129 60.00 -0.20 50.39
CA PHE N 129 61.45 -0.34 50.57
C PHE N 129 62.21 -0.72 49.28
N PRO N 130 63.47 -0.28 49.17
CA PRO N 130 64.31 -0.56 47.99
C PRO N 130 65.01 -1.92 48.07
N LEU N 131 65.04 -2.65 46.97
CA LEU N 131 65.89 -3.83 46.81
C LEU N 131 67.12 -3.50 45.97
N ALA N 132 68.26 -3.25 46.61
CA ALA N 132 69.43 -2.78 45.90
C ALA N 132 70.18 -3.89 45.16
N PRO N 133 70.69 -3.59 43.96
CA PRO N 133 71.45 -4.46 43.05
C PRO N 133 72.88 -4.75 43.50
N SER N 134 73.42 -5.88 43.07
CA SER N 134 74.82 -6.26 43.32
C SER N 134 75.25 -7.47 42.50
N THR N 142 73.59 -8.50 33.26
CA THR N 142 72.25 -8.08 33.65
C THR N 142 72.13 -8.02 35.17
N ALA N 143 71.53 -6.94 35.66
CA ALA N 143 71.38 -6.71 37.10
C ALA N 143 69.91 -6.57 37.46
N ALA N 144 69.54 -7.11 38.62
CA ALA N 144 68.14 -7.04 39.03
C ALA N 144 67.96 -6.08 40.20
N LEU N 145 66.79 -5.44 40.24
CA LEU N 145 66.40 -4.52 41.32
C LEU N 145 64.88 -4.36 41.42
N GLY N 146 64.40 -3.81 42.52
CA GLY N 146 62.96 -3.63 42.69
C GLY N 146 62.49 -2.98 43.99
N CYS N 147 61.19 -3.02 44.23
CA CYS N 147 60.58 -2.42 45.41
C CYS N 147 59.75 -3.42 46.20
N LEU N 148 59.84 -3.34 47.52
CA LEU N 148 59.03 -4.19 48.40
C LEU N 148 57.82 -3.43 48.96
N VAL N 149 56.63 -3.79 48.52
CA VAL N 149 55.44 -3.13 49.03
C VAL N 149 54.83 -3.95 50.16
N LYS N 150 55.12 -3.53 51.38
CA LYS N 150 54.80 -4.35 52.54
C LYS N 150 53.74 -3.73 53.45
N ASP N 151 52.90 -4.58 54.04
CA ASP N 151 51.96 -4.19 55.10
C ASP N 151 50.92 -3.16 54.68
N TYR N 152 49.99 -3.57 53.83
CA TYR N 152 48.90 -2.70 53.41
C TYR N 152 47.57 -3.45 53.42
N PHE N 153 46.47 -2.71 53.47
CA PHE N 153 45.14 -3.32 53.42
C PHE N 153 44.12 -2.30 52.95
N PRO N 154 43.23 -2.69 52.02
CA PRO N 154 43.18 -4.01 51.38
C PRO N 154 43.81 -3.97 49.99
N GLU N 155 43.44 -4.91 49.13
CA GLU N 155 43.82 -4.84 47.73
C GLU N 155 43.03 -3.77 47.01
N PRO N 156 43.56 -3.26 45.88
CA PRO N 156 44.88 -3.56 45.32
C PRO N 156 45.81 -2.36 45.36
N VAL N 157 47.04 -2.57 44.91
CA VAL N 157 47.97 -1.47 44.76
C VAL N 157 48.63 -1.61 43.39
N THR N 158 48.77 -0.50 42.67
CA THR N 158 49.45 -0.56 41.39
C THR N 158 50.87 -0.05 41.52
N VAL N 159 51.77 -0.69 40.79
CA VAL N 159 53.16 -0.27 40.73
C VAL N 159 53.56 -0.01 39.28
N SER N 160 54.33 1.03 39.05
CA SER N 160 54.83 1.34 37.71
C SER N 160 56.28 1.84 37.83
N TRP N 161 56.96 1.94 36.69
CA TRP N 161 58.36 2.37 36.72
C TRP N 161 58.56 3.52 35.75
N ASN N 162 59.27 4.54 36.22
CA ASN N 162 59.49 5.77 35.45
C ASN N 162 58.17 6.26 34.87
N SER N 163 57.09 6.08 35.64
CA SER N 163 55.75 6.54 35.27
C SER N 163 55.17 5.70 34.13
N GLY N 164 55.75 4.51 33.91
CA GLY N 164 55.26 3.62 32.86
C GLY N 164 56.11 3.59 31.60
N ALA N 165 57.24 4.29 31.64
CA ALA N 165 58.20 4.31 30.54
C ALA N 165 58.97 2.99 30.45
N LEU N 166 59.28 2.41 31.59
CA LEU N 166 59.98 1.14 31.63
C LEU N 166 58.97 0.01 31.81
N THR N 167 58.81 -0.78 30.76
CA THR N 167 57.79 -1.82 30.74
C THR N 167 58.35 -3.20 30.42
N SER N 168 59.46 -3.27 29.70
CA SER N 168 60.01 -4.58 29.37
C SER N 168 60.90 -5.08 30.51
N GLY N 169 60.89 -6.39 30.72
CA GLY N 169 61.64 -7.00 31.80
C GLY N 169 60.98 -6.88 33.17
N VAL N 170 59.91 -6.08 33.26
CA VAL N 170 59.24 -5.84 34.55
C VAL N 170 58.26 -6.92 34.97
N HIS N 171 58.48 -7.48 36.15
CA HIS N 171 57.60 -8.49 36.74
C HIS N 171 57.03 -8.02 38.07
N THR N 172 55.71 -7.93 38.16
CA THR N 172 55.05 -7.58 39.42
C THR N 172 54.29 -8.78 39.99
N PHE N 173 54.69 -9.21 41.17
CA PHE N 173 54.16 -10.44 41.75
C PHE N 173 52.80 -10.24 42.41
N PRO N 174 51.88 -11.20 42.22
CA PRO N 174 50.59 -11.27 42.91
C PRO N 174 50.81 -11.11 44.41
N ALA N 175 50.05 -10.22 45.04
CA ALA N 175 50.22 -9.98 46.47
C ALA N 175 49.97 -11.23 47.31
N VAL N 176 50.74 -11.36 48.39
CA VAL N 176 50.57 -12.45 49.33
C VAL N 176 50.04 -11.90 50.67
N LEU N 177 49.23 -12.71 51.34
CA LEU N 177 48.65 -12.30 52.62
C LEU N 177 49.54 -12.77 53.77
N GLN N 178 50.17 -11.82 54.45
CA GLN N 178 51.04 -12.10 55.59
C GLN N 178 50.25 -12.47 56.86
N SER N 179 50.97 -12.98 57.85
CA SER N 179 50.35 -13.43 59.09
C SER N 179 49.79 -12.26 59.90
N SER N 180 50.18 -11.05 59.52
CA SER N 180 49.69 -9.85 60.18
C SER N 180 48.26 -9.52 59.77
N GLY N 181 47.84 -10.11 58.65
CA GLY N 181 46.54 -9.82 58.09
C GLY N 181 46.64 -8.79 56.97
N LEU N 182 47.84 -8.28 56.76
CA LEU N 182 48.09 -7.29 55.73
C LEU N 182 48.64 -7.97 54.50
N TYR N 183 48.36 -7.41 53.33
CA TYR N 183 48.89 -7.96 52.10
C TYR N 183 50.28 -7.36 51.89
N SER N 184 51.10 -8.06 51.12
CA SER N 184 52.44 -7.59 50.80
C SER N 184 52.84 -8.15 49.46
N LEU N 185 53.64 -7.38 48.73
CA LEU N 185 54.08 -7.84 47.42
C LEU N 185 55.36 -7.15 46.99
N SER N 186 56.01 -7.74 45.98
CA SER N 186 57.26 -7.22 45.46
C SER N 186 57.15 -7.03 43.96
N SER N 187 57.84 -6.02 43.46
CA SER N 187 57.97 -5.81 42.02
C SER N 187 59.43 -5.66 41.64
N VAL N 188 59.87 -6.43 40.65
CA VAL N 188 61.26 -6.39 40.20
C VAL N 188 61.40 -6.12 38.70
N VAL N 189 62.60 -5.73 38.30
CA VAL N 189 62.92 -5.51 36.90
C VAL N 189 64.39 -5.84 36.62
N THR N 190 64.63 -6.53 35.51
CA THR N 190 65.99 -6.84 35.10
C THR N 190 66.44 -5.79 34.10
N VAL N 191 67.64 -5.28 34.31
CA VAL N 191 68.18 -4.21 33.48
C VAL N 191 69.66 -4.47 33.20
N PRO N 192 70.21 -3.84 32.15
CA PRO N 192 71.63 -3.96 31.80
C PRO N 192 72.55 -3.62 32.99
N SER N 193 73.52 -4.49 33.26
CA SER N 193 74.45 -4.30 34.37
C SER N 193 75.15 -2.96 34.29
N SER N 194 75.24 -2.42 33.08
CA SER N 194 75.99 -1.19 32.84
C SER N 194 75.18 0.07 33.16
N SER N 195 73.86 -0.03 33.07
CA SER N 195 73.01 1.12 33.31
C SER N 195 72.81 1.47 34.79
N LEU N 196 73.39 0.69 35.70
CA LEU N 196 73.31 1.02 37.12
C LEU N 196 74.08 2.31 37.42
N GLY N 197 73.66 3.03 38.46
CA GLY N 197 74.37 4.23 38.88
C GLY N 197 74.27 5.41 37.94
N THR N 198 74.02 5.14 36.66
CA THR N 198 73.85 6.19 35.65
C THR N 198 72.38 6.41 35.29
N GLN N 199 71.67 5.32 34.99
CA GLN N 199 70.24 5.41 34.75
C GLN N 199 69.51 5.39 36.08
N THR N 200 68.56 6.30 36.25
CA THR N 200 67.81 6.38 37.49
C THR N 200 66.53 5.57 37.36
N TYR N 201 66.24 4.77 38.37
CA TYR N 201 65.05 3.95 38.36
C TYR N 201 64.14 4.29 39.52
N ILE N 202 62.91 4.66 39.19
CA ILE N 202 61.94 5.04 40.22
C ILE N 202 60.66 4.24 40.07
N CYS N 203 60.29 3.50 41.12
CA CYS N 203 59.05 2.74 41.15
C CYS N 203 57.87 3.59 41.65
N ASN N 204 56.73 3.55 40.93
CA ASN N 204 55.58 4.39 41.25
C ASN N 204 54.44 3.57 41.80
N VAL N 205 54.33 3.57 43.13
CA VAL N 205 53.30 2.82 43.82
C VAL N 205 52.04 3.66 44.00
N ASN N 206 50.89 3.06 43.74
CA ASN N 206 49.62 3.75 43.89
C ASN N 206 48.62 2.87 44.63
N HIS N 207 48.12 3.36 45.75
CA HIS N 207 47.12 2.65 46.54
C HIS N 207 45.90 3.54 46.78
N LYS N 208 45.03 3.65 45.78
CA LYS N 208 43.84 4.49 45.87
C LYS N 208 42.95 4.26 47.10
N PRO N 209 42.69 2.99 47.49
CA PRO N 209 41.86 2.76 48.69
C PRO N 209 42.26 3.58 49.92
N SER N 210 43.53 3.97 50.02
CA SER N 210 43.97 4.80 51.14
C SER N 210 44.53 6.11 50.61
N ASN N 211 44.27 6.38 49.33
CA ASN N 211 44.76 7.57 48.63
C ASN N 211 46.24 7.83 48.87
N THR N 212 47.05 6.77 48.78
CA THR N 212 48.48 6.84 49.02
C THR N 212 49.23 6.66 47.70
N LYS N 213 50.12 7.61 47.40
CA LYS N 213 50.94 7.54 46.20
C LYS N 213 52.41 7.71 46.61
N VAL N 214 53.23 6.71 46.27
CA VAL N 214 54.65 6.76 46.61
C VAL N 214 55.57 6.48 45.42
N ASP N 215 56.61 7.30 45.28
CA ASP N 215 57.63 7.10 44.25
C ASP N 215 59.02 6.96 44.89
N LYS N 216 59.57 5.74 44.88
CA LYS N 216 60.85 5.47 45.54
C LYS N 216 62.01 5.28 44.54
N LYS N 217 63.15 5.91 44.82
CA LYS N 217 64.35 5.76 43.97
C LYS N 217 65.25 4.58 44.37
N VAL N 218 65.44 3.65 43.42
CA VAL N 218 66.33 2.51 43.64
C VAL N 218 67.74 2.74 43.07
N GLU N 219 68.77 2.50 43.88
CA GLU N 219 70.18 2.65 43.49
C GLU N 219 71.14 1.73 44.25
N PRO N 220 72.24 1.31 43.60
CA PRO N 220 73.26 0.44 44.20
C PRO N 220 73.74 0.91 45.56
N ASP O 1 16.84 -23.70 37.75
CA ASP O 1 17.79 -22.91 36.95
C ASP O 1 18.74 -23.79 36.14
N ILE O 2 19.63 -23.16 35.38
CA ILE O 2 20.52 -23.90 34.48
C ILE O 2 22.00 -23.88 34.87
N GLN O 3 22.55 -25.06 35.20
CA GLN O 3 23.96 -25.19 35.56
C GLN O 3 24.84 -25.72 34.41
N MET O 4 26.14 -25.47 34.51
CA MET O 4 27.09 -25.84 33.46
C MET O 4 28.27 -26.65 33.99
N THR O 5 28.50 -27.83 33.43
CA THR O 5 29.65 -28.62 33.84
C THR O 5 30.69 -28.54 32.73
N GLN O 6 31.88 -28.07 33.09
CA GLN O 6 32.95 -27.82 32.15
C GLN O 6 34.15 -28.72 32.31
N SER O 7 34.67 -29.19 31.18
CA SER O 7 35.87 -30.00 31.24
C SER O 7 36.77 -29.76 30.02
N PRO O 8 38.10 -29.88 30.23
CA PRO O 8 38.70 -30.18 31.53
C PRO O 8 38.67 -28.93 32.44
N SER O 9 38.82 -29.07 33.76
CA SER O 9 38.87 -27.88 34.63
C SER O 9 40.21 -27.17 34.47
N THR O 10 41.24 -27.94 34.11
CA THR O 10 42.58 -27.41 33.88
C THR O 10 43.11 -28.12 32.63
N LEU O 11 44.15 -27.60 32.01
CA LEU O 11 44.60 -28.16 30.73
C LEU O 11 46.00 -27.63 30.39
N SER O 12 46.85 -28.47 29.80
CA SER O 12 48.17 -28.02 29.36
C SER O 12 48.54 -28.55 27.97
N ALA O 13 48.91 -27.65 27.07
CA ALA O 13 49.28 -28.02 25.71
C ALA O 13 50.36 -27.13 25.10
N SER O 14 51.11 -27.69 24.15
CA SER O 14 52.18 -26.99 23.46
C SER O 14 51.66 -26.10 22.33
N VAL O 15 52.37 -25.02 22.03
CA VAL O 15 52.03 -24.15 20.90
C VAL O 15 51.89 -24.92 19.59
N GLY O 16 50.73 -24.79 18.94
CA GLY O 16 50.47 -25.50 17.71
C GLY O 16 49.48 -26.63 17.93
N ASP O 17 49.33 -27.04 19.18
CA ASP O 17 48.42 -28.13 19.54
C ASP O 17 46.96 -27.76 19.34
N ARG O 18 46.15 -28.76 19.05
CA ARG O 18 44.71 -28.59 19.00
C ARG O 18 44.15 -28.78 20.39
N VAL O 19 43.32 -27.84 20.83
CA VAL O 19 42.78 -27.89 22.18
C VAL O 19 41.26 -27.83 22.17
N THR O 20 40.63 -28.75 22.89
CA THR O 20 39.18 -28.81 22.94
C THR O 20 38.69 -28.72 24.38
N ILE O 21 37.86 -27.74 24.65
CA ILE O 21 37.27 -27.52 25.96
C ILE O 21 35.78 -27.85 25.82
N THR O 22 35.21 -28.57 26.77
CA THR O 22 33.83 -29.00 26.62
C THR O 22 32.95 -28.36 27.68
N CYS O 23 31.75 -27.94 27.29
CA CYS O 23 30.77 -27.40 28.23
C CYS O 23 29.46 -28.16 28.11
N SER O 24 28.95 -28.62 29.24
CA SER O 24 27.71 -29.38 29.28
C SER O 24 26.67 -28.77 30.19
N ALA O 25 25.58 -28.29 29.60
CA ALA O 25 24.54 -27.62 30.36
C ALA O 25 23.54 -28.65 30.89
N SER O 26 22.95 -28.36 32.04
CA SER O 26 21.98 -29.26 32.66
C SER O 26 20.66 -29.34 31.88
N SER O 27 20.32 -28.28 31.14
CA SER O 27 19.10 -28.25 30.33
C SER O 27 19.35 -27.61 28.96
N ARG O 28 18.44 -27.85 28.01
CA ARG O 28 18.63 -27.38 26.64
C ARG O 28 18.72 -25.86 26.51
N VAL O 29 19.63 -25.42 25.65
CA VAL O 29 19.88 -24.00 25.45
C VAL O 29 20.03 -23.74 23.94
N GLY O 30 19.59 -22.55 23.52
CA GLY O 30 19.62 -22.16 22.12
C GLY O 30 21.00 -21.83 21.59
N TYR O 31 21.76 -21.03 22.34
CA TYR O 31 23.08 -20.64 21.90
C TYR O 31 24.10 -20.71 23.05
N MET O 32 25.35 -21.07 22.74
CA MET O 32 26.42 -21.01 23.74
C MET O 32 27.49 -19.96 23.42
N HIS O 33 27.94 -19.25 24.44
CA HIS O 33 28.91 -18.17 24.28
C HIS O 33 30.17 -18.42 25.12
N TRP O 34 31.29 -17.89 24.67
CA TRP O 34 32.59 -18.16 25.31
C TRP O 34 33.39 -16.89 25.63
N TYR O 35 34.01 -16.90 26.80
CA TYR O 35 34.78 -15.76 27.30
C TYR O 35 36.24 -16.06 27.62
N GLN O 36 37.15 -15.17 27.23
CA GLN O 36 38.55 -15.30 27.62
C GLN O 36 38.84 -14.30 28.75
N GLN O 37 39.58 -14.74 29.77
CA GLN O 37 39.96 -13.86 30.87
C GLN O 37 41.44 -13.95 31.20
N LYS O 38 42.11 -12.81 31.19
CA LYS O 38 43.49 -12.73 31.62
C LYS O 38 43.52 -12.47 33.14
N PRO O 39 44.66 -12.74 33.80
CA PRO O 39 44.74 -12.54 35.26
C PRO O 39 44.52 -11.08 35.66
N GLY O 40 43.65 -10.84 36.64
CA GLY O 40 43.41 -9.49 37.13
C GLY O 40 42.85 -8.54 36.09
N LYS O 41 42.39 -9.10 34.98
CA LYS O 41 41.77 -8.34 33.91
C LYS O 41 40.29 -8.68 33.81
N ALA O 42 39.53 -7.85 33.13
CA ALA O 42 38.13 -8.13 32.93
C ALA O 42 38.01 -9.13 31.78
N PRO O 43 37.02 -10.03 31.86
CA PRO O 43 36.79 -11.05 30.82
C PRO O 43 36.50 -10.46 29.43
N LYS O 44 37.05 -11.09 28.39
CA LYS O 44 36.78 -10.66 27.02
C LYS O 44 35.95 -11.69 26.24
N LEU O 45 35.07 -11.20 25.39
CA LEU O 45 34.25 -12.07 24.55
C LEU O 45 35.06 -12.67 23.38
N LEU O 46 35.13 -14.00 23.33
CA LEU O 46 35.84 -14.69 22.25
C LEU O 46 34.89 -15.13 21.13
N ILE O 47 33.95 -15.98 21.52
CA ILE O 47 32.94 -16.54 20.62
C ILE O 47 31.54 -16.24 21.11
N TYR O 48 30.66 -15.83 20.20
CA TYR O 48 29.26 -15.61 20.52
C TYR O 48 28.36 -16.37 19.56
N ASP O 49 27.09 -16.53 19.91
CA ASP O 49 26.13 -17.29 19.10
C ASP O 49 26.63 -18.68 18.70
N THR O 50 27.38 -19.33 19.61
CA THR O 50 27.84 -20.72 19.48
C THR O 50 29.09 -20.87 18.60
N SER O 51 29.15 -20.16 17.48
CA SER O 51 30.27 -20.33 16.55
C SER O 51 30.75 -19.04 15.89
N LYS O 52 30.16 -17.92 16.28
CA LYS O 52 30.51 -16.63 15.68
C LYS O 52 31.72 -16.01 16.36
N LEU O 53 32.65 -15.52 15.55
CA LEU O 53 33.86 -14.89 16.07
C LEU O 53 33.61 -13.44 16.47
N ALA O 54 33.86 -13.13 17.74
CA ALA O 54 33.76 -11.75 18.18
C ALA O 54 34.80 -10.91 17.46
N SER O 55 34.60 -9.60 17.45
CA SER O 55 35.53 -8.71 16.75
C SER O 55 36.89 -8.66 17.42
N GLY O 56 37.95 -8.67 16.61
CA GLY O 56 39.30 -8.63 17.15
C GLY O 56 39.76 -9.97 17.67
N VAL O 57 39.09 -11.04 17.24
CA VAL O 57 39.42 -12.38 17.68
C VAL O 57 39.96 -13.22 16.53
N PRO O 58 41.21 -13.72 16.68
CA PRO O 58 41.89 -14.50 15.64
C PRO O 58 41.04 -15.68 15.15
N SER O 59 40.99 -15.90 13.84
CA SER O 59 40.22 -17.00 13.23
C SER O 59 40.68 -18.38 13.72
N ARG O 60 41.78 -18.38 14.46
CA ARG O 60 42.33 -19.53 15.14
C ARG O 60 41.31 -20.24 16.03
N PHE O 61 40.42 -19.45 16.62
CA PHE O 61 39.34 -19.97 17.46
C PHE O 61 38.09 -20.36 16.68
N SER O 62 37.34 -21.32 17.21
CA SER O 62 36.11 -21.77 16.57
C SER O 62 35.18 -22.44 17.57
N GLY O 63 33.89 -22.43 17.25
CA GLY O 63 32.86 -22.97 18.13
C GLY O 63 31.90 -23.92 17.45
N SER O 64 31.26 -24.78 18.25
CA SER O 64 30.35 -25.78 17.71
C SER O 64 29.53 -26.44 18.81
N GLY O 65 28.31 -26.86 18.46
CA GLY O 65 27.46 -27.58 19.39
C GLY O 65 25.97 -27.23 19.32
N SER O 66 25.18 -28.00 20.06
CA SER O 66 23.74 -27.79 20.15
C SER O 66 23.14 -28.60 21.30
N GLY O 67 21.91 -28.28 21.65
CA GLY O 67 21.24 -28.98 22.74
C GLY O 67 21.90 -28.72 24.08
N THR O 68 22.67 -29.69 24.58
CA THR O 68 23.31 -29.55 25.88
C THR O 68 24.84 -29.64 25.81
N GLU O 69 25.35 -29.88 24.60
CA GLU O 69 26.79 -30.04 24.42
C GLU O 69 27.41 -29.04 23.47
N PHE O 70 28.37 -28.27 23.97
CA PHE O 70 29.09 -27.28 23.17
C PHE O 70 30.57 -27.36 23.46
N THR O 71 31.36 -27.02 22.45
CA THR O 71 32.81 -26.97 22.58
C THR O 71 33.42 -25.72 21.94
N LEU O 72 34.47 -25.22 22.57
CA LEU O 72 35.29 -24.16 22.01
C LEU O 72 36.59 -24.81 21.59
N THR O 73 37.11 -24.45 20.43
CA THR O 73 38.33 -25.08 19.95
C THR O 73 39.36 -24.07 19.45
N ILE O 74 40.55 -24.17 20.04
CA ILE O 74 41.68 -23.37 19.61
C ILE O 74 42.53 -24.24 18.69
N SER O 75 42.48 -23.93 17.40
CA SER O 75 43.17 -24.73 16.38
C SER O 75 44.66 -24.92 16.67
N SER O 76 45.43 -23.85 16.59
CA SER O 76 46.87 -23.91 16.87
C SER O 76 47.22 -22.97 18.02
N LEU O 77 47.31 -23.55 19.21
CA LEU O 77 47.48 -22.80 20.44
C LEU O 77 48.72 -21.90 20.39
N GLN O 78 48.60 -20.68 20.90
CA GLN O 78 49.71 -19.72 20.89
C GLN O 78 49.86 -19.03 22.26
N PRO O 79 51.05 -18.47 22.55
CA PRO O 79 51.37 -17.88 23.86
C PRO O 79 50.31 -16.97 24.47
N ASP O 80 49.74 -16.10 23.66
CA ASP O 80 48.78 -15.12 24.17
C ASP O 80 47.45 -15.79 24.56
N ASP O 81 47.37 -17.10 24.39
CA ASP O 81 46.12 -17.81 24.67
C ASP O 81 46.05 -18.28 26.11
N PHE O 82 47.15 -18.12 26.84
CA PHE O 82 47.16 -18.40 28.27
C PHE O 82 46.06 -17.59 28.93
N ALA O 83 45.12 -18.29 29.58
CA ALA O 83 43.97 -17.64 30.18
C ALA O 83 43.06 -18.63 30.91
N THR O 84 42.00 -18.10 31.52
CA THR O 84 40.96 -18.96 32.09
C THR O 84 39.69 -18.76 31.25
N TYR O 85 39.10 -19.86 30.81
CA TYR O 85 37.94 -19.80 29.92
C TYR O 85 36.63 -20.20 30.61
N TYR O 86 35.57 -19.44 30.36
CA TYR O 86 34.25 -19.69 30.98
C TYR O 86 33.17 -19.77 29.90
N CYS O 87 32.24 -20.70 30.01
CA CYS O 87 31.05 -20.68 29.14
C CYS O 87 29.95 -19.86 29.80
N PHE O 88 29.02 -19.37 28.98
CA PHE O 88 27.94 -18.52 29.48
C PHE O 88 26.65 -18.74 28.68
N GLN O 89 25.55 -18.92 29.41
CA GLN O 89 24.23 -19.05 28.81
C GLN O 89 23.38 -17.85 29.22
N GLY O 90 22.58 -17.34 28.28
CA GLY O 90 21.67 -16.24 28.54
C GLY O 90 20.26 -16.58 28.16
N SER O 91 20.03 -17.87 27.94
CA SER O 91 18.73 -18.36 27.50
C SER O 91 17.66 -18.34 28.59
N GLY O 92 18.11 -18.34 29.85
CA GLY O 92 17.20 -18.30 30.97
C GLY O 92 17.79 -17.70 32.23
N TYR O 93 16.95 -17.14 33.08
CA TYR O 93 17.44 -16.58 34.33
C TYR O 93 17.41 -17.65 35.41
N PRO O 94 18.44 -17.65 36.28
CA PRO O 94 19.58 -16.71 36.27
C PRO O 94 20.58 -17.01 35.17
N PHE O 95 21.37 -16.00 34.80
CA PHE O 95 22.47 -16.21 33.88
C PHE O 95 23.49 -17.02 34.69
N THR O 96 24.26 -17.89 34.04
CA THR O 96 25.22 -18.73 34.74
C THR O 96 26.51 -18.91 33.95
N PHE O 97 27.61 -19.08 34.67
CA PHE O 97 28.89 -19.39 34.05
C PHE O 97 29.29 -20.83 34.34
N GLY O 98 30.22 -21.37 33.57
CA GLY O 98 30.76 -22.68 33.88
C GLY O 98 31.82 -22.62 34.97
N GLY O 99 32.16 -23.77 35.54
CA GLY O 99 33.17 -23.84 36.58
C GLY O 99 34.50 -23.23 36.16
N GLY O 100 34.76 -23.26 34.87
CA GLY O 100 35.96 -22.68 34.30
C GLY O 100 37.02 -23.69 33.87
N THR O 101 37.79 -23.29 32.86
CA THR O 101 38.91 -24.08 32.37
C THR O 101 40.16 -23.22 32.30
N LYS O 102 41.24 -23.67 32.96
CA LYS O 102 42.47 -22.89 32.99
C LYS O 102 43.45 -23.38 31.92
N VAL O 103 43.81 -22.52 30.98
CA VAL O 103 44.74 -22.91 29.90
C VAL O 103 46.17 -22.38 30.10
N GLU O 104 47.11 -23.34 30.18
CA GLU O 104 48.55 -23.05 30.26
C GLU O 104 49.28 -23.47 28.98
N ILE O 105 50.37 -22.77 28.64
CA ILE O 105 51.14 -23.04 27.43
C ILE O 105 52.44 -23.80 27.71
N LYS O 106 52.54 -25.03 27.22
CA LYS O 106 53.77 -25.82 27.30
C LYS O 106 54.94 -25.28 26.48
N ARG O 107 56.07 -24.99 27.13
CA ARG O 107 57.31 -24.63 26.42
C ARG O 107 58.52 -25.49 26.83
N THR O 108 59.66 -25.20 26.23
CA THR O 108 60.91 -25.91 26.51
C THR O 108 61.46 -25.52 27.88
N VAL O 109 62.15 -26.46 28.52
CA VAL O 109 62.78 -26.22 29.81
C VAL O 109 63.68 -24.98 29.73
N ALA O 110 63.70 -24.20 30.81
CA ALA O 110 64.57 -23.03 30.93
C ALA O 110 65.02 -22.84 32.37
N ALA O 111 66.32 -22.66 32.60
CA ALA O 111 66.81 -22.53 33.98
C ALA O 111 66.64 -21.09 34.50
N PRO O 112 66.30 -20.95 35.80
CA PRO O 112 66.07 -19.67 36.51
C PRO O 112 67.34 -18.84 36.72
N SER O 113 67.27 -17.53 36.49
CA SER O 113 68.28 -16.61 37.01
C SER O 113 68.04 -16.24 38.47
N VAL O 114 69.01 -16.53 39.34
CA VAL O 114 68.81 -16.28 40.77
C VAL O 114 69.55 -15.06 41.31
N PHE O 115 68.83 -14.17 41.97
CA PHE O 115 69.37 -12.99 42.62
C PHE O 115 68.96 -13.01 44.08
N ILE O 116 69.73 -12.36 44.93
CA ILE O 116 69.35 -12.26 46.33
C ILE O 116 69.48 -10.81 46.78
N PHE O 117 68.50 -10.37 47.58
CA PHE O 117 68.46 -9.00 48.06
C PHE O 117 68.41 -8.92 49.58
N PRO O 118 69.45 -8.33 50.19
CA PRO O 118 69.44 -8.04 51.62
C PRO O 118 68.44 -6.95 51.95
N PRO O 119 67.97 -6.90 53.20
CA PRO O 119 67.02 -5.87 53.63
C PRO O 119 67.60 -4.49 53.39
N SER O 120 66.75 -3.52 53.07
CA SER O 120 67.19 -2.15 52.86
C SER O 120 67.57 -1.53 54.19
N ASP O 121 68.36 -0.46 54.16
CA ASP O 121 68.71 0.24 55.38
C ASP O 121 67.48 0.95 55.93
N GLU O 122 66.57 1.34 55.03
CA GLU O 122 65.33 2.00 55.42
C GLU O 122 64.40 1.06 56.16
N GLN O 123 64.40 -0.21 55.75
CA GLN O 123 63.55 -1.20 56.39
C GLN O 123 64.15 -1.58 57.74
N LEU O 124 65.47 -1.74 57.81
CA LEU O 124 66.14 -2.10 59.07
C LEU O 124 65.92 -1.01 60.14
N LYS O 125 65.52 0.17 59.71
CA LYS O 125 65.22 1.26 60.62
C LYS O 125 63.82 1.13 61.19
N SER O 126 62.94 0.48 60.43
CA SER O 126 61.56 0.28 60.89
C SER O 126 61.48 -0.88 61.88
N GLY O 127 62.51 -1.72 61.90
CA GLY O 127 62.59 -2.81 62.86
C GLY O 127 62.29 -4.18 62.30
N THR O 128 62.27 -4.30 60.98
CA THR O 128 62.01 -5.58 60.33
C THR O 128 63.00 -5.82 59.18
N ALA O 129 63.33 -7.09 58.92
CA ALA O 129 64.26 -7.45 57.86
C ALA O 129 63.66 -8.48 56.90
N SER O 130 63.47 -8.07 55.65
CA SER O 130 62.96 -8.96 54.62
C SER O 130 64.05 -9.28 53.61
N VAL O 131 64.42 -10.56 53.57
CA VAL O 131 65.39 -11.01 52.58
C VAL O 131 64.66 -11.59 51.39
N VAL O 132 65.03 -11.13 50.20
CA VAL O 132 64.32 -11.53 49.02
C VAL O 132 65.16 -12.36 48.04
N CYS O 133 64.61 -13.50 47.64
CA CYS O 133 65.23 -14.35 46.64
C CYS O 133 64.37 -14.28 45.38
N LEU O 134 64.99 -14.03 44.23
CA LEU O 134 64.22 -13.88 43.01
C LEU O 134 64.62 -14.91 41.97
N LEU O 135 63.64 -15.63 41.43
CA LEU O 135 63.87 -16.53 40.30
C LEU O 135 63.20 -15.99 39.04
N ASN O 136 64.00 -15.69 38.02
CA ASN O 136 63.50 -14.99 36.83
C ASN O 136 63.44 -15.87 35.58
N ASN O 137 62.31 -15.83 34.88
CA ASN O 137 62.15 -16.46 33.56
C ASN O 137 62.52 -17.96 33.49
N PHE O 138 61.75 -18.80 34.17
CA PHE O 138 62.01 -20.25 34.15
C PHE O 138 60.80 -21.09 33.74
N TYR O 139 61.05 -22.40 33.53
CA TYR O 139 60.03 -23.38 33.18
C TYR O 139 60.54 -24.81 33.30
N PRO O 140 59.68 -25.74 33.76
CA PRO O 140 58.28 -25.55 34.17
C PRO O 140 58.09 -24.72 35.45
N ARG O 141 56.83 -24.60 35.87
CA ARG O 141 56.44 -23.73 36.97
C ARG O 141 56.95 -24.27 38.29
N GLU O 142 57.12 -25.58 38.34
CA GLU O 142 57.58 -26.22 39.56
C GLU O 142 58.96 -25.69 39.90
N ALA O 143 59.14 -25.33 41.16
CA ALA O 143 60.40 -24.82 41.65
C ALA O 143 60.47 -24.84 43.17
N LYS O 144 61.57 -25.38 43.68
CA LYS O 144 61.84 -25.45 45.11
C LYS O 144 62.90 -24.44 45.50
N VAL O 145 62.58 -23.60 46.46
CA VAL O 145 63.54 -22.65 46.99
C VAL O 145 63.63 -22.86 48.50
N GLN O 146 64.82 -23.21 48.96
CA GLN O 146 65.02 -23.45 50.37
C GLN O 146 65.87 -22.33 50.96
N TRP O 147 65.47 -21.83 52.12
CA TRP O 147 66.23 -20.80 52.80
C TRP O 147 67.22 -21.40 53.78
N LYS O 148 68.39 -20.79 53.85
CA LYS O 148 69.39 -21.22 54.81
C LYS O 148 69.96 -20.00 55.52
N VAL O 149 69.83 -19.99 56.85
CA VAL O 149 70.43 -18.94 57.65
C VAL O 149 71.53 -19.58 58.47
N ASP O 150 72.77 -19.27 58.11
CA ASP O 150 73.94 -19.89 58.70
C ASP O 150 73.85 -21.40 58.54
N ASN O 151 73.45 -21.83 57.34
CA ASN O 151 73.35 -23.24 56.97
C ASN O 151 72.26 -23.98 57.74
N ALA O 152 71.34 -23.24 58.36
CA ALA O 152 70.21 -23.85 59.05
C ALA O 152 68.95 -23.62 58.23
N LEU O 153 68.39 -24.69 57.70
CA LEU O 153 67.17 -24.60 56.89
C LEU O 153 66.04 -23.95 57.68
N GLN O 154 65.35 -23.02 57.02
CA GLN O 154 64.23 -22.32 57.65
C GLN O 154 62.90 -22.95 57.28
N SER O 155 61.91 -22.71 58.13
CA SER O 155 60.55 -23.17 57.88
C SER O 155 59.55 -22.21 58.54
N GLY O 156 58.44 -21.97 57.85
CA GLY O 156 57.33 -21.21 58.38
C GLY O 156 57.60 -19.73 58.56
N ASN O 157 58.77 -19.27 58.09
CA ASN O 157 59.10 -17.85 58.16
C ASN O 157 59.43 -17.28 56.78
N SER O 158 58.88 -17.92 55.74
CA SER O 158 59.10 -17.45 54.38
C SER O 158 57.80 -17.60 53.57
N GLN O 159 57.70 -16.82 52.49
CA GLN O 159 56.54 -16.88 51.61
C GLN O 159 56.95 -16.84 50.15
N GLU O 160 56.15 -17.47 49.28
CA GLU O 160 56.48 -17.50 47.86
C GLU O 160 55.34 -16.92 47.04
N SER O 161 55.69 -16.12 46.04
CA SER O 161 54.72 -15.59 45.10
C SER O 161 55.18 -15.84 43.67
N VAL O 162 54.36 -16.50 42.86
CA VAL O 162 54.75 -16.76 41.48
C VAL O 162 53.95 -15.90 40.50
N THR O 163 54.64 -15.38 39.48
CA THR O 163 54.03 -14.51 38.47
C THR O 163 53.13 -15.34 37.54
N GLU O 164 52.19 -14.71 36.85
CA GLU O 164 51.42 -15.39 35.80
C GLU O 164 52.24 -15.52 34.53
N GLN O 165 52.04 -16.61 33.79
CA GLN O 165 52.81 -16.87 32.58
C GLN O 165 52.94 -15.66 31.67
N ASP O 166 54.13 -15.44 31.16
CA ASP O 166 54.43 -14.36 30.23
C ASP O 166 53.76 -14.61 28.88
N SER O 167 53.18 -13.56 28.29
CA SER O 167 52.46 -13.69 27.03
C SER O 167 53.38 -13.64 25.81
N LYS O 168 54.68 -13.54 26.04
CA LYS O 168 55.66 -13.49 24.95
C LYS O 168 56.60 -14.69 24.96
N ASP O 169 57.26 -14.94 26.09
CA ASP O 169 58.17 -16.08 26.16
C ASP O 169 57.65 -17.26 26.99
N SER O 170 56.47 -17.09 27.59
CA SER O 170 55.74 -18.17 28.25
C SER O 170 56.40 -18.68 29.54
N THR O 171 57.25 -17.86 30.15
CA THR O 171 57.94 -18.30 31.37
C THR O 171 57.32 -17.73 32.64
N TYR O 172 57.67 -18.34 33.76
CA TYR O 172 57.25 -17.87 35.08
C TYR O 172 58.42 -17.29 35.89
N SER O 173 58.09 -16.45 36.85
CA SER O 173 59.06 -15.92 37.81
C SER O 173 58.51 -16.02 39.23
N LEU O 174 59.37 -16.31 40.19
CA LEU O 174 58.93 -16.55 41.56
C LEU O 174 59.76 -15.70 42.51
N SER O 175 59.14 -15.29 43.60
CA SER O 175 59.84 -14.56 44.64
C SER O 175 59.64 -15.22 46.00
N SER O 176 60.72 -15.26 46.78
CA SER O 176 60.67 -15.82 48.12
C SER O 176 61.18 -14.82 49.14
N THR O 177 60.30 -14.43 50.06
CA THR O 177 60.65 -13.41 51.05
C THR O 177 60.83 -14.08 52.40
N LEU O 178 62.05 -14.01 52.93
CA LEU O 178 62.31 -14.46 54.29
C LEU O 178 62.15 -13.26 55.19
N THR O 179 61.22 -13.33 56.13
CA THR O 179 60.96 -12.20 57.02
C THR O 179 61.31 -12.46 58.47
N LEU O 180 62.23 -11.65 59.00
CA LEU O 180 62.62 -11.72 60.39
C LEU O 180 62.45 -10.35 61.06
N SER O 181 62.45 -10.34 62.40
CA SER O 181 62.55 -9.10 63.18
C SER O 181 63.97 -8.55 63.15
N LYS O 182 64.14 -7.23 63.22
CA LYS O 182 65.47 -6.59 63.24
C LYS O 182 66.43 -7.27 64.21
N ALA O 183 65.93 -7.62 65.39
CA ALA O 183 66.74 -8.26 66.43
C ALA O 183 67.35 -9.55 65.90
N ASP O 184 66.49 -10.44 65.42
CA ASP O 184 66.89 -11.73 64.85
C ASP O 184 67.84 -11.66 63.64
N TYR O 185 67.67 -10.66 62.78
CA TYR O 185 68.48 -10.52 61.58
C TYR O 185 69.97 -10.33 61.87
N GLU O 186 70.28 -9.36 62.73
CA GLU O 186 71.65 -9.03 63.08
C GLU O 186 72.29 -10.09 63.98
N LYS O 187 71.51 -11.12 64.30
CA LYS O 187 72.00 -12.23 65.13
C LYS O 187 72.73 -13.27 64.26
N HIS O 188 72.62 -13.14 62.94
CA HIS O 188 73.21 -14.10 61.99
C HIS O 188 74.06 -13.44 60.90
N LYS O 189 74.88 -14.25 60.24
CA LYS O 189 75.86 -13.75 59.28
C LYS O 189 75.46 -13.99 57.82
N VAL O 190 75.46 -15.24 57.40
CA VAL O 190 75.21 -15.61 56.01
C VAL O 190 73.75 -16.00 55.73
N TYR O 191 73.20 -15.44 54.65
CA TYR O 191 71.86 -15.79 54.20
C TYR O 191 71.94 -16.37 52.79
N ALA O 192 71.46 -17.60 52.63
CA ALA O 192 71.60 -18.33 51.37
C ALA O 192 70.28 -18.87 50.86
N CYS O 193 70.13 -18.86 49.54
CA CYS O 193 68.94 -19.35 48.87
C CYS O 193 69.25 -20.52 47.94
N GLU O 194 68.73 -21.71 48.26
CA GLU O 194 69.01 -22.89 47.44
C GLU O 194 67.84 -23.29 46.54
N VAL O 195 68.10 -23.29 45.24
CA VAL O 195 67.08 -23.53 44.22
C VAL O 195 67.25 -24.89 43.54
N THR O 196 66.15 -25.64 43.40
CA THR O 196 66.18 -26.91 42.67
C THR O 196 65.15 -26.83 41.55
N HIS O 197 65.60 -26.96 40.32
CA HIS O 197 64.69 -26.84 39.21
C HIS O 197 65.14 -27.79 38.09
N GLN O 198 64.23 -28.13 37.18
CA GLN O 198 64.49 -29.10 36.10
C GLN O 198 65.60 -28.68 35.13
N GLY O 199 65.73 -27.38 34.90
CA GLY O 199 66.75 -26.88 34.02
C GLY O 199 68.10 -26.83 34.70
N LEU O 200 68.12 -27.20 35.97
CA LEU O 200 69.36 -27.23 36.74
C LEU O 200 69.87 -28.64 37.00
N SER O 201 71.10 -28.90 36.58
CA SER O 201 71.74 -30.19 36.82
C SER O 201 72.07 -30.39 38.31
N SER O 202 72.36 -29.29 38.99
CA SER O 202 72.64 -29.28 40.43
C SER O 202 72.21 -27.98 41.11
N PRO O 203 71.72 -28.07 42.37
CA PRO O 203 71.17 -26.93 43.13
C PRO O 203 72.06 -25.69 43.13
N VAL O 204 71.51 -24.57 42.65
CA VAL O 204 72.24 -23.30 42.61
C VAL O 204 72.02 -22.55 43.93
N THR O 205 73.10 -21.98 44.48
CA THR O 205 73.00 -21.24 45.73
C THR O 205 73.52 -19.80 45.65
N LYS O 206 72.62 -18.85 45.90
CA LYS O 206 72.99 -17.44 46.02
C LYS O 206 72.93 -17.01 47.48
N SER O 207 73.92 -16.23 47.91
CA SER O 207 73.98 -15.81 49.30
C SER O 207 74.64 -14.46 49.44
N PHE O 208 74.71 -13.96 50.68
CA PHE O 208 75.40 -12.72 50.97
C PHE O 208 75.70 -12.70 52.46
N ASN O 209 76.77 -12.01 52.84
CA ASN O 209 77.12 -11.83 54.24
C ASN O 209 76.59 -10.50 54.80
N ARG O 210 75.89 -10.58 55.94
CA ARG O 210 75.27 -9.42 56.59
C ARG O 210 76.18 -8.21 56.81
N GLY O 211 75.85 -7.12 56.12
CA GLY O 211 76.60 -5.89 56.20
C GLY O 211 77.88 -5.92 55.38
#